data_8BLT
#
_entry.id   8BLT
#
_cell.length_a   84.759
_cell.length_b   94.605
_cell.length_c   168.215
_cell.angle_alpha   90.00
_cell.angle_beta   90.26
_cell.angle_gamma   90.00
#
_symmetry.space_group_name_H-M   'P 1 21 1'
#
loop_
_entity.id
_entity.type
_entity.pdbx_description
1 polymer 'Bile salt hydrolase'
2 non-polymer 'TAUROCHOLIC ACID'
3 water water
#
_entity_poly.entity_id   1
_entity_poly.type   'polypeptide(L)'
_entity_poly.pdbx_seq_one_letter_code
;(OCS)TAITLNGNSNYFGRNLDLDFSYGEEVIITPAEYEFKFRKEKAIKNHKSLIGVGIVANDYPLYFDAINEDGLGMAG
LNFPGNAYYSDALENDKDNITPFEFIPWILGQCSDVNEARNLVEKINLINLSFSEQLPLAGLHWLIADREKSIVVEVTKS
GVHIYDNPIGILTNNPEFNYQMYNLNKYRNLSISTPQNTFSDSVDLKVDGTGFGGIGLPGDVSPESRFVRATFSKLNSSK
GMTVEEDITQFFHILGTVEQIKGVNKTESGKEEYTVYSNCYDLDNKTLYYTTYENRQIVAVTLNKDKDGNRLVTYPFERK
QIINKLNLE
;
_entity_poly.pdbx_strand_id   A,B,C,D,E,F,G,H
#
loop_
_chem_comp.id
_chem_comp.type
_chem_comp.name
_chem_comp.formula
TCH non-polymer 'TAUROCHOLIC ACID' 'C26 H45 N O7 S'
#
# COMPACT_ATOMS: atom_id res chain seq x y z
N OCS A 1 -38.51 17.81 -0.26
CA OCS A 1 -37.59 16.75 -0.72
CB OCS A 1 -37.09 16.93 -2.15
SG OCS A 1 -38.29 17.57 -3.29
C OCS A 1 -36.37 16.69 0.20
O OCS A 1 -35.95 17.73 0.74
OD1 OCS A 1 -38.41 18.98 -3.05
OD2 OCS A 1 -39.45 16.74 -3.14
OD3 OCS A 1 -37.68 17.22 -4.66
N THR A 2 -35.85 15.47 0.36
CA THR A 2 -34.59 15.25 1.05
C THR A 2 -33.75 14.28 0.22
N ALA A 3 -32.51 14.68 -0.08
CA ALA A 3 -31.53 13.87 -0.84
C ALA A 3 -30.32 13.62 0.05
N ILE A 4 -29.82 12.38 0.07
CA ILE A 4 -28.67 12.02 0.94
C ILE A 4 -27.72 11.14 0.15
N THR A 5 -26.47 11.10 0.60
CA THR A 5 -25.50 10.03 0.27
C THR A 5 -25.19 9.23 1.53
N LEU A 6 -24.65 8.03 1.32
CA LEU A 6 -24.17 7.15 2.41
C LEU A 6 -22.99 6.33 1.90
N ASN A 7 -21.92 6.31 2.69
CA ASN A 7 -20.69 5.53 2.42
C ASN A 7 -20.65 4.37 3.42
N GLY A 8 -20.71 3.16 2.88
CA GLY A 8 -20.75 1.89 3.62
C GLY A 8 -19.96 0.80 2.92
N ASN A 9 -20.51 -0.40 2.81
CA ASN A 9 -19.91 -1.57 2.13
C ASN A 9 -19.91 -1.23 0.65
N SER A 10 -21.01 -0.68 0.14
CA SER A 10 -21.03 0.00 -1.18
C SER A 10 -21.27 1.47 -0.90
N ASN A 11 -21.63 2.25 -1.92
CA ASN A 11 -21.79 3.72 -1.82
C ASN A 11 -23.13 4.07 -2.44
N TYR A 12 -23.85 4.96 -1.77
CA TYR A 12 -25.31 5.15 -1.96
C TYR A 12 -25.65 6.63 -2.14
N PHE A 13 -26.78 6.82 -2.81
CA PHE A 13 -27.34 8.14 -3.21
C PHE A 13 -28.84 7.94 -3.41
N GLY A 14 -29.66 8.83 -2.87
CA GLY A 14 -31.12 8.66 -3.00
C GLY A 14 -31.89 9.79 -2.39
N ARG A 15 -33.22 9.70 -2.41
CA ARG A 15 -34.01 10.88 -2.02
C ARG A 15 -35.43 10.50 -1.66
N ASN A 16 -36.04 11.35 -0.84
CA ASN A 16 -37.52 11.44 -0.72
C ASN A 16 -37.96 12.46 -1.76
N LEU A 17 -39.03 12.16 -2.45
CA LEU A 17 -39.75 13.14 -3.31
C LEU A 17 -40.99 13.52 -2.54
N ASP A 18 -41.08 14.77 -2.09
CA ASP A 18 -42.20 15.25 -1.26
C ASP A 18 -43.03 16.21 -2.11
N LEU A 19 -44.24 15.77 -2.51
CA LEU A 19 -45.17 16.55 -3.39
C LEU A 19 -46.61 16.40 -2.86
N ASP A 20 -47.53 17.19 -3.43
CA ASP A 20 -48.94 17.16 -3.05
C ASP A 20 -49.59 16.03 -3.83
N PHE A 21 -48.99 15.62 -4.96
CA PHE A 21 -49.50 14.53 -5.82
C PHE A 21 -48.37 13.76 -6.50
N SER A 22 -48.62 12.49 -6.82
CA SER A 22 -47.78 11.74 -7.78
C SER A 22 -47.94 12.37 -9.15
N TYR A 23 -47.03 12.10 -10.10
CA TYR A 23 -47.09 12.64 -11.47
C TYR A 23 -47.02 11.51 -12.47
N GLY A 24 -47.30 10.31 -12.00
CA GLY A 24 -47.18 9.11 -12.82
C GLY A 24 -45.75 8.65 -12.86
N GLU A 25 -44.93 9.01 -11.86
CA GLU A 25 -43.49 8.56 -11.85
C GLU A 25 -43.37 7.07 -12.20
N GLU A 26 -42.27 6.72 -12.86
CA GLU A 26 -41.93 5.31 -13.18
C GLU A 26 -40.42 5.20 -13.28
N VAL A 27 -39.91 3.97 -13.24
CA VAL A 27 -38.48 3.70 -13.52
C VAL A 27 -38.29 3.90 -15.02
N ILE A 28 -37.32 4.72 -15.43
CA ILE A 28 -36.93 4.89 -16.85
C ILE A 28 -35.44 4.57 -16.98
N ILE A 29 -35.16 3.58 -17.82
CA ILE A 29 -33.78 3.31 -18.31
C ILE A 29 -33.62 4.03 -19.67
N THR A 30 -32.62 4.88 -19.80
CA THR A 30 -32.24 5.55 -21.08
C THR A 30 -30.97 4.90 -21.57
N PRO A 31 -31.02 4.08 -22.65
CA PRO A 31 -29.85 3.31 -23.09
C PRO A 31 -28.85 4.22 -23.83
N ALA A 32 -27.62 3.73 -24.00
CA ALA A 32 -26.44 4.47 -24.49
C ALA A 32 -26.74 5.12 -25.84
N GLU A 33 -27.65 4.55 -26.64
CA GLU A 33 -27.92 5.02 -28.03
C GLU A 33 -29.33 5.59 -28.16
N TYR A 34 -30.00 5.90 -27.06
CA TYR A 34 -31.17 6.80 -27.11
C TYR A 34 -30.57 8.15 -27.41
N GLU A 35 -31.09 8.83 -28.42
CA GLU A 35 -30.55 10.12 -28.91
C GLU A 35 -31.15 11.24 -28.05
N PHE A 36 -30.30 11.93 -27.31
CA PHE A 36 -30.71 13.08 -26.48
C PHE A 36 -30.76 14.32 -27.38
N LYS A 37 -31.96 14.86 -27.61
CA LYS A 37 -32.14 16.16 -28.31
C LYS A 37 -32.14 17.28 -27.27
N PHE A 38 -31.50 18.40 -27.62
CA PHE A 38 -31.44 19.65 -26.81
C PHE A 38 -32.00 20.79 -27.64
N ARG A 39 -32.60 21.78 -26.98
CA ARG A 39 -33.34 22.89 -27.64
C ARG A 39 -32.33 23.79 -28.34
N LYS A 40 -31.16 24.02 -27.71
CA LYS A 40 -30.16 25.02 -28.13
C LYS A 40 -28.77 24.41 -28.16
N GLU A 41 -28.63 23.08 -28.28
CA GLU A 41 -27.30 22.43 -28.40
C GLU A 41 -27.41 21.19 -29.28
N LYS A 42 -26.26 20.66 -29.70
CA LYS A 42 -26.14 19.54 -30.68
C LYS A 42 -26.65 18.26 -30.01
N ALA A 43 -27.45 17.47 -30.72
CA ALA A 43 -27.91 16.13 -30.29
C ALA A 43 -26.72 15.31 -29.79
N ILE A 44 -26.97 14.36 -28.90
CA ILE A 44 -25.96 13.36 -28.44
C ILE A 44 -26.52 11.96 -28.73
N LYS A 45 -25.96 11.27 -29.72
CA LYS A 45 -26.47 9.96 -30.23
C LYS A 45 -25.82 8.83 -29.44
N ASN A 46 -24.78 9.14 -28.69
CA ASN A 46 -23.96 8.13 -27.98
C ASN A 46 -23.53 8.72 -26.63
N HIS A 47 -23.91 8.09 -25.53
CA HIS A 47 -23.69 8.66 -24.18
C HIS A 47 -23.72 7.53 -23.16
N LYS A 48 -23.60 7.88 -21.89
CA LYS A 48 -23.69 6.87 -20.80
C LYS A 48 -25.18 6.51 -20.62
N SER A 49 -25.47 5.24 -20.38
CA SER A 49 -26.86 4.78 -20.08
C SER A 49 -27.25 5.31 -18.68
N LEU A 50 -28.53 5.64 -18.50
CA LEU A 50 -29.10 6.19 -17.22
C LEU A 50 -30.14 5.19 -16.71
N ILE A 51 -30.25 5.03 -15.39
CA ILE A 51 -31.49 4.52 -14.75
C ILE A 51 -31.95 5.57 -13.74
N GLY A 52 -33.25 5.85 -13.69
CA GLY A 52 -33.79 6.92 -12.86
C GLY A 52 -35.30 6.83 -12.69
N VAL A 53 -35.84 7.78 -11.94
CA VAL A 53 -37.29 7.87 -11.72
C VAL A 53 -37.74 9.17 -12.37
N GLY A 54 -38.79 9.10 -13.18
CA GLY A 54 -39.33 10.30 -13.84
C GLY A 54 -40.60 9.95 -14.56
N ILE A 55 -40.98 10.78 -15.53
CA ILE A 55 -42.10 10.52 -16.47
C ILE A 55 -41.53 10.63 -17.88
N VAL A 56 -42.14 9.92 -18.81
CA VAL A 56 -41.84 10.08 -20.25
C VAL A 56 -42.94 10.96 -20.84
N ALA A 57 -42.55 12.03 -21.55
CA ALA A 57 -43.46 12.84 -22.38
C ALA A 57 -42.81 13.07 -23.76
N ASN A 58 -43.59 12.88 -24.83
CA ASN A 58 -43.10 12.99 -26.24
C ASN A 58 -41.81 12.19 -26.36
N ASP A 59 -41.75 11.03 -25.73
CA ASP A 59 -40.63 10.07 -25.88
C ASP A 59 -39.35 10.69 -25.30
N TYR A 60 -39.48 11.59 -24.34
CA TYR A 60 -38.35 12.26 -23.64
C TYR A 60 -38.39 11.85 -22.18
N PRO A 61 -37.27 11.39 -21.57
CA PRO A 61 -37.23 11.03 -20.15
C PRO A 61 -37.03 12.28 -19.29
N LEU A 62 -38.06 12.68 -18.56
CA LEU A 62 -38.02 13.82 -17.61
C LEU A 62 -37.73 13.27 -16.20
N TYR A 63 -36.48 13.33 -15.78
CA TYR A 63 -36.04 12.66 -14.53
C TYR A 63 -36.23 13.60 -13.32
N PHE A 64 -36.74 13.02 -12.22
CA PHE A 64 -36.64 13.59 -10.84
C PHE A 64 -35.19 13.37 -10.33
N ASP A 65 -34.66 12.20 -10.64
CA ASP A 65 -33.33 11.75 -10.19
C ASP A 65 -32.93 10.56 -11.05
N ALA A 66 -31.63 10.31 -11.15
CA ALA A 66 -31.07 9.23 -11.98
C ALA A 66 -29.63 9.00 -11.60
N ILE A 67 -29.09 7.86 -12.00
CA ILE A 67 -27.63 7.58 -11.97
C ILE A 67 -27.26 7.10 -13.38
N ASN A 68 -25.97 7.07 -13.70
CA ASN A 68 -25.49 6.53 -14.99
C ASN A 68 -24.72 5.25 -14.71
N GLU A 69 -24.19 4.64 -15.78
CA GLU A 69 -23.43 3.36 -15.76
C GLU A 69 -22.14 3.48 -14.95
N ASP A 70 -21.64 4.69 -14.64
CA ASP A 70 -20.39 4.89 -13.87
C ASP A 70 -20.69 5.18 -12.41
N GLY A 71 -21.95 5.28 -12.03
CA GLY A 71 -22.33 5.47 -10.63
C GLY A 71 -22.21 6.91 -10.25
N LEU A 72 -22.47 7.81 -11.21
CA LEU A 72 -22.67 9.25 -10.94
C LEU A 72 -24.17 9.49 -10.86
N GLY A 73 -24.62 10.15 -9.79
CA GLY A 73 -26.04 10.38 -9.54
C GLY A 73 -26.31 11.87 -9.56
N MET A 74 -27.54 12.21 -9.87
CA MET A 74 -28.05 13.58 -9.82
C MET A 74 -29.56 13.57 -9.49
N ALA A 75 -29.97 14.51 -8.65
CA ALA A 75 -31.37 14.68 -8.22
C ALA A 75 -31.69 16.15 -8.28
N GLY A 76 -32.86 16.48 -8.81
CA GLY A 76 -33.45 17.84 -8.75
C GLY A 76 -34.37 17.94 -7.55
N LEU A 77 -34.15 18.93 -6.69
CA LEU A 77 -35.01 19.16 -5.51
C LEU A 77 -35.62 20.56 -5.63
N ASN A 78 -36.76 20.74 -5.00
CA ASN A 78 -37.49 22.04 -5.06
C ASN A 78 -36.64 23.17 -4.50
N PHE A 79 -36.64 24.29 -5.21
CA PHE A 79 -35.88 25.50 -4.84
C PHE A 79 -36.70 26.72 -5.27
N PRO A 80 -37.93 26.87 -4.78
CA PRO A 80 -38.85 27.88 -5.30
C PRO A 80 -38.35 29.32 -5.08
N GLY A 81 -38.41 30.13 -6.13
CA GLY A 81 -38.11 31.56 -6.05
C GLY A 81 -36.61 31.82 -6.09
N ASN A 82 -35.78 30.95 -5.52
CA ASN A 82 -34.30 31.14 -5.51
C ASN A 82 -33.70 30.73 -6.87
N ALA A 83 -34.21 29.68 -7.52
CA ALA A 83 -33.75 29.25 -8.85
C ALA A 83 -33.97 30.42 -9.81
N TYR A 84 -33.02 30.71 -10.69
CA TYR A 84 -33.15 31.72 -11.76
C TYR A 84 -32.63 31.05 -13.04
N TYR A 85 -33.54 30.91 -14.02
CA TYR A 85 -33.25 30.43 -15.39
C TYR A 85 -33.23 31.64 -16.34
N SER A 86 -32.13 31.74 -17.09
CA SER A 86 -31.73 32.90 -17.92
C SER A 86 -32.54 32.92 -19.24
N ASP A 87 -33.11 34.08 -19.58
CA ASP A 87 -33.88 34.33 -20.82
C ASP A 87 -32.97 34.61 -22.00
N ALA A 88 -31.66 34.80 -21.77
CA ALA A 88 -30.63 35.03 -22.80
C ALA A 88 -29.78 33.77 -23.00
N LEU A 89 -29.42 33.47 -24.25
CA LEU A 89 -28.36 32.49 -24.54
C LEU A 89 -27.03 33.13 -24.23
N GLU A 90 -25.98 32.32 -24.13
CA GLU A 90 -24.58 32.73 -23.82
C GLU A 90 -23.67 32.13 -24.90
N ASN A 91 -22.71 32.93 -25.41
CA ASN A 91 -21.93 32.57 -26.62
C ASN A 91 -21.08 31.36 -26.28
N ASP A 92 -20.22 31.49 -25.27
CA ASP A 92 -19.21 30.47 -24.92
C ASP A 92 -19.69 29.70 -23.67
N LYS A 93 -20.99 29.40 -23.59
CA LYS A 93 -21.59 28.51 -22.56
C LYS A 93 -22.43 27.45 -23.25
N ASP A 94 -22.66 26.33 -22.57
CA ASP A 94 -23.67 25.33 -22.97
C ASP A 94 -25.02 25.85 -22.50
N ASN A 95 -25.93 26.14 -23.42
CA ASN A 95 -27.29 26.65 -23.11
C ASN A 95 -28.23 25.44 -23.01
N ILE A 96 -28.54 25.05 -21.79
CA ILE A 96 -29.29 23.80 -21.45
C ILE A 96 -30.53 24.16 -20.62
N THR A 97 -31.68 23.52 -20.84
CA THR A 97 -32.90 23.74 -20.02
C THR A 97 -32.77 22.92 -18.72
N PRO A 98 -33.44 23.33 -17.61
CA PRO A 98 -33.54 22.49 -16.41
C PRO A 98 -33.81 21.01 -16.71
N PHE A 99 -34.76 20.70 -17.59
CA PHE A 99 -35.26 19.33 -17.81
C PHE A 99 -34.22 18.52 -18.60
N GLU A 100 -33.29 19.19 -19.28
CA GLU A 100 -32.16 18.56 -20.02
C GLU A 100 -30.92 18.42 -19.13
N PHE A 101 -30.90 19.10 -17.99
CA PHE A 101 -29.68 19.23 -17.13
C PHE A 101 -29.19 17.85 -16.67
N ILE A 102 -30.09 16.94 -16.30
CA ILE A 102 -29.68 15.61 -15.77
C ILE A 102 -29.10 14.84 -16.95
N PRO A 103 -29.81 14.71 -18.09
CA PRO A 103 -29.22 14.07 -19.27
C PRO A 103 -27.88 14.70 -19.70
N TRP A 104 -27.73 16.02 -19.55
CA TRP A 104 -26.51 16.79 -19.95
C TRP A 104 -25.30 16.38 -19.09
N ILE A 105 -25.48 16.28 -17.76
CA ILE A 105 -24.39 15.89 -16.85
C ILE A 105 -24.20 14.39 -16.89
N LEU A 106 -25.27 13.63 -16.64
CA LEU A 106 -25.20 12.16 -16.43
C LEU A 106 -24.86 11.48 -17.76
N GLY A 107 -25.22 12.09 -18.89
CA GLY A 107 -24.93 11.51 -20.22
C GLY A 107 -23.45 11.50 -20.52
N GLN A 108 -22.71 12.47 -19.98
CA GLN A 108 -21.34 12.82 -20.47
C GLN A 108 -20.30 12.73 -19.35
N CYS A 109 -20.69 12.72 -18.08
CA CYS A 109 -19.69 12.79 -16.98
C CYS A 109 -19.62 11.48 -16.20
N SER A 110 -18.40 11.06 -15.84
CA SER A 110 -18.16 9.79 -15.11
C SER A 110 -18.10 10.01 -13.59
N ASP A 111 -17.83 11.24 -13.11
CA ASP A 111 -17.65 11.47 -11.66
C ASP A 111 -17.97 12.92 -11.33
N VAL A 112 -17.82 13.31 -10.08
CA VAL A 112 -18.16 14.68 -9.63
C VAL A 112 -17.20 15.75 -10.21
N ASN A 113 -15.88 15.50 -10.33
CA ASN A 113 -14.96 16.52 -10.93
C ASN A 113 -15.42 16.82 -12.36
N GLU A 114 -15.66 15.80 -13.18
CA GLU A 114 -16.12 16.05 -14.58
C GLU A 114 -17.46 16.81 -14.55
N ALA A 115 -18.36 16.47 -13.61
CA ALA A 115 -19.69 17.12 -13.50
C ALA A 115 -19.48 18.60 -13.17
N ARG A 116 -18.63 18.90 -12.18
CA ARG A 116 -18.30 20.29 -11.77
C ARG A 116 -17.75 21.04 -13.01
N ASN A 117 -16.80 20.45 -13.74
CA ASN A 117 -16.14 21.11 -14.90
C ASN A 117 -17.19 21.52 -15.94
N LEU A 118 -18.21 20.70 -16.15
CA LEU A 118 -19.28 20.92 -17.16
C LEU A 118 -20.33 21.94 -16.66
N VAL A 119 -20.66 21.88 -15.37
CA VAL A 119 -21.58 22.90 -14.74
C VAL A 119 -20.96 24.29 -14.83
N GLU A 120 -19.63 24.40 -14.68
CA GLU A 120 -18.89 25.69 -14.71
C GLU A 120 -19.07 26.39 -16.05
N LYS A 121 -19.37 25.62 -17.11
CA LYS A 121 -19.56 26.11 -18.49
C LYS A 121 -21.05 26.21 -18.84
N ILE A 122 -21.97 26.09 -17.88
CA ILE A 122 -23.43 25.96 -18.26
C ILE A 122 -24.13 27.30 -18.12
N ASN A 123 -25.15 27.49 -18.96
CA ASN A 123 -26.15 28.56 -18.82
C ASN A 123 -27.51 27.87 -18.84
N LEU A 124 -28.20 27.84 -17.71
CA LEU A 124 -29.54 27.23 -17.57
C LEU A 124 -30.53 28.25 -18.14
N ILE A 125 -31.24 27.87 -19.20
CA ILE A 125 -32.13 28.74 -20.00
C ILE A 125 -33.57 28.45 -19.59
N ASN A 126 -34.38 29.52 -19.51
CA ASN A 126 -35.82 29.54 -19.16
C ASN A 126 -36.68 29.06 -20.33
N LEU A 127 -36.49 27.84 -20.80
CA LEU A 127 -37.37 27.24 -21.82
C LEU A 127 -38.09 26.06 -21.17
N SER A 128 -39.42 26.09 -21.16
CA SER A 128 -40.33 25.02 -20.68
C SER A 128 -40.27 23.82 -21.63
N PHE A 129 -40.47 22.61 -21.08
CA PHE A 129 -40.61 21.37 -21.87
C PHE A 129 -41.74 21.59 -22.89
N SER A 130 -42.83 22.22 -22.45
CA SER A 130 -44.09 22.43 -23.21
C SER A 130 -44.95 23.41 -22.41
N GLU A 131 -46.05 23.88 -23.00
CA GLU A 131 -47.06 24.75 -22.34
C GLU A 131 -47.66 24.01 -21.13
N GLN A 132 -47.79 22.68 -21.24
CA GLN A 132 -48.48 21.82 -20.23
C GLN A 132 -47.57 21.60 -19.01
N LEU A 133 -46.25 21.64 -19.23
CA LEU A 133 -45.21 21.28 -18.22
C LEU A 133 -44.27 22.47 -18.05
N PRO A 134 -44.70 23.55 -17.36
CA PRO A 134 -43.88 24.76 -17.22
C PRO A 134 -42.76 24.52 -16.20
N LEU A 135 -41.70 25.33 -16.20
CA LEU A 135 -40.49 25.10 -15.36
C LEU A 135 -40.80 25.34 -13.89
N ALA A 136 -40.24 24.51 -13.02
CA ALA A 136 -40.22 24.73 -11.56
C ALA A 136 -38.78 25.08 -11.13
N GLY A 137 -38.67 25.90 -10.10
CA GLY A 137 -37.40 26.29 -9.48
C GLY A 137 -36.78 25.10 -8.78
N LEU A 138 -35.56 24.74 -9.15
CA LEU A 138 -34.87 23.56 -8.59
C LEU A 138 -33.43 23.90 -8.19
N HIS A 139 -32.89 23.08 -7.28
CA HIS A 139 -31.43 22.93 -7.12
C HIS A 139 -31.08 21.43 -7.20
N TRP A 140 -29.79 21.11 -7.28
CA TRP A 140 -29.35 19.75 -7.66
C TRP A 140 -28.32 19.25 -6.64
N LEU A 141 -28.37 17.95 -6.39
CA LEU A 141 -27.31 17.21 -5.70
C LEU A 141 -26.70 16.28 -6.73
N ILE A 142 -25.38 16.38 -6.89
CA ILE A 142 -24.59 15.52 -7.82
C ILE A 142 -23.62 14.77 -6.93
N ALA A 143 -23.61 13.44 -7.05
CA ALA A 143 -22.94 12.54 -6.09
C ALA A 143 -22.29 11.42 -6.87
N ASP A 144 -21.07 11.07 -6.47
CA ASP A 144 -20.45 9.79 -6.89
C ASP A 144 -20.17 8.99 -5.63
N ARG A 145 -19.47 7.87 -5.78
CA ARG A 145 -19.12 6.94 -4.69
C ARG A 145 -18.20 7.61 -3.68
N GLU A 146 -17.58 8.75 -4.01
CA GLU A 146 -16.62 9.45 -3.14
C GLU A 146 -17.20 10.72 -2.49
N LYS A 147 -17.94 11.54 -3.22
CA LYS A 147 -18.22 12.90 -2.71
C LYS A 147 -19.44 13.46 -3.45
N SER A 148 -19.89 14.63 -3.03
CA SER A 148 -21.06 15.25 -3.69
C SER A 148 -20.89 16.75 -3.74
N ILE A 149 -21.60 17.37 -4.69
CA ILE A 149 -21.68 18.85 -4.82
C ILE A 149 -23.15 19.23 -4.96
N VAL A 150 -23.45 20.48 -4.57
CA VAL A 150 -24.75 21.14 -4.71
C VAL A 150 -24.60 22.18 -5.82
N VAL A 151 -25.53 22.19 -6.76
CA VAL A 151 -25.61 23.25 -7.80
C VAL A 151 -26.86 24.07 -7.53
N GLU A 152 -26.68 25.35 -7.21
CA GLU A 152 -27.76 26.36 -7.08
C GLU A 152 -27.51 27.45 -8.13
N VAL A 153 -28.42 27.58 -9.11
CA VAL A 153 -28.39 28.67 -10.14
C VAL A 153 -29.42 29.70 -9.71
N THR A 154 -28.92 30.82 -9.21
CA THR A 154 -29.70 31.97 -8.65
C THR A 154 -29.39 33.23 -9.50
N LYS A 155 -29.98 34.36 -9.14
CA LYS A 155 -29.80 35.69 -9.80
C LYS A 155 -28.30 36.08 -9.78
N SER A 156 -27.52 35.68 -8.77
CA SER A 156 -26.06 35.94 -8.66
C SER A 156 -25.21 34.91 -9.42
N GLY A 157 -25.81 33.94 -10.09
CA GLY A 157 -25.13 33.06 -11.08
C GLY A 157 -25.11 31.57 -10.72
N VAL A 158 -24.15 30.83 -11.28
CA VAL A 158 -24.02 29.37 -11.07
C VAL A 158 -23.14 29.16 -9.83
N HIS A 159 -23.73 28.61 -8.78
CA HIS A 159 -23.05 28.39 -7.48
C HIS A 159 -22.85 26.88 -7.32
N ILE A 160 -21.61 26.43 -7.11
CA ILE A 160 -21.26 24.99 -6.92
C ILE A 160 -20.64 24.90 -5.52
N TYR A 161 -21.19 24.04 -4.66
CA TYR A 161 -20.71 23.86 -3.25
C TYR A 161 -20.28 22.42 -3.10
N ASP A 162 -19.10 22.23 -2.50
CA ASP A 162 -18.74 20.90 -1.95
C ASP A 162 -19.75 20.66 -0.84
N ASN A 163 -20.37 19.49 -0.85
CA ASN A 163 -21.33 19.10 0.20
C ASN A 163 -20.57 18.20 1.18
N PRO A 164 -20.17 18.70 2.36
CA PRO A 164 -19.33 17.91 3.28
C PRO A 164 -20.09 16.81 4.06
N ILE A 165 -21.43 16.87 4.02
CA ILE A 165 -22.31 15.93 4.78
C ILE A 165 -23.20 15.10 3.86
N GLY A 166 -23.23 15.36 2.54
CA GLY A 166 -24.11 14.57 1.66
C GLY A 166 -25.60 14.69 2.02
N ILE A 167 -26.06 15.92 2.28
CA ILE A 167 -27.49 16.24 2.65
C ILE A 167 -27.97 17.43 1.80
N LEU A 168 -29.17 17.33 1.23
CA LEU A 168 -29.84 18.50 0.61
C LEU A 168 -31.36 18.39 0.82
N THR A 169 -32.00 19.52 1.11
CA THR A 169 -33.48 19.63 1.11
C THR A 169 -33.89 20.74 0.14
N ASN A 170 -34.53 21.79 0.63
CA ASN A 170 -35.15 22.84 -0.25
C ASN A 170 -34.53 24.15 0.19
N ASN A 171 -35.30 25.25 0.25
CA ASN A 171 -34.82 26.56 0.75
C ASN A 171 -34.52 26.48 2.24
N PRO A 172 -33.59 27.32 2.80
CA PRO A 172 -32.85 28.33 2.05
C PRO A 172 -31.60 27.79 1.33
N GLU A 173 -30.85 28.70 0.71
CA GLU A 173 -29.58 28.46 0.01
C GLU A 173 -28.59 27.71 0.88
N PHE A 174 -27.68 26.98 0.25
CA PHE A 174 -26.88 25.92 0.90
C PHE A 174 -26.06 26.47 2.07
N ASN A 175 -25.40 27.61 1.89
CA ASN A 175 -24.58 28.17 3.00
C ASN A 175 -25.45 28.47 4.21
N TYR A 176 -26.73 28.82 3.99
CA TYR A 176 -27.72 29.09 5.06
C TYR A 176 -28.07 27.78 5.79
N GLN A 177 -28.31 26.70 5.05
CA GLN A 177 -28.59 25.34 5.62
C GLN A 177 -27.37 24.88 6.47
N MET A 178 -26.15 25.01 5.91
CA MET A 178 -24.91 24.55 6.57
C MET A 178 -24.73 25.41 7.82
N TYR A 179 -24.86 26.74 7.72
CA TYR A 179 -24.73 27.61 8.92
C TYR A 179 -25.74 27.22 10.00
N ASN A 180 -26.99 26.94 9.62
CA ASN A 180 -28.11 26.62 10.54
C ASN A 180 -27.77 25.41 11.44
N LEU A 181 -26.90 24.50 10.99
CA LEU A 181 -26.47 23.30 11.76
C LEU A 181 -25.74 23.70 13.03
N ASN A 182 -25.05 24.84 13.02
CA ASN A 182 -24.06 25.26 14.05
C ASN A 182 -24.74 25.37 15.42
N LYS A 183 -25.98 25.82 15.47
CA LYS A 183 -26.70 26.01 16.76
C LYS A 183 -27.10 24.67 17.39
N TYR A 184 -26.97 23.54 16.69
CA TYR A 184 -27.33 22.19 17.21
C TYR A 184 -26.11 21.37 17.68
N ARG A 185 -24.95 21.99 17.88
CA ARG A 185 -23.70 21.29 18.24
C ARG A 185 -23.84 20.51 19.55
N ASN A 186 -24.68 20.94 20.50
CA ASN A 186 -24.83 20.32 21.85
C ASN A 186 -25.66 19.03 21.75
N LEU A 187 -26.35 18.71 20.63
CA LEU A 187 -27.18 17.48 20.56
C LEU A 187 -26.26 16.25 20.71
N SER A 188 -26.76 15.18 21.30
CA SER A 188 -25.98 13.93 21.42
C SER A 188 -26.86 12.71 21.22
N ILE A 189 -26.23 11.60 20.90
CA ILE A 189 -26.87 10.26 20.83
C ILE A 189 -26.91 9.65 22.24
N SER A 190 -26.25 10.23 23.23
CA SER A 190 -26.30 9.59 24.56
C SER A 190 -26.68 10.61 25.63
N THR A 191 -27.01 10.11 26.81
CA THR A 191 -27.57 10.93 27.89
C THR A 191 -26.54 11.98 28.26
N PRO A 192 -26.89 13.29 28.30
CA PRO A 192 -25.96 14.32 28.70
C PRO A 192 -25.70 14.28 30.19
N GLN A 193 -24.53 14.77 30.59
CA GLN A 193 -24.24 15.13 31.98
C GLN A 193 -25.12 16.36 32.28
N ASN A 194 -25.46 16.55 33.54
CA ASN A 194 -26.15 17.75 34.03
C ASN A 194 -25.18 18.93 34.00
N THR A 195 -25.22 19.76 32.94
CA THR A 195 -24.47 21.04 32.83
C THR A 195 -25.38 22.22 33.20
N PHE A 196 -26.70 22.01 33.32
CA PHE A 196 -27.70 23.03 33.72
C PHE A 196 -27.28 23.69 35.02
N SER A 197 -27.08 22.88 36.07
CA SER A 197 -26.55 23.30 37.38
C SER A 197 -26.43 22.10 38.31
N ASP A 198 -25.32 21.96 39.01
CA ASP A 198 -25.19 20.84 39.96
C ASP A 198 -25.79 21.24 41.30
N SER A 199 -26.52 22.36 41.36
CA SER A 199 -27.32 22.77 42.56
C SER A 199 -28.75 22.19 42.53
N VAL A 200 -29.11 21.47 41.47
CA VAL A 200 -30.42 20.80 41.37
C VAL A 200 -30.16 19.40 40.81
N ASP A 201 -30.71 18.40 41.46
CA ASP A 201 -30.55 16.97 41.11
C ASP A 201 -31.53 16.69 39.95
N LEU A 202 -31.16 17.02 38.72
CA LEU A 202 -32.05 16.72 37.57
C LEU A 202 -31.99 15.21 37.27
N LYS A 203 -33.14 14.59 37.03
CA LYS A 203 -33.25 13.13 36.81
C LYS A 203 -33.52 12.81 35.35
N VAL A 204 -33.07 11.63 34.95
CA VAL A 204 -33.29 11.02 33.60
C VAL A 204 -34.16 9.78 33.79
N ASP A 205 -35.38 9.81 33.26
CA ASP A 205 -36.36 8.73 33.48
C ASP A 205 -36.62 8.00 32.15
N GLY A 206 -35.79 8.25 31.15
CA GLY A 206 -35.73 7.47 29.92
C GLY A 206 -34.48 7.72 29.11
N THR A 207 -34.37 7.04 27.97
CA THR A 207 -33.27 7.17 27.00
C THR A 207 -33.59 8.30 26.01
N GLY A 208 -32.61 8.67 25.18
CA GLY A 208 -32.81 9.62 24.08
C GLY A 208 -32.78 11.08 24.49
N PHE A 209 -32.47 11.39 25.74
CA PHE A 209 -32.44 12.80 26.23
C PHE A 209 -31.36 13.61 25.51
N GLY A 210 -30.29 12.99 25.00
CA GLY A 210 -29.24 13.77 24.34
C GLY A 210 -29.76 14.44 23.08
N GLY A 211 -30.86 13.91 22.51
CA GLY A 211 -31.47 14.42 21.27
C GLY A 211 -32.28 15.69 21.50
N ILE A 212 -32.61 16.04 22.74
CA ILE A 212 -33.60 17.10 23.04
C ILE A 212 -33.08 18.39 22.39
N GLY A 213 -33.90 18.97 21.51
CA GLY A 213 -33.64 20.19 20.73
C GLY A 213 -33.60 19.91 19.24
N LEU A 214 -33.42 18.66 18.84
CA LEU A 214 -33.57 18.25 17.42
C LEU A 214 -35.01 18.58 16.97
N PRO A 215 -35.16 19.30 15.85
CA PRO A 215 -36.50 19.59 15.33
C PRO A 215 -37.16 18.38 14.66
N GLY A 216 -38.48 18.31 14.82
CA GLY A 216 -39.30 17.18 14.37
C GLY A 216 -40.29 17.56 13.27
N ASP A 217 -40.34 18.81 12.85
CA ASP A 217 -41.33 19.28 11.85
C ASP A 217 -40.82 18.95 10.44
N VAL A 218 -41.62 19.19 9.42
CA VAL A 218 -41.20 18.81 8.04
C VAL A 218 -40.92 20.07 7.22
N SER A 219 -40.65 21.20 7.86
CA SER A 219 -40.05 22.37 7.16
C SER A 219 -38.72 21.91 6.53
N PRO A 220 -38.27 22.52 5.41
CA PRO A 220 -37.01 22.12 4.81
C PRO A 220 -35.79 22.28 5.74
N GLU A 221 -35.74 23.35 6.53
CA GLU A 221 -34.60 23.55 7.46
C GLU A 221 -34.62 22.42 8.50
N SER A 222 -35.77 22.08 9.05
CA SER A 222 -35.86 21.06 10.12
C SER A 222 -35.47 19.70 9.54
N ARG A 223 -35.94 19.41 8.35
CA ARG A 223 -35.58 18.15 7.64
C ARG A 223 -34.07 18.13 7.35
N PHE A 224 -33.45 19.27 7.03
CA PHE A 224 -31.98 19.33 6.77
C PHE A 224 -31.26 18.90 8.05
N VAL A 225 -31.58 19.52 9.17
CA VAL A 225 -30.96 19.24 10.51
C VAL A 225 -31.18 17.78 10.90
N ARG A 226 -32.43 17.30 10.81
CA ARG A 226 -32.81 15.95 11.24
C ARG A 226 -32.13 14.88 10.35
N ALA A 227 -32.06 15.09 9.04
CA ALA A 227 -31.50 14.08 8.13
C ALA A 227 -30.00 13.98 8.42
N THR A 228 -29.38 15.13 8.67
CA THR A 228 -27.93 15.22 8.91
C THR A 228 -27.65 14.46 10.21
N PHE A 229 -28.36 14.78 11.30
CA PHE A 229 -28.19 14.10 12.62
C PHE A 229 -28.37 12.59 12.49
N SER A 230 -29.47 12.14 11.85
CA SER A 230 -29.82 10.71 11.60
C SER A 230 -28.75 10.02 10.72
N LYS A 231 -28.32 10.63 9.64
CA LYS A 231 -27.35 10.04 8.71
C LYS A 231 -25.97 9.95 9.36
N LEU A 232 -25.46 11.03 9.92
CA LEU A 232 -24.07 11.08 10.43
C LEU A 232 -23.96 10.16 11.66
N ASN A 233 -25.06 9.90 12.40
CA ASN A 233 -24.95 9.04 13.60
C ASN A 233 -25.38 7.60 13.29
N SER A 234 -25.80 7.31 12.07
CA SER A 234 -26.43 6.00 11.81
C SER A 234 -25.34 4.91 11.88
N SER A 235 -25.66 3.81 12.53
CA SER A 235 -24.69 2.70 12.71
C SER A 235 -24.28 2.16 11.33
N LYS A 236 -22.99 1.83 11.13
CA LYS A 236 -22.53 1.11 9.91
C LYS A 236 -23.19 -0.28 9.78
N GLY A 237 -23.49 -0.69 8.55
CA GLY A 237 -23.96 -2.04 8.21
C GLY A 237 -22.82 -3.03 8.02
N MET A 238 -23.05 -4.32 8.27
CA MET A 238 -22.05 -5.38 8.02
C MET A 238 -22.08 -5.76 6.54
N THR A 239 -23.21 -5.56 5.87
CA THR A 239 -23.47 -5.98 4.46
C THR A 239 -24.16 -4.85 3.69
N VAL A 240 -24.17 -4.97 2.37
CA VAL A 240 -24.88 -4.03 1.45
C VAL A 240 -26.36 -4.02 1.84
N GLU A 241 -26.96 -5.20 2.08
CA GLU A 241 -28.38 -5.29 2.53
C GLU A 241 -28.59 -4.44 3.78
N GLU A 242 -27.70 -4.51 4.77
CA GLU A 242 -27.90 -3.73 6.02
C GLU A 242 -27.79 -2.24 5.71
N ASP A 243 -26.95 -1.88 4.74
CA ASP A 243 -26.72 -0.48 4.31
C ASP A 243 -28.01 0.04 3.68
N ILE A 244 -28.62 -0.75 2.81
CA ILE A 244 -29.86 -0.34 2.06
C ILE A 244 -30.98 -0.19 3.10
N THR A 245 -31.11 -1.18 4.00
CA THR A 245 -32.04 -1.14 5.18
C THR A 245 -31.82 0.16 5.95
N GLN A 246 -30.55 0.49 6.26
CA GLN A 246 -30.25 1.67 7.09
C GLN A 246 -30.61 2.92 6.28
N PHE A 247 -30.35 2.92 4.97
CA PHE A 247 -30.65 4.05 4.08
C PHE A 247 -32.16 4.40 4.15
N PHE A 248 -33.05 3.41 4.02
CA PHE A 248 -34.51 3.64 4.09
C PHE A 248 -34.89 4.15 5.48
N HIS A 249 -34.28 3.67 6.55
CA HIS A 249 -34.58 4.15 7.93
C HIS A 249 -34.21 5.62 8.01
N ILE A 250 -33.06 5.99 7.46
CA ILE A 250 -32.59 7.41 7.52
C ILE A 250 -33.60 8.30 6.76
N LEU A 251 -34.01 7.90 5.56
CA LEU A 251 -34.98 8.72 4.77
C LEU A 251 -36.28 8.78 5.54
N GLY A 252 -36.63 7.67 6.21
CA GLY A 252 -37.80 7.52 7.09
C GLY A 252 -37.86 8.63 8.14
N THR A 253 -36.74 9.07 8.71
CA THR A 253 -36.70 10.05 9.83
C THR A 253 -37.23 11.41 9.34
N VAL A 254 -37.19 11.70 8.02
CA VAL A 254 -37.62 13.03 7.49
C VAL A 254 -38.76 12.86 6.46
N GLU A 255 -39.41 11.69 6.47
CA GLU A 255 -40.56 11.37 5.61
C GLU A 255 -41.73 12.31 5.98
N GLN A 256 -42.55 12.66 4.99
CA GLN A 256 -43.79 13.48 5.20
C GLN A 256 -45.00 12.55 5.09
N ILE A 257 -45.64 12.28 6.22
CA ILE A 257 -46.86 11.44 6.24
C ILE A 257 -48.04 12.34 5.84
N LYS A 258 -49.02 11.76 5.16
CA LYS A 258 -50.25 12.48 4.73
C LYS A 258 -50.98 13.06 5.94
N GLY A 259 -51.06 14.38 5.99
CA GLY A 259 -51.90 15.10 6.97
C GLY A 259 -51.20 16.20 7.75
N VAL A 260 -49.86 16.12 7.92
CA VAL A 260 -49.07 17.00 8.84
C VAL A 260 -48.64 18.27 8.12
N ASN A 261 -48.70 18.26 6.78
CA ASN A 261 -48.21 19.36 5.93
C ASN A 261 -49.23 19.66 4.82
N LYS A 262 -50.13 20.62 5.06
CA LYS A 262 -51.24 20.93 4.14
C LYS A 262 -50.85 22.15 3.32
N THR A 263 -50.78 21.97 2.00
CA THR A 263 -50.43 23.06 1.04
C THR A 263 -51.61 24.04 0.94
N GLU A 264 -51.37 25.11 0.22
CA GLU A 264 -52.34 26.21 -0.07
C GLU A 264 -53.51 25.65 -0.88
N SER A 265 -53.31 24.57 -1.63
CA SER A 265 -54.38 23.93 -2.43
C SER A 265 -55.36 23.16 -1.52
N GLY A 266 -55.02 22.96 -0.24
CA GLY A 266 -55.78 22.05 0.64
C GLY A 266 -55.29 20.61 0.55
N LYS A 267 -54.42 20.30 -0.40
CA LYS A 267 -53.84 18.93 -0.53
C LYS A 267 -52.67 18.76 0.46
N GLU A 268 -52.55 17.61 1.10
CA GLU A 268 -51.38 17.32 1.96
C GLU A 268 -50.16 17.03 1.07
N GLU A 269 -49.01 17.63 1.38
CA GLU A 269 -47.69 17.23 0.86
C GLU A 269 -47.26 15.95 1.57
N TYR A 270 -46.78 14.96 0.81
CA TYR A 270 -46.34 13.69 1.42
C TYR A 270 -45.14 13.14 0.65
N THR A 271 -44.43 12.21 1.26
CA THR A 271 -43.31 11.50 0.57
C THR A 271 -43.89 10.53 -0.45
N VAL A 272 -43.87 10.93 -1.74
CA VAL A 272 -44.47 10.14 -2.82
C VAL A 272 -43.68 8.86 -3.02
N TYR A 273 -42.35 8.93 -2.99
CA TYR A 273 -41.51 7.72 -3.03
C TYR A 273 -40.16 8.04 -2.37
N SER A 274 -39.46 6.97 -2.02
CA SER A 274 -38.11 7.00 -1.40
C SER A 274 -37.24 6.06 -2.23
N ASN A 275 -36.02 6.48 -2.54
CA ASN A 275 -35.11 5.57 -3.27
C ASN A 275 -33.68 5.62 -2.74
N CYS A 276 -32.97 4.56 -3.09
CA CYS A 276 -31.58 4.28 -2.69
C CYS A 276 -30.94 3.68 -3.90
N TYR A 277 -30.08 4.42 -4.58
CA TYR A 277 -29.21 3.91 -5.66
C TYR A 277 -27.95 3.36 -5.02
N ASP A 278 -27.66 2.10 -5.26
CA ASP A 278 -26.31 1.52 -5.07
C ASP A 278 -25.46 1.93 -6.27
N LEU A 279 -24.55 2.87 -6.05
CA LEU A 279 -23.76 3.49 -7.15
C LEU A 279 -22.77 2.47 -7.70
N ASP A 280 -22.18 1.64 -6.84
CA ASP A 280 -21.10 0.70 -7.22
C ASP A 280 -21.72 -0.43 -8.04
N ASN A 281 -22.91 -0.90 -7.65
CA ASN A 281 -23.62 -2.01 -8.31
C ASN A 281 -24.72 -1.46 -9.26
N LYS A 282 -24.81 -0.14 -9.47
CA LYS A 282 -25.76 0.50 -10.45
C LYS A 282 -27.17 -0.10 -10.31
N THR A 283 -27.68 -0.21 -9.08
CA THR A 283 -29.05 -0.70 -8.75
C THR A 283 -29.86 0.38 -8.04
N LEU A 284 -31.06 0.59 -8.55
CA LEU A 284 -32.09 1.47 -7.96
C LEU A 284 -32.97 0.61 -7.06
N TYR A 285 -33.14 1.05 -5.82
CA TYR A 285 -34.08 0.48 -4.83
C TYR A 285 -35.08 1.60 -4.53
N TYR A 286 -36.36 1.28 -4.53
CA TYR A 286 -37.38 2.29 -4.19
C TYR A 286 -38.54 1.65 -3.44
N THR A 287 -39.18 2.54 -2.67
CA THR A 287 -40.48 2.34 -1.97
C THR A 287 -41.38 3.50 -2.39
N THR A 288 -42.67 3.34 -2.17
CA THR A 288 -43.68 4.38 -2.43
C THR A 288 -44.53 4.58 -1.18
N TYR A 289 -45.31 5.65 -1.17
CA TYR A 289 -46.19 5.90 -0.02
C TYR A 289 -47.09 4.68 0.19
N GLU A 290 -47.54 4.07 -0.90
CA GLU A 290 -48.59 3.02 -0.86
C GLU A 290 -47.99 1.63 -0.64
N ASN A 291 -46.70 1.47 -0.89
CA ASN A 291 -46.05 0.14 -0.87
C ASN A 291 -44.75 0.19 -0.10
N ARG A 292 -44.70 -0.52 1.01
CA ARG A 292 -43.52 -0.58 1.92
C ARG A 292 -42.43 -1.45 1.33
N GLN A 293 -42.81 -2.47 0.56
CA GLN A 293 -41.82 -3.47 0.10
C GLN A 293 -40.87 -2.79 -0.88
N ILE A 294 -39.57 -2.90 -0.64
CA ILE A 294 -38.52 -2.37 -1.55
C ILE A 294 -38.58 -3.09 -2.90
N VAL A 295 -38.51 -2.34 -4.00
CA VAL A 295 -38.40 -2.85 -5.39
C VAL A 295 -36.98 -2.55 -5.90
N ALA A 296 -36.32 -3.48 -6.60
CA ALA A 296 -34.96 -3.29 -7.17
C ALA A 296 -35.02 -3.42 -8.68
N VAL A 297 -34.31 -2.52 -9.35
CA VAL A 297 -34.06 -2.59 -10.82
C VAL A 297 -32.60 -2.26 -11.02
N THR A 298 -31.90 -3.11 -11.79
CA THR A 298 -30.45 -2.96 -12.09
C THR A 298 -30.31 -2.37 -13.49
N LEU A 299 -29.37 -1.44 -13.66
CA LEU A 299 -29.01 -0.88 -14.99
C LEU A 299 -27.94 -1.80 -15.59
N ASN A 300 -28.24 -2.37 -16.76
CA ASN A 300 -27.32 -3.17 -17.58
C ASN A 300 -26.87 -2.29 -18.75
N LYS A 301 -25.65 -1.70 -18.67
CA LYS A 301 -25.03 -0.75 -19.65
C LYS A 301 -24.42 -1.54 -20.83
N LYS A 303 -28.76 -3.85 -22.15
CA LYS A 303 -27.42 -3.27 -22.51
C LYS A 303 -27.65 -2.07 -23.46
N ASP A 304 -27.30 -2.23 -24.74
CA ASP A 304 -27.47 -1.18 -25.79
C ASP A 304 -28.95 -1.09 -26.17
N GLY A 305 -29.30 -0.07 -26.94
CA GLY A 305 -30.66 0.16 -27.44
C GLY A 305 -30.81 1.62 -27.72
N ASN A 306 -31.87 2.02 -28.40
CA ASN A 306 -32.17 3.45 -28.62
C ASN A 306 -33.55 3.82 -28.04
N ARG A 307 -34.29 2.83 -27.51
CA ARG A 307 -35.64 3.03 -26.92
C ARG A 307 -35.52 3.12 -25.41
N LEU A 308 -36.21 4.11 -24.84
CA LEU A 308 -36.46 4.25 -23.39
C LEU A 308 -37.13 2.96 -22.93
N VAL A 309 -36.73 2.41 -21.77
CA VAL A 309 -37.39 1.21 -21.16
C VAL A 309 -38.00 1.66 -19.82
N THR A 310 -39.31 1.43 -19.63
CA THR A 310 -40.03 1.89 -18.42
C THR A 310 -40.57 0.69 -17.64
N TYR A 311 -40.61 0.81 -16.32
CA TYR A 311 -41.22 -0.14 -15.37
C TYR A 311 -42.15 0.67 -14.46
N PRO A 312 -43.48 0.53 -14.54
CA PRO A 312 -44.38 1.35 -13.73
C PRO A 312 -44.25 1.02 -12.24
N PHE A 313 -44.57 1.98 -11.39
CA PHE A 313 -44.57 1.80 -9.93
C PHE A 313 -45.80 0.93 -9.52
N GLU A 314 -45.62 -0.05 -8.64
CA GLU A 314 -46.72 -0.77 -7.92
C GLU A 314 -47.21 0.17 -6.83
N ARG A 315 -48.46 0.61 -6.90
CA ARG A 315 -48.97 1.55 -5.88
C ARG A 315 -50.04 0.85 -5.08
N LYS A 316 -49.75 -0.40 -4.71
CA LYS A 316 -50.55 -1.22 -3.78
C LYS A 316 -49.62 -1.78 -2.70
N GLN A 317 -50.11 -1.95 -1.49
CA GLN A 317 -49.33 -2.50 -0.37
C GLN A 317 -49.13 -4.01 -0.61
N ILE A 318 -47.90 -4.45 -0.89
CA ILE A 318 -47.61 -5.90 -1.16
C ILE A 318 -47.28 -6.60 0.17
N ILE A 319 -48.28 -7.29 0.74
CA ILE A 319 -48.29 -7.86 2.12
C ILE A 319 -47.98 -9.35 2.00
N ASN A 320 -47.13 -9.87 2.88
CA ASN A 320 -46.85 -11.32 2.93
C ASN A 320 -47.92 -11.92 3.86
N LYS A 321 -48.95 -12.55 3.29
CA LYS A 321 -50.06 -13.19 4.05
C LYS A 321 -49.66 -14.64 4.37
N LEU A 322 -49.51 -15.01 5.65
CA LEU A 322 -49.11 -16.37 6.16
C LEU A 322 -50.33 -17.26 6.41
N OCS B 1 -40.49 2.79 23.37
CA OCS B 1 -41.69 2.09 22.84
CB OCS B 1 -42.37 1.13 23.81
SG OCS B 1 -41.27 -0.02 24.52
C OCS B 1 -42.74 3.15 22.53
O OCS B 1 -42.85 4.15 23.24
OD1 OCS B 1 -40.19 0.73 25.10
OD2 OCS B 1 -42.01 -0.79 25.45
OD3 OCS B 1 -40.84 -0.86 23.34
N THR B 2 -43.53 2.90 21.49
CA THR B 2 -44.69 3.77 21.25
C THR B 2 -45.89 2.90 20.91
N ALA B 3 -47.01 3.12 21.57
CA ALA B 3 -48.27 2.42 21.19
C ALA B 3 -49.36 3.44 20.83
N ILE B 4 -50.15 3.10 19.81
CA ILE B 4 -51.18 4.01 19.23
C ILE B 4 -52.46 3.23 18.90
N THR B 5 -53.59 3.94 18.82
CA THR B 5 -54.84 3.44 18.21
C THR B 5 -55.12 4.30 16.97
N LEU B 6 -56.02 3.83 16.13
CA LEU B 6 -56.48 4.64 14.97
C LEU B 6 -57.91 4.19 14.65
N ASN B 7 -58.80 5.14 14.41
CA ASN B 7 -60.18 4.92 13.93
C ASN B 7 -60.21 5.30 12.46
N GLY B 8 -60.56 4.35 11.62
CA GLY B 8 -60.72 4.58 10.18
C GLY B 8 -61.89 3.78 9.67
N ASN B 9 -61.66 3.02 8.61
CA ASN B 9 -62.60 2.10 7.92
C ASN B 9 -62.81 0.89 8.81
N SER B 10 -61.71 0.40 9.39
CA SER B 10 -61.76 -0.53 10.52
C SER B 10 -61.12 0.24 11.67
N ASN B 11 -60.69 -0.45 12.74
CA ASN B 11 -60.19 0.14 13.99
C ASN B 11 -58.94 -0.64 14.41
N TYR B 12 -57.90 0.10 14.75
CA TYR B 12 -56.49 -0.38 14.81
C TYR B 12 -55.90 -0.07 16.17
N PHE B 13 -54.91 -0.90 16.53
CA PHE B 13 -54.11 -0.82 17.75
C PHE B 13 -52.73 -1.43 17.42
N GLY B 14 -51.65 -0.83 17.92
CA GLY B 14 -50.34 -1.41 17.63
C GLY B 14 -49.23 -0.64 18.25
N ARG B 15 -48.00 -1.10 18.05
CA ARG B 15 -46.86 -0.52 18.81
C ARG B 15 -45.57 -0.70 18.06
N ASN B 16 -44.65 0.20 18.36
CA ASN B 16 -43.19 0.05 18.13
C ASN B 16 -42.62 -0.60 19.40
N LEU B 17 -41.87 -1.67 19.24
N LEU B 17 -41.87 -1.67 19.24
CA LEU B 17 -40.98 -2.20 20.31
CA LEU B 17 -40.98 -2.20 20.31
C LEU B 17 -39.57 -1.62 20.11
C LEU B 17 -39.57 -1.62 20.11
N ASP B 18 -39.11 -0.80 21.07
CA ASP B 18 -37.80 -0.12 21.00
C ASP B 18 -36.89 -0.77 22.03
N LEU B 19 -35.78 -1.34 21.54
CA LEU B 19 -34.84 -2.11 22.39
C LEU B 19 -33.52 -2.24 21.64
N ASP B 20 -32.48 -2.71 22.33
CA ASP B 20 -31.10 -2.72 21.78
C ASP B 20 -30.77 -4.13 21.26
N PHE B 21 -31.67 -5.09 21.38
CA PHE B 21 -31.51 -6.44 20.83
C PHE B 21 -32.89 -7.07 20.59
N SER B 22 -32.95 -8.19 19.85
CA SER B 22 -34.16 -9.00 19.57
C SER B 22 -34.21 -10.18 20.55
N TYR B 23 -35.38 -10.46 21.14
CA TYR B 23 -35.63 -11.69 21.93
C TYR B 23 -35.95 -12.86 21.02
N GLY B 24 -35.85 -12.71 19.71
CA GLY B 24 -36.32 -13.75 18.77
C GLY B 24 -37.85 -13.79 18.72
N GLU B 25 -38.48 -12.63 18.50
CA GLU B 25 -39.95 -12.45 18.61
C GLU B 25 -40.68 -13.33 17.60
N GLU B 26 -41.89 -13.74 17.95
CA GLU B 26 -42.78 -14.46 17.02
C GLU B 26 -44.23 -14.06 17.24
N VAL B 27 -45.06 -14.38 16.24
CA VAL B 27 -46.53 -14.41 16.42
C VAL B 27 -46.86 -15.60 17.32
N ILE B 28 -47.69 -15.38 18.33
CA ILE B 28 -48.21 -16.47 19.17
C ILE B 28 -49.73 -16.40 19.12
N ILE B 29 -50.35 -17.43 18.60
CA ILE B 29 -51.82 -17.65 18.73
C ILE B 29 -51.99 -18.59 19.93
N THR B 30 -52.71 -18.13 20.93
CA THR B 30 -53.17 -18.96 22.05
C THR B 30 -54.63 -19.31 21.84
N PRO B 31 -54.94 -20.59 21.57
CA PRO B 31 -56.32 -21.02 21.34
C PRO B 31 -57.10 -21.03 22.65
N ALA B 32 -58.42 -21.17 22.49
CA ALA B 32 -59.45 -21.06 23.56
C ALA B 32 -59.19 -22.06 24.68
N GLU B 33 -58.66 -23.26 24.37
CA GLU B 33 -58.57 -24.33 25.37
C GLU B 33 -57.10 -24.59 25.69
N TYR B 34 -56.19 -23.69 25.36
CA TYR B 34 -54.86 -23.65 26.03
C TYR B 34 -55.10 -23.21 27.48
N GLU B 35 -54.74 -24.06 28.45
CA GLU B 35 -54.99 -23.77 29.88
C GLU B 35 -53.99 -22.70 30.36
N PHE B 36 -54.50 -21.54 30.81
CA PHE B 36 -53.72 -20.47 31.48
C PHE B 36 -53.62 -20.82 32.97
N LYS B 37 -52.42 -21.11 33.43
CA LYS B 37 -52.13 -21.31 34.85
C LYS B 37 -51.59 -19.99 35.38
N PHE B 38 -51.93 -19.68 36.61
CA PHE B 38 -51.49 -18.47 37.32
C PHE B 38 -50.78 -18.94 38.60
N ARG B 39 -49.71 -18.23 38.97
CA ARG B 39 -48.89 -18.55 40.17
C ARG B 39 -49.76 -18.53 41.42
N LYS B 40 -50.70 -17.59 41.51
CA LYS B 40 -51.47 -17.34 42.75
C LYS B 40 -52.98 -17.32 42.50
N GLU B 41 -53.47 -17.75 41.34
CA GLU B 41 -54.94 -17.79 41.10
C GLU B 41 -55.28 -19.11 40.42
N LYS B 42 -56.58 -19.40 40.35
CA LYS B 42 -57.11 -20.63 39.73
C LYS B 42 -56.83 -20.57 38.23
N ALA B 43 -56.56 -21.74 37.65
CA ALA B 43 -56.30 -21.94 36.21
C ALA B 43 -57.54 -21.56 35.40
N ILE B 44 -57.35 -21.08 34.19
CA ILE B 44 -58.48 -20.80 33.26
C ILE B 44 -58.35 -21.76 32.09
N LYS B 45 -59.25 -22.74 32.04
CA LYS B 45 -59.21 -23.88 31.08
C LYS B 45 -59.88 -23.48 29.77
N ASN B 46 -60.78 -22.50 29.78
CA ASN B 46 -61.53 -22.06 28.57
C ASN B 46 -61.60 -20.53 28.58
N HIS B 47 -61.17 -19.86 27.52
CA HIS B 47 -61.05 -18.39 27.52
C HIS B 47 -61.09 -17.91 26.09
N LYS B 48 -60.96 -16.62 25.89
CA LYS B 48 -60.91 -16.08 24.51
C LYS B 48 -59.54 -16.45 23.93
N SER B 49 -59.52 -16.73 22.64
CA SER B 49 -58.30 -16.89 21.82
C SER B 49 -57.58 -15.54 21.65
N LEU B 50 -56.26 -15.60 21.61
CA LEU B 50 -55.33 -14.46 21.51
C LEU B 50 -54.46 -14.64 20.27
N ILE B 51 -54.13 -13.52 19.64
CA ILE B 51 -53.04 -13.46 18.68
C ILE B 51 -52.18 -12.29 19.13
N GLY B 52 -50.86 -12.48 19.13
CA GLY B 52 -49.94 -11.41 19.53
C GLY B 52 -48.52 -11.73 19.20
N VAL B 53 -47.62 -10.89 19.72
CA VAL B 53 -46.17 -11.01 19.52
C VAL B 53 -45.53 -11.20 20.88
N GLY B 54 -44.67 -12.22 20.97
CA GLY B 54 -43.70 -12.32 22.06
C GLY B 54 -42.86 -13.55 21.92
N ILE B 55 -42.56 -14.17 23.07
CA ILE B 55 -41.78 -15.44 23.12
C ILE B 55 -42.57 -16.49 23.88
N VAL B 56 -42.28 -17.76 23.60
CA VAL B 56 -42.77 -18.92 24.37
C VAL B 56 -41.61 -19.44 25.22
N ALA B 57 -41.80 -19.55 26.55
CA ALA B 57 -40.85 -20.12 27.51
C ALA B 57 -41.62 -21.14 28.35
N ASN B 58 -41.08 -22.35 28.42
CA ASN B 58 -41.73 -23.48 29.15
C ASN B 58 -43.19 -23.56 28.70
N ASP B 59 -43.46 -23.53 27.39
CA ASP B 59 -44.79 -23.67 26.75
C ASP B 59 -45.78 -22.64 27.35
N TYR B 60 -45.30 -21.49 27.80
CA TYR B 60 -46.14 -20.35 28.26
C TYR B 60 -45.96 -19.18 27.28
N PRO B 61 -47.05 -18.59 26.75
CA PRO B 61 -46.93 -17.43 25.86
C PRO B 61 -46.69 -16.13 26.66
N LEU B 62 -45.50 -15.56 26.49
CA LEU B 62 -45.04 -14.32 27.12
C LEU B 62 -45.24 -13.20 26.07
N TYR B 63 -46.38 -12.54 26.14
CA TYR B 63 -46.80 -11.51 25.17
C TYR B 63 -46.19 -10.18 25.56
N PHE B 64 -45.60 -9.56 24.52
CA PHE B 64 -45.20 -8.14 24.49
C PHE B 64 -46.48 -7.33 24.31
N ASP B 65 -47.32 -7.78 23.41
CA ASP B 65 -48.62 -7.16 23.07
C ASP B 65 -49.46 -8.23 22.39
N ALA B 66 -50.78 -8.08 22.44
CA ALA B 66 -51.75 -9.03 21.88
C ALA B 66 -53.12 -8.40 21.70
N ILE B 67 -53.97 -9.10 20.96
CA ILE B 67 -55.46 -8.88 20.92
C ILE B 67 -56.14 -10.20 21.18
N ASN B 68 -57.41 -10.15 21.56
CA ASN B 68 -58.26 -11.37 21.64
C ASN B 68 -59.25 -11.39 20.46
N GLU B 69 -60.00 -12.50 20.36
CA GLU B 69 -60.95 -12.74 19.27
C GLU B 69 -62.10 -11.72 19.35
N ASP B 70 -62.21 -10.91 20.43
CA ASP B 70 -63.25 -9.85 20.47
C ASP B 70 -62.71 -8.50 19.97
N GLY B 71 -61.44 -8.39 19.57
CA GLY B 71 -60.86 -7.09 19.19
C GLY B 71 -60.48 -6.26 20.40
N LEU B 72 -60.24 -6.87 21.57
CA LEU B 72 -59.65 -6.10 22.68
C LEU B 72 -58.12 -6.30 22.61
N GLY B 73 -57.37 -5.21 22.71
CA GLY B 73 -55.90 -5.19 22.59
C GLY B 73 -55.23 -4.76 23.86
N MET B 74 -54.01 -5.27 24.08
CA MET B 74 -53.23 -4.89 25.27
C MET B 74 -51.73 -4.97 24.95
N ALA B 75 -51.04 -3.89 25.31
CA ALA B 75 -49.60 -3.74 25.05
C ALA B 75 -48.92 -3.34 26.36
N GLY B 76 -47.81 -4.03 26.66
CA GLY B 76 -46.89 -3.67 27.74
C GLY B 76 -45.70 -2.87 27.23
N LEU B 77 -45.51 -1.68 27.77
CA LEU B 77 -44.45 -0.74 27.38
C LEU B 77 -43.58 -0.41 28.58
N ASN B 78 -42.30 -0.19 28.31
CA ASN B 78 -41.24 0.06 29.31
C ASN B 78 -41.68 1.22 30.21
N PHE B 79 -41.53 1.08 31.52
CA PHE B 79 -41.94 2.11 32.51
C PHE B 79 -40.99 2.07 33.71
N PRO B 80 -39.67 2.33 33.52
CA PRO B 80 -38.66 1.99 34.52
C PRO B 80 -38.77 2.90 35.75
N GLY B 81 -38.68 2.31 36.95
CA GLY B 81 -38.65 3.04 38.23
C GLY B 81 -40.06 3.38 38.71
N ASN B 82 -40.96 3.72 37.79
CA ASN B 82 -42.34 4.14 38.15
C ASN B 82 -43.20 2.92 38.40
N ALA B 83 -42.99 1.82 37.67
CA ALA B 83 -43.72 0.55 37.84
C ALA B 83 -43.46 0.03 39.26
N TYR B 84 -44.50 -0.39 39.99
CA TYR B 84 -44.36 -0.99 41.36
C TYR B 84 -45.17 -2.29 41.42
N TYR B 85 -44.48 -3.41 41.61
CA TYR B 85 -45.08 -4.74 41.79
C TYR B 85 -44.99 -5.06 43.28
N SER B 86 -46.07 -5.57 43.84
CA SER B 86 -46.33 -5.60 45.29
C SER B 86 -45.67 -6.82 45.91
N ASP B 87 -45.01 -6.63 47.06
CA ASP B 87 -44.44 -7.77 47.83
C ASP B 87 -45.49 -8.30 48.82
N ALA B 88 -46.76 -7.90 48.68
CA ALA B 88 -47.85 -8.39 49.53
C ALA B 88 -49.00 -8.93 48.67
N LEU B 89 -49.61 -10.03 49.10
CA LEU B 89 -50.88 -10.54 48.53
C LEU B 89 -52.02 -9.74 49.15
N GLU B 90 -53.11 -9.52 48.42
CA GLU B 90 -54.30 -8.82 48.96
C GLU B 90 -55.46 -9.79 48.87
N ASN B 91 -56.18 -10.01 49.97
CA ASN B 91 -57.20 -11.08 50.05
C ASN B 91 -58.42 -10.70 49.19
N ASP B 92 -58.70 -9.41 48.96
CA ASP B 92 -59.92 -8.94 48.23
C ASP B 92 -59.54 -8.49 46.80
N LYS B 93 -58.37 -8.91 46.32
CA LYS B 93 -57.91 -8.61 44.93
C LYS B 93 -57.52 -9.92 44.27
N ASP B 94 -57.45 -9.92 42.95
CA ASP B 94 -56.82 -10.97 42.14
C ASP B 94 -55.30 -10.69 42.14
N ASN B 95 -54.53 -11.66 42.59
CA ASN B 95 -53.04 -11.55 42.69
C ASN B 95 -52.45 -12.16 41.43
N ILE B 96 -51.98 -11.30 40.54
CA ILE B 96 -51.61 -11.60 39.13
C ILE B 96 -50.19 -11.06 38.89
N THR B 97 -49.31 -11.87 38.33
CA THR B 97 -47.94 -11.39 38.00
C THR B 97 -48.00 -10.47 36.80
N PRO B 98 -47.04 -9.56 36.60
CA PRO B 98 -47.02 -8.78 35.37
C PRO B 98 -47.09 -9.62 34.08
N PHE B 99 -46.45 -10.79 34.01
CA PHE B 99 -46.39 -11.63 32.78
C PHE B 99 -47.71 -12.38 32.54
N GLU B 100 -48.55 -12.51 33.58
CA GLU B 100 -49.91 -13.11 33.50
C GLU B 100 -50.95 -12.04 33.10
N PHE B 101 -50.60 -10.76 33.18
CA PHE B 101 -51.58 -9.65 33.14
C PHE B 101 -52.29 -9.67 31.77
N ILE B 102 -51.54 -9.84 30.69
CA ILE B 102 -52.20 -9.86 29.33
C ILE B 102 -53.15 -11.06 29.22
N PRO B 103 -52.72 -12.30 29.54
CA PRO B 103 -53.66 -13.43 29.59
C PRO B 103 -54.86 -13.16 30.49
N TRP B 104 -54.63 -12.60 31.68
CA TRP B 104 -55.72 -12.33 32.67
C TRP B 104 -56.77 -11.43 32.04
N ILE B 105 -56.37 -10.36 31.37
CA ILE B 105 -57.34 -9.37 30.82
C ILE B 105 -57.88 -9.89 29.50
N LEU B 106 -57.03 -10.24 28.56
CA LEU B 106 -57.51 -10.56 27.18
C LEU B 106 -58.22 -11.91 27.20
N GLY B 107 -57.89 -12.80 28.13
CA GLY B 107 -58.56 -14.11 28.21
C GLY B 107 -60.00 -13.97 28.65
N GLN B 108 -60.31 -12.91 29.42
CA GLN B 108 -61.58 -12.84 30.15
C GLN B 108 -62.43 -11.66 29.69
N CYS B 109 -61.89 -10.66 28.98
CA CYS B 109 -62.61 -9.38 28.76
C CYS B 109 -62.91 -9.19 27.27
N SER B 110 -64.11 -8.72 26.92
CA SER B 110 -64.49 -8.45 25.52
C SER B 110 -64.28 -6.98 25.17
N ASP B 111 -64.22 -6.06 26.15
CA ASP B 111 -64.12 -4.61 25.84
C ASP B 111 -63.33 -3.89 26.94
N VAL B 112 -63.06 -2.62 26.73
CA VAL B 112 -62.27 -1.78 27.66
C VAL B 112 -62.99 -1.67 29.03
N ASN B 113 -64.32 -1.52 29.06
CA ASN B 113 -65.10 -1.39 30.33
C ASN B 113 -64.87 -2.63 31.21
N GLU B 114 -64.92 -3.81 30.63
CA GLU B 114 -64.74 -5.09 31.35
C GLU B 114 -63.26 -5.18 31.77
N ALA B 115 -62.32 -4.73 30.96
CA ALA B 115 -60.90 -4.74 31.36
C ALA B 115 -60.75 -3.82 32.60
N ARG B 116 -61.41 -2.66 32.55
CA ARG B 116 -61.40 -1.72 33.69
C ARG B 116 -61.93 -2.46 34.93
N ASN B 117 -63.01 -3.21 34.80
CA ASN B 117 -63.57 -3.95 35.97
C ASN B 117 -62.46 -4.81 36.62
N LEU B 118 -61.73 -5.63 35.82
CA LEU B 118 -60.71 -6.59 36.33
C LEU B 118 -59.52 -5.79 36.90
N VAL B 119 -59.10 -4.70 36.26
CA VAL B 119 -57.92 -3.93 36.75
C VAL B 119 -58.22 -3.30 38.12
N GLU B 120 -59.46 -2.85 38.32
CA GLU B 120 -59.93 -2.27 39.60
C GLU B 120 -59.80 -3.33 40.70
N LYS B 121 -59.78 -4.63 40.38
CA LYS B 121 -59.74 -5.70 41.41
C LYS B 121 -58.34 -6.36 41.44
N ILE B 122 -57.36 -5.78 40.76
CA ILE B 122 -56.08 -6.48 40.53
C ILE B 122 -55.07 -5.99 41.53
N ASN B 123 -54.19 -6.92 41.92
CA ASN B 123 -52.93 -6.62 42.65
C ASN B 123 -51.77 -7.25 41.86
N LEU B 124 -50.98 -6.46 41.11
CA LEU B 124 -49.81 -7.02 40.38
C LEU B 124 -48.73 -7.36 41.40
N ILE B 125 -48.23 -8.60 41.35
CA ILE B 125 -47.33 -9.12 42.41
C ILE B 125 -45.93 -9.23 41.85
N ASN B 126 -44.98 -8.96 42.74
CA ASN B 126 -43.53 -8.99 42.47
C ASN B 126 -43.08 -10.46 42.43
N LEU B 127 -43.35 -11.16 41.32
CA LEU B 127 -43.01 -12.60 41.16
C LEU B 127 -42.65 -12.80 39.68
N SER B 128 -41.38 -13.18 39.49
CA SER B 128 -40.67 -13.26 38.19
C SER B 128 -41.06 -14.53 37.48
N PHE B 129 -41.02 -14.54 36.15
CA PHE B 129 -41.31 -15.74 35.35
C PHE B 129 -40.24 -16.82 35.67
N SER B 130 -38.97 -16.44 35.59
CA SER B 130 -37.83 -17.35 35.83
C SER B 130 -36.59 -16.51 36.06
N GLU B 131 -35.51 -17.21 36.39
CA GLU B 131 -34.15 -16.66 36.50
C GLU B 131 -33.74 -15.86 35.26
N GLN B 132 -33.84 -16.47 34.08
CA GLN B 132 -33.35 -15.83 32.85
C GLN B 132 -34.31 -14.71 32.40
N LEU B 133 -35.56 -14.69 32.86
CA LEU B 133 -36.54 -13.63 32.44
C LEU B 133 -37.05 -12.86 33.65
N PRO B 134 -36.26 -11.93 34.22
CA PRO B 134 -36.70 -11.18 35.40
C PRO B 134 -37.79 -10.15 35.01
N LEU B 135 -38.50 -9.65 36.03
CA LEU B 135 -39.51 -8.57 35.86
C LEU B 135 -38.78 -7.28 35.49
N ALA B 136 -39.29 -6.58 34.49
CA ALA B 136 -38.93 -5.16 34.23
C ALA B 136 -40.22 -4.34 34.30
N GLY B 137 -40.09 -3.07 34.71
CA GLY B 137 -41.18 -2.12 34.91
C GLY B 137 -41.94 -1.89 33.61
N LEU B 138 -43.25 -2.11 33.65
CA LEU B 138 -44.17 -1.92 32.49
C LEU B 138 -45.34 -1.03 32.92
N HIS B 139 -45.92 -0.32 31.95
CA HIS B 139 -47.28 0.26 31.97
C HIS B 139 -48.01 -0.20 30.70
N TRP B 140 -49.33 -0.15 30.69
CA TRP B 140 -50.12 -0.81 29.62
C TRP B 140 -51.07 0.17 28.93
N LEU B 141 -51.25 -0.03 27.64
CA LEU B 141 -52.40 0.50 26.91
C LEU B 141 -53.34 -0.68 26.65
N ILE B 142 -54.60 -0.52 27.05
CA ILE B 142 -55.72 -1.44 26.73
C ILE B 142 -56.70 -0.68 25.84
N ALA B 143 -57.02 -1.25 24.68
CA ALA B 143 -57.76 -0.55 23.59
C ALA B 143 -58.76 -1.49 22.94
N ASP B 144 -59.95 -0.98 22.63
CA ASP B 144 -60.92 -1.66 21.73
C ASP B 144 -61.22 -0.68 20.60
N ARG B 145 -62.17 -1.02 19.72
CA ARG B 145 -62.51 -0.26 18.51
C ARG B 145 -63.04 1.14 18.87
N GLU B 146 -63.49 1.36 20.11
CA GLU B 146 -64.09 2.64 20.52
C GLU B 146 -63.15 3.53 21.35
N LYS B 147 -62.31 2.97 22.21
CA LYS B 147 -61.52 3.79 23.15
C LYS B 147 -60.33 3.01 23.75
N SER B 148 -59.61 3.68 24.64
CA SER B 148 -58.42 3.09 25.26
C SER B 148 -58.22 3.68 26.67
N ILE B 149 -57.59 2.88 27.54
CA ILE B 149 -57.21 3.29 28.91
C ILE B 149 -55.74 2.96 29.10
N VAL B 150 -55.15 3.70 30.03
CA VAL B 150 -53.74 3.49 30.43
C VAL B 150 -53.76 2.98 31.85
N VAL B 151 -53.08 1.87 32.09
CA VAL B 151 -52.93 1.29 33.44
C VAL B 151 -51.50 1.57 33.88
N GLU B 152 -51.35 2.34 34.95
CA GLU B 152 -50.06 2.58 35.62
C GLU B 152 -50.16 2.17 37.10
N VAL B 153 -49.46 1.11 37.44
CA VAL B 153 -49.43 0.58 38.82
C VAL B 153 -48.11 1.09 39.42
N THR B 154 -48.18 2.02 40.37
CA THR B 154 -46.99 2.73 40.93
C THR B 154 -47.05 2.57 42.46
N LYS B 155 -46.15 3.22 43.19
CA LYS B 155 -46.07 3.09 44.66
C LYS B 155 -47.37 3.66 45.23
N SER B 156 -48.04 4.57 44.54
CA SER B 156 -49.27 5.21 45.07
C SER B 156 -50.54 4.44 44.68
N GLY B 157 -50.45 3.34 43.91
CA GLY B 157 -51.61 2.47 43.62
C GLY B 157 -51.82 2.13 42.13
N VAL B 158 -52.98 1.56 41.85
CA VAL B 158 -53.39 1.11 40.49
C VAL B 158 -54.13 2.28 39.85
N HIS B 159 -53.49 2.97 38.93
CA HIS B 159 -54.04 4.13 38.21
C HIS B 159 -54.57 3.68 36.84
N ILE B 160 -55.83 3.99 36.56
CA ILE B 160 -56.51 3.80 35.24
C ILE B 160 -56.82 5.20 34.72
N TYR B 161 -56.31 5.55 33.54
CA TYR B 161 -56.59 6.82 32.86
C TYR B 161 -57.37 6.53 31.57
N ASP B 162 -58.43 7.29 31.32
CA ASP B 162 -59.03 7.32 29.97
C ASP B 162 -57.97 7.96 29.08
N ASN B 163 -57.78 7.40 27.89
CA ASN B 163 -56.75 7.91 26.96
C ASN B 163 -57.47 8.66 25.84
N PRO B 164 -57.63 9.99 25.94
CA PRO B 164 -58.40 10.72 24.93
C PRO B 164 -57.74 10.74 23.54
N ILE B 165 -56.47 10.32 23.39
CA ILE B 165 -55.76 10.43 22.08
C ILE B 165 -55.27 9.07 21.53
N GLY B 166 -55.33 7.99 22.30
CA GLY B 166 -54.84 6.67 21.86
C GLY B 166 -53.31 6.67 21.65
N ILE B 167 -52.56 7.25 22.56
CA ILE B 167 -51.07 7.36 22.43
C ILE B 167 -50.45 6.90 23.75
N LEU B 168 -49.38 6.10 23.74
CA LEU B 168 -48.59 5.86 24.99
C LEU B 168 -47.12 5.69 24.60
N THR B 169 -46.17 6.20 25.41
CA THR B 169 -44.74 5.85 25.25
C THR B 169 -44.22 5.30 26.57
N ASN B 170 -43.25 5.96 27.20
CA ASN B 170 -42.55 5.41 28.39
C ASN B 170 -42.83 6.35 29.55
N ASN B 171 -41.83 6.67 30.38
CA ASN B 171 -41.92 7.74 31.38
C ASN B 171 -42.02 9.08 30.69
N PRO B 172 -42.60 10.14 31.32
CA PRO B 172 -43.21 10.06 32.64
C PRO B 172 -44.65 9.51 32.68
N GLU B 173 -45.24 9.53 33.87
CA GLU B 173 -46.65 9.11 34.17
C GLU B 173 -47.61 9.84 33.22
N PHE B 174 -48.78 9.21 32.98
CA PHE B 174 -49.68 9.62 31.88
C PHE B 174 -50.16 11.05 32.08
N ASN B 175 -50.49 11.47 33.31
CA ASN B 175 -50.98 12.85 33.55
C ASN B 175 -49.92 13.87 33.12
N TYR B 176 -48.65 13.56 33.36
CA TYR B 176 -47.51 14.41 32.95
C TYR B 176 -47.43 14.45 31.43
N GLN B 177 -47.47 13.30 30.75
CA GLN B 177 -47.43 13.26 29.26
C GLN B 177 -48.57 14.10 28.68
N MET B 178 -49.80 13.96 29.18
CA MET B 178 -50.96 14.71 28.61
C MET B 178 -50.81 16.21 28.91
N TYR B 179 -50.40 16.58 30.11
CA TYR B 179 -50.16 18.01 30.46
C TYR B 179 -49.07 18.59 29.54
N ASN B 180 -48.03 17.82 29.24
CA ASN B 180 -46.92 18.33 28.41
C ASN B 180 -47.42 18.71 27.01
N LEU B 181 -48.51 18.13 26.48
CA LEU B 181 -49.04 18.56 25.14
C LEU B 181 -49.48 20.02 25.12
N ASN B 182 -49.87 20.58 26.27
CA ASN B 182 -50.57 21.90 26.33
C ASN B 182 -49.70 22.99 25.69
N LYS B 183 -48.38 22.85 25.78
CA LYS B 183 -47.44 23.90 25.33
C LYS B 183 -47.33 23.91 23.80
N TYR B 184 -47.90 22.94 23.10
CA TYR B 184 -47.75 22.77 21.62
C TYR B 184 -49.03 23.16 20.85
N ARG B 185 -49.97 23.80 21.53
CA ARG B 185 -51.31 24.21 21.00
C ARG B 185 -51.15 25.07 19.76
N ASN B 186 -50.06 25.84 19.68
CA ASN B 186 -49.80 26.75 18.55
C ASN B 186 -49.26 26.00 17.32
N LEU B 187 -48.92 24.71 17.36
CA LEU B 187 -48.41 23.98 16.17
C LEU B 187 -49.51 23.86 15.15
N SER B 188 -49.15 23.81 13.89
CA SER B 188 -50.16 23.75 12.82
C SER B 188 -49.76 22.86 11.64
N ILE B 189 -50.73 22.31 10.93
CA ILE B 189 -50.47 21.57 9.67
C ILE B 189 -50.31 22.54 8.51
N SER B 190 -50.60 23.83 8.68
CA SER B 190 -50.59 24.83 7.55
C SER B 190 -49.64 25.98 7.85
N THR B 191 -49.21 26.70 6.81
CA THR B 191 -48.37 27.91 6.94
C THR B 191 -49.10 28.91 7.83
N PRO B 192 -48.56 29.33 9.00
CA PRO B 192 -49.31 30.24 9.85
C PRO B 192 -49.22 31.67 9.34
N GLN B 193 -50.10 32.53 9.86
CA GLN B 193 -49.98 34.00 9.70
C GLN B 193 -48.75 34.48 10.47
N ASN B 194 -48.18 35.60 10.01
CA ASN B 194 -47.19 36.35 10.80
C ASN B 194 -47.91 37.00 11.99
N THR B 195 -47.89 36.37 13.16
CA THR B 195 -48.36 36.98 14.40
C THR B 195 -47.17 37.54 15.17
N PHE B 196 -45.94 37.31 14.72
CA PHE B 196 -44.72 37.76 15.45
C PHE B 196 -44.80 39.28 15.57
N SER B 197 -44.99 39.97 14.44
CA SER B 197 -45.26 41.42 14.36
C SER B 197 -45.53 41.80 12.92
N ASP B 198 -46.51 42.67 12.67
CA ASP B 198 -46.77 43.07 11.26
C ASP B 198 -45.83 44.21 10.89
N SER B 199 -44.98 44.64 11.82
CA SER B 199 -43.90 45.64 11.56
C SER B 199 -42.70 45.00 10.83
N VAL B 200 -42.63 43.69 10.62
CA VAL B 200 -41.49 43.15 9.83
C VAL B 200 -42.05 42.17 8.82
N ASP B 201 -41.49 42.18 7.61
CA ASP B 201 -42.00 41.37 6.47
C ASP B 201 -41.36 39.97 6.53
N LEU B 202 -41.89 39.09 7.38
CA LEU B 202 -41.37 37.71 7.51
C LEU B 202 -41.84 36.90 6.29
N LYS B 203 -40.93 36.19 5.63
CA LYS B 203 -41.15 35.44 4.37
C LYS B 203 -41.20 33.94 4.66
N VAL B 204 -41.87 33.22 3.76
CA VAL B 204 -42.02 31.76 3.82
C VAL B 204 -41.47 31.24 2.52
N ASP B 205 -40.37 30.51 2.60
CA ASP B 205 -39.64 30.02 1.41
C ASP B 205 -39.78 28.51 1.30
N GLY B 206 -40.63 27.90 2.14
CA GLY B 206 -40.97 26.48 2.00
C GLY B 206 -42.28 26.13 2.69
N THR B 207 -42.78 24.92 2.45
CA THR B 207 -43.95 24.36 3.18
C THR B 207 -43.51 23.73 4.50
N GLY B 208 -44.50 23.43 5.35
CA GLY B 208 -44.34 22.78 6.67
C GLY B 208 -43.95 23.74 7.79
N PHE B 209 -44.02 25.05 7.60
CA PHE B 209 -43.60 25.99 8.66
C PHE B 209 -44.49 25.88 9.90
N GLY B 210 -45.76 25.46 9.78
CA GLY B 210 -46.64 25.46 10.96
C GLY B 210 -46.20 24.45 12.01
N GLY B 211 -45.44 23.42 11.65
CA GLY B 211 -44.99 22.43 12.63
C GLY B 211 -43.78 22.90 13.44
N ILE B 212 -43.12 24.02 13.09
CA ILE B 212 -41.85 24.47 13.75
C ILE B 212 -42.10 24.53 15.24
N GLY B 213 -41.30 23.84 16.06
CA GLY B 213 -41.61 23.66 17.50
C GLY B 213 -41.83 22.19 17.85
N LEU B 214 -42.26 21.38 16.89
CA LEU B 214 -42.52 19.93 17.13
C LEU B 214 -41.17 19.27 17.45
N PRO B 215 -41.01 18.52 18.54
CA PRO B 215 -39.71 17.91 18.84
C PRO B 215 -39.46 16.68 17.93
N GLY B 216 -38.20 16.49 17.55
CA GLY B 216 -37.81 15.43 16.60
C GLY B 216 -36.96 14.33 17.20
N ASP B 217 -36.59 14.44 18.46
CA ASP B 217 -35.67 13.48 19.13
C ASP B 217 -36.45 12.22 19.52
N VAL B 218 -35.80 11.20 20.10
CA VAL B 218 -36.48 9.91 20.42
C VAL B 218 -36.61 9.72 21.93
N SER B 219 -36.51 10.79 22.72
CA SER B 219 -36.91 10.72 24.15
C SER B 219 -38.40 10.35 24.21
N PRO B 220 -38.86 9.64 25.28
CA PRO B 220 -40.25 9.25 25.41
C PRO B 220 -41.27 10.40 25.32
N GLU B 221 -40.99 11.56 25.94
CA GLU B 221 -41.89 12.75 25.86
C GLU B 221 -41.93 13.31 24.44
N SER B 222 -40.79 13.43 23.74
CA SER B 222 -40.79 13.92 22.34
C SER B 222 -41.58 12.97 21.43
N ARG B 223 -41.43 11.67 21.64
CA ARG B 223 -42.13 10.68 20.81
C ARG B 223 -43.62 10.79 21.14
N PHE B 224 -43.98 11.05 22.39
CA PHE B 224 -45.40 11.17 22.80
C PHE B 224 -46.04 12.30 21.99
N VAL B 225 -45.37 13.45 21.97
CA VAL B 225 -45.89 14.70 21.33
C VAL B 225 -45.94 14.46 19.81
N ARG B 226 -44.90 13.87 19.27
CA ARG B 226 -44.76 13.73 17.80
C ARG B 226 -45.74 12.65 17.30
N ALA B 227 -45.90 11.55 18.04
CA ALA B 227 -46.88 10.51 17.72
C ALA B 227 -48.30 11.13 17.72
N THR B 228 -48.57 11.98 18.72
CA THR B 228 -49.90 12.59 18.92
C THR B 228 -50.17 13.49 17.74
N PHE B 229 -49.24 14.39 17.41
CA PHE B 229 -49.37 15.32 16.25
C PHE B 229 -49.60 14.57 14.95
N SER B 230 -48.79 13.54 14.67
CA SER B 230 -48.83 12.74 13.43
C SER B 230 -50.15 11.95 13.37
N LYS B 231 -50.55 11.31 14.47
CA LYS B 231 -51.77 10.48 14.49
C LYS B 231 -53.04 11.35 14.33
N LEU B 232 -53.17 12.39 15.14
CA LEU B 232 -54.42 13.20 15.17
C LEU B 232 -54.59 13.96 13.84
N ASN B 233 -53.52 14.31 13.15
CA ASN B 233 -53.64 15.03 11.86
C ASN B 233 -53.51 14.10 10.66
N SER B 234 -53.40 12.79 10.87
CA SER B 234 -53.30 11.83 9.76
C SER B 234 -54.53 11.96 8.85
N SER B 235 -54.31 11.98 7.54
CA SER B 235 -55.39 11.98 6.54
C SER B 235 -56.21 10.68 6.67
N LYS B 236 -57.51 10.78 6.52
CA LYS B 236 -58.41 9.61 6.39
C LYS B 236 -58.05 8.83 5.13
N GLY B 237 -58.16 7.51 5.17
CA GLY B 237 -58.07 6.65 3.97
C GLY B 237 -59.47 6.21 3.57
N MET B 238 -59.66 5.78 2.34
CA MET B 238 -60.99 5.27 1.93
C MET B 238 -60.96 3.76 1.99
N THR B 239 -59.82 3.10 2.22
CA THR B 239 -59.81 1.63 2.39
C THR B 239 -59.09 1.19 3.69
N VAL B 240 -59.38 -0.03 4.11
CA VAL B 240 -58.65 -0.71 5.24
C VAL B 240 -57.16 -0.75 4.89
N GLU B 241 -56.80 -1.09 3.64
CA GLU B 241 -55.40 -1.15 3.16
C GLU B 241 -54.72 0.21 3.34
N GLU B 242 -55.39 1.32 2.95
CA GLU B 242 -54.87 2.68 3.14
C GLU B 242 -54.71 3.01 4.62
N ASP B 243 -55.64 2.59 5.49
CA ASP B 243 -55.53 2.78 6.97
C ASP B 243 -54.26 2.09 7.47
N ILE B 244 -54.06 0.80 7.14
CA ILE B 244 -52.88 -0.02 7.54
C ILE B 244 -51.60 0.69 7.07
N THR B 245 -51.56 1.08 5.80
CA THR B 245 -50.45 1.87 5.26
C THR B 245 -50.23 3.09 6.15
N GLN B 246 -51.29 3.81 6.45
CA GLN B 246 -51.15 5.11 7.16
C GLN B 246 -50.60 4.84 8.57
N PHE B 247 -51.09 3.76 9.19
CA PHE B 247 -50.71 3.32 10.55
C PHE B 247 -49.18 3.14 10.66
N PHE B 248 -48.58 2.43 9.70
CA PHE B 248 -47.12 2.18 9.65
C PHE B 248 -46.40 3.51 9.42
N HIS B 249 -46.94 4.44 8.61
CA HIS B 249 -46.30 5.77 8.44
C HIS B 249 -46.29 6.51 9.79
N ILE B 250 -47.42 6.54 10.53
CA ILE B 250 -47.52 7.16 11.87
C ILE B 250 -46.46 6.56 12.83
N LEU B 251 -46.41 5.22 12.98
CA LEU B 251 -45.38 4.55 13.81
C LEU B 251 -43.96 4.90 13.30
N GLY B 252 -43.80 5.07 12.00
CA GLY B 252 -42.50 5.48 11.41
C GLY B 252 -42.04 6.86 11.85
N THR B 253 -42.96 7.79 12.16
CA THR B 253 -42.52 9.16 12.55
C THR B 253 -41.80 9.11 13.90
N VAL B 254 -41.99 8.05 14.68
CA VAL B 254 -41.40 8.01 16.05
C VAL B 254 -40.51 6.76 16.19
N GLU B 255 -40.17 6.14 15.08
CA GLU B 255 -39.25 4.97 15.04
C GLU B 255 -37.82 5.43 15.43
N GLN B 256 -37.09 4.55 16.09
CA GLN B 256 -35.68 4.75 16.50
C GLN B 256 -34.75 4.00 15.52
N ILE B 257 -33.86 4.71 14.85
CA ILE B 257 -32.92 4.04 13.94
C ILE B 257 -31.64 3.74 14.72
N LYS B 258 -30.95 2.68 14.31
CA LYS B 258 -29.67 2.27 14.92
C LYS B 258 -28.64 3.40 14.84
N GLY B 259 -28.23 3.91 16.00
CA GLY B 259 -27.11 4.86 16.17
C GLY B 259 -27.53 6.21 16.74
N VAL B 260 -28.83 6.55 16.86
CA VAL B 260 -29.22 7.91 17.35
C VAL B 260 -29.48 7.90 18.84
N ASN B 261 -29.59 6.71 19.43
CA ASN B 261 -29.96 6.60 20.86
C ASN B 261 -29.11 5.52 21.52
N LYS B 262 -28.05 5.93 22.20
CA LYS B 262 -26.99 5.02 22.74
C LYS B 262 -27.03 5.07 24.27
N THR B 263 -27.14 3.91 24.94
CA THR B 263 -27.14 3.83 26.43
C THR B 263 -25.71 3.95 26.99
N GLU B 264 -25.60 4.10 28.32
CA GLU B 264 -24.36 4.17 29.12
C GLU B 264 -23.43 3.01 28.70
N SER B 265 -23.96 1.79 28.62
CA SER B 265 -23.22 0.55 28.26
C SER B 265 -22.81 0.56 26.77
N GLY B 266 -23.35 1.48 25.96
CA GLY B 266 -23.02 1.62 24.53
C GLY B 266 -23.98 0.84 23.63
N LYS B 267 -25.08 0.34 24.18
CA LYS B 267 -26.15 -0.34 23.41
C LYS B 267 -26.89 0.68 22.53
N GLU B 268 -27.16 0.35 21.27
CA GLU B 268 -27.95 1.17 20.31
C GLU B 268 -29.42 0.73 20.39
N GLU B 269 -30.29 1.56 20.95
CA GLU B 269 -31.77 1.36 20.98
C GLU B 269 -32.28 1.45 19.53
N TYR B 270 -33.08 0.51 19.04
CA TYR B 270 -33.74 0.64 17.72
C TYR B 270 -35.15 0.06 17.80
N THR B 271 -35.97 0.40 16.80
CA THR B 271 -37.34 -0.14 16.65
C THR B 271 -37.22 -1.55 16.07
N VAL B 272 -37.23 -2.53 16.95
CA VAL B 272 -37.06 -3.98 16.66
C VAL B 272 -38.18 -4.42 15.76
N TYR B 273 -39.43 -4.02 16.07
CA TYR B 273 -40.64 -4.36 15.26
C TYR B 273 -41.70 -3.25 15.44
N SER B 274 -42.58 -3.17 14.44
CA SER B 274 -43.75 -2.30 14.41
C SER B 274 -44.96 -3.16 14.07
N ASN B 275 -46.06 -2.98 14.79
CA ASN B 275 -47.23 -3.78 14.39
C ASN B 275 -48.49 -2.91 14.37
N CYS B 276 -49.46 -3.48 13.65
CA CYS B 276 -50.81 -2.92 13.48
C CYS B 276 -51.81 -4.07 13.53
N TYR B 277 -52.62 -4.10 14.56
CA TYR B 277 -53.74 -5.05 14.64
C TYR B 277 -54.97 -4.36 14.08
N ASP B 278 -55.62 -5.03 13.14
CA ASP B 278 -57.01 -4.71 12.74
C ASP B 278 -57.93 -5.39 13.76
N LEU B 279 -58.56 -4.61 14.63
CA LEU B 279 -59.33 -5.17 15.77
C LEU B 279 -60.65 -5.78 15.22
N ASP B 280 -61.27 -5.18 14.22
CA ASP B 280 -62.58 -5.71 13.72
C ASP B 280 -62.35 -7.00 12.92
N ASN B 281 -61.21 -7.13 12.24
CA ASN B 281 -60.88 -8.29 11.36
C ASN B 281 -59.92 -9.24 12.08
N LYS B 282 -59.51 -8.94 13.31
CA LYS B 282 -58.63 -9.80 14.16
C LYS B 282 -57.41 -10.24 13.36
N THR B 283 -56.72 -9.29 12.71
CA THR B 283 -55.54 -9.57 11.89
C THR B 283 -54.34 -8.79 12.42
N LEU B 284 -53.22 -9.49 12.62
CA LEU B 284 -51.95 -8.81 13.01
C LEU B 284 -51.15 -8.53 11.73
N TYR B 285 -50.70 -7.29 11.56
CA TYR B 285 -49.72 -6.82 10.55
C TYR B 285 -48.46 -6.39 11.30
N TYR B 286 -47.29 -6.77 10.80
CA TYR B 286 -46.01 -6.37 11.44
C TYR B 286 -44.93 -6.22 10.40
N THR B 287 -43.93 -5.44 10.78
CA THR B 287 -42.66 -5.22 10.09
C THR B 287 -41.57 -5.36 11.15
N THR B 288 -40.33 -5.54 10.70
CA THR B 288 -39.14 -5.61 11.56
C THR B 288 -38.13 -4.56 11.13
N TYR B 289 -37.22 -4.20 12.03
CA TYR B 289 -36.10 -3.34 11.64
C TYR B 289 -35.52 -3.85 10.32
N GLU B 290 -35.31 -5.16 10.19
CA GLU B 290 -34.52 -5.74 9.05
C GLU B 290 -35.37 -5.94 7.77
N ASN B 291 -36.70 -5.93 7.88
CA ASN B 291 -37.64 -6.29 6.77
C ASN B 291 -38.78 -5.28 6.69
N ARG B 292 -38.80 -4.45 5.66
CA ARG B 292 -39.84 -3.42 5.45
C ARG B 292 -41.19 -4.03 5.05
N GLN B 293 -41.21 -5.22 4.44
CA GLN B 293 -42.43 -5.78 3.85
C GLN B 293 -43.36 -6.21 4.98
N ILE B 294 -44.60 -5.75 4.94
CA ILE B 294 -45.59 -6.09 5.99
C ILE B 294 -45.90 -7.59 5.89
N VAL B 295 -45.92 -8.28 7.05
CA VAL B 295 -46.41 -9.67 7.19
C VAL B 295 -47.75 -9.64 7.92
N ALA B 296 -48.74 -10.44 7.46
CA ALA B 296 -50.11 -10.52 8.00
C ALA B 296 -50.42 -11.92 8.49
N VAL B 297 -51.06 -12.02 9.66
CA VAL B 297 -51.54 -13.28 10.30
C VAL B 297 -52.92 -13.01 10.90
N THR B 298 -53.96 -13.74 10.50
CA THR B 298 -55.35 -13.64 11.02
C THR B 298 -55.51 -14.66 12.17
N LEU B 299 -56.31 -14.32 13.17
CA LEU B 299 -56.75 -15.28 14.21
C LEU B 299 -58.02 -15.95 13.70
N ASN B 300 -57.95 -17.24 13.40
CA ASN B 300 -59.11 -18.00 12.86
C ASN B 300 -59.79 -18.79 13.98
N LYS B 301 -61.01 -19.23 13.74
CA LYS B 301 -61.76 -20.10 14.68
C LYS B 301 -60.90 -21.32 15.07
N ASP B 302 -60.87 -21.63 16.38
CA ASP B 302 -60.18 -22.80 17.00
C ASP B 302 -59.92 -23.89 15.97
N ASP B 304 -61.47 -26.13 19.84
CA ASP B 304 -60.51 -27.00 19.13
C ASP B 304 -59.21 -27.14 19.94
N GLY B 305 -58.13 -26.51 19.48
CA GLY B 305 -56.74 -26.73 19.91
C GLY B 305 -56.47 -26.30 21.35
N ASN B 306 -55.43 -26.84 21.96
CA ASN B 306 -54.94 -26.38 23.28
C ASN B 306 -53.44 -26.15 23.16
N ARG B 307 -52.90 -26.20 21.94
CA ARG B 307 -51.44 -26.01 21.70
C ARG B 307 -51.23 -24.59 21.14
N LEU B 308 -50.16 -23.95 21.60
CA LEU B 308 -49.69 -22.66 21.05
C LEU B 308 -49.29 -22.88 19.58
N VAL B 309 -49.65 -21.95 18.71
CA VAL B 309 -49.24 -21.91 17.29
C VAL B 309 -48.33 -20.68 17.13
N THR B 310 -47.12 -20.84 16.64
CA THR B 310 -46.13 -19.73 16.52
C THR B 310 -45.66 -19.56 15.08
N TYR B 311 -45.28 -18.35 14.71
CA TYR B 311 -44.75 -17.99 13.37
C TYR B 311 -43.55 -17.11 13.66
N PRO B 312 -42.32 -17.65 13.69
CA PRO B 312 -41.12 -16.84 13.96
C PRO B 312 -40.88 -15.67 13.00
N PHE B 313 -40.47 -14.52 13.53
CA PHE B 313 -40.20 -13.30 12.75
C PHE B 313 -38.97 -13.54 11.88
N GLU B 314 -39.04 -13.15 10.63
CA GLU B 314 -37.91 -13.22 9.68
C GLU B 314 -37.30 -11.81 9.61
N ARG B 315 -35.99 -11.78 9.65
CA ARG B 315 -35.19 -10.57 9.93
C ARG B 315 -34.29 -10.35 8.72
N LYS B 316 -34.83 -10.50 7.53
CA LYS B 316 -34.09 -10.34 6.27
C LYS B 316 -34.92 -9.44 5.37
N GLN B 317 -34.26 -8.59 4.62
CA GLN B 317 -34.97 -7.63 3.74
C GLN B 317 -35.52 -8.42 2.55
N ILE B 318 -36.85 -8.53 2.45
CA ILE B 318 -37.50 -9.20 1.29
C ILE B 318 -37.78 -8.16 0.17
N ILE B 319 -36.86 -8.08 -0.77
CA ILE B 319 -36.85 -7.07 -1.87
C ILE B 319 -37.55 -7.68 -3.08
N ASN B 320 -38.40 -6.90 -3.76
CA ASN B 320 -39.02 -7.35 -5.02
C ASN B 320 -38.03 -7.06 -6.16
N LYS B 321 -37.41 -8.09 -6.76
CA LYS B 321 -36.36 -7.91 -7.83
C LYS B 321 -36.99 -8.18 -9.20
N LEU B 322 -37.08 -7.16 -10.08
CA LEU B 322 -37.83 -7.23 -11.37
C LEU B 322 -36.95 -7.86 -12.45
N OCS C 1 7.09 12.86 11.73
CA OCS C 1 7.01 13.24 13.15
CB OCS C 1 6.15 12.27 13.95
SG OCS C 1 4.46 12.11 13.41
C OCS C 1 8.40 13.21 13.78
O OCS C 1 9.10 12.23 13.61
OD1 OCS C 1 4.46 11.35 12.19
OD2 OCS C 1 3.74 11.44 14.45
OD3 OCS C 1 4.05 13.54 13.34
N THR C 2 8.78 14.24 14.55
CA THR C 2 9.96 14.18 15.38
C THR C 2 9.59 14.71 16.77
N ALA C 3 9.89 13.96 17.83
CA ALA C 3 9.77 14.42 19.22
C ALA C 3 11.17 14.52 19.86
N ILE C 4 11.41 15.58 20.63
CA ILE C 4 12.71 15.86 21.33
C ILE C 4 12.46 16.30 22.77
N THR C 5 13.47 16.07 23.61
CA THR C 5 13.62 16.70 24.94
C THR C 5 14.80 17.64 24.88
N LEU C 6 14.81 18.63 25.78
CA LEU C 6 15.97 19.52 25.94
C LEU C 6 16.10 19.86 27.41
N ASN C 7 17.30 19.77 27.93
CA ASN C 7 17.59 20.11 29.34
C ASN C 7 18.39 21.40 29.30
N GLY C 8 17.84 22.51 29.77
CA GLY C 8 18.58 23.78 29.85
C GLY C 8 18.31 24.50 31.14
N ASN C 9 17.89 25.76 31.05
CA ASN C 9 17.53 26.59 32.22
C ASN C 9 16.21 26.07 32.81
N SER C 10 15.32 25.59 31.95
CA SER C 10 14.19 24.75 32.38
C SER C 10 14.37 23.42 31.67
N ASN C 11 13.35 22.58 31.71
CA ASN C 11 13.36 21.28 30.99
C ASN C 11 12.17 21.23 30.01
N TYR C 12 12.41 20.72 28.81
CA TYR C 12 11.53 20.87 27.62
C TYR C 12 11.29 19.51 26.95
N PHE C 13 10.13 19.46 26.33
CA PHE C 13 9.59 18.32 25.58
C PHE C 13 8.70 18.90 24.48
N GLY C 14 8.72 18.27 23.30
CA GLY C 14 7.94 18.79 22.18
C GLY C 14 8.15 18.04 20.90
N ARG C 15 7.43 18.44 19.86
CA ARG C 15 7.34 17.61 18.67
C ARG C 15 6.94 18.43 17.45
N ASN C 16 7.37 17.93 16.29
CA ASN C 16 6.79 18.25 14.99
C ASN C 16 5.71 17.21 14.71
N LEU C 17 4.56 17.67 14.27
CA LEU C 17 3.49 16.85 13.68
C LEU C 17 3.60 16.99 12.17
N ASP C 18 3.98 15.89 11.49
CA ASP C 18 4.19 15.85 10.03
C ASP C 18 3.07 15.01 9.42
N LEU C 19 2.25 15.62 8.56
CA LEU C 19 1.06 15.00 7.92
C LEU C 19 0.73 15.76 6.65
N ASP C 20 -0.21 15.27 5.83
CA ASP C 20 -0.56 15.90 4.52
C ASP C 20 -1.82 16.76 4.63
N PHE C 21 -2.35 16.92 5.84
CA PHE C 21 -3.59 17.70 6.10
C PHE C 21 -3.57 18.03 7.58
N SER C 22 -4.28 19.09 7.94
CA SER C 22 -4.62 19.49 9.31
C SER C 22 -5.95 18.82 9.70
N TYR C 23 -6.01 18.28 10.91
CA TYR C 23 -7.26 17.86 11.60
C TYR C 23 -7.99 19.04 12.21
N GLY C 24 -7.51 20.28 12.08
CA GLY C 24 -8.03 21.44 12.84
C GLY C 24 -7.64 21.35 14.31
N GLU C 25 -6.35 21.15 14.56
CA GLU C 25 -5.70 21.03 15.88
C GLU C 25 -5.98 22.26 16.74
N GLU C 26 -6.04 22.06 18.04
CA GLU C 26 -6.23 23.16 19.02
C GLU C 26 -5.54 22.80 20.33
N VAL C 27 -5.35 23.81 21.15
CA VAL C 27 -4.92 23.62 22.55
C VAL C 27 -6.13 23.05 23.31
N ILE C 28 -5.93 21.99 24.06
CA ILE C 28 -6.98 21.36 24.91
C ILE C 28 -6.44 21.27 26.34
N ILE C 29 -7.14 21.89 27.29
CA ILE C 29 -6.83 21.73 28.73
C ILE C 29 -7.87 20.79 29.28
N THR C 30 -7.41 19.74 29.95
CA THR C 30 -8.33 18.80 30.64
C THR C 30 -8.15 19.04 32.12
N PRO C 31 -9.19 19.62 32.78
CA PRO C 31 -9.14 19.88 34.21
C PRO C 31 -9.23 18.56 34.99
N ALA C 32 -8.88 18.64 36.28
CA ALA C 32 -8.73 17.53 37.25
C ALA C 32 -10.03 16.71 37.33
N GLU C 33 -11.19 17.34 37.21
CA GLU C 33 -12.51 16.71 37.46
C GLU C 33 -13.28 16.51 36.15
N TYR C 34 -12.65 16.66 34.97
CA TYR C 34 -13.23 16.13 33.71
C TYR C 34 -13.21 14.62 33.83
N GLU C 35 -14.33 13.99 33.57
CA GLU C 35 -14.50 12.55 33.77
C GLU C 35 -13.98 11.82 32.55
N PHE C 36 -12.85 11.11 32.72
CA PHE C 36 -12.28 10.26 31.64
C PHE C 36 -13.05 8.94 31.61
N LYS C 37 -13.72 8.69 30.51
CA LYS C 37 -14.43 7.40 30.25
C LYS C 37 -13.50 6.48 29.44
N PHE C 38 -13.50 5.20 29.78
CA PHE C 38 -12.70 4.15 29.12
C PHE C 38 -13.64 3.11 28.54
N ARG C 39 -13.37 2.61 27.33
CA ARG C 39 -14.29 1.64 26.68
C ARG C 39 -14.35 0.35 27.49
N LYS C 40 -13.26 -0.05 28.17
CA LYS C 40 -13.24 -1.38 28.86
C LYS C 40 -12.76 -1.27 30.31
N GLU C 41 -12.78 -0.08 30.88
CA GLU C 41 -12.33 0.12 32.27
C GLU C 41 -13.23 1.18 32.88
N LYS C 42 -13.29 1.18 34.22
CA LYS C 42 -14.04 2.11 35.07
C LYS C 42 -13.61 3.54 34.75
N ALA C 43 -14.53 4.51 34.73
CA ALA C 43 -14.24 5.95 34.60
C ALA C 43 -13.29 6.45 35.69
N ILE C 44 -12.51 7.47 35.36
CA ILE C 44 -11.69 8.19 36.38
C ILE C 44 -12.21 9.63 36.49
N LYS C 45 -12.74 9.99 37.66
CA LYS C 45 -13.47 11.24 37.93
C LYS C 45 -12.53 12.31 38.50
N ASN C 46 -11.38 11.91 39.02
CA ASN C 46 -10.43 12.87 39.64
C ASN C 46 -9.01 12.40 39.31
N HIS C 47 -8.17 13.26 38.74
CA HIS C 47 -6.90 12.84 38.09
C HIS C 47 -6.05 14.08 37.90
N LYS C 48 -4.83 13.94 37.41
CA LYS C 48 -4.00 15.14 37.10
C LYS C 48 -4.59 15.93 35.91
N SER C 49 -4.46 17.24 35.95
CA SER C 49 -4.87 18.12 34.83
C SER C 49 -3.83 18.01 33.70
N LEU C 50 -4.28 18.19 32.46
CA LEU C 50 -3.48 18.01 31.23
C LEU C 50 -3.55 19.29 30.45
N ILE C 51 -2.47 19.67 29.77
CA ILE C 51 -2.52 20.64 28.64
C ILE C 51 -1.82 19.99 27.45
N GLY C 52 -2.40 20.12 26.25
CA GLY C 52 -1.81 19.51 25.06
C GLY C 52 -2.48 20.00 23.79
N VAL C 53 -2.12 19.30 22.74
CA VAL C 53 -2.55 19.63 21.36
C VAL C 53 -3.29 18.41 20.85
N GLY C 54 -4.46 18.62 20.30
CA GLY C 54 -5.15 17.55 19.55
C GLY C 54 -6.49 18.02 19.06
N ILE C 55 -7.46 17.13 19.01
CA ILE C 55 -8.85 17.51 18.63
C ILE C 55 -9.78 17.00 19.73
N VAL C 56 -11.00 17.53 19.70
CA VAL C 56 -12.11 17.05 20.55
C VAL C 56 -13.14 16.39 19.65
N ALA C 57 -13.50 15.18 19.99
CA ALA C 57 -14.51 14.37 19.27
C ALA C 57 -15.42 13.78 20.35
N ASN C 58 -16.74 13.97 20.19
CA ASN C 58 -17.75 13.49 21.14
C ASN C 58 -17.34 13.90 22.57
N ASP C 59 -16.88 15.13 22.77
CA ASP C 59 -16.54 15.70 24.10
C ASP C 59 -15.34 14.94 24.72
N TYR C 60 -14.57 14.21 23.93
CA TYR C 60 -13.36 13.48 24.38
C TYR C 60 -12.10 14.17 23.86
N PRO C 61 -11.04 14.41 24.69
CA PRO C 61 -9.83 15.07 24.20
C PRO C 61 -8.89 14.05 23.54
N LEU C 62 -8.80 14.12 22.22
CA LEU C 62 -7.93 13.22 21.42
C LEU C 62 -6.59 13.94 21.26
N TYR C 63 -5.72 13.71 22.23
CA TYR C 63 -4.37 14.31 22.31
C TYR C 63 -3.44 13.65 21.30
N PHE C 64 -2.73 14.52 20.59
CA PHE C 64 -1.56 14.18 19.73
C PHE C 64 -0.35 14.10 20.65
N ASP C 65 -0.30 15.01 21.64
CA ASP C 65 0.77 15.09 22.67
C ASP C 65 0.24 15.98 23.77
N ALA C 66 0.76 15.83 24.98
CA ALA C 66 0.31 16.61 26.15
C ALA C 66 1.33 16.51 27.26
N ILE C 67 1.19 17.41 28.21
CA ILE C 67 1.86 17.24 29.53
C ILE C 67 0.77 17.27 30.59
N ASN C 68 1.13 16.88 31.81
CA ASN C 68 0.26 17.05 33.00
C ASN C 68 0.81 18.11 33.96
N GLU C 69 0.14 18.25 35.11
CA GLU C 69 0.42 19.32 36.09
C GLU C 69 1.74 19.01 36.81
N ASP C 70 2.32 17.81 36.69
CA ASP C 70 3.65 17.47 37.29
C ASP C 70 4.80 17.60 36.29
N GLY C 71 4.53 18.03 35.05
CA GLY C 71 5.60 18.15 34.05
C GLY C 71 5.96 16.78 33.49
N LEU C 72 5.04 15.81 33.49
CA LEU C 72 5.21 14.58 32.71
C LEU C 72 4.56 14.81 31.33
N GLY C 73 5.32 14.51 30.26
CA GLY C 73 4.89 14.61 28.86
C GLY C 73 4.75 13.27 28.18
N MET C 74 3.84 13.20 27.20
CA MET C 74 3.64 12.03 26.35
C MET C 74 3.21 12.46 24.93
N ALA C 75 3.83 11.89 23.92
CA ALA C 75 3.56 12.20 22.50
C ALA C 75 3.41 10.89 21.74
N GLY C 76 2.35 10.83 20.94
CA GLY C 76 2.09 9.69 20.04
C GLY C 76 2.65 10.03 18.68
N LEU C 77 3.54 9.22 18.14
CA LEU C 77 4.16 9.43 16.81
C LEU C 77 3.80 8.22 15.94
N ASN C 78 3.64 8.47 14.63
CA ASN C 78 3.35 7.46 13.60
C ASN C 78 4.34 6.28 13.70
N PHE C 79 3.83 5.07 13.63
CA PHE C 79 4.62 3.81 13.76
C PHE C 79 3.91 2.77 12.90
N PRO C 80 3.78 2.99 11.57
CA PRO C 80 2.89 2.15 10.75
C PRO C 80 3.43 0.73 10.62
N GLY C 81 2.54 -0.24 10.67
CA GLY C 81 2.83 -1.67 10.48
C GLY C 81 3.48 -2.30 11.72
N ASN C 82 4.22 -1.56 12.56
CA ASN C 82 4.97 -2.16 13.70
C ASN C 82 4.07 -2.20 14.95
N ALA C 83 3.21 -1.22 15.10
CA ALA C 83 2.22 -1.16 16.20
C ALA C 83 1.30 -2.39 16.15
N TYR C 84 1.18 -3.11 17.26
CA TYR C 84 0.29 -4.28 17.48
C TYR C 84 -0.61 -4.06 18.70
N TYR C 85 -1.90 -3.93 18.44
CA TYR C 85 -2.94 -3.73 19.47
C TYR C 85 -3.70 -5.04 19.58
N SER C 86 -3.94 -5.49 20.82
CA SER C 86 -4.48 -6.87 21.06
C SER C 86 -5.99 -6.90 20.77
N ASP C 87 -6.44 -7.99 20.15
CA ASP C 87 -7.88 -8.24 19.92
C ASP C 87 -8.49 -8.91 21.15
N ALA C 88 -7.72 -9.33 22.16
CA ALA C 88 -8.27 -10.02 23.35
C ALA C 88 -8.23 -9.06 24.54
N LEU C 89 -9.29 -9.04 25.34
CA LEU C 89 -9.33 -8.35 26.65
C LEU C 89 -8.62 -9.26 27.67
N GLU C 90 -7.81 -8.70 28.57
CA GLU C 90 -7.16 -9.47 29.66
C GLU C 90 -7.98 -9.33 30.94
N ASN C 91 -8.17 -10.41 31.68
CA ASN C 91 -9.01 -10.38 32.90
C ASN C 91 -8.20 -9.69 34.01
N ASP C 92 -6.87 -9.79 33.94
CA ASP C 92 -5.95 -9.40 35.03
C ASP C 92 -5.13 -8.15 34.67
N LYS C 93 -5.35 -7.58 33.49
CA LYS C 93 -4.68 -6.31 33.12
C LYS C 93 -5.70 -5.25 32.71
N ASP C 94 -5.35 -3.99 32.90
CA ASP C 94 -6.19 -2.86 32.41
C ASP C 94 -6.15 -2.90 30.88
N ASN C 95 -7.33 -2.89 30.27
CA ASN C 95 -7.55 -2.92 28.80
C ASN C 95 -7.88 -1.52 28.31
N ILE C 96 -6.89 -0.86 27.72
CA ILE C 96 -6.85 0.56 27.37
C ILE C 96 -6.68 0.67 25.84
N THR C 97 -7.47 1.50 25.19
CA THR C 97 -7.31 1.81 23.73
C THR C 97 -6.13 2.77 23.53
N PRO C 98 -5.55 2.83 22.31
CA PRO C 98 -4.49 3.79 22.03
C PRO C 98 -4.89 5.25 22.27
N PHE C 99 -6.13 5.63 21.98
CA PHE C 99 -6.60 7.03 22.17
C PHE C 99 -6.84 7.32 23.67
N GLU C 100 -6.98 6.28 24.51
CA GLU C 100 -7.10 6.47 25.98
C GLU C 100 -5.72 6.57 26.64
N PHE C 101 -4.63 6.32 25.91
CA PHE C 101 -3.33 5.92 26.50
C PHE C 101 -2.69 7.14 27.17
N ILE C 102 -2.75 8.28 26.48
CA ILE C 102 -2.25 9.57 27.03
C ILE C 102 -3.02 9.92 28.31
N PRO C 103 -4.37 9.97 28.32
CA PRO C 103 -5.11 10.20 29.55
C PRO C 103 -4.77 9.17 30.65
N TRP C 104 -4.72 7.88 30.30
CA TRP C 104 -4.40 6.79 31.25
C TRP C 104 -3.04 7.06 31.92
N ILE C 105 -2.01 7.43 31.17
CA ILE C 105 -0.67 7.66 31.76
C ILE C 105 -0.62 9.02 32.47
N LEU C 106 -0.91 10.08 31.75
CA LEU C 106 -0.66 11.45 32.24
C LEU C 106 -1.68 11.81 33.34
N GLY C 107 -2.85 11.21 33.35
CA GLY C 107 -3.85 11.48 34.40
C GLY C 107 -3.43 10.94 35.75
N GLN C 108 -2.57 9.90 35.78
CA GLN C 108 -2.32 9.08 37.00
C GLN C 108 -0.85 9.17 37.43
N CYS C 109 0.07 9.49 36.53
CA CYS C 109 1.53 9.35 36.78
C CYS C 109 2.18 10.73 36.84
N SER C 110 3.10 10.89 37.77
CA SER C 110 3.74 12.18 38.04
C SER C 110 5.13 12.18 37.45
N ASP C 111 5.66 11.03 37.02
CA ASP C 111 7.03 10.95 36.46
C ASP C 111 7.24 9.68 35.62
N VAL C 112 8.40 9.60 34.98
CA VAL C 112 8.73 8.49 34.03
C VAL C 112 8.70 7.15 34.77
N ASN C 113 9.21 7.06 36.01
CA ASN C 113 9.24 5.70 36.65
C ASN C 113 7.81 5.20 36.86
N GLU C 114 6.92 6.07 37.33
CA GLU C 114 5.48 5.68 37.53
C GLU C 114 4.80 5.34 36.20
N ALA C 115 5.08 6.06 35.11
CA ALA C 115 4.59 5.76 33.74
C ALA C 115 5.13 4.40 33.27
N ARG C 116 6.45 4.15 33.41
CA ARG C 116 7.04 2.83 33.09
C ARG C 116 6.26 1.73 33.83
N ASN C 117 5.98 1.88 35.11
CA ASN C 117 5.35 0.79 35.91
C ASN C 117 3.92 0.55 35.41
N LEU C 118 3.19 1.61 35.07
CA LEU C 118 1.85 1.44 34.45
C LEU C 118 1.96 0.85 33.03
N VAL C 119 2.88 1.28 32.17
CA VAL C 119 2.96 0.76 30.77
C VAL C 119 3.32 -0.74 30.77
N GLU C 120 4.22 -1.19 31.68
CA GLU C 120 4.67 -2.62 31.75
C GLU C 120 3.46 -3.53 31.85
N LYS C 121 2.41 -3.12 32.58
CA LYS C 121 1.20 -3.94 32.88
C LYS C 121 0.01 -3.68 31.92
N ILE C 122 0.13 -2.82 30.91
CA ILE C 122 -1.06 -2.40 30.10
C ILE C 122 -1.34 -3.47 29.07
N ASN C 123 -2.60 -3.60 28.71
CA ASN C 123 -3.01 -4.31 27.50
C ASN C 123 -3.63 -3.28 26.56
N LEU C 124 -2.89 -2.91 25.54
CA LEU C 124 -3.38 -1.92 24.56
C LEU C 124 -4.26 -2.66 23.58
N ILE C 125 -5.53 -2.26 23.52
CA ILE C 125 -6.55 -3.04 22.77
C ILE C 125 -6.89 -2.36 21.44
N ASN C 126 -7.06 -3.22 20.45
CA ASN C 126 -7.43 -2.85 19.06
C ASN C 126 -8.88 -2.36 18.99
N LEU C 127 -9.20 -1.21 19.57
CA LEU C 127 -10.57 -0.64 19.54
C LEU C 127 -10.49 0.80 19.04
N SER C 128 -11.13 1.08 17.89
CA SER C 128 -11.16 2.44 17.27
C SER C 128 -12.03 3.41 18.07
N PHE C 129 -11.66 4.69 18.04
CA PHE C 129 -12.46 5.79 18.63
C PHE C 129 -13.85 5.83 17.97
N SER C 130 -13.91 5.85 16.65
CA SER C 130 -15.18 5.93 15.91
C SER C 130 -14.92 5.50 14.47
N GLU C 131 -15.98 5.39 13.69
CA GLU C 131 -15.91 5.12 12.24
C GLU C 131 -15.16 6.26 11.53
N GLN C 132 -15.37 7.52 11.93
CA GLN C 132 -14.70 8.67 11.31
C GLN C 132 -13.20 8.66 11.70
N LEU C 133 -12.82 8.22 12.90
CA LEU C 133 -11.44 8.39 13.43
C LEU C 133 -10.89 6.99 13.76
N PRO C 134 -10.46 6.23 12.74
CA PRO C 134 -9.93 4.88 12.93
C PRO C 134 -8.48 4.85 13.46
N LEU C 135 -8.12 3.75 14.11
CA LEU C 135 -6.76 3.58 14.74
C LEU C 135 -5.70 3.66 13.66
N ALA C 136 -4.62 4.39 13.87
CA ALA C 136 -3.40 4.23 13.06
C ALA C 136 -2.28 3.90 14.03
N GLY C 137 -1.36 3.04 13.61
CA GLY C 137 -0.21 2.60 14.42
C GLY C 137 0.61 3.76 14.99
N LEU C 138 0.89 3.70 16.28
CA LEU C 138 1.69 4.73 17.01
C LEU C 138 2.76 4.07 17.89
N HIS C 139 3.77 4.86 18.22
CA HIS C 139 4.73 4.63 19.32
C HIS C 139 4.85 5.95 20.09
N TRP C 140 5.32 5.89 21.33
CA TRP C 140 5.23 7.07 22.23
C TRP C 140 6.61 7.39 22.80
N LEU C 141 6.83 8.67 23.03
CA LEU C 141 7.91 9.17 23.87
C LEU C 141 7.23 9.68 25.13
N ILE C 142 7.69 9.25 26.28
CA ILE C 142 7.24 9.75 27.60
C ILE C 142 8.45 10.42 28.22
N ALA C 143 8.33 11.68 28.68
CA ALA C 143 9.47 12.51 29.16
C ALA C 143 9.07 13.24 30.42
N ASP C 144 9.99 13.36 31.38
CA ASP C 144 9.86 14.29 32.53
C ASP C 144 11.11 15.16 32.56
N ARG C 145 11.26 16.00 33.57
CA ARG C 145 12.33 17.01 33.60
C ARG C 145 13.69 16.32 33.56
N GLU C 146 13.74 15.03 33.90
CA GLU C 146 14.98 14.27 34.18
C GLU C 146 15.35 13.35 33.00
N LYS C 147 14.37 12.70 32.38
CA LYS C 147 14.71 11.62 31.43
C LYS C 147 13.49 11.26 30.58
N SER C 148 13.64 10.26 29.72
CA SER C 148 12.58 9.91 28.75
C SER C 148 12.70 8.44 28.40
N ILE C 149 11.56 7.85 28.05
CA ILE C 149 11.46 6.43 27.61
C ILE C 149 10.66 6.38 26.31
N VAL C 150 10.91 5.36 25.52
CA VAL C 150 10.16 5.08 24.27
C VAL C 150 9.32 3.85 24.55
N VAL C 151 8.07 3.89 24.13
CA VAL C 151 7.15 2.74 24.30
C VAL C 151 6.78 2.30 22.90
N GLU C 152 7.07 1.05 22.61
CA GLU C 152 6.74 0.40 21.32
C GLU C 152 6.00 -0.89 21.66
N VAL C 153 4.69 -0.90 21.43
CA VAL C 153 3.85 -2.12 21.56
C VAL C 153 3.78 -2.76 20.19
N THR C 154 4.49 -3.89 20.03
CA THR C 154 4.61 -4.68 18.77
C THR C 154 4.10 -6.10 18.98
N LYS C 155 4.13 -6.89 17.91
CA LYS C 155 3.84 -8.35 17.90
C LYS C 155 4.55 -9.07 19.06
N SER C 156 5.80 -8.75 19.36
CA SER C 156 6.62 -9.46 20.39
C SER C 156 6.43 -8.83 21.78
N GLY C 157 5.55 -7.83 21.93
CA GLY C 157 5.13 -7.38 23.28
C GLY C 157 5.27 -5.90 23.52
N VAL C 158 5.17 -5.52 24.79
CA VAL C 158 5.33 -4.12 25.27
C VAL C 158 6.81 -3.81 25.46
N HIS C 159 7.43 -3.09 24.54
CA HIS C 159 8.87 -2.75 24.66
C HIS C 159 8.99 -1.36 25.29
N ILE C 160 9.74 -1.22 26.39
CA ILE C 160 10.04 0.12 26.98
C ILE C 160 11.55 0.34 26.96
N TYR C 161 12.01 1.40 26.33
CA TYR C 161 13.45 1.73 26.14
C TYR C 161 13.77 3.01 26.90
N ASP C 162 14.81 2.97 27.73
CA ASP C 162 15.51 4.21 28.14
C ASP C 162 15.92 4.92 26.86
N ASN C 163 15.61 6.21 26.74
CA ASN C 163 16.03 7.02 25.58
C ASN C 163 17.18 7.91 26.04
N PRO C 164 18.45 7.58 25.73
CA PRO C 164 19.57 8.35 26.25
C PRO C 164 19.79 9.69 25.53
N ILE C 165 19.12 9.95 24.41
CA ILE C 165 19.31 11.20 23.62
C ILE C 165 18.05 12.06 23.60
N GLY C 166 16.92 11.58 24.10
CA GLY C 166 15.62 12.31 24.00
C GLY C 166 15.24 12.67 22.57
N ILE C 167 15.28 11.68 21.67
CA ILE C 167 14.89 11.79 20.24
C ILE C 167 13.95 10.64 19.88
N LEU C 168 12.92 10.93 19.08
CA LEU C 168 12.11 9.87 18.42
C LEU C 168 11.53 10.39 17.12
N THR C 169 11.42 9.50 16.14
CA THR C 169 10.72 9.78 14.86
C THR C 169 9.69 8.67 14.63
N ASN C 170 9.79 8.00 13.50
CA ASN C 170 8.83 6.99 13.05
C ASN C 170 9.58 5.65 13.00
N ASN C 171 9.29 4.82 12.01
CA ASN C 171 10.01 3.54 11.79
C ASN C 171 11.46 3.87 11.43
N PRO C 172 12.41 2.97 11.70
CA PRO C 172 12.14 1.72 12.39
C PRO C 172 12.13 1.74 13.92
N GLU C 173 12.01 0.53 14.50
CA GLU C 173 11.99 0.25 15.96
C GLU C 173 13.23 0.85 16.60
N PHE C 174 13.13 1.18 17.86
CA PHE C 174 14.05 2.15 18.50
C PHE C 174 15.49 1.62 18.50
N ASN C 175 15.70 0.32 18.74
CA ASN C 175 17.04 -0.32 18.70
C ASN C 175 17.67 -0.17 17.29
N TYR C 176 16.88 -0.21 16.21
CA TYR C 176 17.37 0.08 14.84
C TYR C 176 17.78 1.58 14.75
N GLN C 177 16.97 2.52 15.21
CA GLN C 177 17.32 3.95 15.12
C GLN C 177 18.63 4.20 15.87
N MET C 178 18.75 3.68 17.08
CA MET C 178 19.94 3.94 17.92
C MET C 178 21.17 3.29 17.26
N TYR C 179 21.06 2.06 16.75
CA TYR C 179 22.19 1.37 16.10
C TYR C 179 22.61 2.17 14.84
N ASN C 180 21.64 2.71 14.09
CA ASN C 180 21.89 3.51 12.87
C ASN C 180 22.77 4.74 13.18
N LEU C 181 22.71 5.37 14.37
CA LEU C 181 23.61 6.52 14.72
C LEU C 181 25.10 6.13 14.66
N ASN C 182 25.45 4.86 14.91
CA ASN C 182 26.87 4.45 15.10
C ASN C 182 27.72 4.84 13.87
N LYS C 183 27.15 4.77 12.67
CA LYS C 183 27.87 4.97 11.40
C LYS C 183 28.26 6.45 11.21
N TYR C 184 27.72 7.36 12.04
CA TYR C 184 27.93 8.83 11.96
C TYR C 184 28.95 9.32 13.00
N ARG C 185 29.69 8.44 13.68
CA ARG C 185 30.58 8.86 14.81
C ARG C 185 31.59 9.91 14.33
N ASN C 186 31.95 9.89 13.03
CA ASN C 186 33.01 10.72 12.42
C ASN C 186 32.51 12.15 12.17
N LEU C 187 31.22 12.43 12.29
CA LEU C 187 30.71 13.79 12.02
C LEU C 187 31.26 14.73 13.09
N SER C 188 31.40 15.99 12.72
CA SER C 188 31.98 16.97 13.65
C SER C 188 31.33 18.33 13.46
N ILE C 189 31.35 19.15 14.52
CA ILE C 189 30.89 20.56 14.49
C ILE C 189 32.02 21.43 13.94
N SER C 190 33.24 20.94 13.84
CA SER C 190 34.34 21.81 13.35
C SER C 190 35.15 21.14 12.24
N THR C 191 35.96 21.95 11.54
CA THR C 191 36.69 21.53 10.33
C THR C 191 37.59 20.35 10.68
N PRO C 192 37.43 19.19 10.02
CA PRO C 192 38.25 18.06 10.38
C PRO C 192 39.67 18.26 9.82
N GLN C 193 40.61 17.55 10.43
CA GLN C 193 41.97 17.27 9.91
C GLN C 193 41.82 16.46 8.63
N ASN C 194 42.80 16.56 7.73
CA ASN C 194 42.87 15.70 6.52
C ASN C 194 43.39 14.35 6.98
N THR C 195 42.49 13.41 7.27
CA THR C 195 42.87 12.00 7.58
C THR C 195 42.84 11.17 6.31
N PHE C 196 42.40 11.74 5.16
CA PHE C 196 42.17 11.03 3.87
C PHE C 196 43.52 10.58 3.36
N SER C 197 44.45 11.52 3.31
CA SER C 197 45.89 11.24 3.12
C SER C 197 46.69 12.54 3.24
N ASP C 198 47.80 12.55 3.97
CA ASP C 198 48.69 13.73 3.95
C ASP C 198 49.58 13.67 2.69
N SER C 199 49.41 12.71 1.78
CA SER C 199 50.06 12.74 0.45
C SER C 199 49.25 13.60 -0.53
N VAL C 200 48.11 14.16 -0.14
CA VAL C 200 47.41 15.12 -1.05
C VAL C 200 46.99 16.34 -0.23
N ASP C 201 47.06 17.51 -0.86
CA ASP C 201 46.84 18.78 -0.12
C ASP C 201 45.36 19.15 -0.27
N LEU C 202 44.52 18.54 0.54
CA LEU C 202 43.08 18.84 0.51
C LEU C 202 42.87 20.22 1.13
N LYS C 203 42.13 21.06 0.43
CA LYS C 203 41.84 22.47 0.82
C LYS C 203 40.42 22.58 1.37
N VAL C 204 40.24 23.52 2.28
CA VAL C 204 38.93 23.85 2.92
C VAL C 204 38.61 25.27 2.52
N ASP C 205 37.54 25.47 1.76
CA ASP C 205 37.24 26.82 1.23
C ASP C 205 35.93 27.36 1.88
N GLY C 206 35.49 26.74 2.95
CA GLY C 206 34.24 27.08 3.66
C GLY C 206 34.21 26.46 5.05
N THR C 207 33.28 26.94 5.87
CA THR C 207 32.94 26.40 7.21
C THR C 207 31.96 25.23 7.04
N GLY C 208 31.75 24.46 8.10
CA GLY C 208 30.70 23.44 8.12
C GLY C 208 31.16 22.11 7.55
N PHE C 209 32.45 21.97 7.21
CA PHE C 209 32.96 20.71 6.58
C PHE C 209 32.86 19.53 7.54
N GLY C 210 32.87 19.74 8.85
CA GLY C 210 32.83 18.61 9.80
C GLY C 210 31.51 17.85 9.71
N GLY C 211 30.45 18.52 9.25
CA GLY C 211 29.10 17.91 9.10
C GLY C 211 28.97 17.01 7.88
N ILE C 212 29.89 17.03 6.91
CA ILE C 212 29.67 16.30 5.62
C ILE C 212 29.42 14.82 5.92
N GLY C 213 28.35 14.24 5.40
CA GLY C 213 27.88 12.87 5.65
C GLY C 213 26.59 12.90 6.44
N LEU C 214 26.24 14.01 7.08
CA LEU C 214 24.94 14.12 7.77
C LEU C 214 23.83 14.05 6.73
N PRO C 215 22.81 13.19 6.91
CA PRO C 215 21.72 13.08 5.93
C PRO C 215 20.78 14.31 6.01
N GLY C 216 20.32 14.78 4.83
CA GLY C 216 19.52 16.02 4.67
C GLY C 216 18.04 15.78 4.34
N ASP C 217 17.66 14.56 4.03
CA ASP C 217 16.28 14.24 3.61
C ASP C 217 15.35 14.13 4.82
N VAL C 218 14.06 13.85 4.56
CA VAL C 218 12.97 13.84 5.56
C VAL C 218 12.43 12.44 5.73
N SER C 219 13.15 11.41 5.26
CA SER C 219 12.91 10.03 5.76
C SER C 219 13.04 10.02 7.29
N PRO C 220 12.27 9.16 7.99
CA PRO C 220 12.36 9.08 9.44
C PRO C 220 13.75 8.85 10.01
N GLU C 221 14.52 7.97 9.38
CA GLU C 221 15.88 7.65 9.87
C GLU C 221 16.81 8.85 9.74
N SER C 222 16.77 9.51 8.60
CA SER C 222 17.56 10.73 8.38
C SER C 222 17.20 11.81 9.40
N ARG C 223 15.91 12.00 9.69
CA ARG C 223 15.44 13.02 10.66
C ARG C 223 15.89 12.59 12.07
N PHE C 224 15.90 11.30 12.38
CA PHE C 224 16.39 10.81 13.69
C PHE C 224 17.87 11.20 13.84
N VAL C 225 18.70 10.93 12.82
CA VAL C 225 20.16 11.26 12.84
C VAL C 225 20.35 12.77 12.91
N ARG C 226 19.59 13.52 12.11
CA ARG C 226 19.80 14.99 11.95
C ARG C 226 19.31 15.72 13.20
N ALA C 227 18.20 15.31 13.78
CA ALA C 227 17.68 15.91 15.03
C ALA C 227 18.67 15.61 16.18
N THR C 228 19.20 14.38 16.26
CA THR C 228 20.16 14.00 17.32
C THR C 228 21.40 14.89 17.23
N PHE C 229 22.02 14.99 16.07
CA PHE C 229 23.23 15.85 15.89
C PHE C 229 22.93 17.29 16.30
N SER C 230 21.81 17.82 15.81
CA SER C 230 21.41 19.23 15.99
C SER C 230 21.14 19.48 17.48
N LYS C 231 20.41 18.57 18.10
CA LYS C 231 20.04 18.74 19.53
C LYS C 231 21.27 18.56 20.43
N LEU C 232 22.06 17.51 20.23
CA LEU C 232 23.20 17.23 21.13
C LEU C 232 24.23 18.37 21.03
N ASN C 233 24.40 18.99 19.86
CA ASN C 233 25.45 20.01 19.66
C ASN C 233 24.88 21.41 19.90
N SER C 234 23.61 21.59 20.19
CA SER C 234 23.04 22.95 20.20
C SER C 234 23.60 23.71 21.41
N SER C 235 24.03 24.94 21.17
CA SER C 235 24.61 25.80 22.23
C SER C 235 23.63 25.95 23.40
N LYS C 236 24.15 26.06 24.61
CA LYS C 236 23.35 26.39 25.81
C LYS C 236 22.76 27.78 25.66
N GLY C 237 21.53 27.98 26.12
CA GLY C 237 20.91 29.30 26.27
C GLY C 237 21.19 29.89 27.63
N MET C 238 21.14 31.20 27.77
CA MET C 238 21.43 31.81 29.09
C MET C 238 20.13 32.01 29.83
N THR C 239 19.00 31.99 29.12
CA THR C 239 17.66 32.13 29.74
C THR C 239 16.72 31.04 29.22
N VAL C 240 15.56 30.95 29.84
CA VAL C 240 14.43 30.08 29.41
C VAL C 240 14.00 30.50 27.99
N GLU C 241 13.88 31.80 27.71
CA GLU C 241 13.47 32.33 26.38
C GLU C 241 14.43 31.83 25.29
N GLU C 242 15.74 31.98 25.50
CA GLU C 242 16.81 31.50 24.58
C GLU C 242 16.69 29.98 24.38
N ASP C 243 16.42 29.21 25.45
CA ASP C 243 16.18 27.75 25.35
C ASP C 243 15.02 27.49 24.39
N ILE C 244 13.89 28.20 24.55
CA ILE C 244 12.67 27.99 23.72
C ILE C 244 12.99 28.34 22.26
N THR C 245 13.67 29.45 22.05
CA THR C 245 14.12 29.90 20.71
C THR C 245 14.97 28.76 20.11
N GLN C 246 15.90 28.25 20.90
CA GLN C 246 16.86 27.21 20.44
C GLN C 246 16.06 25.96 20.08
N PHE C 247 15.10 25.61 20.93
CA PHE C 247 14.24 24.40 20.77
C PHE C 247 13.53 24.46 19.42
N PHE C 248 12.95 25.61 19.09
CA PHE C 248 12.25 25.75 17.77
C PHE C 248 13.26 25.69 16.62
N HIS C 249 14.50 26.17 16.80
CA HIS C 249 15.55 26.03 15.76
C HIS C 249 15.88 24.55 15.53
N ILE C 250 16.00 23.74 16.60
CA ILE C 250 16.30 22.29 16.54
C ILE C 250 15.19 21.57 15.75
N LEU C 251 13.93 21.79 16.10
CA LEU C 251 12.77 21.19 15.39
C LEU C 251 12.79 21.67 13.93
N GLY C 252 13.17 22.93 13.68
CA GLY C 252 13.33 23.44 12.31
C GLY C 252 14.30 22.63 11.45
N THR C 253 15.35 22.01 12.02
CA THR C 253 16.39 21.30 11.22
C THR C 253 15.79 20.05 10.59
N VAL C 254 14.71 19.50 11.17
CA VAL C 254 14.01 18.28 10.64
C VAL C 254 12.57 18.59 10.23
N GLU C 255 12.18 19.84 10.06
CA GLU C 255 10.79 20.14 9.64
C GLU C 255 10.64 19.82 8.16
N GLN C 256 9.41 19.49 7.73
CA GLN C 256 9.08 19.08 6.34
C GLN C 256 8.38 20.28 5.66
N ILE C 257 8.95 20.80 4.58
CA ILE C 257 8.27 21.88 3.81
C ILE C 257 7.36 21.22 2.76
N LYS C 258 6.27 21.88 2.37
CA LYS C 258 5.34 21.32 1.36
C LYS C 258 6.07 21.23 0.01
N GLY C 259 6.05 20.06 -0.58
CA GLY C 259 6.64 19.79 -1.91
C GLY C 259 7.71 18.70 -1.88
N VAL C 260 8.45 18.54 -0.78
CA VAL C 260 9.70 17.70 -0.79
C VAL C 260 9.33 16.24 -0.50
N ASN C 261 8.13 16.00 0.05
CA ASN C 261 7.72 14.64 0.48
C ASN C 261 6.29 14.36 0.01
N LYS C 262 6.17 13.56 -1.04
CA LYS C 262 4.88 13.30 -1.72
C LYS C 262 4.48 11.82 -1.57
N THR C 263 3.28 11.58 -1.03
CA THR C 263 2.75 10.23 -0.68
C THR C 263 2.23 9.53 -1.93
N GLU C 264 1.74 8.30 -1.74
CA GLU C 264 1.09 7.44 -2.79
C GLU C 264 -0.07 8.21 -3.44
N SER C 265 -0.92 8.82 -2.58
CA SER C 265 -2.11 9.61 -2.98
C SER C 265 -1.72 10.88 -3.75
N GLY C 266 -0.46 11.32 -3.70
CA GLY C 266 -0.01 12.62 -4.26
C GLY C 266 -0.17 13.75 -3.25
N LYS C 267 -0.45 13.44 -1.98
CA LYS C 267 -0.54 14.47 -0.91
C LYS C 267 0.89 14.84 -0.50
N GLU C 268 1.08 16.07 -0.01
CA GLU C 268 2.39 16.62 0.42
C GLU C 268 2.48 16.54 1.96
N GLU C 269 3.41 15.75 2.48
CA GLU C 269 3.70 15.67 3.94
C GLU C 269 4.36 17.00 4.32
N TYR C 270 3.88 17.62 5.38
CA TYR C 270 4.47 18.87 5.92
C TYR C 270 4.32 18.90 7.44
N THR C 271 5.16 19.70 8.09
CA THR C 271 5.09 20.00 9.53
C THR C 271 3.93 20.98 9.76
N VAL C 272 2.83 20.40 10.21
CA VAL C 272 1.54 21.08 10.50
C VAL C 272 1.75 22.00 11.68
N TYR C 273 2.46 21.52 12.70
CA TYR C 273 2.79 22.37 13.86
C TYR C 273 4.07 21.86 14.46
N SER C 274 4.67 22.75 15.24
CA SER C 274 5.83 22.43 16.10
C SER C 274 5.49 22.88 17.51
N ASN C 275 5.86 22.12 18.56
CA ASN C 275 5.65 22.67 19.92
C ASN C 275 6.82 22.37 20.83
N CYS C 276 6.84 23.14 21.91
CA CYS C 276 7.81 23.10 23.02
C CYS C 276 7.05 23.29 24.33
N TYR C 277 7.03 22.25 25.16
CA TYR C 277 6.46 22.31 26.50
C TYR C 277 7.58 22.58 27.48
N ASP C 278 7.43 23.66 28.24
CA ASP C 278 8.27 23.94 29.43
C ASP C 278 7.67 23.07 30.52
N LEU C 279 8.35 21.97 30.88
CA LEU C 279 7.81 21.03 31.88
C LEU C 279 7.81 21.62 33.29
N ASP C 280 8.88 22.31 33.69
CA ASP C 280 8.98 22.89 35.06
C ASP C 280 7.92 23.97 35.25
N ASN C 281 7.61 24.76 34.21
CA ASN C 281 6.65 25.90 34.28
C ASN C 281 5.29 25.52 33.68
N LYS C 282 5.11 24.27 33.21
CA LYS C 282 3.84 23.73 32.65
C LYS C 282 3.25 24.70 31.61
N THR C 283 4.06 25.12 30.63
CA THR C 283 3.61 26.07 29.57
C THR C 283 3.86 25.46 28.19
N LEU C 284 2.84 25.50 27.35
CA LEU C 284 2.85 25.02 25.94
C LEU C 284 3.16 26.19 25.03
N TYR C 285 4.23 26.06 24.26
CA TYR C 285 4.63 26.99 23.19
C TYR C 285 4.47 26.27 21.87
N TYR C 286 3.87 26.93 20.87
CA TYR C 286 3.66 26.27 19.57
C TYR C 286 3.72 27.29 18.41
N THR C 287 4.00 26.72 17.25
CA THR C 287 3.96 27.34 15.90
C THR C 287 3.23 26.36 14.96
N THR C 288 2.82 26.90 13.82
CA THR C 288 2.10 26.21 12.76
C THR C 288 2.82 26.50 11.47
N TYR C 289 2.66 25.63 10.50
CA TYR C 289 3.16 25.85 9.13
C TYR C 289 2.80 27.26 8.65
N GLU C 290 1.61 27.76 8.99
CA GLU C 290 1.03 29.01 8.43
C GLU C 290 1.46 30.20 9.25
N ASN C 291 1.85 29.99 10.50
CA ASN C 291 2.13 31.12 11.43
C ASN C 291 3.45 30.90 12.16
N ARG C 292 4.44 31.77 11.93
CA ARG C 292 5.79 31.61 12.54
C ARG C 292 5.77 32.08 14.00
N GLN C 293 4.90 33.02 14.37
CA GLN C 293 4.94 33.61 15.71
C GLN C 293 4.60 32.53 16.74
N ILE C 294 5.41 32.44 17.79
CA ILE C 294 5.19 31.48 18.90
C ILE C 294 3.94 31.92 19.70
N VAL C 295 2.98 30.99 19.89
CA VAL C 295 1.83 31.17 20.80
C VAL C 295 2.08 30.34 22.07
N ALA C 296 1.78 30.90 23.25
CA ALA C 296 1.98 30.27 24.57
C ALA C 296 0.65 30.20 25.33
N VAL C 297 0.39 29.05 25.93
CA VAL C 297 -0.73 28.81 26.88
C VAL C 297 -0.18 28.05 28.10
N THR C 298 -0.51 28.52 29.30
CA THR C 298 -0.08 27.93 30.59
C THR C 298 -1.18 27.02 31.11
N LEU C 299 -0.82 25.90 31.74
CA LEU C 299 -1.79 25.08 32.52
C LEU C 299 -1.84 25.63 33.95
N ASN C 300 -2.98 26.10 34.46
CA ASN C 300 -3.16 26.58 35.85
C ASN C 300 -4.01 25.59 36.65
N LYS C 301 -3.97 25.67 38.00
CA LYS C 301 -4.88 24.96 38.95
C LYS C 301 -6.31 25.56 38.85
N ASP C 304 -9.70 22.96 38.30
CA ASP C 304 -10.96 23.69 38.60
C ASP C 304 -11.97 23.49 37.46
N GLY C 305 -12.95 22.57 37.63
CA GLY C 305 -14.02 22.34 36.64
C GLY C 305 -14.00 20.92 36.07
N ASN C 306 -15.03 20.57 35.32
CA ASN C 306 -15.12 19.24 34.69
C ASN C 306 -15.37 19.37 33.20
N ARG C 307 -15.11 20.52 32.59
CA ARG C 307 -15.29 20.70 31.12
C ARG C 307 -13.93 20.95 30.47
N LEU C 308 -13.76 20.42 29.26
CA LEU C 308 -12.58 20.75 28.44
C LEU C 308 -12.57 22.27 28.18
N VAL C 309 -11.38 22.87 28.23
CA VAL C 309 -11.12 24.25 27.79
C VAL C 309 -10.22 24.17 26.55
N THR C 310 -10.60 24.86 25.46
CA THR C 310 -9.93 24.78 24.15
C THR C 310 -9.61 26.19 23.65
N TYR C 311 -8.52 26.27 22.91
CA TYR C 311 -8.01 27.47 22.20
C TYR C 311 -7.59 27.07 20.79
N PRO C 312 -8.30 27.54 19.75
CA PRO C 312 -8.01 27.18 18.37
C PRO C 312 -6.65 27.71 17.86
N PHE C 313 -5.99 26.92 17.02
CA PHE C 313 -4.78 27.35 16.30
C PHE C 313 -5.16 28.43 15.26
N GLU C 314 -4.42 29.53 15.24
CA GLU C 314 -4.39 30.57 14.16
C GLU C 314 -3.54 30.06 12.99
N ARG C 315 -4.15 29.84 11.82
CA ARG C 315 -3.46 29.33 10.60
C ARG C 315 -3.32 30.49 9.62
N LYS C 316 -2.83 31.61 10.13
CA LYS C 316 -2.62 32.88 9.38
C LYS C 316 -1.28 33.41 9.85
N GLN C 317 -0.47 33.97 8.96
CA GLN C 317 0.86 34.51 9.32
C GLN C 317 0.71 35.86 10.06
N ILE C 318 1.00 35.92 11.35
CA ILE C 318 0.82 37.16 12.14
C ILE C 318 2.08 38.00 11.98
N ILE C 319 2.03 39.02 11.11
CA ILE C 319 3.22 39.80 10.70
C ILE C 319 3.23 41.10 11.50
N ASN C 320 4.36 41.48 12.08
CA ASN C 320 4.58 42.81 12.69
C ASN C 320 4.87 43.84 11.56
N LYS C 321 3.84 44.52 11.06
CA LYS C 321 3.96 45.56 9.98
C LYS C 321 4.39 46.90 10.58
N LEU C 322 5.60 47.37 10.26
CA LEU C 322 6.13 48.68 10.72
C LEU C 322 5.50 49.84 9.94
N ASN C 323 4.85 49.60 8.81
CA ASN C 323 4.19 50.65 7.97
C ASN C 323 3.25 49.96 6.96
N OCS D 1 26.03 31.74 4.14
CA OCS D 1 24.97 32.53 3.55
CB OCS D 1 25.47 33.79 2.87
SG OCS D 1 26.61 34.77 3.78
C OCS D 1 24.27 31.73 2.45
O OCS D 1 24.92 30.98 1.72
OD1 OCS D 1 27.70 33.94 4.22
OD2 OCS D 1 25.83 35.08 5.05
OD3 OCS D 1 26.90 35.90 2.95
N THR D 2 22.97 31.95 2.30
CA THR D 2 22.20 31.36 1.22
C THR D 2 21.23 32.43 0.71
N ALA D 3 21.25 32.71 -0.59
CA ALA D 3 20.28 33.64 -1.22
C ALA D 3 19.50 32.88 -2.30
N ILE D 4 18.20 33.12 -2.35
CA ILE D 4 17.26 32.42 -3.25
C ILE D 4 16.34 33.46 -3.92
N THR D 5 15.75 33.09 -5.04
CA THR D 5 14.60 33.80 -5.61
C THR D 5 13.45 32.82 -5.55
N LEU D 6 12.24 33.29 -5.74
CA LEU D 6 11.04 32.44 -5.88
C LEU D 6 10.04 33.17 -6.75
N ASN D 7 9.42 32.46 -7.68
CA ASN D 7 8.36 33.00 -8.58
C ASN D 7 7.03 32.38 -8.16
N GLY D 8 6.13 33.19 -7.61
CA GLY D 8 4.82 32.70 -7.15
C GLY D 8 3.70 33.57 -7.68
N ASN D 9 2.87 34.06 -6.78
CA ASN D 9 1.76 35.02 -7.06
C ASN D 9 2.43 36.38 -7.29
N SER D 10 3.34 36.76 -6.40
CA SER D 10 4.33 37.82 -6.65
C SER D 10 5.69 37.15 -6.88
N ASN D 11 6.78 37.89 -6.80
CA ASN D 11 8.14 37.42 -7.13
C ASN D 11 9.06 37.91 -6.05
N TYR D 12 9.94 37.02 -5.57
CA TYR D 12 10.62 37.22 -4.27
C TYR D 12 12.12 36.98 -4.49
N PHE D 13 12.89 37.59 -3.60
CA PHE D 13 14.36 37.55 -3.53
C PHE D 13 14.71 37.65 -2.05
N GLY D 14 15.67 36.88 -1.55
CA GLY D 14 15.99 36.96 -0.11
C GLY D 14 17.18 36.12 0.28
N ARG D 15 17.64 36.25 1.52
CA ARG D 15 18.85 35.52 1.96
C ARG D 15 18.84 35.20 3.46
N ASN D 16 19.62 34.20 3.84
CA ASN D 16 20.09 33.99 5.21
C ASN D 16 21.44 34.69 5.26
N LEU D 17 21.70 35.41 6.33
CA LEU D 17 23.04 35.88 6.68
C LEU D 17 23.56 35.00 7.81
N ASP D 18 24.66 34.30 7.56
CA ASP D 18 25.24 33.27 8.45
C ASP D 18 26.58 33.84 8.93
N LEU D 19 26.74 33.99 10.24
CA LEU D 19 27.90 34.68 10.83
C LEU D 19 27.96 34.25 12.31
N ASP D 20 29.08 34.48 12.98
CA ASP D 20 29.28 34.14 14.40
C ASP D 20 28.93 35.32 15.31
N PHE D 21 28.48 36.46 14.78
CA PHE D 21 28.04 37.62 15.61
C PHE D 21 27.11 38.49 14.77
N SER D 22 26.43 39.42 15.43
CA SER D 22 25.58 40.43 14.76
C SER D 22 26.35 41.76 14.70
N TYR D 23 26.24 42.47 13.59
CA TYR D 23 26.82 43.83 13.38
C TYR D 23 25.88 44.89 13.95
N GLY D 24 24.70 44.49 14.43
CA GLY D 24 23.60 45.40 14.79
C GLY D 24 22.89 45.88 13.54
N GLU D 25 22.74 44.95 12.58
CA GLU D 25 22.00 45.07 11.30
C GLU D 25 20.67 45.78 11.49
N GLU D 26 20.23 46.53 10.48
CA GLU D 26 18.98 47.31 10.57
C GLU D 26 18.41 47.50 9.17
N VAL D 27 17.11 47.62 9.08
CA VAL D 27 16.45 48.10 7.84
C VAL D 27 17.02 49.49 7.57
N ILE D 28 17.52 49.71 6.35
CA ILE D 28 18.00 51.05 5.89
C ILE D 28 17.24 51.40 4.62
N ILE D 29 16.48 52.50 4.67
CA ILE D 29 15.87 53.10 3.45
C ILE D 29 16.80 54.26 3.01
N THR D 30 17.21 54.21 1.73
CA THR D 30 17.95 55.32 1.07
C THR D 30 17.00 55.99 0.10
N PRO D 31 16.61 57.26 0.37
CA PRO D 31 15.70 57.97 -0.53
C PRO D 31 16.44 58.39 -1.81
N ALA D 32 15.68 58.59 -2.91
CA ALA D 32 16.16 59.02 -4.25
C ALA D 32 17.21 60.13 -4.17
N GLU D 33 17.11 61.06 -3.21
CA GLU D 33 18.00 62.25 -3.19
C GLU D 33 19.01 62.16 -2.05
N TYR D 34 19.21 60.98 -1.46
CA TYR D 34 20.45 60.75 -0.67
C TYR D 34 21.58 60.75 -1.68
N GLU D 35 22.69 61.44 -1.41
CA GLU D 35 23.79 61.63 -2.38
C GLU D 35 24.79 60.48 -2.22
N PHE D 36 24.92 59.66 -3.26
CA PHE D 36 25.93 58.58 -3.31
C PHE D 36 27.27 59.18 -3.74
N LYS D 37 28.19 59.33 -2.80
CA LYS D 37 29.63 59.63 -3.06
C LYS D 37 30.35 58.30 -3.34
N PHE D 38 31.32 58.30 -4.24
CA PHE D 38 32.18 57.14 -4.61
C PHE D 38 33.63 57.57 -4.51
N ARG D 39 34.54 56.64 -4.22
CA ARG D 39 35.93 56.99 -3.86
C ARG D 39 36.65 57.48 -5.12
N LYS D 40 36.19 57.09 -6.30
CA LYS D 40 36.95 57.23 -7.57
C LYS D 40 36.00 57.46 -8.75
N GLU D 41 34.74 57.77 -8.48
CA GLU D 41 33.75 58.13 -9.54
C GLU D 41 32.96 59.35 -9.09
N LYS D 42 32.12 59.87 -9.99
CA LYS D 42 31.28 61.09 -9.80
C LYS D 42 30.07 60.74 -8.92
N ALA D 43 29.88 61.51 -7.85
CA ALA D 43 28.69 61.52 -6.97
C ALA D 43 27.40 61.40 -7.81
N ILE D 44 26.38 60.73 -7.28
CA ILE D 44 25.03 60.62 -7.91
C ILE D 44 24.05 61.25 -6.91
N LYS D 45 23.54 62.44 -7.22
CA LYS D 45 22.68 63.28 -6.33
C LYS D 45 21.24 62.76 -6.38
N ASN D 46 20.81 62.21 -7.51
CA ASN D 46 19.44 61.67 -7.72
C ASN D 46 19.56 60.26 -8.32
N HIS D 47 18.81 59.29 -7.77
CA HIS D 47 18.87 57.86 -8.18
C HIS D 47 17.64 57.12 -7.66
N LYS D 48 17.55 55.81 -7.90
CA LYS D 48 16.42 54.98 -7.44
C LYS D 48 16.51 54.88 -5.92
N SER D 49 15.37 54.81 -5.25
CA SER D 49 15.34 54.66 -3.77
C SER D 49 15.63 53.18 -3.44
N LEU D 50 16.26 52.93 -2.30
CA LEU D 50 16.68 51.58 -1.82
C LEU D 50 16.07 51.33 -0.44
N ILE D 51 15.55 50.11 -0.25
CA ILE D 51 15.35 49.52 1.11
C ILE D 51 16.17 48.22 1.17
N GLY D 52 16.91 48.03 2.24
CA GLY D 52 17.54 46.72 2.49
C GLY D 52 17.98 46.60 3.94
N VAL D 53 18.96 45.74 4.18
CA VAL D 53 19.51 45.43 5.51
C VAL D 53 20.99 45.73 5.48
N GLY D 54 21.43 46.48 6.46
CA GLY D 54 22.85 46.63 6.72
C GLY D 54 23.10 47.46 7.97
N ILE D 55 24.20 48.19 7.95
CA ILE D 55 24.59 49.13 9.02
C ILE D 55 24.83 50.48 8.34
N VAL D 56 24.69 51.55 9.12
CA VAL D 56 25.08 52.93 8.73
C VAL D 56 26.40 53.20 9.42
N ALA D 57 27.44 53.55 8.67
CA ALA D 57 28.70 54.09 9.21
C ALA D 57 29.04 55.43 8.51
N ASN D 58 29.50 56.41 9.30
CA ASN D 58 29.79 57.80 8.87
C ASN D 58 28.73 58.23 7.86
N ASP D 59 27.44 58.04 8.18
CA ASP D 59 26.26 58.49 7.39
C ASP D 59 26.13 57.82 6.02
N TYR D 60 26.83 56.70 5.80
CA TYR D 60 26.77 55.88 4.55
C TYR D 60 26.05 54.55 4.80
N PRO D 61 25.07 54.14 3.95
CA PRO D 61 24.39 52.85 4.10
C PRO D 61 25.21 51.66 3.59
N LEU D 62 25.82 50.87 4.48
CA LEU D 62 26.57 49.66 4.07
C LEU D 62 25.61 48.48 3.99
N TYR D 63 25.04 48.22 2.80
CA TYR D 63 24.01 47.19 2.57
C TYR D 63 24.63 45.77 2.54
N PHE D 64 24.07 44.83 3.33
CA PHE D 64 24.31 43.37 3.20
C PHE D 64 23.55 42.89 1.96
N ASP D 65 22.34 43.42 1.80
CA ASP D 65 21.43 43.17 0.67
C ASP D 65 20.40 44.30 0.58
N ALA D 66 19.74 44.46 -0.54
CA ALA D 66 18.71 45.50 -0.70
C ALA D 66 17.98 45.28 -2.00
N ILE D 67 16.90 46.01 -2.15
CA ILE D 67 16.17 46.13 -3.43
C ILE D 67 16.00 47.62 -3.68
N ASN D 68 15.55 47.97 -4.89
CA ASN D 68 15.27 49.37 -5.27
C ASN D 68 13.77 49.50 -5.56
N GLU D 69 13.32 50.73 -5.86
CA GLU D 69 11.91 51.08 -6.17
C GLU D 69 11.39 50.27 -7.35
N ASP D 70 12.25 49.76 -8.25
CA ASP D 70 11.83 48.96 -9.42
C ASP D 70 11.82 47.45 -9.10
N GLY D 71 12.20 47.05 -7.89
CA GLY D 71 12.18 45.60 -7.56
C GLY D 71 13.35 44.88 -8.21
N LEU D 72 14.48 45.56 -8.33
CA LEU D 72 15.78 44.94 -8.63
C LEU D 72 16.49 44.72 -7.30
N GLY D 73 16.91 43.48 -7.05
CA GLY D 73 17.54 43.04 -5.79
C GLY D 73 19.00 42.66 -5.97
N MET D 74 19.80 42.90 -4.93
CA MET D 74 21.23 42.57 -4.93
C MET D 74 21.67 42.18 -3.52
N ALA D 75 22.37 41.06 -3.40
CA ALA D 75 22.90 40.54 -2.11
C ALA D 75 24.36 40.16 -2.29
N GLY D 76 25.19 40.63 -1.36
CA GLY D 76 26.60 40.25 -1.22
C GLY D 76 26.68 39.08 -0.25
N LEU D 77 27.37 38.01 -0.69
CA LEU D 77 27.56 36.74 0.06
C LEU D 77 29.05 36.44 0.19
N ASN D 78 29.46 35.84 1.31
CA ASN D 78 30.89 35.53 1.61
C ASN D 78 31.46 34.69 0.46
N PHE D 79 32.66 35.05 0.01
CA PHE D 79 33.41 34.39 -1.10
C PHE D 79 34.89 34.41 -0.75
N PRO D 80 35.31 33.81 0.39
CA PRO D 80 36.67 34.00 0.88
C PRO D 80 37.67 33.39 -0.08
N GLY D 81 38.81 34.08 -0.25
CA GLY D 81 39.96 33.63 -1.07
C GLY D 81 39.71 33.79 -2.56
N ASN D 82 38.48 33.61 -3.05
CA ASN D 82 38.15 33.63 -4.50
C ASN D 82 37.96 35.06 -4.96
N ALA D 83 37.37 35.93 -4.14
CA ALA D 83 37.09 37.33 -4.53
C ALA D 83 38.42 38.06 -4.82
N TYR D 84 38.51 38.80 -5.92
CA TYR D 84 39.74 39.56 -6.26
C TYR D 84 39.39 41.02 -6.53
N TYR D 85 39.92 41.92 -5.72
CA TYR D 85 39.74 43.39 -5.86
C TYR D 85 41.05 43.98 -6.37
N SER D 86 40.98 44.74 -7.47
CA SER D 86 42.16 45.29 -8.22
C SER D 86 42.78 46.50 -7.47
N ASP D 87 44.11 46.54 -7.34
CA ASP D 87 44.87 47.68 -6.77
C ASP D 87 44.95 48.81 -7.79
N ALA D 88 44.93 48.49 -9.08
CA ALA D 88 45.05 49.48 -10.16
C ALA D 88 43.66 49.90 -10.60
N LEU D 89 43.49 51.19 -10.85
CA LEU D 89 42.31 51.76 -11.54
C LEU D 89 42.47 51.45 -13.03
N GLU D 90 41.36 51.41 -13.74
CA GLU D 90 41.32 51.20 -15.20
C GLU D 90 40.73 52.44 -15.81
N ASN D 91 41.43 53.04 -16.78
CA ASN D 91 41.02 54.27 -17.50
C ASN D 91 39.63 54.01 -18.12
N ASP D 92 39.37 52.82 -18.66
CA ASP D 92 38.14 52.51 -19.46
C ASP D 92 37.06 51.80 -18.61
N LYS D 93 37.15 51.79 -17.27
CA LYS D 93 36.14 51.10 -16.43
C LYS D 93 35.52 52.08 -15.42
N ASP D 94 34.39 51.71 -14.82
CA ASP D 94 33.88 52.33 -13.58
C ASP D 94 34.71 51.78 -12.43
N ASN D 95 35.43 52.62 -11.69
CA ASN D 95 36.29 52.16 -10.58
C ASN D 95 35.46 52.22 -9.29
N ILE D 96 34.94 51.07 -8.85
CA ILE D 96 33.90 50.97 -7.79
C ILE D 96 34.41 50.05 -6.69
N THR D 97 34.29 50.47 -5.42
CA THR D 97 34.63 49.62 -4.25
C THR D 97 33.53 48.60 -4.07
N PRO D 98 33.82 47.47 -3.42
CA PRO D 98 32.79 46.49 -3.07
C PRO D 98 31.62 47.05 -2.23
N PHE D 99 31.88 47.96 -1.30
CA PHE D 99 30.84 48.55 -0.40
C PHE D 99 29.95 49.53 -1.16
N GLU D 100 30.45 50.05 -2.28
CA GLU D 100 29.71 50.94 -3.22
C GLU D 100 28.94 50.12 -4.26
N PHE D 101 29.24 48.84 -4.41
CA PHE D 101 28.73 48.05 -5.56
C PHE D 101 27.20 47.99 -5.50
N ILE D 102 26.57 47.83 -4.34
CA ILE D 102 25.07 47.73 -4.31
C ILE D 102 24.46 49.08 -4.69
N PRO D 103 24.88 50.20 -4.04
CA PRO D 103 24.41 51.52 -4.46
C PRO D 103 24.65 51.77 -5.96
N TRP D 104 25.88 51.52 -6.45
CA TRP D 104 26.23 51.66 -7.90
C TRP D 104 25.19 50.99 -8.79
N ILE D 105 24.87 49.72 -8.56
CA ILE D 105 23.92 48.98 -9.46
C ILE D 105 22.47 49.38 -9.11
N LEU D 106 22.05 49.26 -7.86
CA LEU D 106 20.61 49.39 -7.55
C LEU D 106 20.23 50.88 -7.69
N GLY D 107 21.18 51.78 -7.44
CA GLY D 107 21.02 53.22 -7.75
C GLY D 107 20.52 53.45 -9.18
N GLN D 108 21.12 52.78 -10.17
CA GLN D 108 21.13 53.27 -11.59
C GLN D 108 20.37 52.31 -12.51
N CYS D 109 20.03 51.08 -12.06
CA CYS D 109 19.41 50.02 -12.92
C CYS D 109 18.04 49.57 -12.41
N SER D 110 17.17 49.20 -13.33
CA SER D 110 15.74 48.91 -13.11
C SER D 110 15.47 47.42 -13.20
N ASP D 111 16.40 46.66 -13.78
CA ASP D 111 16.25 45.21 -14.10
C ASP D 111 17.64 44.59 -14.32
N VAL D 112 17.69 43.29 -14.57
CA VAL D 112 18.96 42.48 -14.60
C VAL D 112 19.77 42.84 -15.86
N ASN D 113 19.13 42.89 -17.02
CA ASN D 113 19.79 43.29 -18.28
C ASN D 113 20.60 44.57 -18.07
N GLU D 114 20.03 45.58 -17.43
CA GLU D 114 20.75 46.85 -17.11
C GLU D 114 21.89 46.63 -16.10
N ALA D 115 21.71 45.79 -15.08
CA ALA D 115 22.79 45.45 -14.11
C ALA D 115 23.94 44.78 -14.88
N ARG D 116 23.64 43.83 -15.76
CA ARG D 116 24.67 43.10 -16.54
C ARG D 116 25.47 44.13 -17.35
N ASN D 117 24.78 45.01 -18.08
CA ASN D 117 25.44 46.04 -18.92
C ASN D 117 26.42 46.83 -18.06
N LEU D 118 25.98 47.21 -16.86
CA LEU D 118 26.78 48.08 -15.98
C LEU D 118 27.93 47.28 -15.39
N VAL D 119 27.68 46.03 -14.98
CA VAL D 119 28.73 45.16 -14.38
C VAL D 119 29.82 44.89 -15.41
N GLU D 120 29.44 44.61 -16.67
CA GLU D 120 30.41 44.46 -17.80
C GLU D 120 31.34 45.66 -17.90
N LYS D 121 30.99 46.81 -17.31
CA LYS D 121 31.84 48.03 -17.40
C LYS D 121 32.61 48.26 -16.11
N ILE D 122 32.55 47.33 -15.14
CA ILE D 122 33.06 47.63 -13.77
C ILE D 122 34.49 47.13 -13.59
N ASN D 123 35.24 47.87 -12.76
CA ASN D 123 36.47 47.42 -12.08
C ASN D 123 36.20 47.59 -10.58
N LEU D 124 36.01 46.49 -9.84
CA LEU D 124 35.97 46.45 -8.34
C LEU D 124 37.38 46.68 -7.81
N ILE D 125 37.59 47.73 -7.01
CA ILE D 125 38.96 48.18 -6.61
C ILE D 125 39.22 47.91 -5.13
N ASN D 126 40.47 47.67 -4.78
CA ASN D 126 40.81 47.18 -3.44
C ASN D 126 40.92 48.37 -2.46
N LEU D 127 39.80 49.01 -2.13
CA LEU D 127 39.75 50.16 -1.20
C LEU D 127 38.78 49.87 -0.06
N SER D 128 39.27 49.75 1.17
CA SER D 128 38.45 49.46 2.36
C SER D 128 37.58 50.67 2.68
N PHE D 129 36.46 50.46 3.37
CA PHE D 129 35.59 51.58 3.80
C PHE D 129 36.32 52.40 4.87
N SER D 130 37.12 51.75 5.73
CA SER D 130 37.75 52.35 6.93
C SER D 130 38.72 51.34 7.57
N GLU D 131 39.45 51.75 8.59
CA GLU D 131 40.38 50.89 9.38
C GLU D 131 39.56 49.87 10.19
N GLN D 132 38.35 50.26 10.62
CA GLN D 132 37.43 49.45 11.46
C GLN D 132 36.72 48.40 10.59
N LEU D 133 36.40 48.69 9.32
CA LEU D 133 35.65 47.79 8.41
C LEU D 133 36.49 47.44 7.18
N PRO D 134 37.43 46.47 7.26
CA PRO D 134 38.13 45.97 6.07
C PRO D 134 37.24 45.17 5.11
N LEU D 135 37.68 45.07 3.86
CA LEU D 135 37.01 44.32 2.79
C LEU D 135 37.09 42.82 3.10
N ALA D 136 35.97 42.12 2.99
CA ALA D 136 35.91 40.65 3.02
C ALA D 136 35.47 40.19 1.62
N GLY D 137 36.04 39.11 1.10
CA GLY D 137 35.70 38.57 -0.22
C GLY D 137 34.20 38.31 -0.30
N LEU D 138 33.54 38.89 -1.31
CA LEU D 138 32.11 38.66 -1.56
C LEU D 138 31.89 38.23 -3.00
N HIS D 139 30.72 37.62 -3.26
CA HIS D 139 30.12 37.44 -4.61
C HIS D 139 28.65 37.80 -4.48
N TRP D 140 27.99 38.12 -5.59
CA TRP D 140 26.67 38.77 -5.59
C TRP D 140 25.67 37.96 -6.39
N LEU D 141 24.45 37.88 -5.86
CA LEU D 141 23.22 37.54 -6.60
C LEU D 141 22.45 38.84 -6.85
N ILE D 142 22.06 39.02 -8.10
CA ILE D 142 21.26 40.16 -8.58
C ILE D 142 20.08 39.52 -9.26
N ALA D 143 18.88 39.92 -8.85
CA ALA D 143 17.62 39.33 -9.34
C ALA D 143 16.56 40.41 -9.52
N ASP D 144 15.71 40.21 -10.51
CA ASP D 144 14.44 40.95 -10.64
C ASP D 144 13.32 39.92 -10.64
N ARG D 145 12.10 40.35 -10.98
CA ARG D 145 10.88 39.50 -10.94
C ARG D 145 10.97 38.34 -11.93
N GLU D 146 11.91 38.38 -12.86
CA GLU D 146 11.94 37.47 -14.03
C GLU D 146 13.14 36.53 -13.92
N LYS D 147 14.27 36.98 -13.43
CA LYS D 147 15.51 36.19 -13.55
C LYS D 147 16.58 36.73 -12.62
N SER D 148 17.72 36.04 -12.57
CA SER D 148 18.85 36.43 -11.71
C SER D 148 20.17 36.07 -12.39
N ILE D 149 21.22 36.76 -11.98
CA ILE D 149 22.62 36.58 -12.43
C ILE D 149 23.51 36.49 -11.21
N VAL D 150 24.62 35.77 -11.35
CA VAL D 150 25.72 35.76 -10.33
C VAL D 150 26.89 36.57 -10.92
N VAL D 151 27.50 37.41 -10.08
CA VAL D 151 28.73 38.19 -10.32
C VAL D 151 29.79 37.64 -9.40
N GLU D 152 30.86 37.12 -9.99
CA GLU D 152 32.06 36.61 -9.30
C GLU D 152 33.24 37.35 -9.89
N VAL D 153 33.83 38.24 -9.11
CA VAL D 153 35.08 38.95 -9.51
C VAL D 153 36.29 38.23 -8.93
N THR D 154 37.05 37.55 -9.77
CA THR D 154 38.18 36.66 -9.38
C THR D 154 39.46 37.09 -10.09
N LYS D 155 40.58 36.44 -9.77
CA LYS D 155 41.92 36.69 -10.35
C LYS D 155 41.84 36.68 -11.88
N SER D 156 40.90 35.92 -12.47
CA SER D 156 40.78 35.72 -13.94
C SER D 156 39.68 36.64 -14.49
N GLY D 157 39.16 37.56 -13.67
CA GLY D 157 38.31 38.66 -14.14
C GLY D 157 36.88 38.67 -13.59
N VAL D 158 36.03 39.42 -14.31
CA VAL D 158 34.64 39.76 -13.95
C VAL D 158 33.75 38.73 -14.63
N HIS D 159 33.31 37.70 -13.89
CA HIS D 159 32.41 36.65 -14.45
C HIS D 159 30.97 36.98 -14.03
N ILE D 160 30.10 36.95 -15.04
CA ILE D 160 28.64 37.13 -14.91
C ILE D 160 28.00 35.86 -15.44
N TYR D 161 27.21 35.18 -14.62
CA TYR D 161 26.50 33.93 -15.00
C TYR D 161 25.01 34.15 -14.86
N ASP D 162 24.25 33.71 -15.87
CA ASP D 162 22.80 33.43 -15.78
C ASP D 162 22.60 32.39 -14.66
N ASN D 163 21.74 32.68 -13.70
CA ASN D 163 21.44 31.73 -12.61
C ASN D 163 20.15 30.98 -12.94
N PRO D 164 20.21 29.77 -13.53
CA PRO D 164 19.00 29.09 -13.98
C PRO D 164 18.05 28.67 -12.83
N ILE D 165 18.54 28.68 -11.58
CA ILE D 165 17.76 28.16 -10.42
C ILE D 165 17.51 29.25 -9.37
N GLY D 166 18.14 30.42 -9.48
CA GLY D 166 18.09 31.46 -8.43
C GLY D 166 18.49 30.90 -7.06
N ILE D 167 19.67 30.29 -6.97
CA ILE D 167 20.31 29.85 -5.70
C ILE D 167 21.74 30.37 -5.68
N LEU D 168 22.22 30.85 -4.52
CA LEU D 168 23.66 31.11 -4.30
C LEU D 168 24.01 30.88 -2.81
N THR D 169 25.17 30.29 -2.56
CA THR D 169 25.78 30.24 -1.20
C THR D 169 27.15 30.90 -1.27
N ASN D 170 28.20 30.16 -0.90
CA ASN D 170 29.56 30.69 -0.69
C ASN D 170 30.43 29.98 -1.73
N ASN D 171 31.63 29.56 -1.38
CA ASN D 171 32.55 28.80 -2.27
C ASN D 171 31.96 27.42 -2.55
N PRO D 172 32.27 26.74 -3.67
CA PRO D 172 33.12 27.27 -4.73
C PRO D 172 32.41 28.14 -5.76
N GLU D 173 33.15 28.48 -6.81
CA GLU D 173 32.70 29.31 -7.94
C GLU D 173 31.44 28.65 -8.48
N PHE D 174 30.61 29.46 -9.12
CA PHE D 174 29.23 29.11 -9.52
C PHE D 174 29.20 27.88 -10.45
N ASN D 175 30.11 27.75 -11.41
CA ASN D 175 30.06 26.61 -12.37
C ASN D 175 30.35 25.32 -11.60
N TYR D 176 31.18 25.38 -10.56
CA TYR D 176 31.42 24.22 -9.67
C TYR D 176 30.13 23.88 -8.87
N GLN D 177 29.44 24.88 -8.33
CA GLN D 177 28.18 24.69 -7.55
C GLN D 177 27.15 24.04 -8.48
N MET D 178 27.06 24.56 -9.71
CA MET D 178 26.06 24.04 -10.68
C MET D 178 26.44 22.61 -11.10
N TYR D 179 27.69 22.35 -11.42
CA TYR D 179 28.13 21.00 -11.87
C TYR D 179 27.86 19.99 -10.74
N ASN D 180 28.08 20.36 -9.48
CA ASN D 180 27.87 19.50 -8.28
C ASN D 180 26.43 18.98 -8.21
N LEU D 181 25.43 19.74 -8.70
CA LEU D 181 24.02 19.27 -8.76
C LEU D 181 23.90 17.95 -9.54
N ASN D 182 24.70 17.75 -10.61
CA ASN D 182 24.47 16.62 -11.57
C ASN D 182 24.44 15.26 -10.87
N LYS D 183 25.22 15.07 -9.79
CA LYS D 183 25.34 13.75 -9.10
C LYS D 183 24.09 13.44 -8.26
N TYR D 184 23.14 14.38 -8.13
CA TYR D 184 21.91 14.25 -7.31
C TYR D 184 20.68 14.06 -8.21
N ARG D 185 20.83 13.74 -9.49
CA ARG D 185 19.70 13.70 -10.45
C ARG D 185 18.67 12.65 -10.00
N ASN D 186 19.10 11.63 -9.26
CA ASN D 186 18.29 10.44 -8.86
C ASN D 186 17.41 10.76 -7.63
N LEU D 187 17.64 11.87 -6.93
CA LEU D 187 16.79 12.24 -5.76
C LEU D 187 15.37 12.45 -6.26
N SER D 188 14.37 12.20 -5.41
CA SER D 188 12.95 12.34 -5.79
C SER D 188 12.13 12.79 -4.57
N ILE D 189 10.99 13.43 -4.83
CA ILE D 189 10.00 13.86 -3.79
C ILE D 189 9.10 12.68 -3.42
N SER D 190 9.15 11.59 -4.17
CA SER D 190 8.26 10.40 -3.99
C SER D 190 9.06 9.14 -3.71
N THR D 191 8.40 8.11 -3.16
CA THR D 191 9.04 6.80 -2.86
C THR D 191 9.54 6.23 -4.18
N PRO D 192 10.84 5.98 -4.39
CA PRO D 192 11.27 5.38 -5.64
C PRO D 192 10.85 3.92 -5.74
N GLN D 193 10.87 3.45 -6.97
CA GLN D 193 10.81 2.01 -7.29
C GLN D 193 12.07 1.36 -6.73
N ASN D 194 12.03 0.06 -6.48
CA ASN D 194 13.22 -0.77 -6.21
C ASN D 194 13.95 -0.96 -7.53
N THR D 195 14.94 -0.13 -7.85
CA THR D 195 15.82 -0.33 -9.04
C THR D 195 17.08 -1.08 -8.62
N PHE D 196 17.29 -1.31 -7.33
CA PHE D 196 18.51 -1.93 -6.75
C PHE D 196 18.63 -3.37 -7.29
N SER D 197 17.55 -4.12 -7.18
CA SER D 197 17.40 -5.46 -7.81
C SER D 197 16.00 -5.97 -7.47
N ASP D 198 15.27 -6.56 -8.41
CA ASP D 198 13.98 -7.13 -7.95
C ASP D 198 14.21 -8.60 -7.54
N SER D 199 15.47 -9.02 -7.38
CA SER D 199 15.83 -10.30 -6.73
C SER D 199 15.81 -10.17 -5.20
N VAL D 200 15.61 -8.99 -4.61
CA VAL D 200 15.44 -8.89 -3.13
C VAL D 200 14.24 -8.01 -2.82
N ASP D 201 13.46 -8.35 -1.81
CA ASP D 201 12.21 -7.63 -1.51
C ASP D 201 12.50 -6.50 -0.51
N LEU D 202 12.90 -5.34 -1.03
CA LEU D 202 13.20 -4.15 -0.21
C LEU D 202 11.87 -3.48 0.18
N LYS D 203 11.74 -3.16 1.49
CA LYS D 203 10.51 -2.63 2.11
C LYS D 203 10.67 -1.14 2.34
N VAL D 204 9.58 -0.43 2.30
CA VAL D 204 9.54 1.02 2.62
C VAL D 204 8.64 1.11 3.83
N ASP D 205 9.20 1.52 4.98
CA ASP D 205 8.48 1.54 6.29
C ASP D 205 8.23 2.99 6.68
N GLY D 206 8.37 3.93 5.75
CA GLY D 206 8.18 5.35 6.00
C GLY D 206 8.12 6.15 4.72
N THR D 207 7.69 7.42 4.81
CA THR D 207 7.71 8.38 3.67
C THR D 207 9.10 9.05 3.57
N GLY D 208 9.36 9.80 2.49
CA GLY D 208 10.59 10.56 2.32
C GLY D 208 11.78 9.76 1.80
N PHE D 209 11.62 8.48 1.44
CA PHE D 209 12.77 7.67 0.96
C PHE D 209 13.35 8.29 -0.31
N GLY D 210 12.54 9.02 -1.08
CA GLY D 210 13.01 9.61 -2.34
C GLY D 210 14.22 10.52 -2.14
N GLY D 211 14.31 11.19 -0.99
CA GLY D 211 15.33 12.23 -0.74
C GLY D 211 16.65 11.63 -0.30
N ILE D 212 16.71 10.33 -0.03
CA ILE D 212 17.92 9.69 0.57
C ILE D 212 19.11 9.99 -0.35
N GLY D 213 20.19 10.55 0.19
CA GLY D 213 21.30 11.12 -0.59
C GLY D 213 21.39 12.63 -0.50
N LEU D 214 20.30 13.32 -0.16
CA LEU D 214 20.35 14.80 -0.04
C LEU D 214 21.26 15.10 1.16
N PRO D 215 22.30 15.95 1.00
CA PRO D 215 23.22 16.29 2.10
C PRO D 215 22.51 17.19 3.13
N GLY D 216 22.81 16.99 4.41
CA GLY D 216 22.11 17.66 5.50
C GLY D 216 22.96 18.69 6.23
N ASP D 217 24.28 18.76 5.98
CA ASP D 217 25.24 19.57 6.78
C ASP D 217 25.13 21.03 6.35
N VAL D 218 25.89 21.92 6.99
CA VAL D 218 25.82 23.37 6.62
C VAL D 218 27.05 23.85 5.86
N SER D 219 27.84 22.96 5.25
CA SER D 219 28.90 23.36 4.27
C SER D 219 28.19 24.12 3.17
N PRO D 220 28.86 25.07 2.51
CA PRO D 220 28.24 25.83 1.43
C PRO D 220 27.73 24.99 0.25
N GLU D 221 28.44 23.95 -0.17
CA GLU D 221 27.96 23.06 -1.28
C GLU D 221 26.70 22.30 -0.86
N SER D 222 26.68 21.74 0.35
CA SER D 222 25.52 21.00 0.87
C SER D 222 24.32 21.93 0.89
N ARG D 223 24.49 23.16 1.41
CA ARG D 223 23.41 24.17 1.48
C ARG D 223 22.99 24.52 0.06
N PHE D 224 23.93 24.66 -0.89
CA PHE D 224 23.58 24.93 -2.30
C PHE D 224 22.64 23.83 -2.80
N VAL D 225 23.00 22.55 -2.60
CA VAL D 225 22.21 21.39 -3.07
C VAL D 225 20.86 21.33 -2.37
N ARG D 226 20.84 21.43 -1.04
CA ARG D 226 19.61 21.28 -0.26
C ARG D 226 18.67 22.45 -0.57
N ALA D 227 19.17 23.70 -0.68
CA ALA D 227 18.29 24.86 -0.97
C ALA D 227 17.70 24.66 -2.35
N THR D 228 18.51 24.19 -3.32
CA THR D 228 18.03 23.99 -4.71
C THR D 228 16.89 22.97 -4.70
N PHE D 229 17.12 21.84 -4.04
CA PHE D 229 16.12 20.75 -3.92
C PHE D 229 14.82 21.28 -3.32
N SER D 230 14.89 21.99 -2.19
CA SER D 230 13.70 22.46 -1.41
C SER D 230 12.95 23.54 -2.21
N LYS D 231 13.68 24.50 -2.73
CA LYS D 231 13.11 25.61 -3.56
C LYS D 231 12.42 25.05 -4.83
N LEU D 232 13.13 24.33 -5.68
CA LEU D 232 12.56 23.92 -6.99
C LEU D 232 11.38 22.99 -6.75
N ASN D 233 11.33 22.23 -5.65
CA ASN D 233 10.18 21.28 -5.41
C ASN D 233 9.10 21.90 -4.54
N SER D 234 9.30 23.12 -4.08
CA SER D 234 8.37 23.86 -3.20
C SER D 234 7.00 23.92 -3.86
N SER D 235 5.95 23.59 -3.11
CA SER D 235 4.54 23.68 -3.57
C SER D 235 4.21 25.14 -3.90
N LYS D 236 3.36 25.40 -4.90
CA LYS D 236 2.92 26.80 -5.22
C LYS D 236 1.96 27.30 -4.12
N GLY D 237 2.04 28.56 -3.71
CA GLY D 237 1.03 29.14 -2.80
C GLY D 237 -0.20 29.63 -3.55
N MET D 238 -1.35 29.78 -2.89
CA MET D 238 -2.57 30.37 -3.51
C MET D 238 -2.55 31.89 -3.37
N THR D 239 -1.79 32.42 -2.43
CA THR D 239 -1.77 33.86 -2.10
C THR D 239 -0.30 34.27 -1.91
N VAL D 240 -0.08 35.58 -1.87
CA VAL D 240 1.24 36.21 -1.56
C VAL D 240 1.63 35.77 -0.14
N GLU D 241 0.71 35.72 0.83
CA GLU D 241 1.05 35.35 2.24
C GLU D 241 1.64 33.92 2.25
N GLU D 242 0.96 33.00 1.59
CA GLU D 242 1.41 31.61 1.44
C GLU D 242 2.80 31.56 0.81
N ASP D 243 3.07 32.39 -0.20
CA ASP D 243 4.39 32.41 -0.88
C ASP D 243 5.43 32.84 0.14
N ILE D 244 5.17 33.90 0.91
CA ILE D 244 6.14 34.44 1.89
C ILE D 244 6.38 33.37 2.96
N THR D 245 5.29 32.71 3.37
CA THR D 245 5.32 31.59 4.36
C THR D 245 6.23 30.51 3.76
N GLN D 246 6.03 30.15 2.51
CA GLN D 246 6.82 29.09 1.84
C GLN D 246 8.29 29.53 1.80
N PHE D 247 8.56 30.79 1.48
CA PHE D 247 9.93 31.33 1.32
C PHE D 247 10.72 31.13 2.62
N PHE D 248 10.15 31.51 3.76
CA PHE D 248 10.87 31.39 5.05
C PHE D 248 11.07 29.91 5.37
N HIS D 249 10.12 29.02 5.04
CA HIS D 249 10.28 27.53 5.19
C HIS D 249 11.49 27.10 4.34
N ILE D 250 11.64 27.65 3.11
CA ILE D 250 12.76 27.27 2.20
C ILE D 250 14.09 27.67 2.85
N LEU D 251 14.23 28.90 3.36
CA LEU D 251 15.49 29.40 3.95
C LEU D 251 15.76 28.60 5.23
N GLY D 252 14.69 28.19 5.90
CA GLY D 252 14.73 27.26 7.06
C GLY D 252 15.47 25.96 6.81
N THR D 253 15.31 25.35 5.64
CA THR D 253 15.94 24.07 5.28
C THR D 253 17.49 24.22 5.29
N VAL D 254 18.04 25.42 5.18
CA VAL D 254 19.52 25.59 5.11
C VAL D 254 19.99 26.55 6.19
N GLU D 255 19.18 26.81 7.22
CA GLU D 255 19.61 27.74 8.27
C GLU D 255 20.58 27.02 9.20
N GLN D 256 21.39 27.80 9.89
CA GLN D 256 22.47 27.32 10.77
C GLN D 256 22.08 27.63 12.21
N ILE D 257 21.96 26.58 12.99
CA ILE D 257 21.64 26.74 14.42
C ILE D 257 22.94 26.87 15.18
N LYS D 258 22.92 27.58 16.31
CA LYS D 258 24.11 27.78 17.15
C LYS D 258 24.57 26.44 17.69
N GLY D 259 25.80 26.07 17.39
CA GLY D 259 26.42 24.86 17.93
C GLY D 259 26.89 23.84 16.91
N VAL D 260 26.35 23.82 15.69
CA VAL D 260 26.63 22.74 14.69
C VAL D 260 27.81 23.17 13.82
N ASN D 261 28.23 24.43 13.87
CA ASN D 261 29.26 24.95 12.93
C ASN D 261 30.20 25.89 13.69
N LYS D 262 31.29 25.32 14.21
CA LYS D 262 32.27 26.02 15.07
C LYS D 262 33.52 26.33 14.25
N THR D 263 33.84 27.61 14.10
CA THR D 263 35.05 28.13 13.36
C THR D 263 36.31 27.71 14.10
N GLU D 264 37.47 27.99 13.51
CA GLU D 264 38.82 27.68 14.07
C GLU D 264 38.99 28.38 15.43
N SER D 265 38.60 29.66 15.54
CA SER D 265 38.69 30.48 16.78
C SER D 265 37.82 29.93 17.92
N GLY D 266 36.75 29.19 17.60
CA GLY D 266 35.79 28.66 18.59
C GLY D 266 34.46 29.42 18.56
N LYS D 267 34.27 30.26 17.57
CA LYS D 267 33.00 31.00 17.36
C LYS D 267 31.98 30.04 16.69
N GLU D 268 30.70 30.17 17.06
CA GLU D 268 29.55 29.42 16.48
C GLU D 268 28.86 30.23 15.36
N GLU D 269 28.91 29.75 14.11
CA GLU D 269 28.22 30.37 12.93
C GLU D 269 26.73 30.06 13.06
N TYR D 270 25.86 31.06 12.93
CA TYR D 270 24.39 30.88 12.95
C TYR D 270 23.73 31.85 11.97
N THR D 271 22.50 31.54 11.60
CA THR D 271 21.66 32.41 10.74
C THR D 271 21.20 33.60 11.58
N VAL D 272 21.92 34.71 11.47
CA VAL D 272 21.66 35.99 12.16
C VAL D 272 20.28 36.51 11.76
N TYR D 273 19.96 36.50 10.47
CA TYR D 273 18.61 36.85 9.98
C TYR D 273 18.33 36.14 8.69
N SER D 274 17.04 36.10 8.35
CA SER D 274 16.49 35.64 7.07
C SER D 274 15.62 36.78 6.54
N ASN D 275 15.65 37.04 5.25
CA ASN D 275 14.70 38.03 4.72
C ASN D 275 14.12 37.48 3.43
N CYS D 276 13.00 38.10 3.06
CA CYS D 276 12.25 37.86 1.83
C CYS D 276 11.73 39.22 1.37
N TYR D 277 12.24 39.68 0.22
CA TYR D 277 11.74 40.89 -0.47
C TYR D 277 10.63 40.48 -1.44
N ASP D 278 9.45 41.06 -1.27
CA ASP D 278 8.44 41.01 -2.34
C ASP D 278 8.90 42.04 -3.39
N LEU D 279 9.30 41.65 -4.58
CA LEU D 279 9.92 42.60 -5.54
C LEU D 279 8.84 43.47 -6.18
N ASP D 280 7.68 42.89 -6.50
CA ASP D 280 6.52 43.59 -7.12
C ASP D 280 5.92 44.61 -6.13
N ASN D 281 5.93 44.34 -4.81
CA ASN D 281 5.28 45.24 -3.81
C ASN D 281 6.34 46.02 -3.04
N LYS D 282 7.61 45.82 -3.36
CA LYS D 282 8.77 46.51 -2.75
C LYS D 282 8.64 46.44 -1.23
N THR D 283 8.31 45.27 -0.67
CA THR D 283 8.20 45.05 0.80
C THR D 283 9.29 44.07 1.26
N LEU D 284 10.04 44.46 2.29
CA LEU D 284 11.06 43.66 3.02
C LEU D 284 10.36 42.96 4.18
N TYR D 285 10.44 41.63 4.21
CA TYR D 285 9.99 40.79 5.35
C TYR D 285 11.25 40.16 5.95
N TYR D 286 11.38 40.14 7.27
CA TYR D 286 12.58 39.51 7.89
C TYR D 286 12.23 38.87 9.24
N THR D 287 13.12 37.96 9.63
CA THR D 287 13.17 37.28 10.94
C THR D 287 14.61 37.35 11.42
N THR D 288 14.83 37.20 12.71
CA THR D 288 16.19 37.09 13.27
C THR D 288 16.31 35.76 13.98
N TYR D 289 17.53 35.36 14.32
CA TYR D 289 17.76 34.13 15.11
C TYR D 289 16.86 34.22 16.36
N GLU D 290 16.78 35.41 16.97
CA GLU D 290 16.20 35.59 18.34
C GLU D 290 14.67 35.76 18.25
N ASN D 291 14.15 36.14 17.09
CA ASN D 291 12.71 36.46 16.95
C ASN D 291 12.16 35.75 15.71
N ARG D 292 11.20 34.87 15.95
CA ARG D 292 10.56 34.07 14.87
C ARG D 292 9.53 34.87 14.09
N GLN D 293 8.89 35.89 14.69
CA GLN D 293 7.74 36.60 14.08
C GLN D 293 8.29 37.46 12.95
N ILE D 294 7.76 37.30 11.74
CA ILE D 294 8.15 38.11 10.53
C ILE D 294 7.85 39.59 10.84
N VAL D 295 8.83 40.46 10.62
CA VAL D 295 8.69 41.95 10.57
C VAL D 295 8.65 42.40 9.09
N ALA D 296 7.74 43.31 8.77
CA ALA D 296 7.52 43.86 7.42
C ALA D 296 7.72 45.37 7.41
N VAL D 297 8.42 45.86 6.37
CA VAL D 297 8.65 47.30 6.04
C VAL D 297 8.52 47.45 4.52
N THR D 298 7.68 48.36 4.06
CA THR D 298 7.50 48.70 2.63
C THR D 298 8.30 49.96 2.30
N LEU D 299 8.90 49.96 1.12
CA LEU D 299 9.54 51.16 0.54
C LEU D 299 8.41 52.01 -0.07
N ASN D 300 7.99 53.08 0.60
CA ASN D 300 6.90 53.96 0.10
C ASN D 300 7.50 54.91 -0.94
N LYS D 301 6.74 55.25 -1.99
CA LYS D 301 7.17 56.33 -2.93
C LYS D 301 7.08 57.67 -2.19
N GLY D 305 13.45 63.70 1.48
CA GLY D 305 13.95 62.64 0.58
C GLY D 305 15.46 62.68 0.38
N ASN D 306 16.24 63.05 1.42
CA ASN D 306 17.73 63.18 1.41
C ASN D 306 18.30 62.45 2.64
N ARG D 307 17.44 62.03 3.57
CA ARG D 307 17.83 61.48 4.89
C ARG D 307 17.72 59.96 4.86
N LEU D 308 18.72 59.23 5.36
CA LEU D 308 18.59 57.75 5.56
C LEU D 308 17.54 57.49 6.66
N VAL D 309 16.52 56.68 6.34
CA VAL D 309 15.45 56.18 7.26
C VAL D 309 15.81 54.75 7.73
N THR D 310 16.17 54.58 9.00
CA THR D 310 16.58 53.30 9.63
C THR D 310 15.43 52.72 10.47
N TYR D 311 15.49 51.41 10.76
CA TYR D 311 14.55 50.69 11.66
C TYR D 311 15.30 49.54 12.32
N PRO D 312 15.82 49.70 13.55
CA PRO D 312 16.61 48.62 14.18
C PRO D 312 15.81 47.31 14.30
N PHE D 313 16.54 46.19 14.20
CA PHE D 313 16.04 44.80 14.40
C PHE D 313 15.66 44.57 15.88
N GLU D 314 14.48 43.98 16.16
CA GLU D 314 14.13 43.31 17.45
C GLU D 314 14.85 41.95 17.58
N ARG D 315 15.71 41.82 18.58
CA ARG D 315 16.42 40.55 18.89
C ARG D 315 15.85 39.97 20.20
N LYS D 316 14.54 40.07 20.41
CA LYS D 316 13.79 39.42 21.52
C LYS D 316 12.65 38.61 20.88
N GLN D 317 12.40 37.41 21.39
CA GLN D 317 11.34 36.50 20.91
C GLN D 317 9.99 37.12 21.24
N ILE D 318 9.20 37.48 20.23
CA ILE D 318 7.88 38.12 20.43
C ILE D 318 6.83 37.00 20.50
N ILE D 319 6.44 36.63 21.71
CA ILE D 319 5.49 35.52 21.93
C ILE D 319 4.07 36.06 22.06
N ASN D 320 3.12 35.41 21.43
CA ASN D 320 1.67 35.68 21.59
C ASN D 320 1.18 34.89 22.83
N LYS D 321 1.00 35.58 23.95
CA LYS D 321 0.63 34.92 25.23
C LYS D 321 -0.90 34.98 25.39
N LEU D 322 -1.61 33.89 25.03
CA LEU D 322 -3.11 33.78 24.98
C LEU D 322 -3.73 34.16 26.33
N OCS E 1 35.34 -10.09 6.56
CA OCS E 1 34.97 -11.31 5.87
CB OCS E 1 34.63 -12.45 6.84
SG OCS E 1 35.92 -12.83 7.97
C OCS E 1 33.73 -11.08 5.02
O OCS E 1 32.79 -10.41 5.47
OD1 OCS E 1 36.52 -11.59 8.34
OD2 OCS E 1 35.42 -13.71 8.98
OD3 OCS E 1 36.77 -13.44 6.85
N THR E 2 33.67 -11.74 3.86
CA THR E 2 32.44 -11.79 3.09
C THR E 2 32.22 -13.20 2.52
N ALA E 3 31.00 -13.75 2.63
CA ALA E 3 30.59 -15.03 2.00
C ALA E 3 29.38 -14.81 1.09
N ILE E 4 29.38 -15.44 -0.07
CA ILE E 4 28.28 -15.27 -1.05
C ILE E 4 27.88 -16.65 -1.60
N THR E 5 26.67 -16.74 -2.15
CA THR E 5 26.30 -17.86 -3.05
C THR E 5 26.05 -17.27 -4.44
N LEU E 6 26.12 -18.12 -5.45
CA LEU E 6 25.73 -17.72 -6.81
C LEU E 6 25.09 -18.96 -7.46
N ASN E 7 23.99 -18.75 -8.20
CA ASN E 7 23.30 -19.75 -9.06
C ASN E 7 23.45 -19.32 -10.51
N GLY E 8 24.08 -20.17 -11.32
CA GLY E 8 24.16 -20.00 -12.78
C GLY E 8 24.02 -21.35 -13.47
N ASN E 9 24.97 -21.68 -14.34
CA ASN E 9 25.04 -22.97 -15.08
C ASN E 9 25.38 -24.06 -14.09
N SER E 10 25.99 -23.68 -12.97
CA SER E 10 26.15 -24.53 -11.76
C SER E 10 25.79 -23.66 -10.54
N ASN E 11 26.11 -24.11 -9.34
CA ASN E 11 25.76 -23.45 -8.07
C ASN E 11 27.01 -23.37 -7.22
N TYR E 12 27.27 -22.19 -6.67
CA TYR E 12 28.57 -21.85 -6.06
C TYR E 12 28.32 -21.25 -4.69
N PHE E 13 29.35 -21.36 -3.88
CA PHE E 13 29.41 -20.85 -2.50
C PHE E 13 30.88 -20.52 -2.26
N GLY E 14 31.21 -19.55 -1.40
CA GLY E 14 32.60 -19.18 -1.10
C GLY E 14 32.70 -17.83 -0.41
N ARG E 15 33.91 -17.42 -0.07
CA ARG E 15 34.13 -16.25 0.83
C ARG E 15 35.50 -15.60 0.61
N ASN E 16 35.59 -14.33 0.99
CA ASN E 16 36.87 -13.64 1.30
C ASN E 16 37.14 -13.91 2.78
N LEU E 17 38.40 -14.21 3.09
CA LEU E 17 38.94 -14.17 4.47
C LEU E 17 39.75 -12.90 4.60
N ASP E 18 39.36 -12.05 5.56
CA ASP E 18 39.92 -10.70 5.75
C ASP E 18 40.61 -10.77 7.10
N LEU E 19 41.93 -10.57 7.10
CA LEU E 19 42.77 -10.73 8.32
C LEU E 19 44.07 -9.93 8.13
N ASP E 20 44.82 -9.71 9.20
CA ASP E 20 46.08 -8.94 9.19
C ASP E 20 47.29 -9.84 8.88
N PHE E 21 47.13 -11.17 8.73
CA PHE E 21 48.26 -12.10 8.46
C PHE E 21 47.72 -13.51 8.22
N SER E 22 48.29 -14.20 7.25
CA SER E 22 47.93 -15.61 6.93
C SER E 22 48.22 -16.49 8.15
N TYR E 23 47.35 -17.48 8.34
CA TYR E 23 47.41 -18.50 9.41
C TYR E 23 48.35 -19.64 8.99
N GLY E 24 48.55 -19.84 7.68
CA GLY E 24 49.15 -21.05 7.08
C GLY E 24 48.12 -21.82 6.26
N GLU E 25 46.94 -21.24 6.03
CA GLU E 25 45.79 -21.85 5.28
C GLU E 25 46.25 -22.78 4.17
N GLU E 26 45.59 -23.92 4.06
CA GLU E 26 45.82 -24.96 3.02
C GLU E 26 44.48 -25.60 2.64
N VAL E 27 44.41 -26.22 1.46
CA VAL E 27 43.32 -27.17 1.09
C VAL E 27 43.40 -28.35 2.05
N ILE E 28 42.26 -28.78 2.59
CA ILE E 28 42.16 -29.99 3.46
C ILE E 28 40.96 -30.82 3.00
N ILE E 29 41.26 -32.00 2.45
CA ILE E 29 40.26 -33.06 2.17
C ILE E 29 40.20 -33.94 3.42
N THR E 30 39.07 -33.93 4.12
CA THR E 30 38.76 -34.93 5.18
C THR E 30 38.01 -36.10 4.55
N PRO E 31 38.61 -37.33 4.54
CA PRO E 31 37.99 -38.48 3.88
C PRO E 31 36.88 -39.08 4.75
N ALA E 32 36.00 -39.85 4.09
CA ALA E 32 34.76 -40.44 4.63
C ALA E 32 35.01 -41.15 5.97
N GLU E 33 36.22 -41.65 6.23
CA GLU E 33 36.50 -42.56 7.37
C GLU E 33 37.62 -42.03 8.26
N TYR E 34 37.93 -40.73 8.15
CA TYR E 34 38.70 -40.01 9.19
C TYR E 34 37.76 -39.93 10.38
N GLU E 35 38.18 -40.45 11.52
CA GLU E 35 37.33 -40.47 12.73
C GLU E 35 37.29 -39.04 13.28
N PHE E 36 36.11 -38.41 13.35
CA PHE E 36 35.91 -37.11 14.03
C PHE E 36 35.69 -37.35 15.52
N LYS E 37 36.58 -36.85 16.37
CA LYS E 37 36.40 -36.83 17.85
C LYS E 37 35.71 -35.52 18.22
N PHE E 38 34.88 -35.56 19.25
CA PHE E 38 34.20 -34.38 19.83
C PHE E 38 34.38 -34.39 21.35
N ARG E 39 34.65 -33.22 21.93
CA ARG E 39 34.94 -33.06 23.37
C ARG E 39 33.80 -33.63 24.23
N LYS E 40 32.53 -33.46 23.82
CA LYS E 40 31.35 -33.78 24.69
C LYS E 40 30.31 -34.63 23.94
N GLU E 41 30.65 -35.23 22.81
CA GLU E 41 29.71 -36.12 22.06
C GLU E 41 30.47 -37.35 21.55
N LYS E 42 29.73 -38.34 21.02
CA LYS E 42 30.27 -39.66 20.58
C LYS E 42 30.92 -39.48 19.22
N ALA E 43 32.12 -40.05 19.03
CA ALA E 43 32.96 -39.85 17.82
C ALA E 43 32.21 -40.38 16.60
N ILE E 44 32.59 -39.94 15.40
CA ILE E 44 31.89 -40.33 14.14
C ILE E 44 32.95 -40.92 13.22
N LYS E 45 32.98 -42.25 13.13
CA LYS E 45 34.03 -43.04 12.43
C LYS E 45 33.70 -43.07 10.95
N ASN E 46 32.42 -42.94 10.59
CA ASN E 46 31.93 -42.99 9.19
C ASN E 46 31.05 -41.75 8.95
N HIS E 47 31.29 -41.00 7.86
CA HIS E 47 30.61 -39.71 7.54
C HIS E 47 30.91 -39.26 6.12
N LYS E 48 30.28 -38.17 5.67
CA LYS E 48 30.50 -37.56 4.33
C LYS E 48 31.93 -37.00 4.28
N SER E 49 32.58 -37.09 3.12
CA SER E 49 33.91 -36.47 2.88
C SER E 49 33.71 -34.95 2.78
N LEU E 50 34.71 -34.20 3.26
CA LEU E 50 34.81 -32.72 3.21
C LEU E 50 36.04 -32.31 2.39
N ILE E 51 35.90 -31.28 1.56
CA ILE E 51 37.03 -30.42 1.11
C ILE E 51 36.75 -29.01 1.61
N GLY E 52 37.77 -28.39 2.19
CA GLY E 52 37.70 -26.99 2.67
C GLY E 52 39.07 -26.37 2.84
N VAL E 53 39.06 -25.13 3.30
CA VAL E 53 40.29 -24.37 3.65
C VAL E 53 40.34 -24.24 5.16
N GLY E 54 41.54 -24.28 5.71
CA GLY E 54 41.81 -24.03 7.13
C GLY E 54 43.19 -24.53 7.40
N ILE E 55 43.49 -24.85 8.66
CA ILE E 55 44.79 -25.43 9.11
C ILE E 55 44.50 -26.77 9.78
N VAL E 56 45.54 -27.60 9.88
CA VAL E 56 45.55 -28.86 10.67
C VAL E 56 46.39 -28.61 11.92
N ALA E 57 45.87 -28.95 13.10
CA ALA E 57 46.62 -28.98 14.37
C ALA E 57 46.20 -30.23 15.15
N ASN E 58 47.17 -30.95 15.73
CA ASN E 58 46.98 -32.31 16.34
C ASN E 58 46.15 -33.16 15.39
N ASP E 59 46.57 -33.22 14.13
CA ASP E 59 45.91 -34.09 13.12
C ASP E 59 44.37 -33.84 13.12
N TYR E 60 43.92 -32.65 13.56
CA TYR E 60 42.50 -32.20 13.50
C TYR E 60 42.33 -31.10 12.45
N PRO E 61 41.33 -31.19 11.55
CA PRO E 61 41.10 -30.18 10.54
C PRO E 61 40.28 -29.00 11.10
N LEU E 62 40.94 -27.87 11.38
CA LEU E 62 40.30 -26.59 11.80
C LEU E 62 39.91 -25.77 10.56
N TYR E 63 38.71 -26.03 10.03
CA TYR E 63 38.18 -25.46 8.76
C TYR E 63 37.69 -24.02 8.98
N PHE E 64 38.05 -23.12 8.07
CA PHE E 64 37.54 -21.71 8.01
C PHE E 64 36.22 -21.78 7.25
N ASP E 65 36.21 -22.66 6.25
CA ASP E 65 35.04 -22.96 5.38
C ASP E 65 35.24 -24.34 4.72
N ALA E 66 34.18 -24.91 4.16
CA ALA E 66 34.22 -26.28 3.63
C ALA E 66 32.92 -26.57 2.90
N ILE E 67 33.00 -27.54 1.99
CA ILE E 67 31.84 -28.27 1.43
C ILE E 67 32.05 -29.76 1.71
N ASN E 68 30.99 -30.56 1.46
CA ASN E 68 31.02 -32.05 1.54
C ASN E 68 30.71 -32.65 0.16
N GLU E 69 30.76 -33.97 0.05
CA GLU E 69 30.47 -34.74 -1.20
C GLU E 69 29.08 -34.40 -1.73
N ASP E 70 28.15 -33.95 -0.90
CA ASP E 70 26.77 -33.64 -1.36
C ASP E 70 26.66 -32.19 -1.87
N GLY E 71 27.72 -31.39 -1.79
CA GLY E 71 27.65 -29.99 -2.22
C GLY E 71 26.95 -29.14 -1.18
N LEU E 72 27.08 -29.52 0.09
CA LEU E 72 26.62 -28.69 1.25
C LEU E 72 27.82 -27.91 1.80
N GLY E 73 27.70 -26.59 1.83
CA GLY E 73 28.78 -25.67 2.23
C GLY E 73 28.46 -24.96 3.53
N MET E 74 29.51 -24.70 4.30
CA MET E 74 29.44 -23.94 5.56
C MET E 74 30.71 -23.07 5.69
N ALA E 75 30.55 -21.83 6.17
CA ALA E 75 31.66 -20.86 6.37
C ALA E 75 31.49 -20.15 7.71
N GLY E 76 32.57 -20.08 8.47
CA GLY E 76 32.64 -19.33 9.72
C GLY E 76 33.22 -17.96 9.44
N LEU E 77 32.46 -16.91 9.75
CA LEU E 77 32.87 -15.50 9.56
C LEU E 77 32.90 -14.80 10.93
N ASN E 78 33.76 -13.80 11.04
CA ASN E 78 34.02 -13.03 12.28
C ASN E 78 32.68 -12.38 12.74
N PHE E 79 32.39 -12.44 14.03
CA PHE E 79 31.13 -11.95 14.63
C PHE E 79 31.41 -11.57 16.07
N PRO E 80 32.34 -10.61 16.29
CA PRO E 80 32.85 -10.28 17.61
C PRO E 80 31.84 -9.63 18.56
N GLY E 81 31.84 -10.04 19.83
CA GLY E 81 30.93 -9.49 20.86
C GLY E 81 29.56 -10.16 20.80
N ASN E 82 28.99 -10.36 19.62
CA ASN E 82 27.62 -10.90 19.48
C ASN E 82 27.63 -12.44 19.65
N ALA E 83 28.66 -13.14 19.20
CA ALA E 83 28.72 -14.61 19.36
C ALA E 83 28.72 -14.93 20.87
N TYR E 84 27.94 -15.90 21.26
CA TYR E 84 27.81 -16.27 22.68
C TYR E 84 27.85 -17.80 22.78
N TYR E 85 28.91 -18.29 23.40
CA TYR E 85 29.18 -19.73 23.60
C TYR E 85 28.81 -20.07 25.05
N SER E 86 28.17 -21.22 25.21
CA SER E 86 27.48 -21.66 26.46
C SER E 86 28.51 -21.99 27.54
N ASP E 87 28.40 -21.38 28.72
CA ASP E 87 29.32 -21.65 29.86
C ASP E 87 29.06 -23.04 30.48
N ALA E 88 27.87 -23.62 30.28
CA ALA E 88 27.42 -24.89 30.89
C ALA E 88 26.90 -25.84 29.81
N LEU E 89 26.91 -27.16 30.07
CA LEU E 89 26.31 -28.19 29.19
C LEU E 89 24.79 -28.13 29.32
N GLU E 90 24.04 -28.56 28.30
CA GLU E 90 22.56 -28.62 28.36
C GLU E 90 22.13 -30.05 28.04
N ASN E 91 21.37 -30.67 28.95
CA ASN E 91 20.85 -32.07 28.89
C ASN E 91 20.17 -32.30 27.54
N ASP E 92 19.35 -31.32 27.08
CA ASP E 92 18.36 -31.44 25.99
C ASP E 92 19.00 -31.37 24.59
N LYS E 93 20.30 -31.14 24.45
CA LYS E 93 20.84 -30.90 23.07
C LYS E 93 22.26 -31.45 22.88
N ASP E 94 22.63 -31.52 21.59
CA ASP E 94 24.00 -31.86 21.10
C ASP E 94 24.95 -30.73 21.52
N ASN E 95 25.84 -31.02 22.47
CA ASN E 95 26.89 -30.11 23.00
C ASN E 95 28.09 -30.15 22.05
N ILE E 96 28.44 -29.00 21.46
CA ILE E 96 29.37 -28.89 20.31
C ILE E 96 30.17 -27.60 20.45
N THR E 97 31.50 -27.69 20.29
CA THR E 97 32.44 -26.54 20.29
C THR E 97 32.31 -25.85 18.94
N PRO E 98 32.52 -24.51 18.88
CA PRO E 98 32.57 -23.80 17.61
C PRO E 98 33.51 -24.40 16.53
N PHE E 99 34.68 -24.93 16.91
CA PHE E 99 35.66 -25.51 15.94
C PHE E 99 35.16 -26.87 15.43
N GLU E 100 34.33 -27.56 16.22
CA GLU E 100 33.74 -28.87 15.88
C GLU E 100 32.49 -28.71 15.00
N PHE E 101 32.03 -27.46 14.77
CA PHE E 101 30.66 -27.14 14.29
C PHE E 101 30.55 -27.49 12.81
N ILE E 102 31.57 -27.17 12.02
CA ILE E 102 31.57 -27.50 10.56
C ILE E 102 31.65 -29.02 10.40
N PRO E 103 32.58 -29.74 11.05
CA PRO E 103 32.55 -31.20 11.01
C PRO E 103 31.15 -31.75 11.33
N TRP E 104 30.61 -31.33 12.48
CA TRP E 104 29.29 -31.75 13.03
C TRP E 104 28.18 -31.58 11.98
N ILE E 105 28.11 -30.46 11.27
CA ILE E 105 27.05 -30.25 10.25
C ILE E 105 27.44 -30.93 8.94
N LEU E 106 28.64 -30.68 8.43
CA LEU E 106 28.97 -31.09 7.04
C LEU E 106 29.22 -32.61 7.01
N GLY E 107 29.67 -33.20 8.12
CA GLY E 107 29.77 -34.66 8.30
C GLY E 107 28.47 -35.40 8.01
N GLN E 108 27.32 -34.90 8.49
CA GLN E 108 26.03 -35.66 8.63
C GLN E 108 24.91 -35.11 7.74
N CYS E 109 25.01 -33.90 7.20
CA CYS E 109 23.85 -33.26 6.53
C CYS E 109 24.11 -33.24 5.02
N SER E 110 23.08 -33.49 4.23
CA SER E 110 23.16 -33.53 2.74
C SER E 110 22.60 -32.23 2.14
N ASP E 111 21.85 -31.44 2.91
CA ASP E 111 21.26 -30.18 2.38
C ASP E 111 20.99 -29.22 3.54
N VAL E 112 20.39 -28.07 3.25
CA VAL E 112 20.17 -26.99 4.25
C VAL E 112 19.07 -27.42 5.23
N ASN E 113 17.97 -27.98 4.73
CA ASN E 113 16.90 -28.53 5.61
C ASN E 113 17.55 -29.40 6.68
N GLU E 114 18.39 -30.35 6.27
CA GLU E 114 19.04 -31.28 7.25
C GLU E 114 19.91 -30.46 8.20
N ALA E 115 20.66 -29.47 7.71
CA ALA E 115 21.56 -28.67 8.59
C ALA E 115 20.72 -27.91 9.62
N ARG E 116 19.61 -27.30 9.18
CA ARG E 116 18.66 -26.54 10.03
C ARG E 116 18.18 -27.46 11.17
N ASN E 117 17.59 -28.61 10.82
CA ASN E 117 17.10 -29.63 11.80
C ASN E 117 18.19 -29.90 12.85
N LEU E 118 19.43 -30.12 12.41
CA LEU E 118 20.54 -30.41 13.38
C LEU E 118 20.88 -29.18 14.24
N VAL E 119 20.92 -27.99 13.62
CA VAL E 119 21.32 -26.72 14.34
C VAL E 119 20.31 -26.43 15.47
N GLU E 120 19.02 -26.65 15.24
CA GLU E 120 17.94 -26.48 16.26
C GLU E 120 18.20 -27.37 17.49
N LYS E 121 18.89 -28.51 17.32
CA LYS E 121 19.20 -29.46 18.42
C LYS E 121 20.56 -29.12 19.06
N ILE E 122 21.26 -28.06 18.64
CA ILE E 122 22.69 -27.79 19.04
C ILE E 122 22.78 -26.83 20.23
N ASN E 123 23.91 -26.93 20.94
CA ASN E 123 24.31 -26.01 22.03
C ASN E 123 25.82 -25.77 21.88
N LEU E 124 26.23 -24.56 21.47
CA LEU E 124 27.66 -24.23 21.24
C LEU E 124 28.31 -23.92 22.59
N ILE E 125 29.37 -24.64 22.95
CA ILE E 125 29.93 -24.54 24.33
C ILE E 125 31.27 -23.83 24.26
N ASN E 126 31.52 -23.01 25.28
CA ASN E 126 32.71 -22.15 25.44
C ASN E 126 33.93 -23.00 25.79
N LEU E 127 34.35 -23.91 24.91
CA LEU E 127 35.57 -24.73 25.06
C LEU E 127 36.53 -24.43 23.91
N SER E 128 37.72 -23.89 24.22
CA SER E 128 38.82 -23.59 23.28
C SER E 128 39.42 -24.88 22.72
N PHE E 129 39.93 -24.85 21.49
CA PHE E 129 40.72 -25.96 20.88
C PHE E 129 42.01 -26.20 21.69
N SER E 130 42.58 -25.16 22.31
CA SER E 130 43.90 -25.17 23.00
C SER E 130 44.26 -23.76 23.46
N GLU E 131 45.32 -23.63 24.27
CA GLU E 131 45.95 -22.32 24.62
C GLU E 131 46.40 -21.61 23.32
N GLN E 132 47.08 -22.35 22.43
CA GLN E 132 47.70 -21.81 21.18
C GLN E 132 46.64 -21.19 20.25
N LEU E 133 45.37 -21.55 20.41
CA LEU E 133 44.28 -21.21 19.45
C LEU E 133 42.98 -20.97 20.21
N PRO E 134 42.81 -19.84 20.93
CA PRO E 134 41.56 -19.55 21.64
C PRO E 134 40.34 -19.38 20.71
N LEU E 135 39.14 -19.45 21.29
CA LEU E 135 37.84 -19.21 20.59
C LEU E 135 37.72 -17.73 20.19
N ALA E 136 37.32 -17.45 18.95
CA ALA E 136 36.88 -16.11 18.51
C ALA E 136 35.40 -16.19 18.12
N GLY E 137 34.65 -15.13 18.42
CA GLY E 137 33.23 -15.03 18.06
C GLY E 137 33.04 -15.21 16.56
N LEU E 138 32.17 -16.13 16.16
CA LEU E 138 31.82 -16.42 14.75
C LEU E 138 30.29 -16.44 14.60
N HIS E 139 29.83 -16.28 13.35
CA HIS E 139 28.50 -16.65 12.84
C HIS E 139 28.76 -17.36 11.53
N TRP E 140 27.77 -18.09 11.04
CA TRP E 140 27.98 -19.04 9.93
C TRP E 140 26.96 -18.82 8.83
N LEU E 141 27.43 -19.04 7.60
CA LEU E 141 26.57 -19.20 6.42
C LEU E 141 26.61 -20.68 6.03
N ILE E 142 25.45 -21.28 5.83
CA ILE E 142 25.30 -22.68 5.35
C ILE E 142 24.50 -22.60 4.06
N ALA E 143 25.00 -23.16 2.97
CA ALA E 143 24.34 -23.11 1.65
C ALA E 143 24.42 -24.47 0.96
N ASP E 144 23.43 -24.72 0.10
CA ASP E 144 23.43 -25.86 -0.84
C ASP E 144 23.12 -25.27 -2.22
N ARG E 145 22.84 -26.09 -3.22
CA ARG E 145 22.66 -25.62 -4.62
C ARG E 145 21.40 -24.74 -4.73
N GLU E 146 20.54 -24.81 -3.73
CA GLU E 146 19.16 -24.26 -3.78
C GLU E 146 19.04 -22.99 -2.92
N LYS E 147 19.55 -23.00 -1.70
CA LYS E 147 19.22 -21.91 -0.75
C LYS E 147 20.33 -21.82 0.29
N SER E 148 20.25 -20.84 1.19
CA SER E 148 21.22 -20.68 2.29
C SER E 148 20.53 -20.16 3.54
N ILE E 149 21.17 -20.40 4.67
CA ILE E 149 20.73 -19.97 6.01
C ILE E 149 21.94 -19.37 6.72
N VAL E 150 21.67 -18.45 7.63
CA VAL E 150 22.64 -17.83 8.56
C VAL E 150 22.35 -18.45 9.92
N VAL E 151 23.40 -18.77 10.65
CA VAL E 151 23.35 -19.12 12.08
C VAL E 151 24.08 -18.07 12.90
N GLU E 152 23.36 -17.45 13.82
CA GLU E 152 23.92 -16.53 14.84
C GLU E 152 23.54 -17.08 16.21
N VAL E 153 24.52 -17.53 16.99
CA VAL E 153 24.29 -17.91 18.40
C VAL E 153 24.72 -16.73 19.25
N THR E 154 23.75 -16.13 19.93
CA THR E 154 23.92 -14.89 20.71
C THR E 154 23.34 -15.14 22.09
N LYS E 155 23.44 -14.15 22.99
CA LYS E 155 22.75 -14.11 24.31
C LYS E 155 21.29 -14.58 24.15
N SER E 156 20.55 -14.08 23.18
CA SER E 156 19.09 -14.33 23.04
C SER E 156 18.80 -15.73 22.50
N GLY E 157 19.83 -16.56 22.22
CA GLY E 157 19.65 -17.97 21.83
C GLY E 157 20.29 -18.31 20.51
N VAL E 158 19.93 -19.48 19.96
CA VAL E 158 20.39 -19.98 18.64
C VAL E 158 19.42 -19.43 17.58
N HIS E 159 19.89 -18.51 16.71
CA HIS E 159 19.07 -17.83 15.67
C HIS E 159 19.45 -18.36 14.30
N ILE E 160 18.43 -18.76 13.54
CA ILE E 160 18.54 -19.33 12.16
C ILE E 160 17.64 -18.50 11.26
N TYR E 161 18.24 -17.88 10.24
CA TYR E 161 17.55 -17.01 9.25
C TYR E 161 17.65 -17.68 7.89
N ASP E 162 16.53 -17.72 7.17
CA ASP E 162 16.58 -17.91 5.70
C ASP E 162 17.37 -16.69 5.15
N ASN E 163 18.31 -16.92 4.24
CA ASN E 163 19.12 -15.86 3.61
C ASN E 163 18.59 -15.68 2.21
N PRO E 164 17.70 -14.70 1.93
CA PRO E 164 17.11 -14.56 0.59
C PRO E 164 18.06 -14.10 -0.51
N ILE E 165 19.30 -13.70 -0.17
CA ILE E 165 20.23 -13.05 -1.15
C ILE E 165 21.58 -13.79 -1.22
N GLY E 166 21.86 -14.69 -0.28
CA GLY E 166 23.11 -15.44 -0.22
C GLY E 166 24.29 -14.52 0.00
N ILE E 167 24.20 -13.65 1.01
CA ILE E 167 25.27 -12.69 1.41
C ILE E 167 25.45 -12.77 2.92
N LEU E 168 26.70 -12.68 3.38
CA LEU E 168 26.99 -12.53 4.81
C LEU E 168 28.34 -11.83 4.97
N THR E 169 28.45 -10.89 5.92
CA THR E 169 29.73 -10.26 6.29
C THR E 169 29.97 -10.54 7.76
N ASN E 170 30.11 -9.49 8.57
CA ASN E 170 30.42 -9.56 10.02
C ASN E 170 29.25 -8.92 10.78
N ASN E 171 29.52 -8.11 11.78
CA ASN E 171 28.50 -7.33 12.53
C ASN E 171 27.92 -6.27 11.60
N PRO E 172 26.64 -5.85 11.79
CA PRO E 172 25.78 -6.38 12.85
C PRO E 172 25.03 -7.69 12.57
N GLU E 173 24.10 -8.03 13.48
CA GLU E 173 23.21 -9.22 13.37
C GLU E 173 22.41 -9.14 12.09
N PHE E 174 22.08 -10.31 11.54
CA PHE E 174 21.55 -10.46 10.18
C PHE E 174 20.31 -9.59 9.94
N ASN E 175 19.37 -9.49 10.90
CA ASN E 175 18.14 -8.70 10.69
C ASN E 175 18.50 -7.22 10.49
N TYR E 176 19.60 -6.75 11.10
CA TYR E 176 20.11 -5.38 10.90
C TYR E 176 20.74 -5.22 9.50
N GLN E 177 21.55 -6.17 9.07
CA GLN E 177 22.14 -6.15 7.71
C GLN E 177 21.03 -6.12 6.65
N MET E 178 20.02 -6.97 6.80
CA MET E 178 18.92 -7.06 5.81
C MET E 178 18.12 -5.76 5.85
N TYR E 179 17.77 -5.25 7.02
CA TYR E 179 17.01 -3.97 7.13
C TYR E 179 17.77 -2.82 6.45
N ASN E 180 19.08 -2.75 6.67
CA ASN E 180 20.00 -1.70 6.14
C ASN E 180 19.94 -1.62 4.61
N LEU E 181 19.68 -2.71 3.88
CA LEU E 181 19.52 -2.68 2.40
C LEU E 181 18.38 -1.74 1.99
N ASN E 182 17.32 -1.61 2.79
CA ASN E 182 16.07 -0.91 2.37
C ASN E 182 16.39 0.51 1.90
N LYS E 183 17.34 1.21 2.51
CA LYS E 183 17.62 2.65 2.20
C LYS E 183 18.29 2.77 0.83
N TYR E 184 18.68 1.65 0.20
CA TYR E 184 19.42 1.67 -1.09
C TYR E 184 18.54 1.28 -2.30
N ARG E 185 17.23 1.27 -2.12
CA ARG E 185 16.27 0.75 -3.15
C ARG E 185 16.38 1.61 -4.41
N ASN E 186 16.81 2.87 -4.29
CA ASN E 186 16.91 3.82 -5.42
C ASN E 186 18.16 3.54 -6.26
N LEU E 187 19.15 2.78 -5.79
CA LEU E 187 20.34 2.57 -6.66
C LEU E 187 19.89 1.86 -7.95
N SER E 188 20.66 2.03 -9.02
CA SER E 188 20.33 1.48 -10.34
C SER E 188 21.61 1.13 -11.10
N ILE E 189 21.47 0.21 -12.06
CA ILE E 189 22.57 -0.20 -12.98
C ILE E 189 22.64 0.75 -14.17
N SER E 190 21.62 1.54 -14.41
CA SER E 190 21.58 2.42 -15.60
C SER E 190 21.39 3.88 -15.19
N THR E 191 21.62 4.80 -16.13
CA THR E 191 21.45 6.24 -15.92
C THR E 191 20.01 6.50 -15.47
N PRO E 192 19.80 7.13 -14.29
CA PRO E 192 18.45 7.46 -13.86
C PRO E 192 17.92 8.68 -14.64
N GLN E 193 16.61 8.83 -14.62
CA GLN E 193 15.94 10.07 -15.06
C GLN E 193 16.22 11.16 -14.02
N ASN E 194 16.19 12.39 -14.45
CA ASN E 194 16.22 13.56 -13.54
C ASN E 194 14.92 13.60 -12.75
N THR E 195 14.87 13.00 -11.54
CA THR E 195 13.69 13.09 -10.64
C THR E 195 13.88 14.29 -9.69
N PHE E 196 15.10 14.83 -9.66
CA PHE E 196 15.54 15.89 -8.71
C PHE E 196 14.61 17.09 -8.88
N SER E 197 14.44 17.53 -10.13
CA SER E 197 13.51 18.60 -10.58
C SER E 197 13.63 18.72 -12.11
N ASP E 198 12.52 18.77 -12.81
CA ASP E 198 12.60 19.08 -14.26
C ASP E 198 12.76 20.59 -14.44
N SER E 199 12.88 21.41 -13.38
CA SER E 199 13.16 22.87 -13.53
C SER E 199 14.66 23.15 -13.71
N VAL E 200 15.56 22.15 -13.59
CA VAL E 200 17.01 22.36 -13.84
C VAL E 200 17.48 21.24 -14.78
N ASP E 201 18.24 21.60 -15.81
CA ASP E 201 18.74 20.67 -16.84
C ASP E 201 19.99 20.00 -16.28
N LEU E 202 19.87 18.94 -15.50
CA LEU E 202 21.08 18.27 -14.97
C LEU E 202 21.67 17.41 -16.09
N LYS E 203 22.99 17.40 -16.20
CA LYS E 203 23.73 16.71 -17.27
C LYS E 203 24.42 15.46 -16.74
N VAL E 204 24.53 14.48 -17.63
CA VAL E 204 25.23 13.20 -17.41
C VAL E 204 26.47 13.19 -18.31
N ASP E 205 27.69 13.24 -17.76
CA ASP E 205 28.94 13.34 -18.57
C ASP E 205 29.72 12.02 -18.48
N GLY E 206 29.08 10.95 -18.02
CA GLY E 206 29.72 9.64 -17.80
C GLY E 206 28.70 8.54 -17.52
N THR E 207 29.10 7.28 -17.62
CA THR E 207 28.23 6.11 -17.28
C THR E 207 28.33 5.84 -15.78
N GLY E 208 27.40 5.06 -15.22
CA GLY E 208 27.46 4.57 -13.83
C GLY E 208 26.85 5.52 -12.82
N PHE E 209 26.18 6.60 -13.24
CA PHE E 209 25.50 7.55 -12.31
C PHE E 209 24.38 6.82 -11.55
N GLY E 210 23.82 5.74 -12.08
CA GLY E 210 22.73 5.00 -11.39
C GLY E 210 23.19 4.39 -10.08
N GLY E 211 24.50 4.09 -9.95
CA GLY E 211 25.15 3.57 -8.73
C GLY E 211 25.35 4.59 -7.58
N ILE E 212 25.24 5.89 -7.82
CA ILE E 212 25.67 6.92 -6.84
C ILE E 212 24.88 6.78 -5.51
N GLY E 213 25.57 6.64 -4.37
CA GLY E 213 25.03 6.33 -3.03
C GLY E 213 25.40 4.94 -2.57
N LEU E 214 25.85 4.09 -3.47
CA LEU E 214 26.46 2.78 -3.08
C LEU E 214 27.72 3.06 -2.25
N PRO E 215 27.84 2.49 -1.02
CA PRO E 215 29.03 2.74 -0.19
C PRO E 215 30.28 1.98 -0.67
N GLY E 216 31.44 2.64 -0.59
CA GLY E 216 32.69 2.18 -1.20
C GLY E 216 33.70 1.65 -0.18
N ASP E 217 33.45 1.80 1.12
CA ASP E 217 34.41 1.50 2.19
C ASP E 217 34.38 0.02 2.54
N VAL E 218 35.17 -0.38 3.53
CA VAL E 218 35.35 -1.82 3.86
C VAL E 218 34.81 -2.12 5.25
N SER E 219 34.00 -1.22 5.88
CA SER E 219 33.12 -1.57 7.02
C SER E 219 32.26 -2.76 6.58
N PRO E 220 31.93 -3.66 7.51
CA PRO E 220 31.07 -4.81 7.22
C PRO E 220 29.72 -4.48 6.62
N GLU E 221 29.06 -3.39 7.04
CA GLU E 221 27.71 -3.01 6.51
C GLU E 221 27.85 -2.56 5.05
N SER E 222 28.86 -1.75 4.76
CA SER E 222 29.12 -1.28 3.40
C SER E 222 29.41 -2.50 2.51
N ARG E 223 30.23 -3.43 2.97
CA ARG E 223 30.59 -4.64 2.18
C ARG E 223 29.32 -5.51 1.96
N PHE E 224 28.45 -5.60 2.97
CA PHE E 224 27.17 -6.34 2.84
C PHE E 224 26.39 -5.67 1.70
N VAL E 225 26.24 -4.34 1.72
CA VAL E 225 25.40 -3.64 0.70
C VAL E 225 26.04 -3.81 -0.68
N ARG E 226 27.37 -3.66 -0.78
CA ARG E 226 28.04 -3.59 -2.10
C ARG E 226 28.13 -5.01 -2.65
N ALA E 227 28.44 -6.03 -1.83
CA ALA E 227 28.44 -7.45 -2.27
C ALA E 227 27.06 -7.80 -2.83
N THR E 228 26.01 -7.32 -2.17
CA THR E 228 24.60 -7.65 -2.55
C THR E 228 24.34 -7.05 -3.93
N PHE E 229 24.55 -5.74 -4.07
CA PHE E 229 24.31 -5.00 -5.34
C PHE E 229 25.07 -5.66 -6.50
N SER E 230 26.35 -5.98 -6.26
CA SER E 230 27.27 -6.59 -7.24
C SER E 230 26.81 -8.02 -7.59
N LYS E 231 26.52 -8.84 -6.58
CA LYS E 231 26.05 -10.21 -6.85
C LYS E 231 24.72 -10.16 -7.59
N LEU E 232 23.71 -9.51 -7.00
CA LEU E 232 22.33 -9.60 -7.55
C LEU E 232 22.33 -9.02 -8.94
N ASN E 233 23.24 -8.12 -9.32
CA ASN E 233 23.14 -7.49 -10.66
C ASN E 233 24.17 -8.09 -11.61
N SER E 234 24.94 -9.08 -11.17
CA SER E 234 26.01 -9.63 -12.03
C SER E 234 25.39 -10.38 -13.23
N SER E 235 25.92 -10.16 -14.41
CA SER E 235 25.48 -10.79 -15.68
C SER E 235 25.66 -12.30 -15.56
N LYS E 236 24.76 -13.03 -16.20
CA LYS E 236 24.77 -14.51 -16.28
C LYS E 236 25.98 -14.98 -17.10
N GLY E 237 26.70 -16.00 -16.63
CA GLY E 237 27.72 -16.70 -17.42
C GLY E 237 27.08 -17.71 -18.37
N MET E 238 27.66 -17.88 -19.57
CA MET E 238 27.17 -18.85 -20.57
C MET E 238 27.77 -20.23 -20.29
N THR E 239 28.79 -20.31 -19.43
CA THR E 239 29.51 -21.57 -19.08
C THR E 239 29.80 -21.59 -17.57
N VAL E 240 30.26 -22.71 -17.05
CA VAL E 240 30.71 -22.82 -15.62
C VAL E 240 31.98 -21.98 -15.42
N GLU E 241 32.83 -21.90 -16.44
CA GLU E 241 34.11 -21.17 -16.30
C GLU E 241 33.76 -19.69 -16.11
N GLU E 242 32.82 -19.16 -16.90
CA GLU E 242 32.40 -17.73 -16.84
C GLU E 242 31.74 -17.44 -15.48
N ASP E 243 30.96 -18.38 -14.93
CA ASP E 243 30.34 -18.21 -13.59
C ASP E 243 31.45 -18.04 -12.56
N ILE E 244 32.51 -18.83 -12.66
CA ILE E 244 33.59 -18.82 -11.65
C ILE E 244 34.35 -17.48 -11.79
N THR E 245 34.63 -17.07 -13.02
CA THR E 245 35.29 -15.79 -13.38
C THR E 245 34.46 -14.69 -12.70
N GLN E 246 33.13 -14.70 -12.91
CA GLN E 246 32.19 -13.67 -12.41
C GLN E 246 32.25 -13.66 -10.89
N PHE E 247 32.28 -14.85 -10.29
CA PHE E 247 32.28 -15.05 -8.82
C PHE E 247 33.48 -14.33 -8.19
N PHE E 248 34.69 -14.51 -8.75
CA PHE E 248 35.93 -13.86 -8.21
C PHE E 248 35.84 -12.34 -8.41
N HIS E 249 35.32 -11.88 -9.55
CA HIS E 249 35.00 -10.46 -9.81
C HIS E 249 34.08 -9.94 -8.69
N ILE E 250 33.04 -10.70 -8.33
CA ILE E 250 32.02 -10.28 -7.33
C ILE E 250 32.72 -10.09 -5.99
N LEU E 251 33.45 -11.09 -5.52
CA LEU E 251 34.22 -11.03 -4.26
C LEU E 251 35.28 -9.90 -4.33
N GLY E 252 35.75 -9.58 -5.54
CA GLY E 252 36.73 -8.50 -5.73
C GLY E 252 36.14 -7.14 -5.34
N THR E 253 34.85 -6.94 -5.57
CA THR E 253 34.17 -5.67 -5.29
C THR E 253 34.28 -5.36 -3.81
N VAL E 254 34.48 -6.35 -2.94
CA VAL E 254 34.49 -6.14 -1.46
C VAL E 254 35.78 -6.70 -0.86
N GLU E 255 36.82 -6.87 -1.65
CA GLU E 255 38.13 -7.26 -1.07
C GLU E 255 38.76 -6.02 -0.41
N GLN E 256 39.59 -6.31 0.57
CA GLN E 256 40.32 -5.32 1.35
C GLN E 256 41.77 -5.35 0.90
N ILE E 257 42.27 -4.22 0.46
CA ILE E 257 43.70 -4.10 0.07
C ILE E 257 44.49 -3.56 1.25
N LYS E 258 45.76 -3.98 1.37
CA LYS E 258 46.66 -3.58 2.48
C LYS E 258 46.78 -2.07 2.52
N GLY E 259 46.54 -1.49 3.69
CA GLY E 259 46.67 -0.06 3.97
C GLY E 259 45.35 0.66 4.21
N VAL E 260 44.19 0.17 3.72
CA VAL E 260 42.94 0.99 3.75
C VAL E 260 42.20 0.76 5.05
N ASN E 261 42.59 -0.24 5.84
CA ASN E 261 41.83 -0.58 7.08
C ASN E 261 42.80 -0.98 8.18
N LYS E 262 43.04 -0.06 9.10
CA LYS E 262 44.09 -0.17 10.13
C LYS E 262 43.43 -0.25 11.50
N THR E 263 43.71 -1.31 12.27
CA THR E 263 43.10 -1.51 13.63
C THR E 263 43.74 -0.51 14.59
N GLU E 264 43.18 -0.40 15.80
CA GLU E 264 43.68 0.50 16.88
C GLU E 264 45.12 0.11 17.26
N SER E 265 45.46 -1.18 17.20
CA SER E 265 46.84 -1.67 17.55
C SER E 265 47.75 -1.59 16.31
N GLY E 266 47.23 -1.17 15.17
CA GLY E 266 48.06 -0.79 14.01
C GLY E 266 48.09 -1.85 12.92
N LYS E 267 47.26 -2.87 13.01
CA LYS E 267 47.24 -4.02 12.08
C LYS E 267 46.52 -3.60 10.80
N GLU E 268 47.00 -4.06 9.65
CA GLU E 268 46.36 -3.78 8.34
C GLU E 268 45.56 -5.01 7.92
N GLU E 269 44.24 -4.90 7.87
CA GLU E 269 43.36 -5.97 7.34
C GLU E 269 43.45 -5.99 5.82
N TYR E 270 43.55 -7.20 5.26
CA TYR E 270 43.46 -7.43 3.80
C TYR E 270 42.77 -8.78 3.53
N THR E 271 42.34 -8.99 2.28
CA THR E 271 41.78 -10.29 1.85
C THR E 271 42.93 -11.32 1.66
N VAL E 272 43.19 -12.12 2.70
CA VAL E 272 44.21 -13.21 2.69
C VAL E 272 43.91 -14.19 1.55
N TYR E 273 42.64 -14.61 1.38
CA TYR E 273 42.24 -15.45 0.23
C TYR E 273 40.78 -15.22 -0.14
N SER E 274 40.48 -15.52 -1.40
CA SER E 274 39.11 -15.63 -1.93
C SER E 274 38.91 -17.08 -2.38
N ASN E 275 37.72 -17.66 -2.21
CA ASN E 275 37.44 -19.00 -2.78
C ASN E 275 36.03 -19.07 -3.32
N CYS E 276 35.87 -20.00 -4.24
CA CYS E 276 34.64 -20.35 -4.97
C CYS E 276 34.54 -21.87 -5.04
N TYR E 277 33.55 -22.46 -4.35
CA TYR E 277 33.20 -23.91 -4.47
C TYR E 277 32.09 -24.04 -5.50
N ASP E 278 32.36 -24.81 -6.56
CA ASP E 278 31.33 -25.43 -7.44
C ASP E 278 30.70 -26.54 -6.62
N LEU E 279 29.50 -26.29 -6.10
CA LEU E 279 28.78 -27.28 -5.24
C LEU E 279 28.43 -28.51 -6.09
N ASP E 280 27.86 -28.34 -7.28
CA ASP E 280 27.45 -29.49 -8.14
C ASP E 280 28.64 -30.38 -8.52
N ASN E 281 29.79 -29.82 -8.90
CA ASN E 281 30.98 -30.54 -9.40
C ASN E 281 32.00 -30.71 -8.27
N LYS E 282 31.62 -30.37 -7.02
CA LYS E 282 32.40 -30.50 -5.75
C LYS E 282 33.87 -30.07 -5.93
N THR E 283 34.11 -28.92 -6.59
CA THR E 283 35.48 -28.36 -6.85
C THR E 283 35.68 -27.08 -6.02
N LEU E 284 36.80 -27.01 -5.28
CA LEU E 284 37.33 -25.81 -4.61
C LEU E 284 38.20 -25.04 -5.60
N TYR E 285 37.91 -23.75 -5.80
CA TYR E 285 38.74 -22.79 -6.55
C TYR E 285 39.15 -21.66 -5.61
N TYR E 286 40.43 -21.28 -5.60
CA TYR E 286 40.93 -20.30 -4.61
C TYR E 286 41.99 -19.37 -5.24
N THR E 287 42.09 -18.16 -4.67
CA THR E 287 43.16 -17.16 -4.95
C THR E 287 43.63 -16.71 -3.57
N THR E 288 44.85 -16.19 -3.51
CA THR E 288 45.44 -15.56 -2.31
C THR E 288 45.75 -14.11 -2.67
N TYR E 289 46.06 -13.30 -1.67
CA TYR E 289 46.41 -11.88 -1.88
C TYR E 289 47.65 -11.83 -2.80
N GLU E 290 48.61 -12.75 -2.58
CA GLU E 290 49.95 -12.70 -3.23
C GLU E 290 49.92 -13.44 -4.57
N ASN E 291 48.85 -14.18 -4.88
CA ASN E 291 48.74 -14.96 -6.13
C ASN E 291 47.36 -14.78 -6.75
N ARG E 292 47.34 -14.11 -7.90
CA ARG E 292 46.11 -13.82 -8.67
C ARG E 292 45.61 -15.05 -9.42
N GLN E 293 46.45 -16.04 -9.71
CA GLN E 293 46.03 -17.22 -10.51
C GLN E 293 45.06 -18.10 -9.71
N ILE E 294 43.91 -18.44 -10.29
CA ILE E 294 42.96 -19.38 -9.62
C ILE E 294 43.66 -20.76 -9.56
N VAL E 295 43.65 -21.40 -8.39
CA VAL E 295 44.00 -22.82 -8.12
C VAL E 295 42.70 -23.63 -7.90
N ALA E 296 42.59 -24.82 -8.53
CA ALA E 296 41.43 -25.74 -8.47
C ALA E 296 41.82 -27.08 -7.85
N VAL E 297 40.94 -27.63 -7.03
CA VAL E 297 41.08 -28.98 -6.37
C VAL E 297 39.68 -29.58 -6.30
N THR E 298 39.48 -30.74 -6.96
CA THR E 298 38.20 -31.51 -6.93
C THR E 298 38.23 -32.48 -5.75
N LEU E 299 37.10 -32.63 -5.04
CA LEU E 299 36.90 -33.71 -4.04
C LEU E 299 36.52 -34.96 -4.82
N ASN E 300 37.21 -36.09 -4.58
CA ASN E 300 37.15 -37.32 -5.43
C ASN E 300 36.56 -38.49 -4.63
N GLY E 305 40.00 -43.24 3.11
CA GLY E 305 41.09 -42.75 3.97
C GLY E 305 40.62 -42.54 5.39
N ASN E 306 41.54 -42.54 6.36
CA ASN E 306 41.33 -42.07 7.75
C ASN E 306 42.44 -41.06 8.12
N ARG E 307 43.26 -40.69 7.14
CA ARG E 307 44.30 -39.62 7.24
C ARG E 307 43.89 -38.46 6.32
N LEU E 308 44.04 -37.22 6.82
CA LEU E 308 43.73 -35.96 6.11
C LEU E 308 44.69 -35.83 4.91
N VAL E 309 44.24 -35.23 3.80
CA VAL E 309 45.04 -34.93 2.58
C VAL E 309 45.10 -33.40 2.45
N THR E 310 46.31 -32.82 2.41
CA THR E 310 46.55 -31.35 2.44
C THR E 310 47.37 -30.90 1.20
N TYR E 311 47.07 -29.72 0.63
CA TYR E 311 47.92 -28.98 -0.36
C TYR E 311 48.11 -27.56 0.16
N PRO E 312 49.32 -27.15 0.59
CA PRO E 312 49.57 -25.76 0.99
C PRO E 312 49.23 -24.74 -0.11
N PHE E 313 48.82 -23.56 0.32
CA PHE E 313 48.58 -22.35 -0.52
C PHE E 313 49.90 -21.73 -0.99
N GLU E 314 50.02 -21.48 -2.30
CA GLU E 314 51.11 -20.65 -2.90
C GLU E 314 50.82 -19.17 -2.58
N ARG E 315 51.76 -18.50 -1.94
CA ARG E 315 51.68 -17.05 -1.63
C ARG E 315 52.77 -16.28 -2.38
N LYS E 316 52.91 -16.52 -3.67
CA LYS E 316 53.73 -15.62 -4.53
C LYS E 316 53.07 -15.65 -5.89
N GLN E 317 53.29 -14.60 -6.68
CA GLN E 317 52.53 -14.26 -7.89
C GLN E 317 52.98 -15.23 -8.99
N ILE E 318 52.09 -16.04 -9.56
CA ILE E 318 52.45 -16.96 -10.67
C ILE E 318 52.13 -16.26 -11.99
N ILE E 319 53.17 -15.73 -12.64
CA ILE E 319 53.04 -14.92 -13.88
C ILE E 319 53.39 -15.80 -15.09
N ASN E 320 52.63 -15.63 -16.17
CA ASN E 320 52.86 -16.22 -17.51
C ASN E 320 53.84 -15.30 -18.28
N LYS E 321 55.14 -15.51 -18.05
CA LYS E 321 56.26 -14.84 -18.78
C LYS E 321 56.37 -15.42 -20.20
N LEU E 322 55.93 -14.67 -21.22
CA LEU E 322 56.02 -15.04 -22.66
C LEU E 322 57.46 -14.85 -23.17
N OCS F 1 37.18 4.21 -17.47
CA OCS F 1 38.61 3.95 -17.40
CB OCS F 1 39.35 4.57 -18.58
SG OCS F 1 38.66 4.32 -20.18
C OCS F 1 39.24 4.55 -16.15
O OCS F 1 38.84 5.63 -15.75
OD1 OCS F 1 39.02 2.85 -20.36
OD2 OCS F 1 37.24 4.48 -20.11
OD3 OCS F 1 39.27 5.27 -21.05
N THR F 2 40.32 3.95 -15.64
CA THR F 2 41.09 4.53 -14.55
C THR F 2 42.58 4.25 -14.81
N ALA F 3 43.44 5.29 -14.72
CA ALA F 3 44.90 5.21 -14.90
C ALA F 3 45.56 5.71 -13.61
N ILE F 4 46.59 5.01 -13.17
CA ILE F 4 47.32 5.34 -11.92
C ILE F 4 48.82 5.22 -12.17
N THR F 5 49.60 5.82 -11.28
CA THR F 5 51.04 5.58 -11.09
C THR F 5 51.22 5.08 -9.66
N LEU F 6 52.38 4.51 -9.36
CA LEU F 6 52.75 4.09 -7.99
C LEU F 6 54.27 4.18 -7.94
N ASN F 7 54.82 4.77 -6.88
CA ASN F 7 56.28 4.78 -6.59
C ASN F 7 56.53 3.78 -5.43
N GLY F 8 57.48 2.87 -5.61
CA GLY F 8 57.84 1.89 -4.57
C GLY F 8 59.29 1.45 -4.77
N ASN F 9 59.54 0.16 -4.94
CA ASN F 9 60.92 -0.36 -5.18
C ASN F 9 61.29 -0.04 -6.62
N SER F 10 60.40 -0.28 -7.57
CA SER F 10 60.48 0.26 -8.94
C SER F 10 59.35 1.30 -9.10
N ASN F 11 59.03 1.69 -10.32
CA ASN F 11 58.04 2.76 -10.56
C ASN F 11 57.10 2.31 -11.67
N TYR F 12 55.80 2.53 -11.46
CA TYR F 12 54.74 1.87 -12.24
C TYR F 12 53.77 2.90 -12.78
N PHE F 13 53.09 2.48 -13.83
CA PHE F 13 52.04 3.24 -14.54
C PHE F 13 51.13 2.19 -15.17
N GLY F 14 49.81 2.43 -15.22
CA GLY F 14 48.90 1.43 -15.80
C GLY F 14 47.47 1.87 -15.71
N ARG F 15 46.56 1.08 -16.29
CA ARG F 15 45.16 1.51 -16.40
C ARG F 15 44.18 0.34 -16.45
N ASN F 16 42.92 0.63 -16.14
CA ASN F 16 41.79 -0.26 -16.47
C ASN F 16 41.24 0.29 -17.76
N LEU F 17 41.07 -0.55 -18.78
CA LEU F 17 40.22 -0.20 -19.93
C LEU F 17 38.81 -0.68 -19.64
N ASP F 18 37.88 0.25 -19.49
CA ASP F 18 36.45 -0.02 -19.14
C ASP F 18 35.63 0.24 -20.40
N LEU F 19 34.91 -0.78 -20.88
CA LEU F 19 34.16 -0.64 -22.16
C LEU F 19 33.15 -1.79 -22.25
N ASP F 20 32.17 -1.70 -23.15
CA ASP F 20 31.07 -2.69 -23.24
C ASP F 20 31.32 -3.75 -24.33
N PHE F 21 32.54 -3.80 -24.91
CA PHE F 21 33.06 -4.86 -25.81
C PHE F 21 34.59 -4.81 -25.83
N SER F 22 35.21 -5.87 -26.32
CA SER F 22 36.68 -5.95 -26.57
C SER F 22 36.87 -5.61 -28.04
N TYR F 23 37.94 -4.89 -28.34
CA TYR F 23 38.39 -4.66 -29.75
C TYR F 23 39.25 -5.82 -30.25
N GLY F 24 39.53 -6.81 -29.40
CA GLY F 24 40.59 -7.81 -29.63
C GLY F 24 41.96 -7.21 -29.36
N GLU F 25 42.09 -6.55 -28.21
CA GLU F 25 43.29 -5.81 -27.80
C GLU F 25 44.48 -6.75 -27.90
N GLU F 26 45.67 -6.23 -28.15
CA GLU F 26 46.88 -7.07 -28.08
C GLU F 26 48.08 -6.23 -27.62
N VAL F 27 49.08 -6.90 -27.07
CA VAL F 27 50.45 -6.33 -26.84
C VAL F 27 51.02 -5.94 -28.22
N ILE F 28 51.47 -4.71 -28.40
CA ILE F 28 52.10 -4.22 -29.64
C ILE F 28 53.45 -3.63 -29.26
N ILE F 29 54.53 -4.29 -29.69
CA ILE F 29 55.90 -3.68 -29.66
C ILE F 29 56.10 -2.93 -30.98
N THR F 30 56.43 -1.63 -30.93
CA THR F 30 56.88 -0.85 -32.11
C THR F 30 58.40 -0.67 -32.02
N PRO F 31 59.21 -1.31 -32.90
CA PRO F 31 60.66 -1.16 -32.85
C PRO F 31 61.11 0.23 -33.31
N ALA F 32 62.34 0.63 -32.96
CA ALA F 32 62.93 1.97 -33.18
C ALA F 32 62.86 2.40 -34.65
N GLU F 33 62.95 1.47 -35.60
CA GLU F 33 63.06 1.79 -37.05
C GLU F 33 61.73 1.54 -37.77
N TYR F 34 60.70 1.06 -37.08
CA TYR F 34 59.30 1.19 -37.58
C TYR F 34 59.06 2.66 -37.93
N GLU F 35 58.68 2.94 -39.17
CA GLU F 35 58.55 4.33 -39.64
C GLU F 35 57.16 4.86 -39.27
N PHE F 36 57.16 5.88 -38.42
CA PHE F 36 55.97 6.64 -37.96
C PHE F 36 55.66 7.74 -38.97
N LYS F 37 54.47 7.64 -39.53
CA LYS F 37 53.93 8.59 -40.52
C LYS F 37 52.88 9.45 -39.81
N PHE F 38 52.79 10.71 -40.20
CA PHE F 38 51.86 11.71 -39.64
C PHE F 38 51.14 12.34 -40.81
N ARG F 39 49.86 12.64 -40.63
CA ARG F 39 49.02 13.26 -41.68
C ARG F 39 49.56 14.66 -42.03
N LYS F 40 50.24 15.36 -41.12
CA LYS F 40 50.57 16.79 -41.36
C LYS F 40 51.96 17.16 -40.84
N GLU F 41 52.81 16.21 -40.54
CA GLU F 41 54.17 16.50 -40.04
C GLU F 41 55.10 15.53 -40.73
N LYS F 42 56.40 15.83 -40.75
CA LYS F 42 57.45 14.99 -41.36
C LYS F 42 57.42 13.59 -40.74
N ALA F 43 57.58 12.55 -41.58
CA ALA F 43 57.78 11.14 -41.16
C ALA F 43 58.95 11.06 -40.17
N ILE F 44 58.87 10.16 -39.20
CA ILE F 44 59.96 9.89 -38.21
C ILE F 44 60.43 8.45 -38.42
N LYS F 45 61.59 8.27 -39.07
CA LYS F 45 62.08 6.91 -39.49
C LYS F 45 62.82 6.25 -38.31
N ASN F 46 63.28 7.04 -37.35
CA ASN F 46 64.14 6.57 -36.23
C ASN F 46 63.65 7.19 -34.92
N HIS F 47 63.35 6.36 -33.93
CA HIS F 47 62.68 6.86 -32.70
C HIS F 47 62.83 5.87 -31.58
N LYS F 48 62.31 6.27 -30.42
CA LYS F 48 62.36 5.39 -29.22
C LYS F 48 61.43 4.21 -29.52
N SER F 49 61.78 3.06 -28.99
CA SER F 49 60.89 1.88 -29.10
C SER F 49 59.81 1.97 -28.00
N LEU F 50 58.67 1.35 -28.31
CA LEU F 50 57.38 1.32 -27.57
C LEU F 50 56.96 -0.12 -27.33
N ILE F 51 56.52 -0.43 -26.11
CA ILE F 51 55.57 -1.54 -25.84
C ILE F 51 54.26 -0.93 -25.31
N GLY F 52 53.14 -1.40 -25.81
CA GLY F 52 51.83 -1.05 -25.24
C GLY F 52 50.73 -1.99 -25.68
N VAL F 53 49.49 -1.57 -25.51
CA VAL F 53 48.28 -2.39 -25.75
C VAL F 53 47.42 -1.62 -26.71
N GLY F 54 46.85 -2.31 -27.68
CA GLY F 54 46.14 -1.67 -28.78
C GLY F 54 45.71 -2.69 -29.81
N ILE F 55 45.32 -2.17 -30.98
CA ILE F 55 45.07 -2.95 -32.23
C ILE F 55 45.94 -2.38 -33.34
N VAL F 56 46.32 -3.22 -34.31
CA VAL F 56 47.05 -2.81 -35.54
C VAL F 56 46.01 -2.70 -36.65
N ALA F 57 45.93 -1.56 -37.30
CA ALA F 57 45.14 -1.35 -38.53
C ALA F 57 46.08 -0.72 -39.56
N ASN F 58 46.04 -1.19 -40.80
CA ASN F 58 46.86 -0.66 -41.93
C ASN F 58 48.32 -0.67 -41.53
N ASP F 59 48.73 -1.71 -40.81
CA ASP F 59 50.09 -1.86 -40.24
C ASP F 59 50.46 -0.63 -39.41
N TYR F 60 49.50 0.00 -38.72
CA TYR F 60 49.72 1.17 -37.81
C TYR F 60 49.34 0.78 -36.38
N PRO F 61 50.22 0.98 -35.38
CA PRO F 61 49.92 0.57 -34.01
C PRO F 61 49.05 1.65 -33.33
N LEU F 62 47.76 1.34 -33.15
CA LEU F 62 46.73 2.24 -32.53
C LEU F 62 46.71 1.94 -31.04
N TYR F 63 47.58 2.60 -30.29
CA TYR F 63 47.78 2.34 -28.85
C TYR F 63 46.64 2.97 -28.02
N PHE F 64 46.12 2.17 -27.09
CA PHE F 64 45.22 2.56 -25.98
C PHE F 64 46.10 3.22 -24.92
N ASP F 65 47.20 2.54 -24.65
CA ASP F 65 48.29 3.03 -23.78
C ASP F 65 49.61 2.39 -24.24
N ALA F 66 50.73 2.88 -23.74
CA ALA F 66 52.06 2.42 -24.13
C ALA F 66 53.12 3.05 -23.23
N ILE F 67 54.28 2.41 -23.14
CA ILE F 67 55.52 3.05 -22.64
C ILE F 67 56.56 2.98 -23.74
N ASN F 68 57.67 3.72 -23.55
CA ASN F 68 58.85 3.68 -24.45
C ASN F 68 60.02 3.16 -23.64
N GLU F 69 61.13 2.93 -24.33
CA GLU F 69 62.38 2.30 -23.83
C GLU F 69 62.92 3.09 -22.64
N ASP F 70 62.57 4.38 -22.48
CA ASP F 70 63.04 5.22 -21.34
C ASP F 70 62.10 5.12 -20.11
N GLY F 71 60.99 4.40 -20.20
CA GLY F 71 60.03 4.31 -19.08
C GLY F 71 59.13 5.52 -19.00
N LEU F 72 58.89 6.19 -20.13
CA LEU F 72 57.84 7.22 -20.28
C LEU F 72 56.57 6.51 -20.75
N GLY F 73 55.50 6.69 -19.99
CA GLY F 73 54.18 6.10 -20.24
C GLY F 73 53.19 7.13 -20.70
N MET F 74 52.25 6.70 -21.54
CA MET F 74 51.11 7.55 -21.94
C MET F 74 49.86 6.68 -22.12
N ALA F 75 48.72 7.14 -21.58
CA ALA F 75 47.40 6.49 -21.69
C ALA F 75 46.36 7.50 -22.18
N GLY F 76 45.61 7.12 -23.22
CA GLY F 76 44.37 7.77 -23.69
C GLY F 76 43.19 7.21 -22.89
N LEU F 77 42.42 8.07 -22.21
CA LEU F 77 41.20 7.71 -21.47
C LEU F 77 40.05 8.51 -22.02
N ASN F 78 38.87 7.91 -21.94
CA ASN F 78 37.62 8.43 -22.50
C ASN F 78 37.27 9.78 -21.84
N PHE F 79 36.82 10.73 -22.65
CA PHE F 79 36.66 12.15 -22.24
C PHE F 79 35.55 12.71 -23.12
N PRO F 80 34.32 12.14 -23.09
CA PRO F 80 33.31 12.48 -24.10
C PRO F 80 32.85 13.93 -23.95
N GLY F 81 32.74 14.61 -25.10
CA GLY F 81 32.09 15.93 -25.24
C GLY F 81 33.00 17.07 -24.86
N ASN F 82 34.05 16.81 -24.10
CA ASN F 82 34.96 17.81 -23.48
C ASN F 82 36.21 17.92 -24.34
N ALA F 83 36.69 16.79 -24.86
CA ALA F 83 37.75 16.74 -25.90
C ALA F 83 37.30 17.60 -27.07
N TYR F 84 38.17 18.50 -27.54
CA TYR F 84 37.89 19.39 -28.68
C TYR F 84 39.12 19.39 -29.59
N TYR F 85 38.96 18.83 -30.78
CA TYR F 85 40.02 18.68 -31.81
C TYR F 85 39.87 19.87 -32.76
N SER F 86 41.00 20.46 -33.11
CA SER F 86 41.04 21.66 -33.95
C SER F 86 40.65 21.28 -35.40
N ASP F 87 39.86 22.15 -36.06
CA ASP F 87 39.39 22.00 -37.46
C ASP F 87 40.35 22.70 -38.45
N ALA F 88 41.52 23.16 -38.01
CA ALA F 88 42.46 23.93 -38.88
C ALA F 88 43.90 23.73 -38.41
N LEU F 89 44.86 23.74 -39.33
CA LEU F 89 46.29 23.72 -38.95
C LEU F 89 46.59 25.09 -38.33
N GLU F 90 47.63 25.17 -37.51
CA GLU F 90 48.20 26.44 -36.99
C GLU F 90 49.70 26.39 -37.34
N ASN F 91 50.24 27.47 -37.90
CA ASN F 91 51.58 27.51 -38.55
C ASN F 91 52.65 27.05 -37.57
N ASP F 92 52.57 27.62 -36.35
CA ASP F 92 53.61 27.63 -35.28
C ASP F 92 53.40 26.47 -34.32
N LYS F 93 52.45 25.57 -34.62
CA LYS F 93 52.23 24.37 -33.77
C LYS F 93 52.65 23.14 -34.57
N ASP F 94 52.89 22.02 -33.89
CA ASP F 94 52.96 20.69 -34.53
C ASP F 94 51.53 20.14 -34.67
N ASN F 95 51.11 19.79 -35.90
CA ASN F 95 49.72 19.39 -36.24
C ASN F 95 49.62 17.88 -36.24
N ILE F 96 49.05 17.35 -35.16
CA ILE F 96 49.10 15.91 -34.77
C ILE F 96 47.65 15.46 -34.53
N THR F 97 47.27 14.27 -35.01
CA THR F 97 45.92 13.69 -34.76
C THR F 97 45.98 12.97 -33.43
N PRO F 98 44.83 12.71 -32.77
CA PRO F 98 44.83 12.00 -31.50
C PRO F 98 45.46 10.61 -31.53
N PHE F 99 45.22 9.83 -32.59
CA PHE F 99 45.80 8.46 -32.73
C PHE F 99 47.31 8.53 -32.99
N GLU F 100 47.82 9.68 -33.46
CA GLU F 100 49.29 9.97 -33.62
C GLU F 100 49.92 10.38 -32.28
N PHE F 101 49.14 10.91 -31.35
CA PHE F 101 49.63 11.66 -30.15
C PHE F 101 50.59 10.77 -29.37
N ILE F 102 50.28 9.49 -29.18
CA ILE F 102 51.14 8.60 -28.33
C ILE F 102 52.46 8.33 -29.06
N PRO F 103 52.44 7.95 -30.35
CA PRO F 103 53.71 7.85 -31.12
C PRO F 103 54.52 9.15 -31.10
N TRP F 104 53.86 10.28 -31.40
CA TRP F 104 54.46 11.65 -31.41
C TRP F 104 55.22 11.92 -30.09
N ILE F 105 54.60 11.63 -28.94
CA ILE F 105 55.23 11.91 -27.62
C ILE F 105 56.23 10.81 -27.29
N LEU F 106 55.78 9.56 -27.27
CA LEU F 106 56.60 8.45 -26.72
C LEU F 106 57.77 8.18 -27.67
N GLY F 107 57.59 8.46 -28.96
CA GLY F 107 58.66 8.29 -29.96
C GLY F 107 59.84 9.20 -29.68
N GLN F 108 59.58 10.45 -29.27
CA GLN F 108 60.60 11.53 -29.24
C GLN F 108 61.01 11.91 -27.84
N CYS F 109 60.28 11.54 -26.78
CA CYS F 109 60.47 12.13 -25.43
C CYS F 109 60.95 11.08 -24.46
N SER F 110 61.83 11.44 -23.54
CA SER F 110 62.43 10.47 -22.60
C SER F 110 61.73 10.56 -21.24
N ASP F 111 61.04 11.68 -20.98
CA ASP F 111 60.48 12.02 -19.66
C ASP F 111 59.38 13.09 -19.79
N VAL F 112 58.77 13.44 -18.65
CA VAL F 112 57.54 14.25 -18.59
C VAL F 112 57.87 15.67 -19.04
N ASN F 113 59.01 16.19 -18.61
CA ASN F 113 59.44 17.58 -18.94
C ASN F 113 59.47 17.73 -20.47
N GLU F 114 60.07 16.77 -21.17
CA GLU F 114 60.18 16.79 -22.66
C GLU F 114 58.76 16.70 -23.22
N ALA F 115 57.91 15.85 -22.66
CA ALA F 115 56.53 15.67 -23.18
C ALA F 115 55.79 17.01 -23.04
N ARG F 116 55.98 17.68 -21.92
CA ARG F 116 55.32 18.97 -21.68
C ARG F 116 55.79 19.96 -22.76
N ASN F 117 57.09 19.97 -23.08
CA ASN F 117 57.65 20.94 -24.07
C ASN F 117 56.94 20.75 -25.39
N LEU F 118 56.75 19.50 -25.80
CA LEU F 118 56.09 19.15 -27.08
C LEU F 118 54.62 19.51 -27.02
N VAL F 119 53.93 19.23 -25.91
CA VAL F 119 52.45 19.43 -25.81
C VAL F 119 52.19 20.92 -25.83
N GLU F 120 53.09 21.73 -25.25
CA GLU F 120 52.96 23.21 -25.24
C GLU F 120 53.05 23.78 -26.66
N LYS F 121 53.52 23.04 -27.66
CA LYS F 121 53.41 23.53 -29.07
C LYS F 121 52.54 22.62 -29.93
N ILE F 122 51.64 21.83 -29.34
CA ILE F 122 50.81 20.86 -30.11
C ILE F 122 49.51 21.51 -30.55
N ASN F 123 48.99 21.07 -31.69
CA ASN F 123 47.63 21.37 -32.17
C ASN F 123 47.01 20.03 -32.55
N LEU F 124 46.11 19.51 -31.70
CA LEU F 124 45.47 18.19 -31.97
C LEU F 124 44.40 18.47 -33.01
N ILE F 125 44.52 17.84 -34.19
CA ILE F 125 43.67 18.16 -35.36
C ILE F 125 42.59 17.09 -35.54
N ASN F 126 41.42 17.55 -35.94
CA ASN F 126 40.17 16.75 -36.01
C ASN F 126 40.22 15.88 -37.28
N LEU F 127 41.07 14.85 -37.29
CA LEU F 127 41.30 13.98 -38.46
C LEU F 127 41.22 12.52 -38.02
N SER F 128 40.21 11.76 -38.47
CA SER F 128 40.01 10.33 -38.09
C SER F 128 41.03 9.42 -38.76
N PHE F 129 41.37 8.31 -38.12
CA PHE F 129 42.23 7.22 -38.68
C PHE F 129 41.58 6.59 -39.91
N SER F 130 40.27 6.28 -39.85
CA SER F 130 39.49 5.65 -40.95
C SER F 130 37.99 5.72 -40.64
N GLU F 131 37.18 5.38 -41.65
CA GLU F 131 35.69 5.39 -41.58
C GLU F 131 35.23 4.38 -40.54
N GLN F 132 35.97 3.28 -40.39
CA GLN F 132 35.70 2.13 -39.45
C GLN F 132 36.06 2.50 -38.00
N LEU F 133 37.01 3.41 -37.79
CA LEU F 133 37.54 3.74 -36.44
C LEU F 133 37.56 5.25 -36.32
N PRO F 134 36.41 5.91 -36.02
CA PRO F 134 36.34 7.37 -35.99
C PRO F 134 36.92 7.91 -34.67
N LEU F 135 37.13 9.22 -34.57
CA LEU F 135 37.71 9.88 -33.36
C LEU F 135 36.66 9.85 -32.24
N ALA F 136 37.05 9.39 -31.05
CA ALA F 136 36.30 9.59 -29.79
C ALA F 136 37.15 10.48 -28.88
N GLY F 137 36.50 11.38 -28.17
CA GLY F 137 37.15 12.34 -27.27
C GLY F 137 37.96 11.62 -26.21
N LEU F 138 39.25 11.93 -26.12
CA LEU F 138 40.13 11.41 -25.05
C LEU F 138 40.76 12.56 -24.27
N HIS F 139 41.25 12.26 -23.08
CA HIS F 139 42.27 13.06 -22.35
C HIS F 139 43.39 12.07 -21.98
N TRP F 140 44.53 12.57 -21.52
CA TRP F 140 45.75 11.75 -21.42
C TRP F 140 46.43 11.94 -20.08
N LEU F 141 46.91 10.82 -19.52
CA LEU F 141 47.93 10.80 -18.45
C LEU F 141 49.26 10.47 -19.13
N ILE F 142 50.26 11.32 -18.90
CA ILE F 142 51.68 11.09 -19.28
C ILE F 142 52.47 10.96 -17.98
N ALA F 143 53.22 9.87 -17.81
CA ALA F 143 53.93 9.61 -16.54
C ALA F 143 55.33 9.05 -16.80
N ASP F 144 56.33 9.44 -16.01
CA ASP F 144 57.64 8.74 -15.94
C ASP F 144 57.79 8.26 -14.51
N ARG F 145 58.97 7.77 -14.12
CA ARG F 145 59.22 7.19 -12.77
C ARG F 145 59.11 8.29 -11.70
N GLU F 146 58.99 9.57 -12.06
CA GLU F 146 59.12 10.70 -11.07
C GLU F 146 57.77 11.39 -10.88
N LYS F 147 57.01 11.59 -11.95
CA LYS F 147 55.80 12.44 -11.88
C LYS F 147 54.90 12.24 -13.10
N SER F 148 53.75 12.90 -13.09
CA SER F 148 52.75 12.69 -14.15
C SER F 148 52.05 14.01 -14.44
N ILE F 149 51.63 14.18 -15.69
CA ILE F 149 50.84 15.35 -16.13
C ILE F 149 49.56 14.82 -16.78
N VAL F 150 48.54 15.67 -16.76
CA VAL F 150 47.27 15.38 -17.44
C VAL F 150 47.19 16.35 -18.59
N VAL F 151 46.84 15.85 -19.78
CA VAL F 151 46.58 16.72 -20.93
C VAL F 151 45.09 16.61 -21.27
N GLU F 152 44.43 17.76 -21.30
CA GLU F 152 43.02 17.87 -21.70
C GLU F 152 42.94 18.96 -22.75
N VAL F 153 42.57 18.59 -23.96
CA VAL F 153 42.41 19.59 -25.06
C VAL F 153 40.92 19.83 -25.20
N THR F 154 40.48 21.05 -24.90
CA THR F 154 39.05 21.42 -24.83
C THR F 154 38.85 22.71 -25.62
N LYS F 155 37.60 23.13 -25.75
CA LYS F 155 37.19 24.39 -26.43
C LYS F 155 38.07 25.55 -25.92
N SER F 156 38.50 25.52 -24.65
CA SER F 156 39.23 26.64 -24.00
C SER F 156 40.74 26.52 -24.23
N GLY F 157 41.21 25.45 -24.87
CA GLY F 157 42.62 25.33 -25.32
C GLY F 157 43.28 24.04 -24.87
N VAL F 158 44.62 24.04 -24.88
CA VAL F 158 45.46 22.86 -24.55
C VAL F 158 45.85 22.98 -23.08
N HIS F 159 45.19 22.24 -22.20
CA HIS F 159 45.45 22.35 -20.74
C HIS F 159 46.39 21.22 -20.33
N ILE F 160 47.46 21.60 -19.63
CA ILE F 160 48.43 20.65 -19.06
C ILE F 160 48.37 20.87 -17.55
N TYR F 161 48.12 19.83 -16.76
CA TYR F 161 48.07 19.90 -15.27
C TYR F 161 49.13 18.97 -14.70
N ASP F 162 49.87 19.41 -13.69
CA ASP F 162 50.69 18.52 -12.86
C ASP F 162 49.70 17.62 -12.13
N ASN F 163 49.98 16.33 -12.07
CA ASN F 163 49.11 15.37 -11.37
C ASN F 163 49.79 15.03 -10.05
N PRO F 164 49.38 15.65 -8.94
CA PRO F 164 50.05 15.44 -7.67
C PRO F 164 49.74 14.08 -7.07
N ILE F 165 48.74 13.35 -7.59
CA ILE F 165 48.32 12.07 -6.95
C ILE F 165 48.51 10.86 -7.88
N GLY F 166 48.70 11.09 -9.19
CA GLY F 166 48.93 10.02 -10.18
C GLY F 166 47.67 9.20 -10.43
N ILE F 167 46.56 9.89 -10.67
CA ILE F 167 45.20 9.30 -10.83
C ILE F 167 44.56 10.02 -11.99
N LEU F 168 43.84 9.30 -12.87
CA LEU F 168 42.94 9.91 -13.90
C LEU F 168 41.78 8.94 -14.17
N THR F 169 40.58 9.44 -14.42
CA THR F 169 39.42 8.62 -14.87
C THR F 169 38.88 9.29 -16.10
N ASN F 170 37.59 9.62 -16.12
CA ASN F 170 36.92 10.25 -17.28
C ASN F 170 36.53 11.69 -16.95
N ASN F 171 35.35 12.14 -17.38
CA ASN F 171 34.78 13.44 -16.97
C ASN F 171 34.50 13.45 -15.46
N PRO F 172 34.47 14.63 -14.80
CA PRO F 172 34.76 15.90 -15.46
C PRO F 172 36.27 16.21 -15.55
N GLU F 173 36.56 17.43 -15.98
CA GLU F 173 37.92 18.01 -16.18
C GLU F 173 38.71 17.87 -14.90
N PHE F 174 40.03 17.91 -15.03
CA PHE F 174 40.97 17.52 -13.96
C PHE F 174 40.76 18.46 -12.76
N ASN F 175 40.52 19.75 -12.98
CA ASN F 175 40.42 20.69 -11.82
C ASN F 175 39.20 20.32 -11.00
N TYR F 176 38.11 19.90 -11.65
CA TYR F 176 36.88 19.45 -10.96
C TYR F 176 37.15 18.16 -10.18
N GLN F 177 37.83 17.18 -10.78
CA GLN F 177 38.16 15.89 -10.12
C GLN F 177 38.94 16.20 -8.86
N MET F 178 40.01 17.00 -8.96
CA MET F 178 40.84 17.35 -7.80
C MET F 178 39.99 18.12 -6.77
N TYR F 179 39.22 19.12 -7.20
CA TYR F 179 38.42 19.93 -6.23
C TYR F 179 37.50 18.97 -5.45
N ASN F 180 36.99 17.95 -6.15
CA ASN F 180 35.96 17.04 -5.59
C ASN F 180 36.55 16.25 -4.41
N LEU F 181 37.85 15.92 -4.42
CA LEU F 181 38.52 15.24 -3.26
C LEU F 181 38.32 16.01 -1.96
N ASN F 182 38.13 17.33 -2.02
CA ASN F 182 38.24 18.21 -0.81
C ASN F 182 37.20 17.81 0.23
N LYS F 183 35.99 17.42 -0.21
CA LYS F 183 34.87 17.11 0.72
C LYS F 183 35.08 15.76 1.41
N TYR F 184 36.09 14.96 1.01
CA TYR F 184 36.43 13.64 1.60
C TYR F 184 37.59 13.75 2.60
N ARG F 185 37.93 14.92 3.11
CA ARG F 185 39.15 15.07 3.97
C ARG F 185 38.98 14.28 5.27
N ASN F 186 37.74 14.03 5.69
CA ASN F 186 37.39 13.40 6.99
C ASN F 186 37.55 11.86 6.93
N LEU F 187 37.64 11.26 5.74
CA LEU F 187 37.78 9.79 5.59
C LEU F 187 39.08 9.39 6.25
N SER F 188 39.11 8.14 6.74
CA SER F 188 40.26 7.61 7.52
C SER F 188 40.43 6.10 7.27
N ILE F 189 41.67 5.66 7.37
CA ILE F 189 42.07 4.21 7.36
C ILE F 189 41.85 3.60 8.75
N SER F 190 41.62 4.42 9.77
CA SER F 190 41.43 4.02 11.20
C SER F 190 40.07 4.44 11.71
N THR F 191 39.61 3.75 12.77
CA THR F 191 38.33 4.01 13.47
C THR F 191 38.37 5.44 14.02
N PRO F 192 37.47 6.37 13.62
CA PRO F 192 37.56 7.71 14.17
C PRO F 192 37.09 7.71 15.62
N GLN F 193 37.50 8.75 16.32
CA GLN F 193 36.91 9.18 17.60
C GLN F 193 35.44 9.54 17.32
N ASN F 194 34.61 9.42 18.32
CA ASN F 194 33.25 9.98 18.34
C ASN F 194 33.37 11.51 18.46
N THR F 195 33.37 12.22 17.33
CA THR F 195 33.24 13.69 17.28
C THR F 195 31.76 14.09 17.13
N PHE F 196 30.87 13.14 16.88
CA PHE F 196 29.43 13.41 16.66
C PHE F 196 28.84 14.10 17.89
N SER F 197 28.99 13.49 19.08
CA SER F 197 28.71 14.13 20.39
C SER F 197 29.24 13.22 21.49
N ASP F 198 29.95 13.73 22.49
CA ASP F 198 30.31 12.82 23.61
C ASP F 198 29.08 12.64 24.51
N SER F 199 27.93 13.22 24.18
CA SER F 199 26.69 13.04 24.98
C SER F 199 26.01 11.73 24.61
N VAL F 200 26.44 11.02 23.57
CA VAL F 200 25.83 9.71 23.22
C VAL F 200 26.97 8.69 23.09
N ASP F 201 26.76 7.51 23.64
CA ASP F 201 27.80 6.45 23.66
C ASP F 201 27.71 5.67 22.35
N LEU F 202 28.30 6.19 21.28
CA LEU F 202 28.31 5.52 19.96
C LEU F 202 29.26 4.31 20.03
N LYS F 203 28.83 3.15 19.56
CA LYS F 203 29.64 1.91 19.57
C LYS F 203 30.16 1.60 18.18
N VAL F 204 31.31 0.94 18.16
CA VAL F 204 31.99 0.39 16.97
C VAL F 204 31.97 -1.14 17.11
N ASP F 205 31.26 -1.86 16.23
CA ASP F 205 31.15 -3.36 16.22
C ASP F 205 31.93 -3.96 15.04
N GLY F 206 32.71 -3.16 14.32
CA GLY F 206 33.47 -3.63 13.16
C GLY F 206 34.70 -2.78 12.89
N THR F 207 35.57 -3.28 12.04
CA THR F 207 36.71 -2.53 11.45
C THR F 207 36.17 -1.75 10.25
N GLY F 208 36.92 -0.77 9.73
CA GLY F 208 36.62 -0.08 8.46
C GLY F 208 35.71 1.16 8.61
N PHE F 209 35.32 1.55 9.83
CA PHE F 209 34.39 2.69 10.05
C PHE F 209 35.05 3.97 9.53
N GLY F 210 36.37 4.07 9.54
CA GLY F 210 37.01 5.31 9.07
C GLY F 210 36.68 5.65 7.61
N GLY F 211 36.44 4.65 6.75
CA GLY F 211 36.15 4.92 5.32
C GLY F 211 34.72 5.30 5.05
N ILE F 212 33.83 5.27 6.03
CA ILE F 212 32.37 5.53 5.79
C ILE F 212 32.24 6.93 5.16
N GLY F 213 31.63 6.99 3.98
CA GLY F 213 31.47 8.18 3.11
C GLY F 213 32.19 7.97 1.79
N LEU F 214 33.12 7.01 1.69
CA LEU F 214 33.85 6.70 0.44
C LEU F 214 32.81 6.18 -0.54
N PRO F 215 32.73 6.71 -1.78
CA PRO F 215 31.72 6.23 -2.74
C PRO F 215 32.20 4.91 -3.38
N GLY F 216 31.24 4.00 -3.64
CA GLY F 216 31.46 2.63 -4.09
C GLY F 216 30.97 2.34 -5.51
N ASP F 217 30.40 3.33 -6.17
CA ASP F 217 29.80 3.15 -7.52
C ASP F 217 30.91 3.31 -8.56
N VAL F 218 30.55 3.14 -9.84
CA VAL F 218 31.50 3.10 -10.97
C VAL F 218 31.34 4.33 -11.85
N SER F 219 30.70 5.41 -11.35
CA SER F 219 30.78 6.72 -12.03
C SER F 219 32.27 7.13 -12.07
N PRO F 220 32.71 7.88 -13.08
CA PRO F 220 34.10 8.33 -13.12
C PRO F 220 34.56 9.15 -11.91
N GLU F 221 33.71 10.01 -11.35
CA GLU F 221 34.10 10.79 -10.13
C GLU F 221 34.26 9.85 -8.94
N SER F 222 33.34 8.91 -8.71
CA SER F 222 33.44 8.00 -7.55
C SER F 222 34.70 7.13 -7.68
N ARG F 223 35.05 6.69 -8.90
CA ARG F 223 36.27 5.87 -9.16
C ARG F 223 37.50 6.77 -8.92
N PHE F 224 37.39 8.05 -9.25
CA PHE F 224 38.53 8.97 -9.05
C PHE F 224 38.84 9.01 -7.56
N VAL F 225 37.81 9.22 -6.73
CA VAL F 225 37.95 9.41 -5.27
C VAL F 225 38.44 8.07 -4.68
N ARG F 226 37.84 6.98 -5.10
CA ARG F 226 38.09 5.63 -4.50
C ARG F 226 39.48 5.16 -4.89
N ALA F 227 39.90 5.35 -6.13
CA ALA F 227 41.27 4.98 -6.59
C ALA F 227 42.32 5.79 -5.84
N THR F 228 42.04 7.08 -5.61
CA THR F 228 42.96 8.01 -4.91
C THR F 228 43.12 7.57 -3.47
N PHE F 229 42.02 7.27 -2.78
CA PHE F 229 42.06 6.85 -1.38
C PHE F 229 42.84 5.53 -1.27
N SER F 230 42.54 4.61 -2.20
CA SER F 230 43.13 3.24 -2.22
C SER F 230 44.62 3.33 -2.55
N LYS F 231 45.00 4.17 -3.51
CA LYS F 231 46.42 4.24 -3.93
C LYS F 231 47.26 4.94 -2.86
N LEU F 232 46.83 6.10 -2.39
CA LEU F 232 47.69 6.93 -1.49
C LEU F 232 47.87 6.21 -0.17
N ASN F 233 46.87 5.43 0.27
CA ASN F 233 46.98 4.72 1.56
C ASN F 233 47.49 3.28 1.40
N SER F 234 47.82 2.81 0.19
CA SER F 234 48.21 1.38 0.01
C SER F 234 49.57 1.13 0.66
N SER F 235 49.72 0.05 1.40
CA SER F 235 50.99 -0.31 2.09
C SER F 235 52.12 -0.37 1.06
N LYS F 236 53.31 0.08 1.44
CA LYS F 236 54.55 -0.06 0.63
C LYS F 236 54.96 -1.53 0.61
N GLY F 237 55.28 -2.08 -0.56
CA GLY F 237 55.85 -3.45 -0.72
C GLY F 237 57.36 -3.51 -0.44
N MET F 238 57.89 -4.68 -0.04
CA MET F 238 59.36 -4.92 0.17
C MET F 238 60.07 -5.22 -1.15
N THR F 239 59.39 -5.78 -2.15
CA THR F 239 59.98 -6.17 -3.46
C THR F 239 59.12 -5.60 -4.57
N VAL F 240 59.59 -5.71 -5.81
CA VAL F 240 58.90 -5.21 -7.03
C VAL F 240 57.64 -6.05 -7.27
N GLU F 241 57.71 -7.35 -6.93
CA GLU F 241 56.57 -8.28 -7.04
C GLU F 241 55.46 -7.85 -6.07
N GLU F 242 55.80 -7.52 -4.82
CA GLU F 242 54.81 -7.03 -3.84
C GLU F 242 54.18 -5.73 -4.40
N ASP F 243 54.95 -4.88 -5.06
CA ASP F 243 54.46 -3.64 -5.71
C ASP F 243 53.48 -3.98 -6.83
N ILE F 244 53.83 -4.93 -7.71
CA ILE F 244 53.00 -5.26 -8.92
C ILE F 244 51.65 -5.83 -8.45
N THR F 245 51.71 -6.77 -7.51
CA THR F 245 50.58 -7.41 -6.81
C THR F 245 49.69 -6.30 -6.25
N GLN F 246 50.26 -5.40 -5.43
CA GLN F 246 49.55 -4.24 -4.84
C GLN F 246 48.93 -3.38 -5.93
N PHE F 247 49.64 -3.11 -7.01
CA PHE F 247 49.15 -2.31 -8.15
C PHE F 247 47.83 -2.90 -8.69
N PHE F 248 47.77 -4.20 -8.94
CA PHE F 248 46.54 -4.86 -9.52
C PHE F 248 45.42 -4.78 -8.48
N HIS F 249 45.75 -4.97 -7.20
CA HIS F 249 44.78 -4.80 -6.07
C HIS F 249 44.16 -3.40 -6.14
N ILE F 250 44.96 -2.37 -6.33
CA ILE F 250 44.48 -0.96 -6.37
C ILE F 250 43.49 -0.84 -7.52
N LEU F 251 43.87 -1.24 -8.73
CA LEU F 251 43.00 -1.16 -9.92
C LEU F 251 41.72 -1.96 -9.69
N GLY F 252 41.81 -3.03 -8.89
CA GLY F 252 40.64 -3.87 -8.60
C GLY F 252 39.60 -3.06 -7.84
N THR F 253 40.04 -2.08 -7.01
CA THR F 253 39.09 -1.35 -6.11
C THR F 253 38.11 -0.58 -6.99
N VAL F 254 38.48 -0.30 -8.25
CA VAL F 254 37.65 0.55 -9.16
C VAL F 254 37.34 -0.20 -10.44
N GLU F 255 37.46 -1.52 -10.43
CA GLU F 255 37.18 -2.34 -11.63
C GLU F 255 35.66 -2.40 -11.77
N GLN F 256 35.18 -2.52 -13.01
CA GLN F 256 33.75 -2.65 -13.37
C GLN F 256 33.46 -4.10 -13.72
N ILE F 257 32.60 -4.77 -12.95
CA ILE F 257 32.12 -6.14 -13.27
C ILE F 257 30.91 -6.01 -14.20
N LYS F 258 30.71 -7.01 -15.06
CA LYS F 258 29.55 -7.06 -15.98
C LYS F 258 28.26 -7.10 -15.15
N GLY F 259 27.29 -6.25 -15.49
CA GLY F 259 25.93 -6.22 -14.90
C GLY F 259 25.67 -4.99 -14.05
N VAL F 260 26.71 -4.31 -13.52
CA VAL F 260 26.51 -3.19 -12.55
C VAL F 260 26.40 -1.84 -13.28
N ASN F 261 26.85 -1.74 -14.54
CA ASN F 261 26.87 -0.46 -15.27
C ASN F 261 26.39 -0.68 -16.69
N LYS F 262 25.15 -0.28 -16.97
CA LYS F 262 24.51 -0.53 -18.27
C LYS F 262 24.46 0.78 -19.04
N THR F 263 25.10 0.81 -20.21
CA THR F 263 25.22 1.98 -21.12
C THR F 263 23.87 2.30 -21.75
N GLU F 264 23.80 3.39 -22.52
CA GLU F 264 22.51 3.86 -23.08
C GLU F 264 22.04 2.88 -24.17
N SER F 265 22.99 2.20 -24.84
CA SER F 265 22.77 1.13 -25.85
C SER F 265 22.27 -0.19 -25.23
N GLY F 266 22.25 -0.27 -23.89
CA GLY F 266 21.89 -1.50 -23.15
C GLY F 266 23.07 -2.45 -22.94
N LYS F 267 24.29 -2.09 -23.37
CA LYS F 267 25.46 -3.01 -23.23
C LYS F 267 26.06 -2.83 -21.83
N GLU F 268 26.78 -3.84 -21.34
CA GLU F 268 27.35 -3.88 -19.98
C GLU F 268 28.80 -3.38 -20.06
N GLU F 269 29.11 -2.24 -19.41
CA GLU F 269 30.49 -1.70 -19.27
C GLU F 269 31.24 -2.61 -18.29
N TYR F 270 32.44 -3.07 -18.67
CA TYR F 270 33.29 -3.85 -17.75
C TYR F 270 34.76 -3.51 -17.97
N THR F 271 35.63 -3.98 -17.08
CA THR F 271 37.10 -3.76 -17.15
C THR F 271 37.67 -4.83 -18.08
N VAL F 272 37.77 -4.49 -19.36
CA VAL F 272 38.21 -5.39 -20.45
C VAL F 272 39.60 -5.88 -20.13
N TYR F 273 40.50 -4.97 -19.72
CA TYR F 273 41.83 -5.37 -19.18
C TYR F 273 42.32 -4.35 -18.16
N SER F 274 43.24 -4.82 -17.31
CA SER F 274 44.04 -4.03 -16.35
C SER F 274 45.50 -4.26 -16.72
N ASN F 275 46.35 -3.21 -16.79
CA ASN F 275 47.82 -3.41 -16.88
C ASN F 275 48.61 -2.55 -15.88
N CYS F 276 49.84 -2.98 -15.68
CA CYS F 276 50.86 -2.36 -14.84
C CYS F 276 52.18 -2.42 -15.62
N TYR F 277 52.70 -1.27 -16.03
CA TYR F 277 54.03 -1.16 -16.69
C TYR F 277 55.04 -0.86 -15.61
N ASP F 278 56.04 -1.73 -15.47
CA ASP F 278 57.21 -1.45 -14.60
C ASP F 278 58.09 -0.50 -15.43
N LEU F 279 58.17 0.78 -15.07
CA LEU F 279 58.79 1.78 -15.98
C LEU F 279 60.32 1.61 -15.98
N ASP F 280 60.93 1.31 -14.85
CA ASP F 280 62.40 1.12 -14.72
C ASP F 280 62.85 -0.15 -15.48
N ASN F 281 62.05 -1.22 -15.54
CA ASN F 281 62.41 -2.49 -16.24
C ASN F 281 61.70 -2.56 -17.59
N LYS F 282 60.98 -1.52 -17.95
CA LYS F 282 60.28 -1.45 -19.25
C LYS F 282 59.52 -2.77 -19.50
N THR F 283 58.85 -3.36 -18.48
CA THR F 283 58.03 -4.58 -18.66
C THR F 283 56.53 -4.24 -18.55
N LEU F 284 55.72 -4.76 -19.48
CA LEU F 284 54.23 -4.71 -19.41
C LEU F 284 53.69 -5.98 -18.76
N TYR F 285 52.94 -5.82 -17.68
CA TYR F 285 52.06 -6.82 -17.01
C TYR F 285 50.60 -6.47 -17.26
N TYR F 286 49.77 -7.49 -17.53
CA TYR F 286 48.32 -7.30 -17.74
C TYR F 286 47.51 -8.52 -17.31
N THR F 287 46.23 -8.25 -17.03
CA THR F 287 45.11 -9.20 -16.80
C THR F 287 43.97 -8.81 -17.75
N THR F 288 43.06 -9.75 -18.01
CA THR F 288 41.84 -9.52 -18.82
C THR F 288 40.66 -9.85 -17.92
N TYR F 289 39.46 -9.44 -18.31
CA TYR F 289 38.25 -9.77 -17.52
C TYR F 289 38.17 -11.30 -17.40
N GLU F 290 38.52 -11.98 -18.48
CA GLU F 290 38.33 -13.45 -18.65
C GLU F 290 39.47 -14.24 -17.99
N ASN F 291 40.62 -13.61 -17.78
CA ASN F 291 41.81 -14.34 -17.28
C ASN F 291 42.50 -13.56 -16.16
N ARG F 292 42.57 -14.17 -14.99
CA ARG F 292 43.03 -13.55 -13.74
C ARG F 292 44.54 -13.63 -13.66
N GLN F 293 45.14 -14.54 -14.41
CA GLN F 293 46.59 -14.76 -14.33
C GLN F 293 47.31 -13.58 -14.99
N ILE F 294 48.29 -12.99 -14.30
CA ILE F 294 49.07 -11.86 -14.86
C ILE F 294 49.95 -12.44 -15.97
N VAL F 295 49.95 -11.80 -17.16
CA VAL F 295 50.88 -12.05 -18.32
C VAL F 295 51.96 -10.96 -18.32
N ALA F 296 53.24 -11.31 -18.53
CA ALA F 296 54.39 -10.37 -18.56
C ALA F 296 55.11 -10.41 -19.92
N VAL F 297 55.33 -9.24 -20.51
CA VAL F 297 56.13 -9.02 -21.75
C VAL F 297 57.11 -7.85 -21.54
N THR F 298 58.42 -8.12 -21.63
CA THR F 298 59.51 -7.10 -21.54
C THR F 298 59.77 -6.56 -22.93
N LEU F 299 59.99 -5.24 -23.05
CA LEU F 299 60.51 -4.55 -24.27
C LEU F 299 62.04 -4.58 -24.20
N ASN F 300 62.73 -5.36 -25.05
CA ASN F 300 64.18 -5.62 -24.87
C ASN F 300 64.97 -4.73 -25.85
N GLY F 305 64.70 -3.67 -35.73
CA GLY F 305 63.69 -4.10 -36.72
C GLY F 305 62.90 -2.91 -37.21
N ASN F 306 62.10 -3.09 -38.27
CA ASN F 306 61.13 -2.09 -38.78
C ASN F 306 59.72 -2.70 -38.83
N ARG F 307 59.48 -3.79 -38.10
CA ARG F 307 58.18 -4.51 -38.12
C ARG F 307 57.65 -4.66 -36.68
N LEU F 308 56.32 -4.50 -36.54
CA LEU F 308 55.57 -4.59 -35.25
C LEU F 308 55.53 -6.03 -34.81
N VAL F 309 55.94 -6.32 -33.58
CA VAL F 309 55.80 -7.66 -32.93
C VAL F 309 54.53 -7.61 -32.04
N THR F 310 53.45 -8.30 -32.43
CA THR F 310 52.16 -8.32 -31.66
C THR F 310 51.92 -9.69 -31.03
N TYR F 311 51.16 -9.73 -29.93
CA TYR F 311 50.78 -10.93 -29.14
C TYR F 311 49.33 -10.84 -28.67
N PRO F 312 48.37 -11.55 -29.28
CA PRO F 312 46.97 -11.45 -28.87
C PRO F 312 46.75 -11.72 -27.37
N PHE F 313 45.68 -11.13 -26.82
CA PHE F 313 45.27 -11.29 -25.41
C PHE F 313 44.54 -12.63 -25.27
N GLU F 314 44.83 -13.42 -24.23
CA GLU F 314 44.05 -14.62 -23.84
C GLU F 314 42.78 -14.20 -23.09
N ARG F 315 41.61 -14.66 -23.55
CA ARG F 315 40.27 -14.39 -22.95
C ARG F 315 39.69 -15.69 -22.39
N LYS F 316 40.54 -16.60 -21.94
CA LYS F 316 40.19 -17.89 -21.29
C LYS F 316 40.85 -17.90 -19.92
N GLN F 317 40.10 -18.29 -18.89
CA GLN F 317 40.63 -18.35 -17.50
C GLN F 317 41.72 -19.44 -17.42
N ILE F 318 42.97 -19.07 -17.10
CA ILE F 318 44.12 -20.02 -17.00
C ILE F 318 44.24 -20.49 -15.55
N ILE F 319 43.61 -21.64 -15.26
CA ILE F 319 43.48 -22.21 -13.89
C ILE F 319 44.64 -23.19 -13.66
N ASN F 320 45.22 -23.14 -12.47
CA ASN F 320 46.23 -24.10 -11.99
C ASN F 320 45.46 -25.28 -11.38
N LYS F 321 45.33 -26.38 -12.12
CA LYS F 321 44.67 -27.63 -11.65
C LYS F 321 45.67 -28.53 -10.92
N LEU F 322 45.45 -28.87 -9.64
CA LEU F 322 46.27 -29.83 -8.85
C LEU F 322 45.76 -31.27 -9.02
N OCS G 1 -23.99 -32.60 -6.87
CA OCS G 1 -23.27 -32.37 -5.58
CB OCS G 1 -24.12 -32.68 -4.34
SG OCS G 1 -25.69 -31.83 -4.18
C OCS G 1 -22.07 -33.31 -5.48
O OCS G 1 -22.16 -34.46 -5.89
OD1 OCS G 1 -26.53 -32.44 -5.19
OD2 OCS G 1 -26.10 -32.11 -2.84
OD3 OCS G 1 -25.48 -30.36 -4.52
N THR G 2 -20.97 -32.83 -4.87
CA THR G 2 -19.87 -33.74 -4.56
C THR G 2 -19.37 -33.36 -3.17
N ALA G 3 -19.24 -34.31 -2.26
CA ALA G 3 -18.62 -34.09 -0.95
C ALA G 3 -17.31 -34.84 -0.94
N ILE G 4 -16.25 -34.28 -0.35
CA ILE G 4 -14.97 -35.01 -0.16
C ILE G 4 -14.45 -34.80 1.25
N THR G 5 -13.53 -35.68 1.65
CA THR G 5 -12.62 -35.50 2.83
C THR G 5 -11.19 -35.35 2.26
N LEU G 6 -10.27 -34.86 3.10
CA LEU G 6 -8.83 -34.80 2.76
C LEU G 6 -8.07 -34.86 4.07
N ASN G 7 -7.09 -35.74 4.13
CA ASN G 7 -6.16 -35.83 5.29
C ASN G 7 -4.78 -35.34 4.88
N GLY G 8 -4.30 -34.23 5.43
CA GLY G 8 -2.93 -33.73 5.22
C GLY G 8 -2.34 -33.18 6.52
N ASN G 9 -1.96 -31.90 6.54
CA ASN G 9 -1.39 -31.25 7.74
C ASN G 9 -2.50 -31.13 8.82
N SER G 10 -3.67 -30.64 8.45
CA SER G 10 -4.92 -30.71 9.26
C SER G 10 -5.84 -31.72 8.54
N ASN G 11 -7.14 -31.73 8.83
CA ASN G 11 -8.07 -32.71 8.22
C ASN G 11 -9.33 -31.99 7.82
N TYR G 12 -9.83 -32.32 6.65
CA TYR G 12 -10.79 -31.46 5.94
C TYR G 12 -12.03 -32.25 5.53
N PHE G 13 -13.10 -31.51 5.23
CA PHE G 13 -14.42 -32.04 4.80
C PHE G 13 -15.10 -30.90 4.06
N GLY G 14 -15.81 -31.15 2.96
CA GLY G 14 -16.41 -30.03 2.21
C GLY G 14 -17.13 -30.52 0.99
N ARG G 15 -17.77 -29.62 0.20
CA ARG G 15 -18.63 -30.08 -0.92
C ARG G 15 -18.90 -28.94 -1.89
N ASN G 16 -19.21 -29.32 -3.13
CA ASN G 16 -19.91 -28.45 -4.09
C ASN G 16 -21.42 -28.62 -3.83
N LEU G 17 -22.15 -27.54 -3.91
CA LEU G 17 -23.63 -27.56 -3.95
C LEU G 17 -24.03 -27.28 -5.38
N ASP G 18 -24.55 -28.30 -6.05
CA ASP G 18 -24.88 -28.19 -7.49
C ASP G 18 -26.42 -28.04 -7.58
N LEU G 19 -26.89 -26.94 -8.16
CA LEU G 19 -28.33 -26.55 -8.20
C LEU G 19 -28.55 -25.60 -9.36
N ASP G 20 -29.81 -25.42 -9.77
CA ASP G 20 -30.14 -24.62 -10.96
C ASP G 20 -30.60 -23.23 -10.52
N PHE G 21 -30.46 -22.90 -9.23
CA PHE G 21 -30.71 -21.54 -8.62
C PHE G 21 -30.05 -21.48 -7.22
N SER G 22 -30.01 -20.29 -6.62
CA SER G 22 -29.47 -20.00 -5.25
C SER G 22 -30.63 -19.79 -4.28
N TYR G 23 -30.57 -20.42 -3.11
CA TYR G 23 -31.54 -20.20 -2.00
C TYR G 23 -31.25 -18.90 -1.23
N GLY G 24 -30.21 -18.14 -1.60
CA GLY G 24 -29.69 -17.05 -0.76
C GLY G 24 -28.88 -17.65 0.38
N GLU G 25 -27.94 -18.53 0.03
CA GLU G 25 -27.14 -19.32 1.00
C GLU G 25 -26.45 -18.33 1.95
N GLU G 26 -26.18 -18.76 3.18
CA GLU G 26 -25.39 -17.93 4.10
C GLU G 26 -24.68 -18.81 5.12
N VAL G 27 -23.62 -18.25 5.70
CA VAL G 27 -22.97 -18.86 6.88
C VAL G 27 -23.99 -18.79 8.01
N ILE G 28 -24.12 -19.87 8.76
CA ILE G 28 -24.98 -19.93 9.96
C ILE G 28 -24.13 -20.50 11.10
N ILE G 29 -23.95 -19.75 12.18
CA ILE G 29 -23.42 -20.32 13.46
C ILE G 29 -24.64 -20.53 14.37
N THR G 30 -24.82 -21.78 14.81
CA THR G 30 -25.80 -22.18 15.84
C THR G 30 -25.06 -22.35 17.17
N PRO G 31 -25.23 -21.40 18.12
CA PRO G 31 -24.52 -21.46 19.41
C PRO G 31 -25.09 -22.63 20.24
N ALA G 32 -24.34 -23.10 21.23
CA ALA G 32 -24.67 -24.25 22.13
C ALA G 32 -26.00 -24.05 22.86
N GLU G 33 -26.49 -22.81 23.01
CA GLU G 33 -27.71 -22.51 23.81
C GLU G 33 -28.85 -21.99 22.92
N TYR G 34 -28.75 -22.09 21.57
CA TYR G 34 -29.94 -22.08 20.67
C TYR G 34 -30.69 -23.38 20.95
N GLU G 35 -32.01 -23.28 21.21
CA GLU G 35 -32.87 -24.44 21.55
C GLU G 35 -33.22 -25.17 20.25
N PHE G 36 -32.76 -26.40 20.08
CA PHE G 36 -33.14 -27.27 18.93
C PHE G 36 -34.51 -27.91 19.18
N LYS G 37 -35.53 -27.42 18.46
CA LYS G 37 -36.94 -27.92 18.44
C LYS G 37 -37.05 -29.02 17.37
N PHE G 38 -37.82 -30.06 17.68
CA PHE G 38 -38.02 -31.29 16.87
C PHE G 38 -39.52 -31.55 16.77
N ARG G 39 -39.97 -32.14 15.66
CA ARG G 39 -41.42 -32.34 15.40
C ARG G 39 -41.94 -33.45 16.33
N LYS G 40 -41.13 -34.47 16.61
CA LYS G 40 -41.60 -35.69 17.33
C LYS G 40 -40.62 -36.13 18.40
N GLU G 41 -39.67 -35.28 18.84
CA GLU G 41 -38.73 -35.63 19.92
C GLU G 41 -38.56 -34.46 20.89
N LYS G 42 -38.02 -34.71 22.09
CA LYS G 42 -37.76 -33.66 23.10
C LYS G 42 -36.78 -32.62 22.53
N ALA G 43 -37.06 -31.33 22.74
CA ALA G 43 -36.13 -30.21 22.42
C ALA G 43 -34.76 -30.44 23.11
N ILE G 44 -33.71 -29.88 22.51
CA ILE G 44 -32.35 -29.78 23.11
C ILE G 44 -32.02 -28.31 23.26
N LYS G 45 -31.90 -27.88 24.53
CA LYS G 45 -31.55 -26.52 25.02
C LYS G 45 -30.02 -26.36 25.04
N ASN G 46 -29.30 -27.41 25.50
CA ASN G 46 -27.82 -27.43 25.60
C ASN G 46 -27.22 -28.55 24.72
N HIS G 47 -26.35 -28.18 23.77
CA HIS G 47 -25.68 -29.09 22.79
C HIS G 47 -24.43 -28.43 22.21
N LYS G 48 -23.64 -29.21 21.46
CA LYS G 48 -22.41 -28.76 20.75
C LYS G 48 -22.77 -27.68 19.73
N SER G 49 -21.96 -26.62 19.64
CA SER G 49 -22.17 -25.52 18.65
C SER G 49 -21.84 -26.06 17.26
N LEU G 50 -22.37 -25.37 16.25
CA LEU G 50 -22.23 -25.73 14.82
C LEU G 50 -21.87 -24.48 14.02
N ILE G 51 -21.05 -24.68 13.00
CA ILE G 51 -20.88 -23.70 11.90
C ILE G 51 -21.20 -24.45 10.60
N GLY G 52 -21.94 -23.81 9.69
CA GLY G 52 -22.19 -24.43 8.38
C GLY G 52 -22.84 -23.49 7.39
N VAL G 53 -23.38 -24.09 6.34
CA VAL G 53 -23.99 -23.29 5.26
C VAL G 53 -25.45 -23.73 5.16
N GLY G 54 -26.34 -22.76 5.00
CA GLY G 54 -27.76 -23.07 4.80
C GLY G 54 -28.56 -21.82 4.58
N ILE G 55 -29.84 -21.91 4.94
CA ILE G 55 -30.76 -20.75 5.06
C ILE G 55 -31.36 -20.80 6.46
N VAL G 56 -31.78 -19.64 7.00
CA VAL G 56 -32.69 -19.54 8.18
C VAL G 56 -34.14 -19.36 7.68
N ALA G 57 -35.06 -20.18 8.15
CA ALA G 57 -36.52 -19.96 7.93
C ALA G 57 -37.23 -20.30 9.24
N ASN G 58 -38.26 -19.53 9.61
CA ASN G 58 -38.96 -19.69 10.92
C ASN G 58 -37.90 -19.81 12.03
N ASP G 59 -36.90 -18.93 11.98
CA ASP G 59 -35.80 -18.84 12.97
C ASP G 59 -35.19 -20.24 13.22
N TYR G 60 -35.09 -21.10 12.19
CA TYR G 60 -34.52 -22.47 12.31
C TYR G 60 -33.36 -22.58 11.33
N PRO G 61 -32.21 -23.18 11.74
CA PRO G 61 -31.05 -23.35 10.85
C PRO G 61 -31.19 -24.54 9.87
N LEU G 62 -31.57 -24.27 8.62
CA LEU G 62 -31.73 -25.35 7.58
C LEU G 62 -30.36 -25.53 6.89
N TYR G 63 -29.53 -26.42 7.45
CA TYR G 63 -28.13 -26.69 7.00
C TYR G 63 -28.12 -27.53 5.73
N PHE G 64 -27.47 -27.02 4.69
CA PHE G 64 -27.04 -27.83 3.53
C PHE G 64 -25.92 -28.75 3.97
N ASP G 65 -24.98 -28.19 4.74
CA ASP G 65 -23.84 -28.92 5.36
C ASP G 65 -23.35 -28.11 6.57
N ALA G 66 -22.68 -28.77 7.52
CA ALA G 66 -22.12 -28.10 8.71
C ALA G 66 -21.06 -28.99 9.37
N ILE G 67 -20.33 -28.39 10.31
CA ILE G 67 -19.48 -29.12 11.29
C ILE G 67 -19.86 -28.56 12.66
N ASN G 68 -19.47 -29.29 13.71
CA ASN G 68 -19.66 -28.88 15.13
C ASN G 68 -18.29 -28.54 15.76
N GLU G 69 -18.31 -28.14 17.03
CA GLU G 69 -17.14 -27.69 17.83
C GLU G 69 -16.14 -28.84 18.01
N ASP G 70 -16.50 -30.11 17.77
CA ASP G 70 -15.51 -31.22 17.81
C ASP G 70 -14.94 -31.54 16.41
N GLY G 71 -15.28 -30.78 15.38
CA GLY G 71 -14.77 -31.13 14.03
C GLY G 71 -15.32 -32.45 13.54
N LEU G 72 -16.61 -32.69 13.82
CA LEU G 72 -17.45 -33.75 13.20
C LEU G 72 -18.32 -33.05 12.16
N GLY G 73 -18.23 -33.55 10.93
CA GLY G 73 -18.90 -32.97 9.75
C GLY G 73 -20.02 -33.84 9.26
N MET G 74 -20.96 -33.22 8.57
CA MET G 74 -22.13 -33.90 7.97
C MET G 74 -22.70 -33.00 6.88
N ALA G 75 -22.92 -33.59 5.71
CA ALA G 75 -23.46 -32.90 4.51
C ALA G 75 -24.62 -33.75 3.99
N GLY G 76 -25.63 -33.08 3.48
CA GLY G 76 -26.75 -33.70 2.79
C GLY G 76 -26.59 -33.41 1.32
N LEU G 77 -26.65 -34.47 0.52
CA LEU G 77 -26.48 -34.40 -0.95
C LEU G 77 -27.70 -35.04 -1.62
N ASN G 78 -28.12 -34.49 -2.75
CA ASN G 78 -29.26 -35.00 -3.55
C ASN G 78 -29.17 -36.52 -3.76
N PHE G 79 -30.28 -37.21 -3.53
CA PHE G 79 -30.42 -38.68 -3.63
C PHE G 79 -31.84 -38.98 -4.12
N PRO G 80 -32.22 -38.46 -5.31
CA PRO G 80 -33.60 -38.46 -5.78
C PRO G 80 -34.14 -39.86 -6.09
N GLY G 81 -35.39 -40.10 -5.67
CA GLY G 81 -36.08 -41.40 -5.78
C GLY G 81 -35.57 -42.44 -4.80
N ASN G 82 -34.28 -42.47 -4.47
CA ASN G 82 -33.74 -43.59 -3.65
C ASN G 82 -34.01 -43.37 -2.16
N ALA G 83 -34.15 -42.12 -1.73
CA ALA G 83 -34.34 -41.76 -0.30
C ALA G 83 -35.73 -42.24 0.11
N TYR G 84 -35.83 -42.92 1.24
CA TYR G 84 -37.13 -43.39 1.79
C TYR G 84 -37.35 -42.79 3.18
N TYR G 85 -38.28 -41.84 3.25
CA TYR G 85 -38.73 -41.21 4.51
C TYR G 85 -40.01 -41.95 4.95
N SER G 86 -39.99 -42.44 6.20
CA SER G 86 -41.03 -43.29 6.80
C SER G 86 -42.28 -42.45 7.09
N ASP G 87 -43.47 -43.05 6.93
CA ASP G 87 -44.77 -42.39 7.21
C ASP G 87 -45.22 -42.70 8.64
N ALA G 88 -44.65 -43.72 9.28
CA ALA G 88 -45.06 -44.16 10.63
C ALA G 88 -43.99 -43.76 11.66
N LEU G 89 -44.43 -43.39 12.86
CA LEU G 89 -43.55 -43.22 14.04
C LEU G 89 -43.14 -44.60 14.53
N GLU G 90 -42.08 -44.67 15.34
CA GLU G 90 -41.44 -45.91 15.86
C GLU G 90 -40.89 -45.54 17.25
N ASN G 91 -41.50 -46.12 18.29
CA ASN G 91 -41.31 -45.76 19.73
C ASN G 91 -39.91 -46.19 20.19
N ASP G 92 -39.36 -47.31 19.68
CA ASP G 92 -37.97 -47.78 19.99
C ASP G 92 -36.90 -47.08 19.11
N LYS G 93 -37.25 -46.00 18.40
CA LYS G 93 -36.32 -45.17 17.57
C LYS G 93 -36.49 -43.70 17.94
N ASP G 94 -35.58 -42.86 17.45
CA ASP G 94 -35.76 -41.38 17.44
C ASP G 94 -36.42 -41.00 16.10
N ASN G 95 -37.56 -40.33 16.17
CA ASN G 95 -38.38 -39.89 15.01
C ASN G 95 -37.99 -38.44 14.65
N ILE G 96 -37.22 -38.34 13.55
CA ILE G 96 -36.38 -37.16 13.20
C ILE G 96 -36.66 -36.82 11.73
N THR G 97 -36.96 -35.57 11.44
CA THR G 97 -37.14 -35.11 10.04
C THR G 97 -35.77 -35.08 9.34
N PRO G 98 -35.71 -35.28 8.00
CA PRO G 98 -34.44 -35.08 7.29
C PRO G 98 -33.83 -33.70 7.64
N PHE G 99 -34.62 -32.63 7.69
CA PHE G 99 -34.13 -31.26 7.97
C PHE G 99 -33.70 -31.12 9.44
N GLU G 100 -34.00 -32.08 10.31
CA GLU G 100 -33.60 -32.06 11.73
C GLU G 100 -32.34 -32.89 11.86
N PHE G 101 -32.01 -33.66 10.83
CA PHE G 101 -31.04 -34.77 10.93
C PHE G 101 -29.63 -34.25 11.25
N ILE G 102 -29.15 -33.23 10.55
CA ILE G 102 -27.82 -32.61 10.82
C ILE G 102 -27.78 -32.10 12.27
N PRO G 103 -28.69 -31.17 12.70
CA PRO G 103 -28.73 -30.72 14.10
C PRO G 103 -28.69 -31.89 15.09
N TRP G 104 -29.48 -32.92 14.80
CA TRP G 104 -29.63 -34.14 15.64
C TRP G 104 -28.27 -34.83 15.82
N ILE G 105 -27.48 -34.98 14.75
CA ILE G 105 -26.22 -35.78 14.82
C ILE G 105 -25.11 -34.85 15.32
N LEU G 106 -24.97 -33.67 14.73
CA LEU G 106 -23.80 -32.78 15.01
C LEU G 106 -23.99 -32.12 16.38
N GLY G 107 -25.25 -31.93 16.80
CA GLY G 107 -25.64 -31.51 18.15
C GLY G 107 -25.07 -32.38 19.26
N GLN G 108 -24.96 -33.71 19.09
CA GLN G 108 -24.82 -34.67 20.22
C GLN G 108 -23.60 -35.57 20.07
N CYS G 109 -22.98 -35.60 18.90
CA CYS G 109 -21.93 -36.59 18.54
C CYS G 109 -20.56 -35.90 18.37
N SER G 110 -19.52 -36.54 18.90
CA SER G 110 -18.17 -35.93 18.95
C SER G 110 -17.35 -36.45 17.75
N ASP G 111 -17.65 -37.66 17.26
CA ASP G 111 -16.85 -38.38 16.25
C ASP G 111 -17.75 -39.35 15.46
N VAL G 112 -17.17 -40.10 14.52
CA VAL G 112 -17.90 -40.93 13.52
C VAL G 112 -18.60 -42.10 14.22
N ASN G 113 -17.93 -42.80 15.14
CA ASN G 113 -18.52 -43.95 15.88
C ASN G 113 -19.79 -43.54 16.62
N GLU G 114 -19.77 -42.36 17.25
CA GLU G 114 -20.93 -41.84 18.02
C GLU G 114 -22.05 -41.44 17.07
N ALA G 115 -21.72 -40.97 15.86
CA ALA G 115 -22.76 -40.60 14.87
C ALA G 115 -23.38 -41.89 14.37
N ARG G 116 -22.56 -42.95 14.24
CA ARG G 116 -22.97 -44.28 13.74
C ARG G 116 -24.06 -44.83 14.69
N ASN G 117 -23.71 -44.88 15.97
CA ASN G 117 -24.58 -45.38 17.08
C ASN G 117 -25.90 -44.62 17.09
N LEU G 118 -25.88 -43.30 17.02
CA LEU G 118 -27.14 -42.52 17.03
C LEU G 118 -27.93 -42.80 15.75
N VAL G 119 -27.28 -42.86 14.59
CA VAL G 119 -27.95 -43.11 13.26
C VAL G 119 -28.60 -44.49 13.30
N GLU G 120 -27.92 -45.47 13.89
CA GLU G 120 -28.47 -46.85 14.02
C GLU G 120 -29.86 -46.82 14.69
N LYS G 121 -30.12 -45.88 15.59
CA LYS G 121 -31.37 -45.81 16.41
C LYS G 121 -32.38 -44.88 15.72
N ILE G 122 -32.21 -44.55 14.43
CA ILE G 122 -32.98 -43.42 13.82
C ILE G 122 -34.20 -43.93 13.01
N ASN G 123 -35.26 -43.13 12.98
CA ASN G 123 -36.35 -43.30 11.98
C ASN G 123 -36.60 -41.94 11.32
N LEU G 124 -36.22 -41.81 10.04
CA LEU G 124 -36.39 -40.56 9.28
C LEU G 124 -37.84 -40.46 8.80
N ILE G 125 -38.57 -39.48 9.35
CA ILE G 125 -40.04 -39.36 9.19
C ILE G 125 -40.31 -38.36 8.07
N ASN G 126 -41.43 -38.57 7.37
CA ASN G 126 -41.78 -37.90 6.10
C ASN G 126 -42.53 -36.57 6.39
N LEU G 127 -42.05 -35.73 7.33
CA LEU G 127 -42.68 -34.41 7.63
C LEU G 127 -41.88 -33.27 7.01
N SER G 128 -42.52 -32.41 6.22
CA SER G 128 -41.89 -31.24 5.55
C SER G 128 -41.69 -30.09 6.55
N PHE G 129 -40.65 -29.29 6.35
CA PHE G 129 -40.42 -28.07 7.15
C PHE G 129 -41.68 -27.17 7.09
N SER G 130 -42.21 -26.97 5.88
CA SER G 130 -43.31 -26.04 5.51
C SER G 130 -43.76 -26.33 4.08
N GLU G 131 -44.87 -25.72 3.62
CA GLU G 131 -45.42 -25.88 2.25
C GLU G 131 -44.46 -25.25 1.23
N GLN G 132 -43.79 -24.15 1.60
CA GLN G 132 -42.74 -23.46 0.80
C GLN G 132 -41.47 -24.33 0.69
N LEU G 133 -41.19 -25.24 1.64
CA LEU G 133 -39.89 -25.98 1.69
C LEU G 133 -40.14 -27.48 1.88
N PRO G 134 -40.62 -28.13 0.80
CA PRO G 134 -41.02 -29.53 0.88
C PRO G 134 -39.79 -30.47 0.88
N LEU G 135 -39.98 -31.70 1.34
CA LEU G 135 -38.90 -32.71 1.37
C LEU G 135 -38.35 -33.01 -0.03
N ALA G 136 -37.03 -33.25 -0.09
CA ALA G 136 -36.34 -33.78 -1.27
C ALA G 136 -35.40 -34.89 -0.79
N GLY G 137 -35.23 -35.91 -1.62
CA GLY G 137 -34.44 -37.10 -1.29
C GLY G 137 -33.00 -36.67 -1.09
N LEU G 138 -32.39 -37.11 -0.01
CA LEU G 138 -31.01 -36.76 0.37
C LEU G 138 -30.31 -38.04 0.82
N HIS G 139 -28.99 -38.15 0.63
CA HIS G 139 -28.12 -39.06 1.43
C HIS G 139 -27.01 -38.21 2.08
N TRP G 140 -26.25 -38.78 3.01
CA TRP G 140 -25.35 -38.03 3.93
C TRP G 140 -23.95 -38.65 3.96
N LEU G 141 -22.95 -37.76 3.94
CA LEU G 141 -21.56 -38.06 4.34
C LEU G 141 -21.36 -37.46 5.74
N ILE G 142 -20.94 -38.31 6.66
CA ILE G 142 -20.53 -37.95 8.03
C ILE G 142 -19.05 -38.27 8.12
N ALA G 143 -18.21 -37.25 8.29
CA ALA G 143 -16.75 -37.36 8.40
C ALA G 143 -16.25 -36.72 9.69
N ASP G 144 -15.28 -37.35 10.36
CA ASP G 144 -14.43 -36.64 11.35
C ASP G 144 -13.01 -36.59 10.79
N ARG G 145 -11.99 -36.39 11.62
CA ARG G 145 -10.59 -36.17 11.16
C ARG G 145 -9.93 -37.50 10.77
N GLU G 146 -10.56 -38.63 11.09
CA GLU G 146 -9.97 -39.98 10.89
C GLU G 146 -10.70 -40.71 9.75
N LYS G 147 -12.02 -40.55 9.62
CA LYS G 147 -12.77 -41.36 8.64
C LYS G 147 -14.14 -40.77 8.37
N SER G 148 -14.81 -41.39 7.39
CA SER G 148 -16.16 -40.98 6.93
C SER G 148 -17.05 -42.22 6.77
N ILE G 149 -18.36 -42.01 6.92
CA ILE G 149 -19.39 -43.04 6.64
C ILE G 149 -20.42 -42.36 5.76
N VAL G 150 -21.15 -43.18 5.02
CA VAL G 150 -22.28 -42.78 4.14
C VAL G 150 -23.57 -43.29 4.80
N VAL G 151 -24.56 -42.41 4.93
CA VAL G 151 -25.89 -42.84 5.42
C VAL G 151 -26.80 -42.76 4.22
N GLU G 152 -27.35 -43.91 3.83
CA GLU G 152 -28.40 -43.95 2.78
C GLU G 152 -29.61 -44.67 3.37
N VAL G 153 -30.68 -43.91 3.63
CA VAL G 153 -31.95 -44.46 4.16
C VAL G 153 -32.86 -44.71 2.94
N THR G 154 -33.05 -46.01 2.62
CA THR G 154 -33.85 -46.49 1.46
C THR G 154 -35.02 -47.38 1.92
N LYS G 155 -35.86 -47.79 0.96
CA LYS G 155 -37.02 -48.71 1.18
C LYS G 155 -36.58 -50.01 1.88
N SER G 156 -35.31 -50.42 1.78
CA SER G 156 -34.77 -51.65 2.43
C SER G 156 -34.06 -51.28 3.74
N GLY G 157 -34.14 -50.03 4.19
CA GLY G 157 -33.74 -49.67 5.56
C GLY G 157 -32.62 -48.61 5.62
N VAL G 158 -32.07 -48.44 6.83
CA VAL G 158 -31.01 -47.46 7.18
C VAL G 158 -29.64 -48.08 6.88
N HIS G 159 -29.02 -47.75 5.74
CA HIS G 159 -27.68 -48.29 5.36
C HIS G 159 -26.56 -47.31 5.75
N ILE G 160 -25.57 -47.83 6.49
CA ILE G 160 -24.30 -47.15 6.87
C ILE G 160 -23.08 -47.88 6.27
N TYR G 161 -22.35 -47.22 5.38
CA TYR G 161 -21.09 -47.75 4.79
C TYR G 161 -19.90 -46.97 5.34
N ASP G 162 -18.82 -47.67 5.66
CA ASP G 162 -17.46 -47.08 5.73
C ASP G 162 -17.11 -46.55 4.34
N ASN G 163 -16.75 -45.28 4.25
CA ASN G 163 -16.34 -44.65 2.98
C ASN G 163 -14.81 -44.69 2.94
N PRO G 164 -14.19 -45.67 2.25
CA PRO G 164 -12.75 -45.83 2.29
C PRO G 164 -12.02 -44.76 1.46
N ILE G 165 -12.71 -43.99 0.64
CA ILE G 165 -12.02 -43.01 -0.23
C ILE G 165 -12.43 -41.58 0.12
N GLY G 166 -13.37 -41.39 1.05
CA GLY G 166 -13.92 -40.05 1.40
C GLY G 166 -14.46 -39.29 0.19
N ILE G 167 -15.36 -39.89 -0.60
CA ILE G 167 -16.05 -39.30 -1.79
C ILE G 167 -17.56 -39.62 -1.72
N LEU G 168 -18.44 -38.65 -1.98
CA LEU G 168 -19.88 -38.93 -2.24
C LEU G 168 -20.41 -37.94 -3.27
N THR G 169 -21.26 -38.41 -4.18
CA THR G 169 -22.03 -37.58 -5.13
C THR G 169 -23.51 -37.87 -4.91
N ASN G 170 -24.23 -38.26 -5.97
CA ASN G 170 -25.71 -38.46 -5.89
C ASN G 170 -26.01 -39.93 -6.14
N ASN G 171 -26.99 -40.24 -6.98
CA ASN G 171 -27.32 -41.62 -7.40
C ASN G 171 -26.16 -42.08 -8.27
N PRO G 172 -25.83 -43.38 -8.33
CA PRO G 172 -26.52 -44.43 -7.57
C PRO G 172 -26.05 -44.63 -6.12
N GLU G 173 -26.62 -45.64 -5.48
CA GLU G 173 -26.33 -46.10 -4.10
C GLU G 173 -24.84 -46.46 -4.02
N PHE G 174 -24.29 -46.44 -2.83
CA PHE G 174 -22.84 -46.29 -2.58
C PHE G 174 -22.11 -47.51 -3.11
N ASN G 175 -22.67 -48.69 -2.90
CA ASN G 175 -22.03 -49.96 -3.35
C ASN G 175 -21.88 -49.92 -4.87
N TYR G 176 -22.84 -49.32 -5.57
CA TYR G 176 -22.79 -49.22 -7.06
C TYR G 176 -21.70 -48.22 -7.44
N GLN G 177 -21.59 -47.09 -6.76
CA GLN G 177 -20.55 -46.07 -7.05
C GLN G 177 -19.18 -46.72 -6.84
N MET G 178 -19.00 -47.43 -5.74
CA MET G 178 -17.69 -48.07 -5.39
C MET G 178 -17.36 -49.14 -6.44
N TYR G 179 -18.30 -50.03 -6.78
CA TYR G 179 -18.07 -51.10 -7.78
C TYR G 179 -17.67 -50.44 -9.10
N ASN G 180 -18.24 -49.29 -9.44
CA ASN G 180 -18.06 -48.62 -10.75
C ASN G 180 -16.58 -48.20 -10.94
N LEU G 181 -15.81 -47.96 -9.87
CA LEU G 181 -14.37 -47.57 -9.93
C LEU G 181 -13.55 -48.70 -10.54
N ASN G 182 -13.97 -49.94 -10.35
CA ASN G 182 -13.11 -51.10 -10.68
C ASN G 182 -12.69 -51.04 -12.14
N LYS G 183 -13.57 -50.56 -13.05
CA LYS G 183 -13.32 -50.56 -14.52
C LYS G 183 -12.29 -49.48 -14.90
N TYR G 184 -11.93 -48.59 -13.98
CA TYR G 184 -10.94 -47.51 -14.20
C TYR G 184 -9.51 -47.89 -13.70
N ARG G 185 -9.24 -49.16 -13.37
CA ARG G 185 -7.99 -49.56 -12.65
C ARG G 185 -6.76 -49.21 -13.50
N ASN G 186 -6.92 -49.16 -14.83
CA ASN G 186 -5.81 -48.98 -15.82
C ASN G 186 -5.39 -47.49 -15.94
N LEU G 187 -6.20 -46.56 -15.42
CA LEU G 187 -5.90 -45.11 -15.48
C LEU G 187 -4.60 -44.85 -14.73
N SER G 188 -3.91 -43.81 -15.15
CA SER G 188 -2.58 -43.54 -14.55
C SER G 188 -2.31 -42.05 -14.51
N ILE G 189 -1.46 -41.62 -13.60
CA ILE G 189 -0.98 -40.21 -13.52
C ILE G 189 0.21 -40.04 -14.47
N SER G 190 0.79 -41.10 -15.04
CA SER G 190 1.98 -40.96 -15.92
C SER G 190 1.75 -41.66 -17.26
N THR G 191 2.51 -41.28 -18.29
CA THR G 191 2.42 -41.85 -19.65
C THR G 191 2.55 -43.36 -19.55
N PRO G 192 1.56 -44.17 -20.00
CA PRO G 192 1.72 -45.63 -20.01
C PRO G 192 2.71 -46.12 -21.08
N GLN G 193 3.27 -47.30 -20.86
CA GLN G 193 3.98 -48.07 -21.92
C GLN G 193 2.92 -48.52 -22.93
N ASN G 194 3.33 -48.74 -24.18
CA ASN G 194 2.52 -49.36 -25.27
C ASN G 194 2.29 -50.84 -24.96
N THR G 195 1.15 -51.16 -24.37
CA THR G 195 0.69 -52.55 -24.14
C THR G 195 -0.27 -52.98 -25.25
N PHE G 196 -0.63 -52.08 -26.16
CA PHE G 196 -1.66 -52.32 -27.21
C PHE G 196 -1.12 -53.45 -28.10
N SER G 197 0.13 -53.32 -28.50
CA SER G 197 0.85 -54.34 -29.29
C SER G 197 2.33 -53.99 -29.46
N ASP G 198 3.22 -54.99 -29.42
CA ASP G 198 4.66 -54.74 -29.71
C ASP G 198 4.87 -54.57 -31.22
N SER G 199 3.84 -54.64 -32.06
CA SER G 199 3.97 -54.67 -33.55
C SER G 199 3.57 -53.33 -34.15
N VAL G 200 3.20 -52.34 -33.34
CA VAL G 200 2.94 -50.99 -33.87
C VAL G 200 3.65 -49.95 -32.99
N ASP G 201 4.24 -48.97 -33.65
CA ASP G 201 5.02 -47.89 -33.00
C ASP G 201 4.07 -46.72 -32.69
N LEU G 202 3.29 -46.87 -31.62
CA LEU G 202 2.38 -45.82 -31.10
C LEU G 202 3.23 -44.74 -30.45
N LYS G 203 2.92 -43.49 -30.76
CA LYS G 203 3.72 -42.31 -30.34
C LYS G 203 2.89 -41.49 -29.36
N VAL G 204 3.59 -40.86 -28.45
CA VAL G 204 3.05 -39.96 -27.40
C VAL G 204 3.56 -38.55 -27.75
N ASP G 205 2.67 -37.59 -28.05
CA ASP G 205 3.04 -36.20 -28.50
C ASP G 205 2.65 -35.20 -27.41
N GLY G 206 2.37 -35.65 -26.17
CA GLY G 206 1.96 -34.75 -25.08
C GLY G 206 1.94 -35.47 -23.75
N THR G 207 1.79 -34.72 -22.66
CA THR G 207 1.60 -35.27 -21.30
C THR G 207 0.12 -35.62 -21.06
N GLY G 208 -0.11 -36.39 -20.01
CA GLY G 208 -1.45 -36.72 -19.49
C GLY G 208 -2.09 -37.90 -20.21
N PHE G 209 -1.36 -38.66 -21.02
CA PHE G 209 -2.00 -39.78 -21.77
C PHE G 209 -2.48 -40.83 -20.76
N GLY G 210 -1.89 -40.88 -19.56
CA GLY G 210 -2.24 -41.89 -18.53
C GLY G 210 -3.69 -41.78 -18.13
N GLY G 211 -4.26 -40.58 -18.16
CA GLY G 211 -5.65 -40.38 -17.68
C GLY G 211 -6.70 -40.77 -18.71
N ILE G 212 -6.32 -41.06 -19.96
CA ILE G 212 -7.31 -41.31 -21.05
C ILE G 212 -8.26 -42.44 -20.61
N GLY G 213 -9.58 -42.22 -20.72
CA GLY G 213 -10.64 -43.07 -20.14
C GLY G 213 -11.33 -42.45 -18.92
N LEU G 214 -10.71 -41.46 -18.29
CA LEU G 214 -11.35 -40.73 -17.15
C LEU G 214 -12.55 -39.98 -17.73
N PRO G 215 -13.75 -40.14 -17.14
CA PRO G 215 -14.92 -39.40 -17.63
C PRO G 215 -14.88 -37.93 -17.21
N GLY G 216 -15.28 -37.07 -18.15
CA GLY G 216 -15.22 -35.60 -18.02
C GLY G 216 -16.58 -34.94 -17.85
N ASP G 217 -17.67 -35.68 -17.96
CA ASP G 217 -19.04 -35.09 -17.86
C ASP G 217 -19.40 -34.81 -16.39
N VAL G 218 -20.56 -34.19 -16.15
CA VAL G 218 -20.98 -33.85 -14.77
C VAL G 218 -22.17 -34.69 -14.32
N SER G 219 -22.39 -35.86 -14.92
CA SER G 219 -23.28 -36.88 -14.33
C SER G 219 -22.71 -37.23 -12.95
N PRO G 220 -23.54 -37.68 -11.99
CA PRO G 220 -23.04 -38.03 -10.67
C PRO G 220 -22.03 -39.19 -10.63
N GLU G 221 -22.14 -40.19 -11.50
CA GLU G 221 -21.18 -41.31 -11.54
C GLU G 221 -19.84 -40.81 -12.07
N SER G 222 -19.85 -40.02 -13.15
CA SER G 222 -18.60 -39.46 -13.74
C SER G 222 -17.87 -38.56 -12.72
N ARG G 223 -18.62 -37.73 -12.00
CA ARG G 223 -18.04 -36.85 -10.96
C ARG G 223 -17.50 -37.74 -9.82
N PHE G 224 -18.13 -38.86 -9.50
CA PHE G 224 -17.68 -39.74 -8.39
C PHE G 224 -16.30 -40.26 -8.77
N VAL G 225 -16.16 -40.73 -10.00
CA VAL G 225 -14.90 -41.34 -10.51
C VAL G 225 -13.83 -40.25 -10.58
N ARG G 226 -14.15 -39.09 -11.14
CA ARG G 226 -13.16 -38.03 -11.42
C ARG G 226 -12.72 -37.42 -10.08
N ALA G 227 -13.63 -37.28 -9.11
CA ALA G 227 -13.32 -36.68 -7.80
C ALA G 227 -12.42 -37.67 -7.03
N THR G 228 -12.68 -38.97 -7.17
CA THR G 228 -11.87 -40.04 -6.56
C THR G 228 -10.42 -40.01 -7.10
N PHE G 229 -10.25 -40.06 -8.42
CA PHE G 229 -8.94 -39.98 -9.14
C PHE G 229 -8.17 -38.72 -8.74
N SER G 230 -8.82 -37.58 -8.85
CA SER G 230 -8.22 -36.27 -8.55
C SER G 230 -7.74 -36.27 -7.09
N LYS G 231 -8.62 -36.69 -6.19
CA LYS G 231 -8.34 -36.64 -4.74
C LYS G 231 -7.21 -37.61 -4.37
N LEU G 232 -7.30 -38.87 -4.77
CA LEU G 232 -6.40 -39.93 -4.26
C LEU G 232 -4.99 -39.68 -4.81
N ASN G 233 -4.88 -38.99 -5.94
CA ASN G 233 -3.57 -38.74 -6.58
C ASN G 233 -3.05 -37.33 -6.24
N SER G 234 -3.82 -36.47 -5.55
CA SER G 234 -3.42 -35.05 -5.44
C SER G 234 -2.14 -34.98 -4.58
N SER G 235 -1.17 -34.15 -4.94
CA SER G 235 0.09 -34.03 -4.15
C SER G 235 -0.20 -33.51 -2.73
N LYS G 236 0.57 -34.02 -1.77
CA LYS G 236 0.58 -33.57 -0.35
C LYS G 236 0.97 -32.10 -0.32
N GLY G 237 0.31 -31.30 0.54
CA GLY G 237 0.68 -29.90 0.81
C GLY G 237 1.75 -29.84 1.89
N MET G 238 2.57 -28.80 1.94
CA MET G 238 3.54 -28.64 3.05
C MET G 238 2.91 -27.88 4.22
N THR G 239 1.83 -27.12 3.99
CA THR G 239 1.08 -26.36 5.05
C THR G 239 -0.44 -26.54 4.91
N VAL G 240 -1.14 -26.12 5.95
CA VAL G 240 -2.62 -26.12 6.00
C VAL G 240 -3.11 -25.28 4.83
N GLU G 241 -2.46 -24.14 4.57
CA GLU G 241 -2.84 -23.21 3.48
C GLU G 241 -2.81 -23.96 2.15
N GLU G 242 -1.70 -24.66 1.88
CA GLU G 242 -1.50 -25.45 0.64
C GLU G 242 -2.58 -26.56 0.57
N ASP G 243 -2.91 -27.21 1.68
CA ASP G 243 -3.97 -28.25 1.73
C ASP G 243 -5.31 -27.64 1.28
N ILE G 244 -5.68 -26.47 1.78
CA ILE G 244 -6.99 -25.81 1.45
C ILE G 244 -6.98 -25.40 -0.02
N THR G 245 -5.82 -24.90 -0.50
CA THR G 245 -5.63 -24.55 -1.93
C THR G 245 -5.90 -25.81 -2.75
N GLN G 246 -5.37 -26.94 -2.28
CA GLN G 246 -5.49 -28.24 -3.00
C GLN G 246 -6.96 -28.71 -2.96
N PHE G 247 -7.62 -28.62 -1.80
CA PHE G 247 -9.05 -28.97 -1.61
C PHE G 247 -9.93 -28.32 -2.68
N PHE G 248 -9.77 -27.02 -2.93
CA PHE G 248 -10.63 -26.28 -3.87
C PHE G 248 -10.26 -26.67 -5.31
N HIS G 249 -8.97 -26.87 -5.58
CA HIS G 249 -8.53 -27.47 -6.88
C HIS G 249 -9.27 -28.79 -7.08
N ILE G 250 -9.30 -29.63 -6.07
CA ILE G 250 -9.99 -30.95 -6.18
C ILE G 250 -11.49 -30.71 -6.46
N LEU G 251 -12.17 -29.86 -5.68
CA LEU G 251 -13.61 -29.62 -5.85
C LEU G 251 -13.82 -29.04 -7.24
N GLY G 252 -12.83 -28.29 -7.70
CA GLY G 252 -12.84 -27.70 -9.05
C GLY G 252 -12.91 -28.74 -10.15
N THR G 253 -12.25 -29.90 -9.99
CA THR G 253 -12.18 -30.92 -11.09
C THR G 253 -13.60 -31.43 -11.43
N VAL G 254 -14.56 -31.32 -10.50
CA VAL G 254 -15.96 -31.82 -10.68
C VAL G 254 -16.98 -30.69 -10.55
N GLU G 255 -16.58 -29.43 -10.65
CA GLU G 255 -17.60 -28.34 -10.52
C GLU G 255 -18.41 -28.25 -11.82
N GLN G 256 -19.59 -27.65 -11.73
CA GLN G 256 -20.53 -27.56 -12.86
C GLN G 256 -20.62 -26.09 -13.25
N ILE G 257 -20.37 -25.79 -14.51
CA ILE G 257 -20.42 -24.41 -15.01
C ILE G 257 -21.76 -24.23 -15.71
N LYS G 258 -22.28 -23.00 -15.70
CA LYS G 258 -23.61 -22.69 -16.22
C LYS G 258 -23.60 -22.97 -17.71
N GLY G 259 -24.45 -23.89 -18.17
CA GLY G 259 -24.73 -24.07 -19.60
C GLY G 259 -24.47 -25.49 -20.08
N VAL G 260 -23.69 -26.28 -19.33
CA VAL G 260 -23.28 -27.67 -19.77
C VAL G 260 -24.27 -28.74 -19.28
N ASN G 261 -25.13 -28.39 -18.32
CA ASN G 261 -26.10 -29.31 -17.68
C ASN G 261 -27.46 -28.63 -17.55
N LYS G 262 -28.32 -28.75 -18.56
CA LYS G 262 -29.68 -28.12 -18.58
C LYS G 262 -30.71 -29.12 -18.06
N THR G 263 -31.50 -28.77 -17.05
CA THR G 263 -32.47 -29.69 -16.39
C THR G 263 -33.74 -29.84 -17.23
N GLU G 264 -34.76 -30.54 -16.68
CA GLU G 264 -36.13 -30.71 -17.24
C GLU G 264 -36.72 -29.34 -17.62
N SER G 265 -36.74 -28.38 -16.69
CA SER G 265 -37.35 -27.04 -16.86
C SER G 265 -36.61 -26.16 -17.90
N GLY G 266 -35.39 -26.54 -18.31
CA GLY G 266 -34.50 -25.70 -19.14
C GLY G 266 -33.64 -24.81 -18.26
N LYS G 267 -33.61 -25.10 -16.94
CA LYS G 267 -32.73 -24.47 -15.94
C LYS G 267 -31.31 -25.06 -15.99
N GLU G 268 -30.30 -24.21 -15.81
CA GLU G 268 -28.86 -24.56 -15.89
C GLU G 268 -28.39 -24.94 -14.49
N GLU G 269 -28.01 -26.20 -14.28
CA GLU G 269 -27.43 -26.66 -13.00
C GLU G 269 -26.00 -26.11 -12.93
N TYR G 270 -25.53 -25.69 -11.74
CA TYR G 270 -24.16 -25.14 -11.58
C TYR G 270 -23.77 -25.25 -10.12
N THR G 271 -22.46 -25.10 -9.84
CA THR G 271 -21.89 -25.20 -8.49
C THR G 271 -22.09 -23.84 -7.84
N VAL G 272 -23.19 -23.71 -7.08
CA VAL G 272 -23.64 -22.47 -6.37
C VAL G 272 -22.51 -22.03 -5.40
N TYR G 273 -22.00 -22.97 -4.60
CA TYR G 273 -20.85 -22.72 -3.71
C TYR G 273 -19.99 -23.99 -3.55
N SER G 274 -18.75 -23.77 -3.12
CA SER G 274 -17.77 -24.80 -2.74
C SER G 274 -17.20 -24.38 -1.40
N ASN G 275 -17.05 -25.35 -0.50
CA ASN G 275 -16.49 -25.08 0.85
C ASN G 275 -15.55 -26.19 1.27
N CYS G 276 -14.58 -25.79 2.08
CA CYS G 276 -13.61 -26.64 2.78
C CYS G 276 -13.71 -26.23 4.24
N TYR G 277 -14.05 -27.18 5.09
CA TYR G 277 -13.98 -27.09 6.56
C TYR G 277 -12.66 -27.70 6.96
N ASP G 278 -11.85 -26.93 7.67
CA ASP G 278 -10.69 -27.45 8.43
C ASP G 278 -11.28 -27.94 9.74
N LEU G 279 -11.21 -29.25 9.98
CA LEU G 279 -11.89 -29.91 11.14
C LEU G 279 -11.13 -29.65 12.43
N ASP G 280 -9.80 -29.65 12.40
CA ASP G 280 -8.96 -29.44 13.61
C ASP G 280 -9.05 -27.98 14.07
N ASN G 281 -9.22 -27.03 13.16
CA ASN G 281 -9.25 -25.58 13.53
C ASN G 281 -10.72 -25.06 13.43
N LYS G 282 -11.66 -25.97 13.17
CA LYS G 282 -13.11 -25.67 13.12
C LYS G 282 -13.30 -24.39 12.29
N THR G 283 -12.77 -24.32 11.07
CA THR G 283 -12.90 -23.11 10.22
C THR G 283 -13.60 -23.49 8.91
N LEU G 284 -14.51 -22.63 8.46
CA LEU G 284 -15.19 -22.76 7.16
C LEU G 284 -14.54 -21.81 6.16
N TYR G 285 -14.08 -22.35 5.05
CA TYR G 285 -13.66 -21.58 3.85
C TYR G 285 -14.71 -21.85 2.79
N TYR G 286 -15.08 -20.86 1.98
CA TYR G 286 -16.08 -21.10 0.92
C TYR G 286 -15.86 -20.14 -0.22
N THR G 287 -16.27 -20.57 -1.41
CA THR G 287 -16.30 -19.77 -2.65
C THR G 287 -17.72 -19.87 -3.18
N THR G 288 -18.06 -19.06 -4.18
CA THR G 288 -19.40 -19.04 -4.82
C THR G 288 -19.18 -19.04 -6.31
N TYR G 289 -20.17 -19.42 -7.11
CA TYR G 289 -20.04 -19.36 -8.58
C TYR G 289 -19.58 -17.94 -8.99
N GLU G 290 -20.10 -16.92 -8.29
CA GLU G 290 -19.94 -15.51 -8.67
C GLU G 290 -18.66 -14.89 -8.06
N ASN G 291 -18.13 -15.45 -6.97
CA ASN G 291 -16.94 -14.90 -6.26
C ASN G 291 -15.83 -15.96 -6.08
N ARG G 292 -14.74 -15.84 -6.84
CA ARG G 292 -13.60 -16.79 -6.71
C ARG G 292 -12.86 -16.65 -5.39
N GLN G 293 -12.81 -15.46 -4.80
CA GLN G 293 -11.95 -15.24 -3.59
C GLN G 293 -12.48 -16.09 -2.44
N ILE G 294 -11.62 -16.79 -1.71
CA ILE G 294 -12.05 -17.64 -0.57
C ILE G 294 -12.48 -16.73 0.59
N VAL G 295 -13.62 -17.05 1.23
CA VAL G 295 -14.08 -16.39 2.49
C VAL G 295 -13.95 -17.40 3.63
N ALA G 296 -13.61 -16.94 4.83
CA ALA G 296 -13.30 -17.82 5.98
C ALA G 296 -14.02 -17.32 7.23
N VAL G 297 -14.48 -18.26 8.05
CA VAL G 297 -15.17 -17.98 9.34
C VAL G 297 -14.84 -19.11 10.28
N THR G 298 -14.41 -18.78 11.49
CA THR G 298 -14.04 -19.77 12.52
C THR G 298 -15.22 -19.91 13.49
N LEU G 299 -15.42 -21.13 14.00
CA LEU G 299 -16.37 -21.41 15.11
C LEU G 299 -15.64 -21.16 16.43
N ASN G 300 -15.99 -20.07 17.12
CA ASN G 300 -15.34 -19.64 18.40
C ASN G 300 -15.42 -20.76 19.44
N GLY G 305 -24.53 -18.21 23.11
CA GLY G 305 -25.76 -17.44 22.79
C GLY G 305 -26.97 -18.33 22.67
N ASN G 306 -28.12 -17.77 22.27
CA ASN G 306 -29.38 -18.53 22.02
C ASN G 306 -30.03 -18.05 20.70
N ARG G 307 -29.30 -17.20 19.94
CA ARG G 307 -29.73 -16.63 18.63
C ARG G 307 -28.76 -17.08 17.54
N LEU G 308 -29.29 -17.30 16.34
CA LEU G 308 -28.49 -17.72 15.16
C LEU G 308 -27.63 -16.52 14.74
N VAL G 309 -26.36 -16.75 14.42
CA VAL G 309 -25.46 -15.73 13.81
C VAL G 309 -25.30 -16.06 12.33
N THR G 310 -25.50 -15.11 11.43
CA THR G 310 -25.58 -15.41 9.98
C THR G 310 -24.72 -14.40 9.22
N TYR G 311 -24.09 -14.84 8.13
CA TYR G 311 -23.27 -13.98 7.21
C TYR G 311 -23.70 -14.28 5.78
N PRO G 312 -24.56 -13.43 5.16
CA PRO G 312 -24.92 -13.58 3.75
C PRO G 312 -23.72 -13.79 2.80
N PHE G 313 -23.74 -14.87 2.01
CA PHE G 313 -22.82 -15.06 0.87
C PHE G 313 -22.88 -13.85 -0.08
N GLU G 314 -21.72 -13.35 -0.52
CA GLU G 314 -21.56 -12.35 -1.59
C GLU G 314 -21.58 -13.09 -2.94
N ARG G 315 -22.32 -12.58 -3.92
CA ARG G 315 -22.42 -13.14 -5.29
C ARG G 315 -21.94 -12.09 -6.26
N LYS G 316 -20.77 -11.54 -5.93
CA LYS G 316 -20.05 -10.55 -6.75
C LYS G 316 -18.55 -10.92 -6.75
N GLN G 317 -17.89 -10.71 -7.89
CA GLN G 317 -16.43 -10.97 -8.08
C GLN G 317 -15.62 -9.90 -7.33
N ILE G 318 -15.00 -10.31 -6.24
CA ILE G 318 -14.14 -9.44 -5.38
C ILE G 318 -12.75 -9.47 -6.00
N ILE G 319 -12.46 -8.51 -6.88
CA ILE G 319 -11.23 -8.44 -7.73
C ILE G 319 -10.20 -7.51 -7.07
N ASN G 320 -8.95 -7.96 -6.93
CA ASN G 320 -7.81 -7.10 -6.48
C ASN G 320 -7.36 -6.20 -7.66
N LYS G 321 -7.77 -4.93 -7.63
CA LYS G 321 -7.29 -3.87 -8.56
C LYS G 321 -5.93 -3.35 -8.07
N LEU G 322 -4.91 -3.45 -8.93
CA LEU G 322 -3.51 -2.96 -8.69
C LEU G 322 -3.46 -1.48 -9.07
N OCS H 1 -1.14 -26.67 -21.72
CA OCS H 1 -1.74 -25.31 -21.89
CB OCS H 1 -0.83 -24.38 -22.70
SG OCS H 1 0.89 -24.45 -22.23
C OCS H 1 -3.11 -25.37 -22.58
O OCS H 1 -3.32 -26.16 -23.50
OD1 OCS H 1 1.53 -23.24 -22.87
OD2 OCS H 1 0.95 -24.38 -20.81
OD3 OCS H 1 1.41 -25.58 -22.98
N THR H 2 -4.00 -24.43 -22.20
CA THR H 2 -5.23 -24.19 -22.93
C THR H 2 -5.41 -22.69 -23.14
N ALA H 3 -5.59 -22.24 -24.38
CA ALA H 3 -5.95 -20.83 -24.70
C ALA H 3 -7.35 -20.79 -25.30
N ILE H 4 -8.15 -19.79 -24.90
CA ILE H 4 -9.53 -19.62 -25.41
C ILE H 4 -9.76 -18.14 -25.71
N THR H 5 -10.65 -17.85 -26.65
CA THR H 5 -11.34 -16.53 -26.76
C THR H 5 -12.79 -16.68 -26.28
N LEU H 6 -13.42 -15.55 -25.94
CA LEU H 6 -14.86 -15.49 -25.60
C LEU H 6 -15.43 -14.16 -26.12
N ASN H 7 -16.42 -14.19 -27.01
CA ASN H 7 -17.14 -12.96 -27.44
C ASN H 7 -18.40 -12.80 -26.58
N GLY H 8 -18.42 -11.87 -25.63
CA GLY H 8 -19.58 -11.63 -24.74
C GLY H 8 -20.07 -10.18 -24.83
N ASN H 9 -20.23 -9.50 -23.69
CA ASN H 9 -20.48 -8.03 -23.57
C ASN H 9 -19.23 -7.23 -23.96
N SER H 10 -18.05 -7.55 -23.42
CA SER H 10 -16.78 -7.20 -24.10
C SER H 10 -16.27 -8.41 -24.89
N ASN H 11 -14.99 -8.39 -25.31
CA ASN H 11 -14.36 -9.51 -26.05
C ASN H 11 -13.07 -9.86 -25.31
N TYR H 12 -12.84 -11.17 -25.14
CA TYR H 12 -11.86 -11.74 -24.17
C TYR H 12 -10.95 -12.75 -24.85
N PHE H 13 -9.76 -12.89 -24.30
CA PHE H 13 -8.70 -13.83 -24.76
C PHE H 13 -7.85 -14.14 -23.53
N GLY H 14 -7.46 -15.42 -23.35
CA GLY H 14 -6.78 -15.86 -22.13
C GLY H 14 -6.35 -17.33 -22.18
N ARG H 15 -5.67 -17.80 -21.14
CA ARG H 15 -5.01 -19.12 -21.21
C ARG H 15 -4.67 -19.63 -19.82
N ASN H 16 -4.56 -20.95 -19.76
CA ASN H 16 -3.93 -21.69 -18.64
C ASN H 16 -2.47 -21.93 -19.03
N LEU H 17 -1.55 -21.68 -18.11
CA LEU H 17 -0.14 -22.05 -18.33
C LEU H 17 0.09 -23.31 -17.48
N ASP H 18 0.28 -24.45 -18.16
CA ASP H 18 0.45 -25.77 -17.53
C ASP H 18 1.93 -26.18 -17.64
N LEU H 19 2.63 -26.25 -16.51
CA LEU H 19 4.09 -26.58 -16.42
C LEU H 19 4.34 -27.32 -15.12
N ASP H 20 5.53 -27.90 -14.96
CA ASP H 20 5.91 -28.65 -13.72
C ASP H 20 6.66 -27.76 -12.73
N PHE H 21 6.92 -26.50 -13.04
CA PHE H 21 7.55 -25.55 -12.08
C PHE H 21 7.20 -24.11 -12.48
N SER H 22 7.37 -23.19 -11.54
CA SER H 22 7.17 -21.73 -11.75
C SER H 22 8.53 -21.11 -12.11
N TYR H 23 8.55 -20.26 -13.14
CA TYR H 23 9.69 -19.44 -13.62
C TYR H 23 9.74 -18.08 -12.90
N GLY H 24 8.89 -17.83 -11.90
CA GLY H 24 8.74 -16.48 -11.29
C GLY H 24 7.95 -15.52 -12.18
N GLU H 25 6.86 -16.02 -12.79
CA GLU H 25 5.93 -15.28 -13.68
C GLU H 25 5.51 -13.96 -13.04
N GLU H 26 5.37 -12.91 -13.84
CA GLU H 26 4.93 -11.58 -13.34
C GLU H 26 4.17 -10.90 -14.47
N VAL H 27 3.45 -9.83 -14.13
CA VAL H 27 2.84 -8.90 -15.12
C VAL H 27 3.97 -8.03 -15.64
N ILE H 28 4.05 -7.85 -16.97
CA ILE H 28 5.05 -6.97 -17.63
C ILE H 28 4.34 -6.06 -18.64
N ILE H 29 4.42 -4.75 -18.40
CA ILE H 29 3.92 -3.70 -19.33
C ILE H 29 5.14 -3.19 -20.10
N THR H 30 5.19 -3.42 -21.40
CA THR H 30 6.25 -2.88 -22.28
C THR H 30 5.72 -1.57 -22.85
N PRO H 31 6.24 -0.42 -22.37
CA PRO H 31 5.73 0.89 -22.78
C PRO H 31 6.09 1.14 -24.24
N ALA H 32 5.50 2.17 -24.86
CA ALA H 32 5.59 2.44 -26.31
C ALA H 32 7.04 2.71 -26.77
N GLU H 33 7.92 3.16 -25.87
CA GLU H 33 9.28 3.66 -26.22
C GLU H 33 10.40 2.79 -25.61
N TYR H 34 10.07 1.72 -24.87
CA TYR H 34 11.04 0.60 -24.64
C TYR H 34 11.54 0.17 -26.02
N GLU H 35 12.86 0.07 -26.20
CA GLU H 35 13.40 -0.29 -27.52
C GLU H 35 13.45 -1.81 -27.63
N PHE H 36 12.78 -2.38 -28.61
CA PHE H 36 12.79 -3.84 -28.86
C PHE H 36 14.01 -4.11 -29.75
N LYS H 37 14.93 -4.93 -29.26
CA LYS H 37 16.12 -5.34 -30.04
C LYS H 37 15.93 -6.79 -30.48
N PHE H 38 16.24 -7.07 -31.73
CA PHE H 38 16.13 -8.36 -32.42
C PHE H 38 17.53 -8.83 -32.75
N ARG H 39 17.73 -10.14 -32.80
CA ARG H 39 19.05 -10.76 -33.06
C ARG H 39 19.38 -10.56 -34.54
N LYS H 40 18.39 -10.60 -35.43
CA LYS H 40 18.68 -10.53 -36.88
C LYS H 40 17.82 -9.49 -37.59
N GLU H 41 17.15 -8.57 -36.88
CA GLU H 41 16.39 -7.48 -37.55
C GLU H 41 16.64 -6.17 -36.81
N LYS H 42 16.43 -5.07 -37.54
CA LYS H 42 16.65 -3.69 -37.03
C LYS H 42 15.71 -3.48 -35.84
N ALA H 43 16.12 -2.66 -34.89
CA ALA H 43 15.41 -2.41 -33.62
C ALA H 43 14.13 -1.59 -33.85
N ILE H 44 13.17 -1.70 -32.96
CA ILE H 44 11.93 -0.87 -32.99
C ILE H 44 11.91 -0.02 -31.71
N LYS H 45 12.19 1.27 -31.88
CA LYS H 45 12.21 2.26 -30.75
C LYS H 45 10.79 2.68 -30.38
N ASN H 46 9.92 2.82 -31.38
CA ASN H 46 8.54 3.33 -31.15
C ASN H 46 7.57 2.29 -31.69
N HIS H 47 6.72 1.75 -30.80
CA HIS H 47 5.82 0.63 -31.12
C HIS H 47 4.55 0.78 -30.28
N LYS H 48 3.61 -0.16 -30.47
CA LYS H 48 2.40 -0.29 -29.62
C LYS H 48 2.85 -0.81 -28.26
N SER H 49 2.28 -0.28 -27.20
CA SER H 49 2.56 -0.75 -25.83
C SER H 49 1.85 -2.10 -25.58
N LEU H 50 2.43 -2.96 -24.76
CA LEU H 50 1.96 -4.36 -24.57
C LEU H 50 1.70 -4.53 -23.08
N ILE H 51 0.70 -5.30 -22.70
CA ILE H 51 0.57 -5.81 -21.30
C ILE H 51 0.41 -7.33 -21.39
N GLY H 52 1.18 -8.06 -20.56
CA GLY H 52 1.17 -9.53 -20.60
C GLY H 52 1.80 -10.13 -19.37
N VAL H 53 1.97 -11.46 -19.41
CA VAL H 53 2.59 -12.22 -18.30
C VAL H 53 3.86 -12.88 -18.84
N GLY H 54 4.87 -12.99 -18.02
CA GLY H 54 6.10 -13.67 -18.45
C GLY H 54 7.18 -13.41 -17.45
N ILE H 55 8.44 -13.44 -17.90
CA ILE H 55 9.59 -13.08 -17.02
C ILE H 55 10.45 -12.05 -17.75
N VAL H 56 11.24 -11.30 -16.98
CA VAL H 56 12.29 -10.35 -17.46
C VAL H 56 13.66 -11.00 -17.22
N ALA H 57 14.46 -11.15 -18.26
CA ALA H 57 15.87 -11.55 -18.16
C ALA H 57 16.67 -10.58 -19.02
N ASN H 58 17.71 -9.95 -18.44
CA ASN H 58 18.58 -8.98 -19.15
C ASN H 58 17.74 -7.77 -19.64
N ASP H 59 16.78 -7.31 -18.83
CA ASP H 59 15.83 -6.21 -19.20
C ASP H 59 15.14 -6.55 -20.54
N TYR H 60 14.86 -7.83 -20.83
CA TYR H 60 14.01 -8.22 -21.99
C TYR H 60 12.72 -8.89 -21.49
N PRO H 61 11.54 -8.46 -22.02
CA PRO H 61 10.25 -9.02 -21.62
C PRO H 61 10.05 -10.36 -22.36
N LEU H 62 10.18 -11.47 -21.63
CA LEU H 62 9.93 -12.84 -22.18
C LEU H 62 8.48 -13.21 -21.87
N TYR H 63 7.59 -12.90 -22.80
CA TYR H 63 6.13 -13.05 -22.66
C TYR H 63 5.73 -14.50 -22.95
N PHE H 64 4.91 -15.00 -22.04
CA PHE H 64 4.13 -16.27 -22.19
C PHE H 64 2.94 -15.96 -23.10
N ASP H 65 2.31 -14.80 -22.84
CA ASP H 65 1.15 -14.29 -23.58
C ASP H 65 1.04 -12.80 -23.25
N ALA H 66 0.38 -12.03 -24.11
CA ALA H 66 0.10 -10.59 -23.85
C ALA H 66 -0.93 -10.06 -24.84
N ILE H 67 -1.39 -8.84 -24.58
CA ILE H 67 -2.12 -7.97 -25.56
C ILE H 67 -1.39 -6.63 -25.74
N ASN H 68 -1.66 -5.91 -26.85
CA ASN H 68 -1.22 -4.51 -27.08
C ASN H 68 -2.40 -3.53 -26.93
N GLU H 69 -2.11 -2.24 -27.09
CA GLU H 69 -3.01 -1.09 -26.75
C GLU H 69 -4.26 -1.12 -27.66
N ASP H 70 -4.20 -1.83 -28.79
CA ASP H 70 -5.31 -2.01 -29.77
C ASP H 70 -6.21 -3.21 -29.45
N GLY H 71 -6.01 -3.91 -28.33
CA GLY H 71 -6.64 -5.21 -28.02
C GLY H 71 -6.34 -6.33 -29.02
N LEU H 72 -5.12 -6.42 -29.57
CA LEU H 72 -4.62 -7.61 -30.31
C LEU H 72 -3.83 -8.46 -29.31
N GLY H 73 -4.11 -9.76 -29.28
CA GLY H 73 -3.64 -10.68 -28.23
C GLY H 73 -2.88 -11.83 -28.87
N MET H 74 -1.85 -12.34 -28.20
CA MET H 74 -0.99 -13.45 -28.71
C MET H 74 -0.49 -14.25 -27.51
N ALA H 75 -0.57 -15.58 -27.60
CA ALA H 75 -0.18 -16.52 -26.53
C ALA H 75 0.65 -17.63 -27.15
N GLY H 76 1.77 -17.96 -26.54
CA GLY H 76 2.60 -19.10 -26.97
C GLY H 76 2.25 -20.34 -26.16
N LEU H 77 1.92 -21.44 -26.84
CA LEU H 77 1.59 -22.72 -26.16
C LEU H 77 2.53 -23.82 -26.64
N ASN H 78 2.74 -24.80 -25.76
CA ASN H 78 3.72 -25.89 -25.96
C ASN H 78 3.30 -26.66 -27.19
N PHE H 79 4.25 -26.93 -28.08
CA PHE H 79 3.98 -27.62 -29.35
C PHE H 79 5.15 -28.56 -29.66
N PRO H 80 5.47 -29.51 -28.75
CA PRO H 80 6.78 -30.18 -28.75
C PRO H 80 6.94 -31.05 -30.00
N GLY H 81 8.09 -30.93 -30.64
CA GLY H 81 8.48 -31.75 -31.81
C GLY H 81 7.92 -31.21 -33.10
N ASN H 82 6.74 -30.56 -33.09
CA ASN H 82 6.11 -30.14 -34.36
C ASN H 82 6.65 -28.76 -34.76
N ALA H 83 7.00 -27.92 -33.80
CA ALA H 83 7.55 -26.57 -34.08
C ALA H 83 8.90 -26.72 -34.81
N TYR H 84 9.09 -25.96 -35.89
CA TYR H 84 10.38 -25.90 -36.65
C TYR H 84 10.92 -24.46 -36.67
N TYR H 85 12.13 -24.29 -36.13
CA TYR H 85 12.89 -23.02 -36.16
C TYR H 85 14.12 -23.20 -37.06
N SER H 86 14.26 -22.31 -38.04
CA SER H 86 15.17 -22.40 -39.19
C SER H 86 16.61 -22.07 -38.74
N ASP H 87 17.59 -22.83 -39.23
CA ASP H 87 19.04 -22.59 -39.01
C ASP H 87 19.59 -21.67 -40.10
N ALA H 88 18.77 -21.25 -41.06
CA ALA H 88 19.13 -20.31 -42.16
C ALA H 88 18.37 -18.97 -42.00
N LEU H 89 19.03 -17.86 -42.30
CA LEU H 89 18.37 -16.56 -42.59
C LEU H 89 17.72 -16.62 -43.97
N GLU H 90 16.81 -15.71 -44.24
CA GLU H 90 16.12 -15.53 -45.54
C GLU H 90 16.17 -14.05 -45.90
N ASN H 91 16.66 -13.70 -47.08
CA ASN H 91 16.72 -12.30 -47.59
C ASN H 91 15.30 -11.74 -47.63
N ASP H 92 14.35 -12.50 -48.19
CA ASP H 92 12.97 -12.05 -48.53
C ASP H 92 12.00 -12.24 -47.36
N LYS H 93 12.47 -12.34 -46.12
CA LYS H 93 11.58 -12.54 -44.95
C LYS H 93 12.09 -11.75 -43.77
N ASP H 94 11.25 -11.65 -42.73
CA ASP H 94 11.67 -11.14 -41.40
C ASP H 94 12.21 -12.35 -40.63
N ASN H 95 13.46 -12.26 -40.15
CA ASN H 95 14.13 -13.34 -39.38
C ASN H 95 13.99 -13.00 -37.90
N ILE H 96 13.00 -13.65 -37.29
CA ILE H 96 12.58 -13.39 -35.89
C ILE H 96 12.77 -14.69 -35.10
N THR H 97 13.18 -14.58 -33.86
CA THR H 97 13.29 -15.69 -32.90
C THR H 97 11.93 -15.89 -32.22
N PRO H 98 11.62 -17.13 -31.84
CA PRO H 98 10.42 -17.43 -31.07
C PRO H 98 10.14 -16.49 -29.89
N PHE H 99 11.17 -16.12 -29.10
CA PHE H 99 10.97 -15.23 -27.93
C PHE H 99 10.72 -13.78 -28.41
N GLU H 100 11.03 -13.44 -29.68
CA GLU H 100 10.86 -12.10 -30.30
C GLU H 100 9.46 -12.00 -30.92
N PHE H 101 8.76 -13.14 -31.10
CA PHE H 101 7.62 -13.27 -32.03
C PHE H 101 6.43 -12.44 -31.50
N ILE H 102 6.18 -12.46 -30.20
CA ILE H 102 5.06 -11.70 -29.57
C ILE H 102 5.35 -10.20 -29.74
N PRO H 103 6.52 -9.66 -29.32
CA PRO H 103 6.88 -8.27 -29.63
C PRO H 103 6.79 -7.87 -31.10
N TRP H 104 7.27 -8.73 -31.99
CA TRP H 104 7.26 -8.47 -33.45
C TRP H 104 5.83 -8.30 -33.97
N ILE H 105 4.89 -9.17 -33.59
CA ILE H 105 3.48 -9.04 -34.07
C ILE H 105 2.80 -7.91 -33.25
N LEU H 106 2.78 -7.99 -31.92
CA LEU H 106 1.91 -7.12 -31.09
C LEU H 106 2.43 -5.68 -31.09
N GLY H 107 3.76 -5.49 -31.12
CA GLY H 107 4.36 -4.15 -31.21
C GLY H 107 3.91 -3.36 -32.43
N GLN H 108 3.55 -4.02 -33.55
CA GLN H 108 3.38 -3.37 -34.87
C GLN H 108 2.00 -3.60 -35.49
N CYS H 109 1.18 -4.46 -34.89
CA CYS H 109 -0.09 -4.95 -35.50
C CYS H 109 -1.24 -4.61 -34.57
N SER H 110 -2.34 -4.09 -35.11
CA SER H 110 -3.55 -3.66 -34.36
C SER H 110 -4.68 -4.69 -34.49
N ASP H 111 -4.63 -5.63 -35.45
CA ASP H 111 -5.73 -6.61 -35.64
C ASP H 111 -5.22 -7.87 -36.35
N VAL H 112 -6.07 -8.89 -36.38
CA VAL H 112 -5.72 -10.27 -36.84
C VAL H 112 -5.28 -10.20 -38.31
N ASN H 113 -5.96 -9.43 -39.16
CA ASN H 113 -5.64 -9.37 -40.62
C ASN H 113 -4.18 -8.89 -40.78
N GLU H 114 -3.79 -7.88 -40.01
CA GLU H 114 -2.40 -7.31 -40.03
C GLU H 114 -1.39 -8.32 -39.46
N ALA H 115 -1.66 -8.91 -38.29
CA ALA H 115 -0.92 -10.08 -37.75
C ALA H 115 -0.73 -11.15 -38.85
N ARG H 116 -1.76 -11.52 -39.58
CA ARG H 116 -1.66 -12.61 -40.58
C ARG H 116 -0.69 -12.21 -41.70
N ASN H 117 -0.81 -11.00 -42.28
CA ASN H 117 0.04 -10.59 -43.43
C ASN H 117 1.50 -10.50 -42.99
N LEU H 118 1.73 -10.10 -41.73
CA LEU H 118 3.07 -10.01 -41.13
C LEU H 118 3.61 -11.43 -40.87
N VAL H 119 2.78 -12.36 -40.40
CA VAL H 119 3.26 -13.76 -40.14
C VAL H 119 3.58 -14.39 -41.49
N GLU H 120 2.81 -14.13 -42.55
CA GLU H 120 3.06 -14.69 -43.91
C GLU H 120 4.49 -14.35 -44.38
N LYS H 121 5.12 -13.35 -43.79
CA LYS H 121 6.48 -12.89 -44.20
C LYS H 121 7.51 -13.36 -43.17
N ILE H 122 7.15 -14.23 -42.23
CA ILE H 122 8.08 -14.51 -41.10
C ILE H 122 8.98 -15.72 -41.43
N ASN H 123 10.16 -15.70 -40.84
CA ASN H 123 11.10 -16.85 -40.84
C ASN H 123 11.53 -16.98 -39.39
N LEU H 124 10.90 -17.89 -38.64
CA LEU H 124 11.28 -18.10 -37.24
C LEU H 124 12.66 -18.76 -37.25
N ILE H 125 13.63 -18.23 -36.49
CA ILE H 125 15.03 -18.72 -36.57
C ILE H 125 15.46 -19.34 -35.24
N ASN H 126 16.28 -20.37 -35.38
CA ASN H 126 16.77 -21.25 -34.30
C ASN H 126 17.85 -20.53 -33.49
N LEU H 127 17.49 -19.49 -32.73
CA LEU H 127 18.41 -18.81 -31.78
C LEU H 127 17.75 -18.76 -30.40
N SER H 128 18.43 -19.30 -29.40
CA SER H 128 18.01 -19.31 -27.98
C SER H 128 18.19 -17.91 -27.42
N PHE H 129 17.47 -17.58 -26.35
CA PHE H 129 17.68 -16.30 -25.63
C PHE H 129 19.04 -16.37 -24.93
N SER H 130 19.25 -17.37 -24.06
CA SER H 130 20.48 -17.55 -23.26
C SER H 130 20.78 -19.06 -23.16
N GLU H 131 21.94 -19.43 -22.60
CA GLU H 131 22.28 -20.83 -22.21
C GLU H 131 21.21 -21.37 -21.25
N GLN H 132 20.73 -20.55 -20.31
CA GLN H 132 19.86 -20.94 -19.16
C GLN H 132 18.37 -20.87 -19.53
N LEU H 133 18.02 -20.29 -20.69
CA LEU H 133 16.62 -20.21 -21.22
C LEU H 133 16.62 -20.65 -22.68
N PRO H 134 16.76 -21.97 -22.98
CA PRO H 134 16.78 -22.43 -24.37
C PRO H 134 15.35 -22.47 -24.94
N LEU H 135 15.25 -22.54 -26.26
CA LEU H 135 14.00 -22.64 -27.07
C LEU H 135 13.23 -23.92 -26.72
N ALA H 136 11.95 -23.78 -26.36
CA ALA H 136 10.98 -24.91 -26.38
C ALA H 136 10.07 -24.69 -27.59
N GLY H 137 9.61 -25.77 -28.23
CA GLY H 137 8.73 -25.69 -29.41
C GLY H 137 7.37 -25.09 -29.05
N LEU H 138 6.88 -24.12 -29.80
CA LEU H 138 5.59 -23.47 -29.48
C LEU H 138 4.73 -23.35 -30.74
N HIS H 139 3.42 -23.23 -30.53
CA HIS H 139 2.46 -22.71 -31.55
C HIS H 139 1.71 -21.56 -30.86
N TRP H 140 0.98 -20.75 -31.65
CA TRP H 140 0.44 -19.47 -31.15
C TRP H 140 -1.05 -19.32 -31.52
N LEU H 141 -1.82 -18.81 -30.58
CA LEU H 141 -3.20 -18.28 -30.81
C LEU H 141 -3.06 -16.76 -30.89
N ILE H 142 -3.47 -16.15 -32.00
CA ILE H 142 -3.55 -14.67 -32.15
C ILE H 142 -5.06 -14.33 -32.28
N ALA H 143 -5.53 -13.41 -31.44
CA ALA H 143 -6.95 -13.07 -31.22
C ALA H 143 -7.13 -11.55 -31.11
N ASP H 144 -8.08 -10.98 -31.88
CA ASP H 144 -8.68 -9.64 -31.60
C ASP H 144 -10.16 -9.81 -31.27
N ARG H 145 -10.88 -8.71 -31.17
CA ARG H 145 -12.23 -8.65 -30.60
C ARG H 145 -13.19 -9.39 -31.52
N GLU H 146 -12.87 -9.53 -32.81
CA GLU H 146 -13.75 -10.14 -33.84
C GLU H 146 -13.47 -11.64 -33.96
N LYS H 147 -12.20 -12.07 -34.08
CA LYS H 147 -11.86 -13.46 -34.50
C LYS H 147 -10.47 -13.87 -33.99
N SER H 148 -9.97 -15.03 -34.44
CA SER H 148 -8.63 -15.54 -34.02
C SER H 148 -8.06 -16.48 -35.06
N ILE H 149 -6.73 -16.52 -35.07
CA ILE H 149 -5.95 -17.42 -35.94
C ILE H 149 -5.03 -18.25 -35.05
N VAL H 150 -4.64 -19.38 -35.61
CA VAL H 150 -3.63 -20.30 -35.05
C VAL H 150 -2.45 -20.25 -36.01
N VAL H 151 -1.23 -20.06 -35.47
CA VAL H 151 0.03 -20.15 -36.24
C VAL H 151 0.82 -21.40 -35.78
N GLU H 152 1.08 -22.28 -36.74
CA GLU H 152 1.92 -23.48 -36.56
C GLU H 152 3.02 -23.39 -37.61
N VAL H 153 4.22 -23.04 -37.16
CA VAL H 153 5.45 -23.11 -38.00
C VAL H 153 6.04 -24.52 -37.80
N THR H 154 5.96 -25.35 -38.83
CA THR H 154 6.40 -26.77 -38.80
C THR H 154 7.31 -26.99 -40.01
N LYS H 155 7.72 -28.23 -40.27
CA LYS H 155 8.69 -28.59 -41.33
C LYS H 155 8.05 -28.33 -42.69
N SER H 156 6.72 -28.43 -42.83
CA SER H 156 6.00 -28.18 -44.11
C SER H 156 5.74 -26.67 -44.29
N GLY H 157 6.10 -25.84 -43.32
CA GLY H 157 6.14 -24.38 -43.48
C GLY H 157 5.21 -23.67 -42.50
N VAL H 158 4.85 -22.43 -42.82
CA VAL H 158 4.14 -21.49 -41.90
C VAL H 158 2.64 -21.68 -42.11
N HIS H 159 1.96 -22.32 -41.17
CA HIS H 159 0.53 -22.66 -41.32
C HIS H 159 -0.26 -21.65 -40.48
N ILE H 160 -1.21 -21.00 -41.13
CA ILE H 160 -2.16 -20.03 -40.50
C ILE H 160 -3.59 -20.54 -40.77
N TYR H 161 -4.30 -20.88 -39.70
CA TYR H 161 -5.67 -21.42 -39.71
C TYR H 161 -6.56 -20.37 -39.05
N ASP H 162 -7.67 -20.06 -39.71
CA ASP H 162 -8.85 -19.46 -39.03
C ASP H 162 -9.28 -20.43 -37.92
N ASN H 163 -9.55 -19.89 -36.73
CA ASN H 163 -9.97 -20.65 -35.54
C ASN H 163 -11.48 -20.43 -35.31
N PRO H 164 -12.35 -21.31 -35.84
CA PRO H 164 -13.80 -21.05 -35.80
C PRO H 164 -14.40 -21.18 -34.41
N ILE H 165 -13.62 -21.62 -33.41
CA ILE H 165 -14.15 -21.90 -32.06
C ILE H 165 -13.38 -21.17 -30.97
N GLY H 166 -12.22 -20.58 -31.26
CA GLY H 166 -11.47 -19.82 -30.24
C GLY H 166 -10.88 -20.70 -29.15
N ILE H 167 -10.35 -21.86 -29.54
CA ILE H 167 -9.75 -22.90 -28.62
C ILE H 167 -8.39 -23.34 -29.16
N LEU H 168 -7.38 -23.47 -28.29
CA LEU H 168 -6.08 -24.10 -28.67
C LEU H 168 -5.48 -24.75 -27.43
N THR H 169 -4.86 -25.92 -27.60
CA THR H 169 -4.10 -26.58 -26.49
C THR H 169 -2.68 -26.83 -27.03
N ASN H 170 -2.28 -28.10 -27.11
CA ASN H 170 -0.90 -28.52 -27.48
C ASN H 170 -1.05 -29.42 -28.70
N ASN H 171 -0.24 -30.47 -28.84
CA ASN H 171 -0.32 -31.40 -29.99
C ASN H 171 -1.64 -32.14 -29.92
N PRO H 172 -2.20 -32.66 -31.02
CA PRO H 172 -1.61 -32.55 -32.34
C PRO H 172 -1.95 -31.25 -33.06
N GLU H 173 -1.58 -31.19 -34.33
CA GLU H 173 -1.70 -30.03 -35.25
C GLU H 173 -3.18 -29.67 -35.38
N PHE H 174 -3.49 -28.44 -35.78
CA PHE H 174 -4.86 -27.85 -35.62
C PHE H 174 -5.90 -28.66 -36.38
N ASN H 175 -5.64 -29.02 -37.63
CA ASN H 175 -6.59 -29.80 -38.47
C ASN H 175 -6.93 -31.13 -37.76
N TYR H 176 -5.96 -31.75 -37.05
CA TYR H 176 -6.19 -32.98 -36.21
C TYR H 176 -7.11 -32.63 -35.03
N GLN H 177 -6.80 -31.59 -34.25
CA GLN H 177 -7.60 -31.14 -33.08
C GLN H 177 -9.05 -30.89 -33.51
N MET H 178 -9.28 -30.25 -34.65
CA MET H 178 -10.65 -29.87 -35.10
C MET H 178 -11.36 -31.13 -35.58
N TYR H 179 -10.69 -31.99 -36.35
CA TYR H 179 -11.27 -33.25 -36.88
C TYR H 179 -11.74 -34.08 -35.70
N ASN H 180 -10.93 -34.11 -34.64
CA ASN H 180 -11.18 -34.92 -33.42
C ASN H 180 -12.52 -34.54 -32.76
N LEU H 181 -13.03 -33.32 -32.93
CA LEU H 181 -14.37 -32.93 -32.39
C LEU H 181 -15.49 -33.73 -33.06
N ASN H 182 -15.35 -34.13 -34.32
CA ASN H 182 -16.46 -34.74 -35.07
C ASN H 182 -17.09 -35.93 -34.31
N LYS H 183 -16.31 -36.74 -33.58
CA LYS H 183 -16.77 -38.02 -32.98
C LYS H 183 -17.61 -37.74 -31.74
N TYR H 184 -17.63 -36.50 -31.26
CA TYR H 184 -18.39 -36.08 -30.06
C TYR H 184 -19.70 -35.36 -30.45
N ARG H 185 -20.16 -35.37 -31.71
CA ARG H 185 -21.38 -34.60 -32.09
C ARG H 185 -22.60 -34.98 -31.23
N ASN H 186 -22.66 -36.24 -30.79
CA ASN H 186 -23.76 -36.84 -30.01
C ASN H 186 -23.87 -36.27 -28.61
N LEU H 187 -22.82 -35.67 -28.04
CA LEU H 187 -22.86 -35.15 -26.64
C LEU H 187 -23.90 -34.04 -26.59
N SER H 188 -24.49 -33.83 -25.43
CA SER H 188 -25.59 -32.88 -25.24
C SER H 188 -25.53 -32.25 -23.85
N ILE H 189 -26.09 -31.07 -23.70
CA ILE H 189 -26.24 -30.39 -22.38
C ILE H 189 -27.50 -30.89 -21.65
N SER H 190 -28.37 -31.63 -22.33
CA SER H 190 -29.69 -32.13 -21.83
C SER H 190 -29.73 -33.65 -21.74
N THR H 191 -30.63 -34.19 -20.92
CA THR H 191 -30.91 -35.64 -20.79
C THR H 191 -31.34 -36.17 -22.14
N PRO H 192 -30.57 -37.10 -22.75
CA PRO H 192 -30.94 -37.63 -24.04
C PRO H 192 -32.19 -38.49 -23.91
N GLN H 193 -32.86 -38.68 -25.03
CA GLN H 193 -33.85 -39.74 -25.22
C GLN H 193 -33.15 -41.10 -25.27
N ASN H 194 -33.88 -42.14 -24.90
CA ASN H 194 -33.39 -43.52 -25.05
C ASN H 194 -33.41 -43.88 -26.52
N THR H 195 -32.28 -43.68 -27.23
CA THR H 195 -32.10 -44.12 -28.63
C THR H 195 -31.38 -45.47 -28.69
N PHE H 196 -30.93 -46.00 -27.54
CA PHE H 196 -30.20 -47.30 -27.43
C PHE H 196 -31.10 -48.42 -27.92
N SER H 197 -32.31 -48.49 -27.34
CA SER H 197 -33.43 -49.33 -27.81
C SER H 197 -34.70 -49.05 -27.00
N ASP H 198 -35.84 -48.94 -27.68
CA ASP H 198 -37.14 -48.70 -26.98
C ASP H 198 -37.63 -50.04 -26.40
N SER H 199 -36.95 -51.17 -26.64
CA SER H 199 -37.31 -52.49 -26.06
C SER H 199 -36.71 -52.66 -24.66
N VAL H 200 -35.97 -51.69 -24.11
CA VAL H 200 -35.47 -51.78 -22.71
C VAL H 200 -35.73 -50.44 -22.03
N ASP H 201 -36.16 -50.49 -20.78
CA ASP H 201 -36.59 -49.30 -20.01
C ASP H 201 -35.36 -48.79 -19.27
N LEU H 202 -34.51 -48.02 -19.95
CA LEU H 202 -33.31 -47.38 -19.36
C LEU H 202 -33.79 -46.20 -18.53
N LYS H 203 -33.30 -46.12 -17.30
CA LYS H 203 -33.70 -45.14 -16.26
C LYS H 203 -32.65 -44.04 -16.22
N VAL H 204 -33.09 -42.83 -15.91
CA VAL H 204 -32.19 -41.68 -15.62
C VAL H 204 -32.37 -41.33 -14.14
N ASP H 205 -31.33 -41.52 -13.33
CA ASP H 205 -31.37 -41.31 -11.86
C ASP H 205 -30.51 -40.07 -11.51
N GLY H 206 -30.12 -39.26 -12.49
CA GLY H 206 -29.38 -38.01 -12.24
C GLY H 206 -29.42 -37.07 -13.40
N THR H 207 -28.95 -35.84 -13.20
CA THR H 207 -28.71 -34.83 -14.26
C THR H 207 -27.32 -35.10 -14.87
N GLY H 208 -27.09 -34.50 -16.03
CA GLY H 208 -25.78 -34.47 -16.70
C GLY H 208 -25.54 -35.70 -17.57
N PHE H 209 -26.55 -36.55 -17.84
CA PHE H 209 -26.37 -37.78 -18.67
C PHE H 209 -26.07 -37.45 -20.13
N GLY H 210 -26.47 -36.29 -20.60
CA GLY H 210 -26.16 -35.93 -22.01
C GLY H 210 -24.66 -35.74 -22.27
N GLY H 211 -23.86 -35.41 -21.26
CA GLY H 211 -22.42 -35.23 -21.51
C GLY H 211 -21.61 -36.54 -21.47
N ILE H 212 -22.22 -37.67 -21.09
CA ILE H 212 -21.50 -38.98 -21.03
C ILE H 212 -20.82 -39.22 -22.37
N GLY H 213 -19.50 -39.43 -22.35
CA GLY H 213 -18.64 -39.48 -23.54
C GLY H 213 -17.60 -38.37 -23.52
N LEU H 214 -17.86 -37.26 -22.86
CA LEU H 214 -16.87 -36.15 -22.75
C LEU H 214 -15.64 -36.67 -22.00
N PRO H 215 -14.43 -36.49 -22.57
CA PRO H 215 -13.19 -36.88 -21.90
C PRO H 215 -12.85 -35.99 -20.68
N GLY H 216 -12.46 -36.62 -19.58
CA GLY H 216 -12.15 -35.97 -18.29
C GLY H 216 -10.64 -35.75 -18.03
N ASP H 217 -9.75 -36.37 -18.81
CA ASP H 217 -8.29 -36.37 -18.48
C ASP H 217 -7.63 -35.06 -18.94
N VAL H 218 -6.35 -34.87 -18.57
CA VAL H 218 -5.60 -33.60 -18.84
C VAL H 218 -4.69 -33.79 -20.06
N SER H 219 -4.89 -34.83 -20.88
CA SER H 219 -4.19 -34.91 -22.19
C SER H 219 -4.61 -33.70 -23.04
N PRO H 220 -3.73 -33.22 -23.95
CA PRO H 220 -4.05 -32.05 -24.77
C PRO H 220 -5.26 -32.21 -25.70
N GLU H 221 -5.47 -33.38 -26.31
CA GLU H 221 -6.70 -33.63 -27.11
C GLU H 221 -7.95 -33.62 -26.22
N SER H 222 -7.90 -34.25 -25.05
CA SER H 222 -9.06 -34.26 -24.12
C SER H 222 -9.39 -32.83 -23.67
N ARG H 223 -8.37 -32.02 -23.35
CA ARG H 223 -8.56 -30.62 -22.90
C ARG H 223 -9.14 -29.81 -24.08
N PHE H 224 -8.78 -30.12 -25.33
CA PHE H 224 -9.30 -29.39 -26.51
C PHE H 224 -10.83 -29.64 -26.61
N VAL H 225 -11.26 -30.91 -26.51
CA VAL H 225 -12.68 -31.32 -26.66
C VAL H 225 -13.50 -30.72 -25.51
N ARG H 226 -12.96 -30.83 -24.29
CA ARG H 226 -13.66 -30.42 -23.06
C ARG H 226 -13.73 -28.89 -22.96
N ALA H 227 -12.73 -28.16 -23.43
CA ALA H 227 -12.72 -26.69 -23.40
C ALA H 227 -13.76 -26.20 -24.43
N THR H 228 -13.78 -26.83 -25.60
CA THR H 228 -14.68 -26.52 -26.72
C THR H 228 -16.11 -26.70 -26.20
N PHE H 229 -16.40 -27.86 -25.60
CA PHE H 229 -17.77 -28.22 -25.15
C PHE H 229 -18.24 -27.18 -24.11
N SER H 230 -17.37 -26.88 -23.14
CA SER H 230 -17.62 -26.03 -21.96
C SER H 230 -17.78 -24.56 -22.40
N LYS H 231 -17.00 -24.16 -23.43
CA LYS H 231 -16.96 -22.77 -23.94
C LYS H 231 -18.20 -22.55 -24.80
N LEU H 232 -18.48 -23.44 -25.74
CA LEU H 232 -19.58 -23.20 -26.70
C LEU H 232 -20.92 -23.25 -25.96
N ASN H 233 -21.05 -24.04 -24.89
CA ASN H 233 -22.34 -24.21 -24.18
C ASN H 233 -22.42 -23.30 -22.96
N SER H 234 -21.36 -22.59 -22.58
CA SER H 234 -21.36 -21.69 -21.39
C SER H 234 -22.50 -20.67 -21.54
N SER H 235 -23.29 -20.49 -20.50
CA SER H 235 -24.35 -19.45 -20.43
C SER H 235 -23.77 -18.05 -20.65
N LYS H 236 -24.33 -17.28 -21.59
CA LYS H 236 -24.14 -15.80 -21.74
C LYS H 236 -24.07 -15.13 -20.37
N GLY H 237 -23.19 -14.14 -20.24
CA GLY H 237 -23.17 -13.22 -19.10
C GLY H 237 -24.05 -12.03 -19.41
N MET H 238 -24.64 -11.40 -18.42
CA MET H 238 -25.47 -10.21 -18.72
C MET H 238 -24.55 -8.98 -18.68
N THR H 239 -23.46 -9.07 -17.92
CA THR H 239 -22.50 -7.97 -17.69
C THR H 239 -21.11 -8.40 -18.14
N VAL H 240 -20.15 -7.49 -18.03
CA VAL H 240 -18.69 -7.75 -18.27
C VAL H 240 -18.16 -8.60 -17.11
N GLU H 241 -18.58 -8.31 -15.88
CA GLU H 241 -18.09 -9.06 -14.69
C GLU H 241 -18.52 -10.53 -14.83
N GLU H 242 -19.71 -10.77 -15.36
CA GLU H 242 -20.26 -12.14 -15.47
C GLU H 242 -19.49 -12.88 -16.57
N ASP H 243 -19.12 -12.18 -17.63
CA ASP H 243 -18.32 -12.76 -18.76
C ASP H 243 -16.97 -13.22 -18.22
N ILE H 244 -16.34 -12.38 -17.40
CA ILE H 244 -15.03 -12.66 -16.75
C ILE H 244 -15.19 -13.92 -15.89
N THR H 245 -16.17 -13.92 -14.99
CA THR H 245 -16.49 -15.05 -14.07
C THR H 245 -16.63 -16.36 -14.88
N GLN H 246 -17.39 -16.30 -15.96
CA GLN H 246 -17.64 -17.47 -16.84
C GLN H 246 -16.32 -17.89 -17.49
N PHE H 247 -15.49 -16.94 -17.92
CA PHE H 247 -14.13 -17.20 -18.50
C PHE H 247 -13.30 -18.07 -17.54
N PHE H 248 -13.20 -17.70 -16.27
CA PHE H 248 -12.39 -18.43 -15.28
C PHE H 248 -13.02 -19.81 -15.04
N HIS H 249 -14.34 -19.90 -15.10
CA HIS H 249 -15.04 -21.21 -14.94
C HIS H 249 -14.69 -22.10 -16.16
N ILE H 250 -14.71 -21.56 -17.37
CA ILE H 250 -14.35 -22.29 -18.61
C ILE H 250 -12.91 -22.82 -18.51
N LEU H 251 -11.94 -22.00 -18.11
CA LEU H 251 -10.51 -22.45 -18.00
C LEU H 251 -10.39 -23.46 -16.86
N GLY H 252 -11.22 -23.30 -15.82
CA GLY H 252 -11.34 -24.21 -14.68
C GLY H 252 -11.68 -25.63 -15.13
N THR H 253 -12.45 -25.81 -16.20
CA THR H 253 -12.91 -27.17 -16.65
C THR H 253 -11.70 -28.02 -17.08
N VAL H 254 -10.61 -27.39 -17.54
CA VAL H 254 -9.44 -28.07 -18.15
C VAL H 254 -8.17 -27.72 -17.36
N GLU H 255 -8.30 -27.35 -16.10
CA GLU H 255 -7.13 -26.98 -15.28
C GLU H 255 -6.46 -28.30 -14.87
N GLN H 256 -5.15 -28.25 -14.59
CA GLN H 256 -4.36 -29.41 -14.11
C GLN H 256 -4.02 -29.20 -12.64
N ILE H 257 -4.51 -30.09 -11.79
CA ILE H 257 -4.19 -30.02 -10.35
C ILE H 257 -2.92 -30.84 -10.15
N LYS H 258 -2.18 -30.53 -9.09
CA LYS H 258 -0.91 -31.21 -8.80
C LYS H 258 -1.21 -32.65 -8.37
N GLY H 259 -0.70 -33.60 -9.14
CA GLY H 259 -0.76 -35.03 -8.77
C GLY H 259 -1.25 -35.91 -9.91
N VAL H 260 -2.08 -35.38 -10.82
CA VAL H 260 -2.82 -36.20 -11.81
C VAL H 260 -2.00 -36.35 -13.09
N ASN H 261 -0.92 -35.56 -13.24
CA ASN H 261 -0.10 -35.56 -14.49
C ASN H 261 1.42 -35.45 -14.14
N LYS H 262 2.03 -36.62 -13.96
CA LYS H 262 3.45 -36.81 -13.53
C LYS H 262 4.30 -37.04 -14.79
N THR H 263 5.33 -36.22 -15.01
CA THR H 263 6.16 -36.20 -16.26
C THR H 263 7.20 -37.33 -16.25
N GLU H 264 7.98 -37.39 -17.34
CA GLU H 264 9.22 -38.19 -17.53
C GLU H 264 10.22 -37.88 -16.40
N SER H 265 10.36 -36.63 -15.96
CA SER H 265 11.25 -36.27 -14.81
C SER H 265 10.69 -36.84 -13.49
N GLY H 266 9.36 -36.94 -13.37
CA GLY H 266 8.64 -37.30 -12.12
C GLY H 266 8.04 -36.08 -11.42
N LYS H 267 8.09 -34.92 -12.07
CA LYS H 267 7.52 -33.65 -11.53
C LYS H 267 6.05 -33.56 -11.94
N GLU H 268 5.25 -32.87 -11.15
CA GLU H 268 3.78 -32.74 -11.39
C GLU H 268 3.52 -31.52 -12.33
N GLU H 269 2.97 -31.74 -13.52
CA GLU H 269 2.45 -30.66 -14.40
C GLU H 269 1.20 -30.07 -13.73
N TYR H 270 1.10 -28.75 -13.63
CA TYR H 270 -0.05 -28.07 -12.96
C TYR H 270 -0.31 -26.70 -13.59
N THR H 271 -1.54 -26.20 -13.45
CA THR H 271 -1.93 -24.88 -14.01
C THR H 271 -1.27 -23.81 -13.14
N VAL H 272 -0.11 -23.28 -13.57
CA VAL H 272 0.65 -22.26 -12.76
C VAL H 272 -0.23 -21.01 -12.65
N TYR H 273 -0.85 -20.58 -13.75
CA TYR H 273 -1.75 -19.40 -13.72
C TYR H 273 -2.84 -19.57 -14.79
N SER H 274 -3.94 -18.88 -14.54
CA SER H 274 -5.05 -18.69 -15.51
C SER H 274 -5.21 -17.18 -15.70
N ASN H 275 -5.44 -16.73 -16.94
CA ASN H 275 -5.70 -15.29 -17.16
C ASN H 275 -6.83 -15.08 -18.17
N CYS H 276 -7.40 -13.89 -18.09
CA CYS H 276 -8.48 -13.36 -18.97
C CYS H 276 -8.11 -11.93 -19.34
N TYR H 277 -7.88 -11.67 -20.62
CA TYR H 277 -7.69 -10.30 -21.14
C TYR H 277 -9.00 -9.80 -21.73
N ASP H 278 -9.47 -8.65 -21.24
CA ASP H 278 -10.55 -7.83 -21.84
C ASP H 278 -9.94 -7.00 -22.99
N LEU H 279 -10.09 -7.47 -24.22
CA LEU H 279 -9.49 -6.87 -25.43
C LEU H 279 -10.01 -5.44 -25.61
N ASP H 280 -11.31 -5.18 -25.48
CA ASP H 280 -11.91 -3.83 -25.69
C ASP H 280 -11.40 -2.86 -24.61
N ASN H 281 -11.31 -3.28 -23.35
CA ASN H 281 -10.93 -2.40 -22.21
C ASN H 281 -9.44 -2.58 -21.84
N LYS H 282 -8.65 -3.24 -22.68
CA LYS H 282 -7.19 -3.47 -22.48
C LYS H 282 -6.87 -3.78 -21.01
N THR H 283 -7.54 -4.74 -20.37
CA THR H 283 -7.27 -5.11 -18.94
C THR H 283 -6.94 -6.61 -18.80
N LEU H 284 -5.95 -6.91 -17.96
CA LEU H 284 -5.44 -8.26 -17.65
C LEU H 284 -6.04 -8.66 -16.32
N TYR H 285 -6.78 -9.77 -16.29
CA TYR H 285 -7.27 -10.43 -15.06
C TYR H 285 -6.55 -11.78 -14.94
N TYR H 286 -6.04 -12.16 -13.78
CA TYR H 286 -5.32 -13.44 -13.64
C TYR H 286 -5.53 -14.05 -12.26
N THR H 287 -5.45 -15.39 -12.19
CA THR H 287 -5.35 -16.20 -10.94
C THR H 287 -4.08 -17.08 -11.01
N THR H 288 -3.63 -17.59 -9.90
CA THR H 288 -2.45 -18.48 -9.84
C THR H 288 -2.91 -19.75 -9.15
N TYR H 289 -2.13 -20.84 -9.26
CA TYR H 289 -2.38 -22.10 -8.51
C TYR H 289 -2.64 -21.75 -7.06
N GLU H 290 -1.84 -20.81 -6.53
CA GLU H 290 -1.70 -20.61 -5.06
C GLU H 290 -2.76 -19.62 -4.57
N ASN H 291 -3.44 -18.88 -5.46
CA ASN H 291 -4.28 -17.76 -5.01
C ASN H 291 -5.49 -17.67 -5.91
N ARG H 292 -6.65 -17.97 -5.35
CA ARG H 292 -7.95 -17.96 -6.05
C ARG H 292 -8.39 -16.54 -6.41
N GLN H 293 -7.96 -15.52 -5.66
CA GLN H 293 -8.57 -14.17 -5.83
C GLN H 293 -8.14 -13.63 -7.19
N ILE H 294 -9.08 -13.14 -7.99
CA ILE H 294 -8.73 -12.56 -9.31
C ILE H 294 -7.99 -11.24 -9.07
N VAL H 295 -6.90 -11.01 -9.83
CA VAL H 295 -6.08 -9.76 -9.80
C VAL H 295 -6.23 -9.09 -11.16
N ALA H 296 -6.38 -7.76 -11.19
CA ALA H 296 -6.61 -7.00 -12.44
C ALA H 296 -5.57 -5.89 -12.62
N VAL H 297 -5.12 -5.70 -13.85
CA VAL H 297 -4.11 -4.67 -14.17
C VAL H 297 -4.45 -4.13 -15.54
N THR H 298 -4.55 -2.80 -15.63
CA THR H 298 -4.96 -2.09 -16.88
C THR H 298 -3.69 -1.59 -17.56
N LEU H 299 -3.69 -1.56 -18.89
CA LEU H 299 -2.63 -0.93 -19.70
C LEU H 299 -3.08 0.51 -20.01
N ASN H 300 -2.41 1.52 -19.46
CA ASN H 300 -2.65 2.97 -19.72
C ASN H 300 -1.56 3.80 -19.02
N GLY H 305 7.34 5.83 -20.93
CA GLY H 305 7.51 5.19 -22.25
C GLY H 305 8.80 4.37 -22.37
N ASN H 306 9.72 4.43 -21.40
CA ASN H 306 11.12 3.93 -21.55
C ASN H 306 11.37 2.54 -20.93
N ARG H 307 11.00 2.33 -19.66
CA ARG H 307 11.37 1.11 -18.86
C ARG H 307 10.21 0.10 -18.79
N LEU H 308 10.54 -1.19 -18.75
CA LEU H 308 9.58 -2.27 -18.39
C LEU H 308 9.00 -1.98 -17.00
N VAL H 309 7.69 -2.12 -16.86
CA VAL H 309 6.95 -2.02 -15.57
C VAL H 309 6.52 -3.44 -15.23
N THR H 310 6.88 -3.92 -14.04
CA THR H 310 6.57 -5.30 -13.58
C THR H 310 5.78 -5.24 -12.28
N TYR H 311 4.92 -6.25 -12.06
CA TYR H 311 4.09 -6.51 -10.85
C TYR H 311 4.17 -8.00 -10.53
N PRO H 312 5.00 -8.43 -9.55
CA PRO H 312 5.11 -9.85 -9.22
C PRO H 312 3.78 -10.48 -8.78
N PHE H 313 3.54 -11.74 -9.20
CA PHE H 313 2.46 -12.61 -8.69
C PHE H 313 2.62 -12.87 -7.18
N GLU H 314 1.52 -12.79 -6.45
CA GLU H 314 1.45 -13.34 -5.07
C GLU H 314 1.22 -14.85 -5.19
N ARG H 315 1.98 -15.63 -4.42
CA ARG H 315 1.89 -17.12 -4.38
C ARG H 315 1.39 -17.53 -3.00
N LYS H 316 0.59 -16.64 -2.41
CA LYS H 316 -0.09 -16.81 -1.11
C LYS H 316 -1.60 -16.77 -1.39
N GLN H 317 -2.40 -17.56 -0.69
CA GLN H 317 -3.87 -17.58 -0.85
C GLN H 317 -4.46 -16.36 -0.11
N ILE H 318 -5.07 -15.42 -0.84
CA ILE H 318 -5.62 -14.15 -0.27
C ILE H 318 -7.08 -14.39 0.14
N ILE H 319 -7.25 -14.75 1.41
CA ILE H 319 -8.50 -15.17 2.08
C ILE H 319 -9.15 -13.97 2.78
N ASN H 320 -10.41 -13.65 2.43
CA ASN H 320 -11.27 -12.68 3.17
C ASN H 320 -11.70 -13.34 4.48
N LYS H 321 -10.96 -13.05 5.56
CA LYS H 321 -11.29 -13.49 6.94
C LYS H 321 -12.34 -12.55 7.54
N LEU H 322 -13.59 -13.01 7.69
CA LEU H 322 -14.61 -12.39 8.59
C LEU H 322 -14.25 -12.83 10.02
N ASN H 323 -14.91 -12.30 11.05
CA ASN H 323 -14.66 -12.77 12.44
C ASN H 323 -15.31 -14.15 12.62
C1 TCH I . -42.30 18.06 -15.85
C2 TCH I . -41.61 19.29 -16.39
C3 TCH I . -40.13 19.07 -16.63
O3 TCH I . -39.51 20.35 -16.89
C4 TCH I . -39.44 18.47 -15.42
C5 TCH I . -40.16 17.26 -14.80
C6 TCH I . -39.40 16.80 -13.54
C7 TCH I . -39.63 17.64 -12.28
O7 TCH I . -38.77 18.81 -12.25
C8 TCH I . -41.08 18.05 -12.08
C9 TCH I . -41.82 18.52 -13.36
C10 TCH I . -41.68 17.51 -14.55
C11 TCH I . -43.28 18.87 -13.03
C12 TCH I . -43.49 19.81 -11.84
O12 TCH I . -43.14 21.13 -12.27
C13 TCH I . -42.70 19.38 -10.57
C14 TCH I . -41.23 19.13 -11.00
C15 TCH I . -40.47 18.95 -9.70
C16 TCH I . -41.17 19.95 -8.75
C17 TCH I . -42.47 20.44 -9.44
C18 TCH I . -43.34 18.10 -9.97
C19 TCH I . -42.40 16.18 -14.27
O1S TCH I . -39.76 23.69 -1.41
C20 TCH I . -43.60 20.74 -8.43
C21 TCH I . -44.91 21.13 -9.11
C22 TCH I . -43.12 21.81 -7.43
C23 TCH I . -44.14 22.27 -6.38
C24 TCH I . -43.51 23.28 -5.44
N24 TCH I . -42.97 22.78 -4.33
O24 TCH I . -43.45 24.49 -5.72
C25 TCH I . -42.93 23.44 -3.03
C26 TCH I . -42.10 22.68 -2.01
S26 TCH I . -41.15 23.74 -0.96
O2S TCH I . -41.78 25.05 -1.01
O3S TCH I . -41.26 23.19 0.40
C1 TCH J . -39.74 -11.41 30.09
C2 TCH J . -40.21 -11.01 31.48
C3 TCH J . -41.64 -11.42 31.75
O3 TCH J . -42.04 -10.91 33.05
C4 TCH J . -42.57 -10.87 30.67
C5 TCH J . -42.13 -11.26 29.25
C6 TCH J . -43.09 -10.70 28.15
C7 TCH J . -42.95 -9.20 27.93
O7 TCH J . -43.57 -8.43 28.99
C8 TCH J . -41.49 -8.76 27.77
C9 TCH J . -40.54 -9.34 28.82
C10 TCH J . -40.65 -10.88 28.95
C11 TCH J . -39.09 -8.89 28.56
C12 TCH J . -38.90 -7.39 28.36
O12 TCH J . -39.01 -6.75 29.63
C13 TCH J . -39.91 -6.81 27.34
C14 TCH J . -41.33 -7.26 27.75
C15 TCH J . -42.25 -6.43 26.86
C16 TCH J . -41.52 -5.09 26.71
C17 TCH J . -40.11 -5.27 27.31
C18 TCH J . -39.54 -7.30 25.92
C19 TCH J . -40.23 -11.56 27.64
O1S TCH J . -37.04 3.99 25.65
C20 TCH J . -39.02 -4.43 26.62
C21 TCH J . -37.63 -4.80 27.15
C22 TCH J . -39.26 -2.92 26.74
C23 TCH J . -38.32 -2.10 25.87
C24 TCH J . -37.25 -1.29 26.60
N24 TCH J . -37.02 -0.07 26.14
O24 TCH J . -36.67 -1.72 27.58
C25 TCH J . -35.67 0.45 25.90
C26 TCH J . -35.60 1.96 25.96
S26 TCH J . -36.66 2.85 24.84
O2S TCH J . -37.76 1.97 24.44
O3S TCH J . -35.83 3.26 23.70
C1 TCH K . -7.69 9.93 15.66
C2 TCH K . -7.55 8.45 16.00
C3 TCH K . -7.52 8.23 17.49
O3 TCH K . -7.33 6.85 17.81
C4 TCH K . -6.42 9.04 18.14
C5 TCH K . -6.53 10.54 17.79
C6 TCH K . -5.42 11.35 18.48
C7 TCH K . -4.02 11.14 17.91
O7 TCH K . -3.43 9.91 18.36
C8 TCH K . -4.02 11.26 16.37
C9 TCH K . -5.16 10.46 15.68
C10 TCH K . -6.58 10.81 16.27
C11 TCH K . -5.12 10.59 14.16
C12 TCH K . -3.75 10.38 13.54
O12 TCH K . -3.49 9.00 13.62
C13 TCH K . -2.62 11.18 14.21
C14 TCH K . -2.69 10.91 15.73
C15 TCH K . -1.40 11.55 16.26
C16 TCH K . -0.37 11.24 15.15
C17 TCH K . -1.14 10.76 13.88
C18 TCH K . -2.80 12.69 13.89
C19 TCH K . -6.94 12.28 15.99
O1S TCH K . 5.68 7.76 9.76
C20 TCH K . -0.56 11.23 12.53
C21 TCH K . -1.45 10.86 11.35
C22 TCH K . 0.86 10.73 12.23
C23 TCH K . 1.46 11.31 10.93
C24 TCH K . 1.61 10.41 9.72
N24 TCH K . 2.87 10.27 9.21
O24 TCH K . 0.64 9.85 9.20
C25 TCH K . 3.25 9.80 7.87
C26 TCH K . 4.06 8.46 7.77
S26 TCH K . 5.72 8.46 8.48
O2S TCH K . 6.17 9.84 8.40
O3S TCH K . 6.65 7.67 7.65
C1 TCH L . 31.98 45.98 6.06
C2 TCH L . 32.92 45.96 4.86
C3 TCH L . 32.38 46.85 3.77
O3 TCH L . 33.31 46.87 2.66
C4 TCH L . 31.01 46.36 3.35
C5 TCH L . 30.02 46.33 4.54
C6 TCH L . 28.62 45.86 4.09
C7 TCH L . 28.51 44.37 3.80
O7 TCH L . 29.16 44.00 2.56
C8 TCH L . 29.07 43.53 4.95
C9 TCH L . 30.46 44.00 5.45
C10 TCH L . 30.54 45.54 5.77
C11 TCH L . 30.95 43.10 6.59
C12 TCH L . 30.89 41.58 6.31
O12 TCH L . 31.96 41.24 5.40
C13 TCH L . 29.52 41.13 5.77
C14 TCH L . 29.16 42.04 4.58
C15 TCH L . 27.96 41.35 3.93
C16 TCH L . 28.23 39.84 4.15
C17 TCH L . 29.44 39.71 5.12
C18 TCH L . 28.45 41.22 6.89
C19 TCH L . 29.73 45.93 7.02
O1S TCH L . 31.56 29.41 4.62
C20 TCH L . 29.36 38.50 6.06
C21 TCH L . 30.38 38.60 7.19
C22 TCH L . 29.52 37.15 5.35
C23 TCH L . 29.24 35.94 6.28
C24 TCH L . 30.45 35.11 6.67
N24 TCH L . 30.26 33.79 6.88
O24 TCH L . 31.56 35.62 6.83
C25 TCH L . 31.21 32.73 6.52
C26 TCH L . 30.65 31.72 5.48
S26 TCH L . 31.87 30.84 4.51
O2S TCH L . 31.95 31.49 3.21
O3S TCH L . 33.11 31.01 5.28
C1 TCH M . 41.50 -21.41 15.71
C2 TCH M . 40.45 -21.36 16.80
C3 TCH M . 39.41 -22.46 16.64
O3 TCH M . 38.32 -22.27 17.56
C4 TCH M . 38.84 -22.51 15.25
C5 TCH M . 39.90 -22.53 14.14
C6 TCH M . 39.24 -22.54 12.74
C7 TCH M . 38.58 -21.22 12.35
O7 TCH M . 37.35 -20.97 13.06
C8 TCH M . 39.56 -20.05 12.56
C9 TCH M . 40.22 -20.04 13.96
C10 TCH M . 40.93 -21.38 14.27
C11 TCH M . 41.12 -18.81 14.13
C12 TCH M . 40.48 -17.47 13.76
O12 TCH M . 39.48 -17.17 14.76
C13 TCH M . 39.87 -17.52 12.35
C14 TCH M . 38.89 -18.73 12.31
C15 TCH M . 38.08 -18.57 11.03
C16 TCH M . 37.97 -17.04 10.87
C17 TCH M . 38.87 -16.39 11.96
C18 TCH M . 41.02 -17.62 11.33
C19 TCH M . 42.10 -21.63 13.30
O1S TCH M . 37.01 -8.66 8.60
C20 TCH M . 39.42 -15.02 11.53
C21 TCH M . 40.29 -14.36 12.59
C22 TCH M . 38.27 -14.09 11.09
C23 TCH M . 38.73 -12.89 10.31
C24 TCH M . 38.77 -11.59 11.11
N24 TCH M . 38.42 -10.48 10.46
O24 TCH M . 39.10 -11.57 12.29
C25 TCH M . 39.30 -9.31 10.41
C26 TCH M . 38.56 -8.02 10.62
S26 TCH M . 37.60 -7.48 9.22
O2S TCH M . 36.63 -6.57 9.81
O3S TCH M . 38.57 -6.85 8.31
C1 TCH N . 40.27 3.75 -32.55
C2 TCH N . 40.21 5.24 -32.86
C3 TCH N . 41.60 5.81 -33.06
O3 TCH N . 41.51 7.24 -33.28
C4 TCH N . 42.44 5.55 -31.85
C5 TCH N . 42.51 4.06 -31.47
C6 TCH N . 43.40 3.86 -30.22
C7 TCH N . 42.77 4.35 -28.92
O7 TCH N . 42.77 5.81 -28.85
C8 TCH N . 41.36 3.76 -28.75
C9 TCH N . 40.46 3.96 -30.00
C10 TCH N . 41.11 3.41 -31.30
C11 TCH N . 39.04 3.42 -29.76
C12 TCH N . 38.40 3.87 -28.47
O12 TCH N . 38.09 5.28 -28.54
C13 TCH N . 39.30 3.59 -27.26
C14 TCH N . 40.66 4.27 -27.50
C15 TCH N . 41.35 4.15 -26.15
C16 TCH N . 40.20 4.19 -25.12
C17 TCH N . 38.87 4.25 -25.93
C18 TCH N . 39.46 2.06 -27.07
C19 TCH N . 41.23 1.87 -31.27
O1S TCH N . 32.34 7.31 -17.96
C20 TCH N . 37.64 3.68 -25.21
C21 TCH N . 36.36 3.90 -26.04
C22 TCH N . 37.44 4.24 -23.79
C23 TCH N . 36.39 3.48 -22.93
C24 TCH N . 35.05 4.19 -22.77
N24 TCH N . 34.69 4.53 -21.50
O24 TCH N . 34.36 4.45 -23.74
C25 TCH N . 33.39 5.05 -21.08
C26 TCH N . 33.33 5.52 -19.60
S26 TCH N . 32.58 7.13 -19.38
O2S TCH N . 31.45 7.16 -20.29
O3S TCH N . 33.60 8.05 -19.89
C1 TCH O . -35.53 -27.38 2.35
C2 TCH O . -36.10 -28.75 2.76
C3 TCH O . -35.62 -29.16 4.14
O3 TCH O . -36.03 -30.51 4.40
C4 TCH O . -34.12 -29.08 4.26
C5 TCH O . -33.54 -27.72 3.84
C6 TCH O . -32.01 -27.74 4.02
C7 TCH O . -31.25 -28.58 2.99
O7 TCH O . -31.26 -30.01 3.24
C8 TCH O . -31.73 -28.24 1.57
C9 TCH O . -33.25 -28.13 1.36
C10 TCH O . -33.98 -27.26 2.43
C11 TCH O . -33.52 -27.65 -0.09
C12 TCH O . -32.89 -28.58 -1.12
O12 TCH O . -33.52 -29.88 -0.99
C13 TCH O . -31.36 -28.70 -0.91
C14 TCH O . -31.16 -29.20 0.53
C15 TCH O . -29.68 -29.61 0.61
C16 TCH O . -29.38 -30.14 -0.81
C17 TCH O . -30.60 -29.80 -1.71
C18 TCH O . -30.72 -27.32 -1.16
C19 TCH O . -33.66 -25.76 2.19
O1S TCH O . -27.91 -35.49 -10.11
C20 TCH O . -30.21 -29.48 -3.17
C21 TCH O . -31.40 -29.05 -4.01
C22 TCH O . -29.49 -30.66 -3.84
C23 TCH O . -28.97 -30.32 -5.22
C24 TCH O . -29.73 -30.97 -6.36
N24 TCH O . -28.98 -31.37 -7.39
O24 TCH O . -30.96 -31.07 -6.36
C25 TCH O . -29.33 -32.48 -8.28
C26 TCH O . -28.21 -33.50 -8.46
S26 TCH O . -28.84 -35.02 -9.10
O2S TCH O . -30.16 -34.70 -9.64
O3S TCH O . -29.03 -35.91 -7.94
C1 TCH P . 12.26 -19.23 -22.03
C2 TCH P . 12.63 -19.52 -23.48
C3 TCH P . 12.42 -18.29 -24.34
O3 TCH P . 12.63 -18.63 -25.73
C4 TCH P . 11.02 -17.73 -24.18
C5 TCH P . 10.56 -17.55 -22.73
C6 TCH P . 9.09 -17.07 -22.70
C7 TCH P . 8.08 -18.13 -23.15
O7 TCH P . 8.12 -18.34 -24.59
C8 TCH P . 8.30 -19.44 -22.35
C9 TCH P . 9.79 -19.90 -22.30
C10 TCH P . 10.79 -18.80 -21.84
C11 TCH P . 9.93 -21.18 -21.48
C12 TCH P . 9.00 -22.28 -21.93
O12 TCH P . 9.38 -22.60 -23.29
C13 TCH P . 7.52 -21.83 -21.84
C14 TCH P . 7.39 -20.61 -22.78
C15 TCH P . 5.86 -20.41 -22.90
C16 TCH P . 5.24 -21.82 -22.65
C17 TCH P . 6.43 -22.81 -22.38
C18 TCH P . 7.19 -21.45 -20.38
C19 TCH P . 10.63 -18.47 -20.34
O1S TCH P . 3.78 -31.10 -22.99
C20 TCH P . 6.09 -24.04 -21.50
C21 TCH P . 7.38 -24.74 -21.04
C22 TCH P . 5.14 -25.08 -22.15
C23 TCH P . 5.43 -26.58 -21.77
C24 TCH P . 4.41 -27.43 -21.00
N24 TCH P . 3.29 -27.80 -21.62
O24 TCH P . 4.66 -27.83 -19.85
C25 TCH P . 2.55 -29.02 -21.29
C26 TCH P . 1.67 -29.57 -22.42
S26 TCH P . 2.41 -30.86 -23.43
O2S TCH P . 1.48 -31.99 -23.41
O3S TCH P . 2.46 -30.36 -24.81
#